data_8SQ0
#
_entry.id   8SQ0
#
_cell.length_a   1.00
_cell.length_b   1.00
_cell.length_c   1.00
_cell.angle_alpha   90.00
_cell.angle_beta   90.00
_cell.angle_gamma   90.00
#
_symmetry.space_group_name_H-M   'P 1'
#
loop_
_entity.id
_entity.type
_entity.pdbx_description
1 polymer 'Metal resistance protein YCF1'
2 polymer 'Unknown peptide'
3 non-polymer PHOSPHATIDYLETHANOLAMINE
4 non-polymer '(1R)-2-{[(S)-(2-aminoethoxy)(hydroxy)phosphoryl]oxy}-1-[(pentadecanoyloxy)methyl]ethyl (12E)-hexadeca-9,12-dienoate'
5 non-polymer '2-(HEXADECANOYLOXY)-1-[(PHOSPHONOOXY)METHYL]ETHYL HEXADECANOATE'
#
loop_
_entity_poly.entity_id
_entity_poly.type
_entity_poly.pdbx_seq_one_letter_code
_entity_poly.pdbx_strand_id
1 'polypeptide(L)'
;MAGNLVSWACKLCRSPEGFGPISFYGDFTQCFIDGVILNLSAIFMITFGIRDLVNLCKKKHSGIKYRRNWIIVSRMALVL
LEIAFVSLASLNISKEEAENFTIVSQYASTMLSLFVALALHWIEYDRSVVANTVLLFYWLFETFGNFAKLINILIRHTYE
GIWYSGQTGFILTLFQVITCASILLLEALPKKPLMPHQHIHQTLTRRKPNPYDSANIFSRITFSWMSGLMKTGYEKYLVE
ADLYKLPRNFSSEELSQKLEKNWENELKQKSNPSLSWAICRTFGSKMLLAAFFKAIHDVLAFTQPQLLRILIKFVTDYNS
ERQDDHSSLQGFENNHPQKLPIVRGFLIAFAMFLVGFTQTSVLHQYFLNVFNTGMYIKSALTALIYQKSLVLSNEASGLS
STGDIVNLMSVDVQKLQDLTQWLNLIWSGPFQIIICLYSLYKLLGNSMWVGVIILVIMMPLNSFLMRIQKKLQKSQMKYK
DERTRVISEILNNIKSLKLYAWEKPYREKLEEVRNNKELKNLTKLGCYMAVTSFQFNIVPFLVSCCTFAVFVYTEDRALT
TDLVFPALTLFNLLSFPLMIIPMVLNSFIEASVSIGRLFTFFTNEELQPDSVQRLPKVKNIGDVAINIGDDATFLWQRKP
EYKVALKNINFQAKKGNLTCIVGKVGSGKTALLSCMLGDLFRVKGFATVHGSVAYVSQVPWIMNGTVKENILFGHRYDAE
FYEKTIKACALTIDLAILMDGDKTLVGEKGISLSGGQKARLSLARAVYARADTYLLDDPLAAVDEHVARHLIEHVLGPNG
LLHTKTKVLATNKVSALSIADSIALLDNGEITQQGTYDEITKDADSPLWKLLNNYGKKNNGKSNEFGDSSESSVRESSIP
VEGELEQLQKLNDLDFGNSDAISLRRASDATLGSIDFGDDENIAKREHREQGKVKWNIYLEYAKACNPKSVCVFILFIVI
SMFLSVMGNVWLKHWSEVNSRYGSNPNAARYLAIYFALGIGSALATLIQTIVLWVFCTIHASKYLHNLMTNSVLRAPMTF
FETTPIGRILNRFSNDIYKVDALLGRTFSQFFVNAVKVTFTITVICATTWQFIFIIIPLSVFYIYYQQYYLRTSRELRRL
DSITRSPIYSHFQETLGGLATVRGYSQQKRFSHINQCRIDNNMSAFYPSINANRWLAYRLELIGSIIILGAATLSVFRLK
QGTLTAGMVGLSLSYALQITQTLNWIVRMTVEVETNIVSVERIKEYADLKSEAPLIVEGHRPPKEWPSQGDIKFNNYSTR
YRPELDLVLKHINIHIKPNEKVGIVGRTGAGKSSLTLALFRMIEASEGNIVIDNIAINEIGLYDLRHKLSIIPQDSQVFE
GTVRENIDPINQYTDEAIWRALELSHLKEHVLSMSNDGLDAQLTEGGGNLSVGQRQLLCLARAMLVPSKILVLDEATAAV
DVETDKVVQETIRTAFKDRTILTIAHRLNTIMDSDRIIVLDNGKVAEFDSPGQLLSDNKSLFYSLCMEAGLVNENDYKDH
DGDYKDHDIDYKDDDDK
;
A,B
2 'polypeptide(L)' (UNK)(UNK)(UNK)(UNK)(UNK)(UNK)(UNK)(UNK)(UNK)(UNK)(UNK)(UNK)(UNK) C,D
#
# COMPACT_ATOMS: atom_id res chain seq x y z
N CYS A 10 44.22 27.05 -28.85
CA CYS A 10 45.25 27.32 -27.84
C CYS A 10 44.61 27.82 -26.56
N LYS A 11 44.50 29.14 -26.41
CA LYS A 11 43.90 29.77 -25.25
C LYS A 11 42.54 30.32 -25.64
N LEU A 12 41.48 29.68 -25.15
CA LEU A 12 40.12 30.10 -25.39
C LEU A 12 39.59 31.00 -24.30
N CYS A 13 40.40 31.32 -23.29
CA CYS A 13 39.96 32.12 -22.16
C CYS A 13 40.74 33.42 -22.11
N ARG A 14 40.04 34.49 -21.74
CA ARG A 14 40.65 35.80 -21.59
C ARG A 14 40.81 36.19 -20.14
N SER A 15 40.64 35.27 -19.23
CA SER A 15 40.83 35.60 -17.83
C SER A 15 42.30 35.45 -17.46
N PRO A 16 42.86 36.40 -16.72
CA PRO A 16 44.28 36.27 -16.31
C PRO A 16 44.53 35.02 -15.50
N GLU A 17 43.54 34.59 -14.74
CA GLU A 17 43.61 33.38 -13.94
C GLU A 17 43.20 32.24 -14.85
N GLY A 18 44.18 31.55 -15.43
CA GLY A 18 43.93 30.74 -16.60
C GLY A 18 43.15 29.47 -16.35
N PHE A 19 43.26 28.55 -17.30
CA PHE A 19 42.59 27.27 -17.23
C PHE A 19 43.04 26.43 -16.05
N GLY A 20 44.04 26.91 -15.30
CA GLY A 20 44.54 26.20 -14.16
C GLY A 20 43.40 25.70 -13.30
N PRO A 21 43.27 24.39 -13.17
CA PRO A 21 42.09 23.84 -12.49
C PRO A 21 41.91 24.37 -11.09
N ILE A 22 42.98 24.71 -10.41
CA ILE A 22 42.92 25.23 -9.06
C ILE A 22 43.54 26.62 -9.07
N SER A 23 42.77 27.60 -8.62
CA SER A 23 43.22 28.97 -8.67
C SER A 23 44.15 29.26 -7.51
N PHE A 24 44.54 30.52 -7.37
CA PHE A 24 45.34 30.91 -6.22
C PHE A 24 44.60 30.60 -4.94
N TYR A 25 43.32 30.93 -4.90
CA TYR A 25 42.43 30.45 -3.87
C TYR A 25 42.18 28.98 -4.14
N GLY A 26 41.57 28.28 -3.20
CA GLY A 26 41.43 26.87 -3.48
C GLY A 26 40.46 26.53 -4.60
N ASP A 27 39.65 27.48 -5.04
CA ASP A 27 38.52 27.18 -5.90
C ASP A 27 38.98 26.85 -7.30
N PHE A 28 38.05 26.32 -8.10
CA PHE A 28 38.29 26.16 -9.53
C PHE A 28 38.17 27.52 -10.19
N THR A 29 39.07 27.81 -11.13
CA THR A 29 39.01 29.07 -11.83
C THR A 29 37.68 29.22 -12.56
N GLN A 30 37.36 30.45 -12.94
CA GLN A 30 36.17 30.67 -13.77
C GLN A 30 36.31 29.99 -15.11
N CYS A 31 37.50 30.09 -15.71
CA CYS A 31 37.73 29.39 -16.95
C CYS A 31 37.53 27.90 -16.80
N PHE A 32 37.96 27.33 -15.68
CA PHE A 32 37.77 25.89 -15.52
C PHE A 32 36.31 25.54 -15.29
N ILE A 33 35.61 26.29 -14.46
CA ILE A 33 34.22 25.99 -14.16
C ILE A 33 33.37 26.02 -15.41
N ASP A 34 33.47 27.10 -16.16
CA ASP A 34 32.68 27.24 -17.38
C ASP A 34 33.21 26.39 -18.51
N GLY A 35 34.52 26.19 -18.57
CA GLY A 35 35.10 25.55 -19.73
C GLY A 35 35.03 24.04 -19.71
N VAL A 36 35.18 23.42 -18.53
CA VAL A 36 35.24 21.97 -18.46
C VAL A 36 34.16 21.39 -17.55
N ILE A 37 33.95 21.98 -16.36
CA ILE A 37 32.94 21.39 -15.49
C ILE A 37 31.57 21.53 -16.12
N LEU A 38 31.10 22.76 -16.30
CA LEU A 38 29.74 22.95 -16.82
C LEU A 38 29.68 22.61 -18.31
N ASN A 39 30.74 22.87 -19.05
CA ASN A 39 30.72 22.52 -20.46
C ASN A 39 30.68 21.01 -20.67
N LEU A 40 31.46 20.25 -19.89
CA LEU A 40 31.38 18.80 -20.01
C LEU A 40 30.09 18.27 -19.42
N SER A 41 29.52 18.94 -18.43
CA SER A 41 28.20 18.53 -17.97
C SER A 41 27.16 18.69 -19.09
N ALA A 42 27.21 19.81 -19.80
CA ALA A 42 26.29 20.03 -20.89
C ALA A 42 26.49 19.04 -22.02
N ILE A 43 27.75 18.76 -22.36
CA ILE A 43 28.00 17.78 -23.42
C ILE A 43 27.64 16.37 -22.99
N PHE A 44 27.83 16.05 -21.71
CA PHE A 44 27.37 14.76 -21.19
C PHE A 44 25.87 14.64 -21.35
N MET A 45 25.13 15.70 -21.01
CA MET A 45 23.68 15.65 -21.22
C MET A 45 23.33 15.52 -22.69
N ILE A 46 23.89 16.35 -23.56
CA ILE A 46 23.59 16.18 -24.98
C ILE A 46 23.82 14.75 -25.38
N THR A 47 25.06 14.28 -25.22
CA THR A 47 25.47 13.00 -25.79
C THR A 47 24.66 11.84 -25.24
N PHE A 48 24.40 11.81 -23.94
CA PHE A 48 23.73 10.66 -23.35
C PHE A 48 22.24 10.86 -23.16
N GLY A 49 21.78 12.06 -22.87
CA GLY A 49 20.35 12.32 -22.82
C GLY A 49 19.67 12.23 -24.16
N ILE A 50 20.34 12.61 -25.25
CA ILE A 50 19.76 12.35 -26.57
C ILE A 50 19.59 10.86 -26.79
N ARG A 51 20.62 10.09 -26.44
CA ARG A 51 20.53 8.65 -26.56
C ARG A 51 19.37 8.09 -25.74
N ASP A 52 19.29 8.48 -24.47
CA ASP A 52 18.23 7.97 -23.60
C ASP A 52 16.87 8.44 -24.08
N LEU A 53 16.77 9.65 -24.59
CA LEU A 53 15.52 10.17 -25.12
C LEU A 53 15.05 9.34 -26.29
N VAL A 54 15.96 9.07 -27.23
CA VAL A 54 15.64 8.23 -28.38
C VAL A 54 15.18 6.85 -27.91
N ASN A 55 15.95 6.23 -27.02
CA ASN A 55 15.61 4.89 -26.59
C ASN A 55 14.26 4.86 -25.88
N LEU A 56 13.99 5.86 -25.04
CA LEU A 56 12.72 5.89 -24.32
C LEU A 56 11.55 6.14 -25.26
N CYS A 57 11.76 6.87 -26.35
CA CYS A 57 10.69 6.98 -27.32
C CYS A 57 10.47 5.67 -28.06
N LYS A 58 11.55 5.01 -28.47
CA LYS A 58 11.42 3.84 -29.33
C LYS A 58 11.02 2.59 -28.57
N LYS A 59 11.22 2.56 -27.26
CA LYS A 59 10.95 1.35 -26.49
C LYS A 59 9.47 1.01 -26.48
N LYS A 60 8.60 2.01 -26.41
CA LYS A 60 7.18 1.77 -26.30
C LYS A 60 6.43 2.95 -26.85
N HIS A 61 5.25 2.69 -27.42
CA HIS A 61 4.41 3.75 -27.94
C HIS A 61 3.82 4.61 -26.81
N SER A 62 3.50 3.99 -25.68
CA SER A 62 2.79 4.67 -24.60
C SER A 62 3.43 4.32 -23.27
N GLY A 63 3.15 5.13 -22.27
CA GLY A 63 3.78 4.99 -20.97
C GLY A 63 3.20 3.88 -20.13
N ILE A 64 3.81 3.70 -18.95
CA ILE A 64 3.36 2.73 -17.97
C ILE A 64 2.28 3.30 -17.05
N LYS A 65 1.81 4.52 -17.32
CA LYS A 65 0.72 5.16 -16.59
C LYS A 65 1.12 5.49 -15.15
N TYR A 66 2.29 6.12 -15.00
CA TYR A 66 2.61 6.78 -13.75
C TYR A 66 1.77 8.04 -13.61
N ARG A 67 1.41 8.35 -12.37
CA ARG A 67 0.47 9.42 -12.10
C ARG A 67 1.18 10.76 -12.14
N ARG A 68 0.77 11.63 -13.06
CA ARG A 68 1.36 12.96 -13.13
C ARG A 68 1.08 13.72 -11.85
N ASN A 69 2.11 14.35 -11.31
CA ASN A 69 2.13 14.73 -9.91
C ASN A 69 2.76 16.08 -9.74
N TRP A 70 2.53 16.64 -8.56
CA TRP A 70 3.22 17.84 -8.11
C TRP A 70 4.72 17.71 -8.31
N ILE A 71 5.24 16.48 -8.29
CA ILE A 71 6.67 16.30 -8.51
C ILE A 71 7.01 16.48 -9.98
N ILE A 72 6.27 15.88 -10.91
CA ILE A 72 6.62 16.12 -12.30
C ILE A 72 6.37 17.56 -12.70
N VAL A 73 5.33 18.19 -12.17
CA VAL A 73 5.09 19.57 -12.52
C VAL A 73 6.12 20.49 -11.92
N SER A 74 6.68 20.14 -10.77
CA SER A 74 7.74 20.95 -10.21
C SER A 74 9.05 20.71 -10.94
N ARG A 75 9.32 19.50 -11.40
CA ARG A 75 10.50 19.29 -12.22
C ARG A 75 10.42 20.09 -13.50
N MET A 76 9.27 20.06 -14.18
CA MET A 76 9.16 20.82 -15.42
C MET A 76 9.21 22.33 -15.17
N ALA A 77 8.53 22.80 -14.13
CA ALA A 77 8.59 24.22 -13.81
C ALA A 77 10.00 24.63 -13.44
N LEU A 78 10.69 23.86 -12.60
CA LEU A 78 12.02 24.24 -12.19
C LEU A 78 13.02 24.11 -13.33
N VAL A 79 12.83 23.19 -14.25
CA VAL A 79 13.70 23.15 -15.41
C VAL A 79 13.48 24.38 -16.28
N LEU A 80 12.23 24.78 -16.47
CA LEU A 80 11.98 26.00 -17.20
C LEU A 80 12.55 27.20 -16.46
N LEU A 81 12.52 27.17 -15.15
CA LEU A 81 13.09 28.24 -14.34
C LEU A 81 14.58 28.30 -14.51
N GLU A 82 15.24 27.15 -14.55
CA GLU A 82 16.68 27.12 -14.79
C GLU A 82 17.00 27.63 -16.18
N ILE A 83 16.15 27.32 -17.16
CA ILE A 83 16.33 27.91 -18.47
C ILE A 83 16.22 29.43 -18.39
N ALA A 84 15.29 29.91 -17.57
CA ALA A 84 15.16 31.35 -17.39
C ALA A 84 16.43 31.95 -16.82
N PHE A 85 16.97 31.34 -15.77
CA PHE A 85 18.16 31.87 -15.14
C PHE A 85 19.36 31.80 -16.07
N VAL A 86 19.48 30.73 -16.84
CA VAL A 86 20.60 30.64 -17.77
C VAL A 86 20.46 31.69 -18.86
N SER A 87 19.25 31.95 -19.32
CA SER A 87 19.07 33.00 -20.33
C SER A 87 19.39 34.37 -19.77
N LEU A 88 18.94 34.65 -18.55
CA LEU A 88 19.26 35.94 -17.94
C LEU A 88 20.76 36.08 -17.73
N ALA A 89 21.44 35.00 -17.34
CA ALA A 89 22.88 35.06 -17.23
C ALA A 89 23.53 35.28 -18.59
N SER A 90 22.98 34.66 -19.64
CA SER A 90 23.53 34.86 -20.97
C SER A 90 23.41 36.29 -21.41
N LEU A 91 22.33 36.96 -21.03
CA LEU A 91 22.21 38.39 -21.35
C LEU A 91 23.10 39.24 -20.47
N ASN A 92 23.31 38.83 -19.23
CA ASN A 92 24.18 39.57 -18.32
C ASN A 92 25.63 39.52 -18.73
N ILE A 93 25.96 38.88 -19.86
CA ILE A 93 27.33 38.87 -20.33
C ILE A 93 27.74 40.28 -20.73
N SER A 94 28.87 40.73 -20.19
CA SER A 94 29.44 42.01 -20.60
C SER A 94 30.19 41.86 -21.91
N LYS A 95 30.51 42.99 -22.54
CA LYS A 95 31.27 42.96 -23.79
C LYS A 95 32.60 42.26 -23.59
N GLU A 96 33.24 42.46 -22.44
CA GLU A 96 34.48 41.76 -22.15
C GLU A 96 34.26 40.26 -22.06
N GLU A 97 33.25 39.84 -21.30
CA GLU A 97 33.03 38.41 -21.12
C GLU A 97 32.60 37.74 -22.41
N ALA A 98 31.95 38.49 -23.31
CA ALA A 98 31.58 37.93 -24.60
C ALA A 98 32.79 37.54 -25.41
N GLU A 99 33.96 38.08 -25.09
CA GLU A 99 35.20 37.61 -25.69
C GLU A 99 35.77 36.39 -25.00
N ASN A 100 35.16 35.95 -23.90
CA ASN A 100 35.61 34.77 -23.18
C ASN A 100 34.88 33.57 -23.77
N PHE A 101 35.59 32.82 -24.62
CA PHE A 101 34.95 31.70 -25.30
C PHE A 101 34.46 30.68 -24.28
N THR A 102 35.18 30.50 -23.18
CA THR A 102 34.71 29.58 -22.16
C THR A 102 33.33 29.97 -21.64
N ILE A 103 33.15 31.24 -21.32
CA ILE A 103 31.86 31.71 -20.81
C ILE A 103 30.77 31.52 -21.86
N VAL A 104 31.02 32.02 -23.08
CA VAL A 104 29.95 31.98 -24.07
C VAL A 104 29.60 30.55 -24.44
N SER A 105 30.62 29.70 -24.59
CA SER A 105 30.37 28.30 -24.91
C SER A 105 29.63 27.61 -23.79
N GLN A 106 29.99 27.90 -22.54
CA GLN A 106 29.27 27.30 -21.43
C GLN A 106 27.81 27.65 -21.50
N TYR A 107 27.50 28.92 -21.75
CA TYR A 107 26.09 29.31 -21.75
C TYR A 107 25.32 28.72 -22.92
N ALA A 108 25.91 28.72 -24.11
CA ALA A 108 25.21 28.12 -25.25
C ALA A 108 24.99 26.62 -25.02
N SER A 109 26.05 25.92 -24.65
CA SER A 109 25.96 24.49 -24.46
C SER A 109 25.01 24.14 -23.33
N THR A 110 25.01 24.92 -22.26
CA THR A 110 24.13 24.59 -21.15
C THR A 110 22.68 24.89 -21.49
N MET A 111 22.41 25.87 -22.33
CA MET A 111 21.03 26.04 -22.78
C MET A 111 20.59 24.84 -23.60
N LEU A 112 21.44 24.38 -24.50
CA LEU A 112 21.04 23.23 -25.30
C LEU A 112 20.80 22.01 -24.42
N SER A 113 21.68 21.79 -23.45
CA SER A 113 21.50 20.67 -22.54
C SER A 113 20.26 20.84 -21.70
N LEU A 114 19.88 22.07 -21.34
CA LEU A 114 18.66 22.25 -20.57
C LEU A 114 17.43 21.88 -21.38
N PHE A 115 17.42 22.23 -22.66
CA PHE A 115 16.29 21.79 -23.49
C PHE A 115 16.23 20.28 -23.57
N VAL A 116 17.38 19.64 -23.77
CA VAL A 116 17.39 18.18 -23.79
C VAL A 116 16.88 17.64 -22.47
N ALA A 117 17.29 18.24 -21.35
CA ALA A 117 16.86 17.78 -20.04
C ALA A 117 15.37 17.95 -19.83
N LEU A 118 14.78 19.02 -20.36
CA LEU A 118 13.35 19.20 -20.24
C LEU A 118 12.61 18.10 -20.99
N ALA A 119 13.01 17.85 -22.23
CA ALA A 119 12.41 16.75 -22.99
C ALA A 119 12.59 15.44 -22.24
N LEU A 120 13.74 15.24 -21.61
CA LEU A 120 14.04 13.97 -20.98
C LEU A 120 13.23 13.78 -19.71
N HIS A 121 13.01 14.86 -18.95
CA HIS A 121 12.04 14.77 -17.85
C HIS A 121 10.67 14.34 -18.36
N TRP A 122 10.17 15.02 -19.38
CA TRP A 122 8.82 14.70 -19.82
C TRP A 122 8.69 13.25 -20.23
N ILE A 123 9.66 12.74 -20.98
CA ILE A 123 9.55 11.37 -21.46
C ILE A 123 9.82 10.37 -20.34
N GLU A 124 10.98 10.50 -19.69
CA GLU A 124 11.32 9.70 -18.53
C GLU A 124 10.13 9.45 -17.61
N TYR A 125 9.41 10.50 -17.23
CA TYR A 125 8.35 10.32 -16.24
C TYR A 125 7.38 9.23 -16.64
N ASP A 126 6.97 9.19 -17.90
CA ASP A 126 6.06 8.15 -18.33
C ASP A 126 6.76 6.82 -18.54
N ARG A 127 7.99 6.84 -19.06
CA ARG A 127 8.53 5.63 -19.66
C ARG A 127 9.47 4.82 -18.78
N SER A 128 10.01 5.38 -17.69
CA SER A 128 11.03 4.67 -16.93
C SER A 128 10.63 4.54 -15.47
N VAL A 129 10.88 3.36 -14.89
CA VAL A 129 10.55 3.15 -13.49
C VAL A 129 11.54 3.85 -12.57
N VAL A 130 12.80 3.84 -12.92
CA VAL A 130 13.84 4.48 -12.10
C VAL A 130 14.01 5.92 -12.56
N ALA A 131 14.28 6.81 -11.62
CA ALA A 131 14.66 8.16 -11.99
C ALA A 131 15.89 8.09 -12.86
N ASN A 132 15.88 8.81 -13.98
CA ASN A 132 16.81 8.50 -15.04
C ASN A 132 18.24 8.87 -14.65
N THR A 133 19.19 8.05 -15.08
CA THR A 133 20.57 8.19 -14.64
C THR A 133 21.22 9.44 -15.19
N VAL A 134 21.11 9.67 -16.49
CA VAL A 134 21.77 10.85 -17.05
C VAL A 134 21.14 12.12 -16.52
N LEU A 135 19.85 12.11 -16.24
CA LEU A 135 19.24 13.27 -15.58
C LEU A 135 19.84 13.49 -14.21
N LEU A 136 19.91 12.45 -13.39
CA LEU A 136 20.44 12.62 -12.06
C LEU A 136 21.88 13.13 -12.09
N PHE A 137 22.72 12.54 -12.93
CA PHE A 137 24.10 13.00 -12.97
C PHE A 137 24.22 14.38 -13.60
N TYR A 138 23.34 14.72 -14.53
CA TYR A 138 23.38 16.06 -15.07
C TYR A 138 23.04 17.09 -14.01
N TRP A 139 22.03 16.83 -13.21
CA TRP A 139 21.69 17.81 -12.19
C TRP A 139 22.67 17.76 -11.05
N LEU A 140 23.45 16.70 -10.92
CA LEU A 140 24.45 16.73 -9.87
C LEU A 140 25.74 17.39 -10.35
N PHE A 141 26.01 17.35 -11.65
CA PHE A 141 27.11 18.12 -12.19
C PHE A 141 26.74 19.58 -12.31
N GLU A 142 25.49 19.87 -12.60
CA GLU A 142 25.09 21.26 -12.70
C GLU A 142 25.01 21.90 -11.33
N THR A 143 24.45 21.20 -10.34
CA THR A 143 24.40 21.77 -9.00
C THR A 143 25.79 21.96 -8.43
N PHE A 144 26.79 21.26 -8.94
CA PHE A 144 28.16 21.37 -8.44
C PHE A 144 28.97 22.37 -9.25
N GLY A 145 28.84 22.37 -10.57
CA GLY A 145 29.45 23.42 -11.35
C GLY A 145 28.92 24.78 -10.97
N ASN A 146 27.62 24.88 -10.73
CA ASN A 146 27.04 26.16 -10.34
C ASN A 146 27.36 26.49 -8.90
N PHE A 147 27.48 25.50 -8.02
CA PHE A 147 27.88 25.82 -6.67
C PHE A 147 29.34 26.19 -6.58
N ALA A 148 30.18 25.67 -7.47
CA ALA A 148 31.57 26.05 -7.46
C ALA A 148 31.78 27.35 -8.21
N LYS A 149 30.89 27.69 -9.15
CA LYS A 149 30.88 29.04 -9.70
C LYS A 149 30.44 30.06 -8.66
N LEU A 150 29.45 29.72 -7.85
CA LEU A 150 29.03 30.62 -6.78
C LEU A 150 30.18 30.86 -5.81
N ILE A 151 30.86 29.78 -5.43
CA ILE A 151 32.02 29.90 -4.55
C ILE A 151 33.09 30.75 -5.20
N ASN A 152 33.33 30.55 -6.49
CA ASN A 152 34.34 31.32 -7.19
C ASN A 152 34.00 32.80 -7.19
N ILE A 153 32.79 33.15 -7.59
CA ILE A 153 32.36 34.55 -7.61
C ILE A 153 32.50 35.16 -6.23
N LEU A 154 32.11 34.42 -5.21
CA LEU A 154 32.06 34.96 -3.86
C LEU A 154 33.46 35.17 -3.31
N ILE A 155 34.37 34.24 -3.59
CA ILE A 155 35.76 34.38 -3.18
C ILE A 155 36.41 35.56 -3.87
N ARG A 156 36.17 35.70 -5.18
CA ARG A 156 36.71 36.86 -5.89
C ARG A 156 36.16 38.15 -5.32
N HIS A 157 34.87 38.20 -5.02
CA HIS A 157 34.34 39.38 -4.35
C HIS A 157 35.09 39.65 -3.05
N THR A 158 35.20 38.65 -2.20
CA THR A 158 35.74 38.91 -0.87
C THR A 158 37.21 39.31 -0.92
N TYR A 159 37.99 38.80 -1.86
CA TYR A 159 39.40 39.18 -1.90
C TYR A 159 39.71 40.29 -2.87
N GLU A 160 39.30 40.18 -4.13
CA GLU A 160 39.62 41.19 -5.10
C GLU A 160 38.64 42.35 -5.11
N GLY A 161 37.57 42.27 -4.33
CA GLY A 161 36.65 43.37 -4.18
C GLY A 161 35.62 43.53 -5.27
N ILE A 162 35.69 42.76 -6.35
CA ILE A 162 34.86 42.99 -7.52
C ILE A 162 34.14 41.70 -7.89
N TRP A 163 32.88 41.82 -8.27
CA TRP A 163 32.14 40.72 -8.84
C TRP A 163 32.50 40.58 -10.32
N TYR A 164 32.79 39.37 -10.75
CA TYR A 164 33.14 39.14 -12.15
C TYR A 164 31.96 39.01 -13.08
N SER A 165 30.75 39.08 -12.57
CA SER A 165 29.61 39.16 -13.48
C SER A 165 28.62 40.22 -13.01
N GLY A 166 29.02 41.09 -12.11
CA GLY A 166 28.10 42.02 -11.50
C GLY A 166 27.31 41.36 -10.39
N GLN A 167 26.70 42.19 -9.54
CA GLN A 167 25.97 41.55 -8.48
C GLN A 167 24.73 40.84 -9.02
N THR A 168 24.25 41.23 -10.20
CA THR A 168 23.16 40.47 -10.78
C THR A 168 23.62 39.13 -11.30
N GLY A 169 24.85 39.05 -11.81
CA GLY A 169 25.37 37.75 -12.20
C GLY A 169 25.55 36.84 -11.00
N PHE A 170 26.01 37.41 -9.89
CA PHE A 170 26.07 36.63 -8.67
C PHE A 170 24.70 36.11 -8.26
N ILE A 171 23.68 36.98 -8.32
CA ILE A 171 22.35 36.55 -7.92
C ILE A 171 21.84 35.45 -8.82
N LEU A 172 22.06 35.57 -10.13
CA LEU A 172 21.63 34.53 -11.04
C LEU A 172 22.35 33.23 -10.75
N THR A 173 23.63 33.29 -10.43
CA THR A 173 24.34 32.07 -10.09
C THR A 173 23.78 31.45 -8.82
N LEU A 174 23.47 32.26 -7.82
CA LEU A 174 22.89 31.73 -6.60
C LEU A 174 21.56 31.06 -6.86
N PHE A 175 20.72 31.68 -7.67
CA PHE A 175 19.46 31.05 -8.03
C PHE A 175 19.67 29.80 -8.87
N GLN A 176 20.71 29.76 -9.69
CA GLN A 176 20.98 28.52 -10.42
C GLN A 176 21.39 27.42 -9.47
N VAL A 177 22.18 27.74 -8.45
CA VAL A 177 22.51 26.74 -7.45
C VAL A 177 21.25 26.22 -6.79
N ILE A 178 20.38 27.13 -6.35
CA ILE A 178 19.18 26.70 -5.64
C ILE A 178 18.29 25.88 -6.57
N THR A 179 18.08 26.35 -7.79
CA THR A 179 17.19 25.67 -8.73
C THR A 179 17.72 24.29 -9.08
N CYS A 180 19.01 24.20 -9.41
CA CYS A 180 19.58 22.90 -9.77
C CYS A 180 19.59 21.96 -8.58
N ALA A 181 19.83 22.47 -7.38
CA ALA A 181 19.73 21.61 -6.21
C ALA A 181 18.31 21.10 -6.04
N SER A 182 17.32 21.96 -6.27
CA SER A 182 15.94 21.53 -6.14
C SER A 182 15.59 20.47 -7.17
N ILE A 183 16.03 20.68 -8.41
CA ILE A 183 15.71 19.70 -9.45
C ILE A 183 16.40 18.39 -9.15
N LEU A 184 17.61 18.46 -8.62
CA LEU A 184 18.32 17.24 -8.27
C LEU A 184 17.60 16.49 -7.17
N LEU A 185 17.10 17.23 -6.17
CA LEU A 185 16.32 16.58 -5.13
C LEU A 185 15.03 15.99 -5.68
N LEU A 186 14.39 16.66 -6.62
CA LEU A 186 13.12 16.16 -7.14
C LEU A 186 13.32 14.96 -8.06
N GLU A 187 14.49 14.83 -8.67
CA GLU A 187 14.85 13.57 -9.31
C GLU A 187 15.14 12.49 -8.28
N ALA A 188 15.97 12.79 -7.30
CA ALA A 188 16.45 11.76 -6.41
C ALA A 188 15.36 11.26 -5.48
N LEU A 189 14.83 12.12 -4.64
CA LEU A 189 14.00 11.66 -3.53
C LEU A 189 12.64 11.13 -4.01
N PRO A 190 11.75 11.96 -4.62
CA PRO A 190 10.43 11.48 -5.02
C PRO A 190 10.31 10.07 -5.59
N LYS A 191 9.47 9.28 -4.96
CA LYS A 191 8.96 8.07 -5.59
C LYS A 191 8.03 8.44 -6.73
N LYS A 192 8.00 7.60 -7.75
CA LYS A 192 7.03 7.80 -8.82
C LYS A 192 5.75 7.09 -8.44
N PRO A 193 4.63 7.79 -8.29
CA PRO A 193 3.38 7.13 -7.91
C PRO A 193 2.82 6.32 -9.08
N LEU A 194 1.93 5.39 -8.73
CA LEU A 194 1.21 4.60 -9.71
C LEU A 194 -0.27 4.65 -9.39
N MET A 195 -1.07 4.84 -10.42
CA MET A 195 -2.51 4.88 -10.29
C MET A 195 -3.09 3.49 -10.58
N PRO A 196 -4.32 3.20 -10.09
CA PRO A 196 -5.01 1.94 -10.38
C PRO A 196 -5.03 1.55 -11.86
N THR A 205 0.89 -13.12 -1.55
CA THR A 205 1.61 -14.14 -0.81
C THR A 205 3.03 -14.30 -1.35
N ARG A 206 3.21 -13.95 -2.62
CA ARG A 206 4.53 -13.96 -3.21
C ARG A 206 5.40 -12.88 -2.58
N ARG A 207 6.70 -13.05 -2.71
CA ARG A 207 7.66 -12.10 -2.14
C ARG A 207 8.11 -11.10 -3.19
N LYS A 208 8.34 -9.89 -2.74
CA LYS A 208 8.31 -8.70 -3.58
C LYS A 208 9.56 -8.59 -4.45
N PRO A 209 9.48 -7.86 -5.55
CA PRO A 209 10.65 -7.69 -6.41
C PRO A 209 11.70 -6.82 -5.74
N ASN A 210 12.95 -7.08 -6.14
CA ASN A 210 14.11 -6.56 -5.43
C ASN A 210 14.23 -5.06 -5.72
N PRO A 211 14.56 -4.23 -4.71
CA PRO A 211 14.66 -2.81 -4.99
C PRO A 211 15.87 -2.40 -5.79
N TYR A 212 16.87 -3.26 -5.94
CA TYR A 212 17.99 -2.89 -6.80
C TYR A 212 17.54 -2.62 -8.21
N ASP A 213 16.38 -3.13 -8.60
CA ASP A 213 15.87 -2.89 -9.93
C ASP A 213 15.07 -1.61 -10.02
N SER A 214 14.54 -1.13 -8.90
CA SER A 214 13.76 0.09 -8.85
C SER A 214 14.47 1.18 -8.07
N ALA A 215 15.79 1.28 -8.24
CA ALA A 215 16.59 2.25 -7.52
C ALA A 215 17.40 3.06 -8.50
N ASN A 216 17.26 4.38 -8.44
CA ASN A 216 17.99 5.25 -9.33
C ASN A 216 19.47 5.25 -8.97
N ILE A 217 20.30 5.72 -9.89
CA ILE A 217 21.74 5.56 -9.74
C ILE A 217 22.23 6.11 -8.40
N PHE A 218 21.52 7.06 -7.83
CA PHE A 218 21.95 7.56 -6.52
C PHE A 218 21.67 6.58 -5.41
N SER A 219 20.58 5.85 -5.49
CA SER A 219 20.37 4.78 -4.51
C SER A 219 21.23 3.57 -4.80
N ARG A 220 21.61 3.36 -6.04
CA ARG A 220 22.54 2.28 -6.33
C ARG A 220 23.93 2.63 -5.84
N ILE A 221 24.23 3.92 -5.72
CA ILE A 221 25.53 4.36 -5.23
C ILE A 221 25.57 4.39 -3.73
N THR A 222 24.54 4.92 -3.07
CA THR A 222 24.52 4.97 -1.62
C THR A 222 23.90 3.74 -0.99
N PHE A 223 23.59 2.73 -1.79
CA PHE A 223 23.01 1.47 -1.34
C PHE A 223 21.79 1.71 -0.46
N SER A 224 21.07 2.79 -0.74
CA SER A 224 19.94 3.16 0.08
C SER A 224 18.68 2.44 -0.31
N TRP A 225 18.77 1.47 -1.22
CA TRP A 225 17.63 0.59 -1.45
C TRP A 225 17.59 -0.53 -0.45
N MET A 226 18.67 -0.72 0.31
CA MET A 226 18.70 -1.70 1.37
C MET A 226 18.03 -1.20 2.64
N SER A 227 17.62 0.06 2.67
CA SER A 227 17.07 0.61 3.89
C SER A 227 15.79 -0.10 4.30
N GLY A 228 14.96 -0.47 3.34
CA GLY A 228 13.73 -1.16 3.70
C GLY A 228 14.00 -2.49 4.39
N LEU A 229 14.90 -3.28 3.83
CA LEU A 229 15.22 -4.56 4.46
C LEU A 229 16.01 -4.37 5.73
N MET A 230 16.71 -3.25 5.87
CA MET A 230 17.40 -2.96 7.11
C MET A 230 16.41 -2.61 8.21
N LYS A 231 15.30 -2.00 7.83
CA LYS A 231 14.26 -1.71 8.81
C LYS A 231 13.53 -2.98 9.21
N THR A 232 13.13 -3.78 8.22
CA THR A 232 12.35 -4.96 8.51
C THR A 232 13.11 -5.87 9.46
N GLY A 233 14.40 -6.04 9.22
CA GLY A 233 15.16 -6.92 10.08
C GLY A 233 15.38 -6.34 11.47
N TYR A 234 15.39 -5.02 11.58
CA TYR A 234 15.49 -4.41 12.89
C TYR A 234 14.20 -4.56 13.67
N GLU A 235 13.08 -4.67 12.97
CA GLU A 235 11.80 -4.78 13.64
C GLU A 235 11.48 -6.23 14.00
N LYS A 236 11.54 -7.12 13.01
CA LYS A 236 11.09 -8.49 13.18
C LYS A 236 12.19 -9.44 12.74
N TYR A 237 12.12 -10.67 13.23
CA TYR A 237 13.07 -11.69 12.85
C TYR A 237 12.80 -12.11 11.42
N LEU A 238 13.73 -11.81 10.53
CA LEU A 238 13.51 -12.08 9.12
C LEU A 238 13.37 -13.57 8.85
N VAL A 239 12.55 -13.89 7.85
CA VAL A 239 12.38 -15.25 7.38
C VAL A 239 12.36 -15.21 5.86
N GLU A 240 12.63 -16.37 5.24
CA GLU A 240 12.86 -16.44 3.81
C GLU A 240 11.79 -15.75 2.99
N ALA A 241 10.62 -15.51 3.56
CA ALA A 241 9.59 -14.78 2.84
C ALA A 241 9.82 -13.28 2.86
N ASP A 242 10.59 -12.77 3.83
CA ASP A 242 10.84 -11.34 3.88
C ASP A 242 11.81 -10.87 2.82
N LEU A 243 12.64 -11.75 2.30
CA LEU A 243 13.68 -11.35 1.38
C LEU A 243 13.09 -11.06 0.01
N TYR A 244 13.44 -9.92 -0.55
CA TYR A 244 13.05 -9.63 -1.91
C TYR A 244 13.68 -10.65 -2.85
N LYS A 245 13.00 -10.94 -3.94
CA LYS A 245 13.53 -11.88 -4.91
C LYS A 245 14.78 -11.29 -5.55
N LEU A 246 15.41 -12.06 -6.40
CA LEU A 246 16.69 -11.66 -6.93
C LEU A 246 16.52 -10.58 -8.00
N PRO A 247 17.57 -9.85 -8.31
CA PRO A 247 17.48 -8.87 -9.39
C PRO A 247 17.30 -9.53 -10.75
N ARG A 248 17.34 -8.73 -11.81
CA ARG A 248 16.96 -9.22 -13.13
C ARG A 248 17.83 -10.40 -13.56
N ASN A 249 19.15 -10.24 -13.48
CA ASN A 249 20.04 -11.19 -14.11
C ASN A 249 20.73 -12.12 -13.12
N PHE A 250 20.09 -12.39 -11.99
CA PHE A 250 20.66 -13.28 -11.00
C PHE A 250 20.11 -14.69 -11.05
N SER A 251 19.12 -14.97 -11.89
CA SER A 251 18.54 -16.30 -11.91
C SER A 251 19.60 -17.32 -12.31
N SER A 252 19.67 -18.41 -11.55
CA SER A 252 20.68 -19.41 -11.85
C SER A 252 20.45 -20.03 -13.21
N GLU A 253 19.20 -20.10 -13.67
CA GLU A 253 18.93 -20.56 -15.02
C GLU A 253 19.66 -19.69 -16.03
N GLU A 254 19.42 -18.38 -15.96
CA GLU A 254 20.00 -17.48 -16.94
C GLU A 254 21.51 -17.52 -16.87
N LEU A 255 22.07 -17.49 -15.66
CA LEU A 255 23.53 -17.50 -15.54
C LEU A 255 24.12 -18.80 -16.04
N SER A 256 23.48 -19.92 -15.74
CA SER A 256 24.01 -21.21 -16.18
C SER A 256 23.99 -21.30 -17.69
N GLN A 257 22.90 -20.87 -18.33
CA GLN A 257 22.88 -20.91 -19.78
C GLN A 257 23.90 -19.96 -20.37
N LYS A 258 24.05 -18.78 -19.77
CA LYS A 258 25.00 -17.80 -20.25
C LYS A 258 26.41 -18.33 -20.22
N LEU A 259 26.78 -19.00 -19.13
CA LEU A 259 28.11 -19.57 -19.04
C LEU A 259 28.22 -20.84 -19.85
N GLU A 260 27.11 -21.54 -20.07
CA GLU A 260 27.17 -22.79 -20.79
C GLU A 260 27.42 -22.55 -22.27
N LYS A 261 26.83 -21.49 -22.82
CA LYS A 261 27.12 -21.15 -24.21
C LYS A 261 28.61 -20.97 -24.41
N ASN A 262 29.25 -20.21 -23.53
CA ASN A 262 30.67 -19.98 -23.67
C ASN A 262 31.48 -21.23 -23.36
N TRP A 263 31.01 -22.08 -22.44
CA TRP A 263 31.74 -23.30 -22.15
C TRP A 263 31.72 -24.23 -23.36
N GLU A 264 30.58 -24.34 -24.02
CA GLU A 264 30.51 -25.13 -25.24
C GLU A 264 31.36 -24.52 -26.34
N ASN A 265 31.33 -23.19 -26.48
CA ASN A 265 32.19 -22.57 -27.47
C ASN A 265 33.66 -22.88 -27.19
N GLU A 266 34.04 -22.88 -25.93
CA GLU A 266 35.41 -23.21 -25.59
C GLU A 266 35.73 -24.65 -25.95
N LEU A 267 34.81 -25.57 -25.63
CA LEU A 267 35.08 -26.98 -25.87
C LEU A 267 35.12 -27.31 -27.34
N LYS A 268 34.29 -26.65 -28.15
CA LYS A 268 34.24 -26.93 -29.57
C LYS A 268 35.17 -26.07 -30.39
N GLN A 269 35.79 -25.06 -29.78
CA GLN A 269 36.65 -24.15 -30.52
C GLN A 269 38.12 -24.35 -30.25
N LYS A 270 38.49 -24.74 -29.03
CA LYS A 270 39.89 -24.70 -28.66
C LYS A 270 40.43 -26.11 -28.45
N SER A 271 41.69 -26.30 -28.87
CA SER A 271 42.39 -27.55 -28.61
C SER A 271 42.61 -27.76 -27.12
N ASN A 272 42.79 -26.68 -26.37
CA ASN A 272 43.01 -26.73 -24.93
C ASN A 272 41.97 -25.84 -24.28
N PRO A 273 40.73 -26.32 -24.18
CA PRO A 273 39.68 -25.51 -23.54
C PRO A 273 40.04 -25.19 -22.11
N SER A 274 39.69 -23.99 -21.68
CA SER A 274 40.02 -23.53 -20.34
C SER A 274 38.76 -22.95 -19.69
N LEU A 275 38.31 -23.60 -18.63
CA LEU A 275 37.15 -23.08 -17.91
C LEU A 275 37.42 -21.69 -17.38
N SER A 276 38.67 -21.38 -17.06
CA SER A 276 38.99 -20.04 -16.62
C SER A 276 38.59 -19.01 -17.67
N TRP A 277 38.98 -19.24 -18.91
CA TRP A 277 38.62 -18.28 -19.95
C TRP A 277 37.14 -18.35 -20.27
N ALA A 278 36.49 -19.49 -20.04
CA ALA A 278 35.04 -19.53 -20.21
C ALA A 278 34.36 -18.58 -19.23
N ILE A 279 34.71 -18.70 -17.95
CA ILE A 279 34.16 -17.82 -16.94
C ILE A 279 34.54 -16.38 -17.22
N CYS A 280 35.76 -16.15 -17.71
CA CYS A 280 36.18 -14.79 -18.00
C CYS A 280 35.35 -14.18 -19.12
N ARG A 281 35.22 -14.88 -20.25
CA ARG A 281 34.35 -14.39 -21.31
C ARG A 281 32.97 -14.06 -20.78
N THR A 282 32.43 -14.92 -19.92
CA THR A 282 31.06 -14.69 -19.50
C THR A 282 30.94 -13.51 -18.54
N PHE A 283 31.81 -13.43 -17.56
CA PHE A 283 31.58 -12.57 -16.40
C PHE A 283 32.70 -11.56 -16.16
N GLY A 284 33.57 -11.30 -17.13
CA GLY A 284 34.64 -10.37 -16.87
C GLY A 284 34.29 -8.93 -17.12
N SER A 285 33.15 -8.66 -17.73
CA SER A 285 32.77 -7.27 -17.95
C SER A 285 32.63 -6.54 -16.63
N LYS A 286 31.89 -7.14 -15.69
CA LYS A 286 31.75 -6.53 -14.39
C LYS A 286 33.06 -6.45 -13.64
N MET A 287 33.97 -7.39 -13.89
CA MET A 287 35.25 -7.29 -13.18
C MET A 287 36.14 -6.22 -13.77
N LEU A 288 36.07 -5.97 -15.08
CA LEU A 288 36.73 -4.79 -15.62
C LEU A 288 36.14 -3.51 -15.05
N LEU A 289 34.81 -3.44 -14.95
CA LEU A 289 34.22 -2.24 -14.39
C LEU A 289 34.64 -2.05 -12.93
N ALA A 290 34.67 -3.14 -12.18
CA ALA A 290 35.15 -3.06 -10.81
C ALA A 290 36.62 -2.72 -10.75
N ALA A 291 37.41 -3.14 -11.73
CA ALA A 291 38.80 -2.72 -11.77
C ALA A 291 38.91 -1.23 -11.97
N PHE A 292 38.06 -0.67 -12.82
CA PHE A 292 38.01 0.78 -13.01
C PHE A 292 37.71 1.48 -11.70
N PHE A 293 36.68 1.03 -10.99
CA PHE A 293 36.34 1.65 -9.71
C PHE A 293 37.45 1.46 -8.68
N LYS A 294 38.15 0.33 -8.72
CA LYS A 294 39.24 0.16 -7.77
C LYS A 294 40.40 1.08 -8.12
N ALA A 295 40.66 1.31 -9.41
CA ALA A 295 41.70 2.25 -9.79
C ALA A 295 41.38 3.63 -9.27
N ILE A 296 40.14 4.07 -9.45
CA ILE A 296 39.74 5.36 -8.90
C ILE A 296 39.89 5.38 -7.39
N HIS A 297 39.47 4.30 -6.73
CA HIS A 297 39.51 4.33 -5.28
C HIS A 297 40.93 4.40 -4.77
N ASP A 298 41.86 3.70 -5.41
CA ASP A 298 43.26 3.80 -5.00
C ASP A 298 43.81 5.20 -5.24
N VAL A 299 43.48 5.79 -6.39
CA VAL A 299 43.92 7.15 -6.67
C VAL A 299 43.47 8.10 -5.57
N LEU A 300 42.20 8.00 -5.17
CA LEU A 300 41.70 8.91 -4.15
C LEU A 300 42.23 8.58 -2.76
N ALA A 301 42.42 7.30 -2.47
CA ALA A 301 42.98 6.91 -1.19
C ALA A 301 44.36 7.49 -1.02
N PHE A 302 45.10 7.63 -2.10
CA PHE A 302 46.40 8.24 -1.98
C PHE A 302 46.39 9.72 -2.30
N THR A 303 45.26 10.27 -2.71
CA THR A 303 45.11 11.71 -2.70
C THR A 303 44.93 12.25 -1.29
N GLN A 304 44.20 11.53 -0.44
CA GLN A 304 43.94 12.05 0.90
C GLN A 304 45.18 12.46 1.67
N PRO A 305 46.26 11.67 1.74
CA PRO A 305 47.47 12.17 2.38
C PRO A 305 48.03 13.40 1.70
N GLN A 306 47.83 13.54 0.40
CA GLN A 306 48.34 14.73 -0.27
C GLN A 306 47.57 15.96 0.14
N LEU A 307 46.26 15.86 0.29
CA LEU A 307 45.52 16.99 0.85
C LEU A 307 45.92 17.25 2.28
N LEU A 308 46.26 16.22 3.04
CA LEU A 308 46.72 16.46 4.41
C LEU A 308 48.05 17.19 4.41
N ARG A 309 49.00 16.75 3.58
CA ARG A 309 50.27 17.45 3.47
C ARG A 309 50.07 18.87 3.02
N ILE A 310 49.14 19.09 2.09
CA ILE A 310 48.90 20.43 1.59
C ILE A 310 48.29 21.30 2.67
N LEU A 311 47.39 20.76 3.47
CA LEU A 311 46.77 21.57 4.50
C LEU A 311 47.77 21.92 5.59
N ILE A 312 48.63 20.98 5.97
CA ILE A 312 49.67 21.29 6.95
C ILE A 312 50.63 22.33 6.41
N LYS A 313 51.06 22.17 5.16
CA LYS A 313 51.96 23.13 4.55
C LYS A 313 51.30 24.49 4.46
N PHE A 314 50.01 24.52 4.15
CA PHE A 314 49.29 25.78 4.08
C PHE A 314 49.22 26.44 5.45
N VAL A 315 48.93 25.68 6.49
CA VAL A 315 48.89 26.28 7.81
C VAL A 315 50.25 26.85 8.17
N THR A 316 51.30 26.09 7.87
CA THR A 316 52.66 26.57 8.15
C THR A 316 52.91 27.90 7.46
N ASP A 317 52.65 27.97 6.15
CA ASP A 317 52.89 29.22 5.43
C ASP A 317 52.01 30.35 5.94
N TYR A 318 50.75 30.06 6.23
CA TYR A 318 49.84 31.10 6.65
C TYR A 318 50.29 31.70 7.98
N ASN A 319 50.67 30.86 8.92
CA ASN A 319 51.17 31.38 10.18
C ASN A 319 52.48 32.11 9.99
N SER A 320 53.37 31.59 9.12
CA SER A 320 54.65 32.24 8.90
C SER A 320 54.49 33.61 8.28
N GLU A 321 53.37 33.84 7.60
CA GLU A 321 53.12 35.18 7.09
C GLU A 321 52.48 36.08 8.14
N ARG A 322 51.54 35.54 8.91
CA ARG A 322 50.85 36.38 9.88
C ARG A 322 51.77 36.79 11.01
N GLN A 323 52.77 35.97 11.35
CA GLN A 323 53.73 36.41 12.35
C GLN A 323 54.60 37.54 11.83
N ASP A 324 54.90 37.54 10.52
CA ASP A 324 55.57 38.70 9.93
C ASP A 324 54.69 39.94 10.02
N ASP A 325 53.40 39.78 9.71
CA ASP A 325 52.50 40.94 9.75
C ASP A 325 52.35 41.46 11.17
N HIS A 326 52.28 40.57 12.15
CA HIS A 326 52.13 40.96 13.55
C HIS A 326 53.43 40.74 14.32
N HIS A 336 55.13 40.84 0.41
CA HIS A 336 54.08 41.55 1.12
C HIS A 336 52.71 41.45 0.41
N PRO A 337 52.64 41.72 -0.90
CA PRO A 337 51.35 41.61 -1.58
C PRO A 337 51.00 40.16 -1.89
N GLN A 338 49.71 39.96 -2.15
CA GLN A 338 49.15 38.67 -2.56
C GLN A 338 49.46 37.59 -1.51
N LYS A 339 49.18 37.92 -0.25
CA LYS A 339 49.43 36.98 0.82
C LYS A 339 48.34 35.91 0.87
N LEU A 340 48.63 34.82 1.59
CA LEU A 340 47.82 33.62 1.47
C LEU A 340 46.40 33.87 1.99
N PRO A 341 45.39 33.41 1.28
CA PRO A 341 44.02 33.54 1.75
C PRO A 341 43.63 32.41 2.66
N ILE A 342 42.79 32.73 3.64
CA ILE A 342 42.28 31.69 4.51
C ILE A 342 41.32 30.79 3.75
N VAL A 343 40.76 31.26 2.64
CA VAL A 343 39.83 30.44 1.89
C VAL A 343 40.44 29.12 1.50
N ARG A 344 41.71 29.14 1.11
CA ARG A 344 42.34 27.91 0.66
C ARG A 344 42.26 26.84 1.73
N GLY A 345 42.28 27.23 3.00
CA GLY A 345 42.16 26.23 4.05
C GLY A 345 40.81 25.55 4.00
N PHE A 346 39.74 26.32 3.84
CA PHE A 346 38.41 25.74 3.80
C PHE A 346 38.21 24.93 2.54
N LEU A 347 38.81 25.36 1.44
CA LEU A 347 38.67 24.59 0.21
C LEU A 347 39.49 23.32 0.22
N ILE A 348 40.63 23.30 0.91
CA ILE A 348 41.32 22.04 1.15
C ILE A 348 40.50 21.14 2.04
N ALA A 349 39.85 21.70 3.06
CA ALA A 349 38.97 20.88 3.88
C ALA A 349 37.83 20.28 3.06
N PHE A 350 37.20 21.10 2.23
CA PHE A 350 36.10 20.59 1.42
C PHE A 350 36.60 19.64 0.35
N ALA A 351 37.84 19.78 -0.09
CA ALA A 351 38.40 18.80 -1.01
C ALA A 351 38.68 17.48 -0.32
N MET A 352 39.05 17.53 0.96
CA MET A 352 39.14 16.30 1.74
C MET A 352 37.79 15.63 1.82
N PHE A 353 36.75 16.41 2.07
CA PHE A 353 35.42 15.79 2.12
C PHE A 353 35.04 15.22 0.76
N LEU A 354 35.28 15.97 -0.32
CA LEU A 354 34.90 15.46 -1.63
C LEU A 354 35.68 14.22 -1.99
N VAL A 355 36.98 14.20 -1.68
CA VAL A 355 37.76 13.00 -1.94
C VAL A 355 37.20 11.83 -1.14
N GLY A 356 36.89 12.05 0.13
CA GLY A 356 36.33 10.97 0.93
C GLY A 356 35.02 10.46 0.38
N PHE A 357 34.14 11.37 -0.01
CA PHE A 357 32.82 10.97 -0.47
C PHE A 357 32.88 10.25 -1.80
N THR A 358 33.61 10.80 -2.77
CA THR A 358 33.74 10.12 -4.05
C THR A 358 34.50 8.81 -3.90
N GLN A 359 35.48 8.78 -3.00
CA GLN A 359 36.19 7.55 -2.68
C GLN A 359 35.24 6.48 -2.23
N THR A 360 34.36 6.83 -1.31
CA THR A 360 33.41 5.86 -0.78
C THR A 360 32.47 5.38 -1.87
N SER A 361 31.95 6.29 -2.68
CA SER A 361 31.03 5.88 -3.73
C SER A 361 31.69 4.91 -4.70
N VAL A 362 32.90 5.23 -5.16
CA VAL A 362 33.56 4.34 -6.11
C VAL A 362 33.96 3.04 -5.46
N LEU A 363 34.39 3.09 -4.20
CA LEU A 363 34.79 1.85 -3.54
C LEU A 363 33.64 0.90 -3.45
N HIS A 364 32.48 1.37 -3.04
CA HIS A 364 31.42 0.42 -2.84
C HIS A 364 30.76 0.03 -4.14
N GLN A 365 30.93 0.79 -5.22
CA GLN A 365 30.55 0.19 -6.49
C GLN A 365 31.55 -0.85 -6.94
N TYR A 366 32.83 -0.71 -6.58
CA TYR A 366 33.78 -1.78 -6.81
C TYR A 366 33.36 -3.05 -6.10
N PHE A 367 33.06 -2.93 -4.81
CA PHE A 367 32.61 -4.10 -4.06
C PHE A 367 31.32 -4.65 -4.61
N LEU A 368 30.36 -3.78 -4.94
CA LEU A 368 29.12 -4.27 -5.53
C LEU A 368 29.41 -5.13 -6.74
N ASN A 369 30.31 -4.67 -7.61
CA ASN A 369 30.52 -5.39 -8.85
C ASN A 369 31.29 -6.68 -8.63
N VAL A 370 32.32 -6.68 -7.77
CA VAL A 370 33.05 -7.93 -7.56
C VAL A 370 32.20 -8.94 -6.82
N PHE A 371 31.37 -8.50 -5.89
CA PHE A 371 30.57 -9.46 -5.16
C PHE A 371 29.43 -9.98 -6.01
N ASN A 372 28.86 -9.15 -6.87
CA ASN A 372 27.93 -9.67 -7.86
C ASN A 372 28.61 -10.66 -8.78
N THR A 373 29.85 -10.42 -9.15
CA THR A 373 30.49 -11.36 -10.04
C THR A 373 30.79 -12.67 -9.32
N GLY A 374 31.13 -12.61 -8.05
CA GLY A 374 31.24 -13.84 -7.29
C GLY A 374 29.93 -14.59 -7.19
N MET A 375 28.84 -13.86 -6.96
CA MET A 375 27.53 -14.50 -6.94
C MET A 375 27.19 -15.09 -8.30
N TYR A 376 27.54 -14.41 -9.38
CA TYR A 376 27.30 -14.97 -10.71
C TYR A 376 28.07 -16.25 -10.91
N ILE A 377 29.36 -16.24 -10.59
CA ILE A 377 30.17 -17.42 -10.81
C ILE A 377 29.66 -18.58 -9.98
N LYS A 378 29.28 -18.34 -8.74
CA LYS A 378 28.77 -19.46 -7.95
C LYS A 378 27.41 -19.91 -8.45
N SER A 379 26.49 -18.98 -8.72
CA SER A 379 25.17 -19.36 -9.21
C SER A 379 25.23 -20.08 -10.54
N ALA A 380 26.29 -19.89 -11.32
CA ALA A 380 26.38 -20.53 -12.61
C ALA A 380 27.12 -21.86 -12.52
N LEU A 381 28.26 -21.90 -11.84
CA LEU A 381 28.95 -23.17 -11.70
C LEU A 381 28.17 -24.16 -10.87
N THR A 382 27.38 -23.72 -9.90
CA THR A 382 26.56 -24.66 -9.16
C THR A 382 25.55 -25.33 -10.07
N ALA A 383 24.86 -24.56 -10.89
CA ALA A 383 23.89 -25.15 -11.81
C ALA A 383 24.57 -26.01 -12.85
N LEU A 384 25.73 -25.60 -13.36
CA LEU A 384 26.43 -26.43 -14.32
C LEU A 384 26.91 -27.73 -13.70
N ILE A 385 27.41 -27.69 -12.46
CA ILE A 385 27.79 -28.93 -11.79
C ILE A 385 26.59 -29.85 -11.67
N TYR A 386 25.44 -29.32 -11.26
CA TYR A 386 24.27 -30.17 -11.15
C TYR A 386 23.92 -30.80 -12.49
N GLN A 387 23.77 -29.97 -13.52
CA GLN A 387 23.34 -30.49 -14.80
C GLN A 387 24.38 -31.41 -15.42
N LYS A 388 25.64 -31.26 -15.05
CA LYS A 388 26.65 -32.20 -15.54
C LYS A 388 26.55 -33.52 -14.81
N SER A 389 26.30 -33.49 -13.51
CA SER A 389 26.13 -34.75 -12.80
C SER A 389 24.92 -35.50 -13.33
N LEU A 390 23.87 -34.79 -13.72
CA LEU A 390 22.69 -35.50 -14.24
C LEU A 390 22.95 -36.22 -15.54
N VAL A 391 24.02 -35.89 -16.27
CA VAL A 391 24.39 -36.70 -17.43
C VAL A 391 25.68 -37.45 -17.22
N LEU A 392 26.27 -37.38 -16.03
CA LEU A 392 27.52 -38.08 -15.79
C LEU A 392 27.31 -39.59 -15.82
N SER A 393 28.27 -40.30 -16.39
CA SER A 393 28.20 -41.75 -16.47
C SER A 393 28.34 -42.37 -15.08
N ASN A 394 27.73 -43.54 -14.91
CA ASN A 394 27.76 -44.21 -13.62
C ASN A 394 29.17 -44.57 -13.21
N GLU A 395 29.97 -45.10 -14.15
CA GLU A 395 31.33 -45.49 -13.81
C GLU A 395 32.17 -44.27 -13.43
N ALA A 396 31.96 -43.15 -14.13
CA ALA A 396 32.69 -41.92 -13.77
C ALA A 396 32.29 -41.44 -12.38
N SER A 397 30.99 -41.43 -12.10
CA SER A 397 30.50 -41.00 -10.79
C SER A 397 30.89 -41.98 -9.69
N GLY A 398 31.26 -43.20 -10.04
CA GLY A 398 31.75 -44.14 -9.04
C GLY A 398 33.22 -43.95 -8.81
N LEU A 399 33.95 -43.62 -9.88
CA LEU A 399 35.37 -43.31 -9.73
C LEU A 399 35.57 -42.08 -8.87
N SER A 400 34.80 -41.03 -9.11
CA SER A 400 34.83 -39.83 -8.29
C SER A 400 33.75 -39.96 -7.22
N SER A 401 34.15 -39.99 -5.96
CA SER A 401 33.20 -40.23 -4.88
C SER A 401 32.13 -39.16 -4.83
N THR A 402 30.99 -39.52 -4.23
CA THR A 402 29.92 -38.53 -4.05
C THR A 402 30.34 -37.43 -3.10
N GLY A 403 31.12 -37.75 -2.08
CA GLY A 403 31.67 -36.70 -1.23
C GLY A 403 32.50 -35.71 -2.01
N ASP A 404 33.37 -36.21 -2.89
CA ASP A 404 34.17 -35.32 -3.72
C ASP A 404 33.30 -34.51 -4.66
N ILE A 405 32.31 -35.14 -5.28
CA ILE A 405 31.51 -34.41 -6.24
C ILE A 405 30.72 -33.31 -5.55
N VAL A 406 30.24 -33.55 -4.33
CA VAL A 406 29.53 -32.47 -3.65
C VAL A 406 30.52 -31.47 -3.07
N ASN A 407 31.76 -31.87 -2.84
CA ASN A 407 32.76 -30.86 -2.46
C ASN A 407 33.08 -29.94 -3.62
N LEU A 408 32.94 -30.42 -4.85
CA LEU A 408 33.09 -29.52 -5.98
C LEU A 408 32.17 -28.32 -5.85
N MET A 409 30.97 -28.53 -5.35
CA MET A 409 29.99 -27.47 -5.26
C MET A 409 30.00 -26.78 -3.91
N SER A 410 30.45 -27.48 -2.87
CA SER A 410 30.47 -26.93 -1.53
C SER A 410 31.73 -26.17 -1.21
N VAL A 411 32.84 -26.50 -1.87
CA VAL A 411 34.13 -25.94 -1.54
C VAL A 411 34.71 -25.22 -2.76
N ASP A 412 34.90 -25.94 -3.86
CA ASP A 412 35.62 -25.38 -5.00
C ASP A 412 34.91 -24.13 -5.53
N VAL A 413 33.60 -24.19 -5.65
CA VAL A 413 32.88 -23.02 -6.12
C VAL A 413 32.95 -21.89 -5.10
N GLN A 414 32.91 -22.22 -3.81
CA GLN A 414 33.16 -21.18 -2.83
C GLN A 414 34.55 -20.59 -2.93
N LYS A 415 35.53 -21.33 -3.41
CA LYS A 415 36.85 -20.74 -3.52
C LYS A 415 37.00 -19.92 -4.78
N LEU A 416 36.26 -20.23 -5.84
CA LEU A 416 36.19 -19.29 -6.95
C LEU A 416 35.44 -18.03 -6.57
N GLN A 417 34.32 -18.18 -5.86
CA GLN A 417 33.61 -17.01 -5.40
C GLN A 417 34.49 -16.15 -4.51
N ASP A 418 35.20 -16.76 -3.57
CA ASP A 418 36.10 -16.00 -2.73
C ASP A 418 37.27 -15.42 -3.51
N LEU A 419 37.66 -16.06 -4.61
CA LEU A 419 38.65 -15.45 -5.48
C LEU A 419 38.17 -14.13 -6.01
N THR A 420 36.93 -14.08 -6.51
CA THR A 420 36.49 -12.87 -7.20
C THR A 420 36.64 -11.64 -6.31
N GLN A 421 36.37 -11.78 -5.01
CA GLN A 421 36.56 -10.65 -4.12
C GLN A 421 37.98 -10.13 -4.14
N TRP A 422 38.96 -11.00 -4.37
CA TRP A 422 40.37 -10.65 -4.22
C TRP A 422 41.08 -10.46 -5.55
N LEU A 423 40.48 -10.89 -6.65
CA LEU A 423 41.19 -10.94 -7.91
C LEU A 423 41.67 -9.55 -8.32
N ASN A 424 40.93 -8.51 -7.96
CA ASN A 424 41.31 -7.16 -8.34
C ASN A 424 42.55 -6.69 -7.60
N LEU A 425 42.89 -7.34 -6.50
CA LEU A 425 44.09 -6.95 -5.79
C LEU A 425 45.35 -7.45 -6.46
N ILE A 426 45.24 -8.37 -7.42
CA ILE A 426 46.41 -8.82 -8.15
C ILE A 426 47.09 -7.67 -8.87
N TRP A 427 46.35 -6.63 -9.21
CA TRP A 427 46.95 -5.42 -9.73
C TRP A 427 46.76 -4.23 -8.83
N SER A 428 45.69 -4.18 -8.05
CA SER A 428 45.47 -3.01 -7.21
C SER A 428 46.18 -3.12 -5.88
N GLY A 429 46.95 -4.16 -5.64
CA GLY A 429 47.92 -4.18 -4.59
C GLY A 429 49.23 -3.61 -5.08
N PRO A 430 49.70 -4.07 -6.24
CA PRO A 430 50.89 -3.45 -6.84
C PRO A 430 50.69 -1.99 -7.18
N PHE A 431 49.53 -1.62 -7.70
CA PHE A 431 49.26 -0.21 -7.99
C PHE A 431 49.21 0.61 -6.71
N GLN A 432 48.52 0.10 -5.71
CA GLN A 432 48.36 0.78 -4.44
C GLN A 432 49.65 0.81 -3.63
N ILE A 433 50.63 -0.01 -3.99
CA ILE A 433 51.95 0.07 -3.40
C ILE A 433 52.87 0.99 -4.20
N ILE A 434 52.78 0.94 -5.53
CA ILE A 434 53.61 1.81 -6.35
C ILE A 434 53.31 3.27 -6.06
N ILE A 435 52.04 3.65 -6.03
CA ILE A 435 51.79 5.07 -5.82
C ILE A 435 52.07 5.44 -4.38
N CYS A 436 51.94 4.49 -3.45
CA CYS A 436 52.36 4.77 -2.08
C CYS A 436 53.85 5.01 -2.01
N LEU A 437 54.65 4.16 -2.64
CA LEU A 437 56.09 4.35 -2.59
C LEU A 437 56.48 5.64 -3.27
N TYR A 438 55.84 5.99 -4.37
CA TYR A 438 56.20 7.23 -5.02
C TYR A 438 55.84 8.42 -4.16
N SER A 439 54.63 8.43 -3.59
CA SER A 439 54.25 9.53 -2.73
C SER A 439 55.20 9.63 -1.54
N LEU A 440 55.53 8.50 -0.97
CA LEU A 440 56.35 8.48 0.22
C LEU A 440 57.79 8.81 -0.10
N TYR A 441 58.25 8.49 -1.31
CA TYR A 441 59.58 8.92 -1.73
C TYR A 441 59.63 10.41 -1.93
N LYS A 442 58.67 10.95 -2.68
CA LYS A 442 58.64 12.40 -2.87
C LYS A 442 58.43 13.12 -1.56
N LEU A 443 57.96 12.44 -0.53
CA LEU A 443 57.77 13.08 0.76
C LEU A 443 59.01 13.02 1.63
N LEU A 444 59.50 11.80 1.89
CA LEU A 444 60.55 11.59 2.87
C LEU A 444 61.94 11.46 2.27
N GLY A 445 62.05 11.15 0.99
CA GLY A 445 63.33 10.80 0.42
C GLY A 445 63.55 9.32 0.48
N ASN A 446 64.79 8.92 0.28
CA ASN A 446 65.09 7.49 0.33
C ASN A 446 65.03 6.94 1.74
N SER A 447 64.68 7.74 2.74
CA SER A 447 64.48 7.21 4.07
C SER A 447 63.17 6.43 4.18
N MET A 448 62.29 6.54 3.19
CA MET A 448 61.13 5.67 3.07
C MET A 448 61.50 4.21 2.96
N TRP A 449 62.67 3.91 2.42
CA TRP A 449 63.03 2.53 2.17
C TRP A 449 63.21 1.76 3.46
N VAL A 450 63.60 2.44 4.53
CA VAL A 450 63.69 1.76 5.82
C VAL A 450 62.33 1.25 6.23
N GLY A 451 61.30 2.08 6.09
CA GLY A 451 59.98 1.65 6.45
C GLY A 451 59.47 0.54 5.56
N VAL A 452 59.70 0.65 4.26
CA VAL A 452 59.26 -0.40 3.35
C VAL A 452 59.94 -1.71 3.70
N ILE A 453 61.25 -1.66 3.99
CA ILE A 453 61.98 -2.87 4.35
C ILE A 453 61.41 -3.48 5.61
N ILE A 454 61.10 -2.65 6.61
CA ILE A 454 60.57 -3.20 7.85
C ILE A 454 59.23 -3.90 7.60
N LEU A 455 58.35 -3.29 6.81
CA LEU A 455 57.08 -3.97 6.53
C LEU A 455 57.30 -5.27 5.76
N VAL A 456 58.18 -5.24 4.76
CA VAL A 456 58.42 -6.43 3.96
C VAL A 456 58.92 -7.56 4.86
N ILE A 457 59.89 -7.26 5.73
CA ILE A 457 60.46 -8.33 6.55
C ILE A 457 59.54 -8.74 7.67
N MET A 458 58.62 -7.89 8.10
CA MET A 458 57.60 -8.35 9.02
C MET A 458 56.55 -9.20 8.35
N MET A 459 56.46 -9.15 7.02
CA MET A 459 55.55 -10.07 6.35
C MET A 459 55.89 -11.54 6.57
N PRO A 460 57.14 -12.01 6.38
CA PRO A 460 57.41 -13.43 6.65
C PRO A 460 57.18 -13.81 8.10
N LEU A 461 57.58 -12.97 9.03
CA LEU A 461 57.33 -13.25 10.44
C LEU A 461 55.83 -13.29 10.72
N ASN A 462 55.08 -12.39 10.08
CA ASN A 462 53.64 -12.43 10.21
C ASN A 462 53.06 -13.74 9.72
N SER A 463 53.53 -14.22 8.56
CA SER A 463 53.01 -15.46 8.01
C SER A 463 53.42 -16.65 8.87
N PHE A 464 54.63 -16.61 9.43
CA PHE A 464 55.05 -17.67 10.35
C PHE A 464 54.16 -17.72 11.57
N LEU A 465 53.89 -16.58 12.20
CA LEU A 465 52.98 -16.58 13.32
C LEU A 465 51.57 -16.98 12.91
N MET A 466 51.15 -16.62 11.70
CA MET A 466 49.82 -17.03 11.24
C MET A 466 49.74 -18.55 11.13
N ARG A 467 50.78 -19.17 10.61
CA ARG A 467 50.84 -20.63 10.57
C ARG A 467 50.80 -21.21 11.97
N ILE A 468 51.57 -20.64 12.89
CA ILE A 468 51.51 -21.09 14.29
C ILE A 468 50.09 -20.96 14.83
N GLN A 469 49.42 -19.85 14.51
CA GLN A 469 48.10 -19.59 15.05
C GLN A 469 47.10 -20.62 14.55
N LYS A 470 47.10 -20.88 13.25
CA LYS A 470 46.17 -21.87 12.71
C LYS A 470 46.49 -23.27 13.20
N LYS A 471 47.78 -23.61 13.26
CA LYS A 471 48.19 -24.90 13.80
C LYS A 471 47.68 -25.08 15.22
N LEU A 472 47.89 -24.08 16.06
CA LEU A 472 47.52 -24.21 17.46
C LEU A 472 46.02 -24.17 17.65
N GLN A 473 45.30 -23.43 16.79
CA GLN A 473 43.85 -23.46 16.82
C GLN A 473 43.32 -24.83 16.47
N LYS A 474 43.91 -25.48 15.46
CA LYS A 474 43.50 -26.83 15.11
C LYS A 474 43.79 -27.81 16.24
N SER A 475 44.95 -27.66 16.88
CA SER A 475 45.26 -28.49 18.03
C SER A 475 44.25 -28.28 19.15
N GLN A 476 43.89 -27.02 19.40
CA GLN A 476 42.86 -26.73 20.39
C GLN A 476 41.54 -27.37 20.02
N MET A 477 41.18 -27.33 18.73
CA MET A 477 39.94 -27.96 18.31
C MET A 477 39.98 -29.46 18.55
N LYS A 478 41.14 -30.08 18.37
CA LYS A 478 41.14 -31.52 18.59
C LYS A 478 41.11 -31.87 20.07
N TYR A 479 41.73 -31.07 20.94
CA TYR A 479 41.48 -31.24 22.37
C TYR A 479 40.02 -31.02 22.71
N LYS A 480 39.37 -30.07 22.04
CA LYS A 480 37.95 -29.87 22.24
C LYS A 480 37.16 -31.09 21.83
N ASP A 481 37.53 -31.72 20.72
CA ASP A 481 36.89 -32.95 20.31
C ASP A 481 37.10 -34.06 21.33
N GLU A 482 38.28 -34.12 21.92
CA GLU A 482 38.54 -35.11 22.97
C GLU A 482 37.60 -34.90 24.16
N ARG A 483 37.55 -33.69 24.68
CA ARG A 483 36.63 -33.41 25.78
C ARG A 483 35.19 -33.65 25.38
N THR A 484 34.86 -33.41 24.11
CA THR A 484 33.49 -33.66 23.66
C THR A 484 33.19 -35.14 23.59
N ARG A 485 34.17 -35.98 23.25
CA ARG A 485 33.96 -37.42 23.35
C ARG A 485 33.70 -37.82 24.78
N VAL A 486 34.46 -37.27 25.71
CA VAL A 486 34.22 -37.58 27.12
C VAL A 486 32.79 -37.20 27.51
N ILE A 487 32.36 -36.00 27.11
CA ILE A 487 31.01 -35.57 27.45
C ILE A 487 29.98 -36.44 26.75
N SER A 488 30.23 -36.83 25.50
CA SER A 488 29.26 -37.64 24.78
C SER A 488 29.05 -38.97 25.45
N GLU A 489 30.14 -39.64 25.86
CA GLU A 489 29.95 -40.89 26.57
C GLU A 489 29.25 -40.67 27.89
N ILE A 490 29.60 -39.60 28.62
CA ILE A 490 28.96 -39.35 29.90
C ILE A 490 27.46 -39.17 29.72
N LEU A 491 27.06 -38.44 28.69
CA LEU A 491 25.65 -38.16 28.50
C LEU A 491 24.90 -39.39 27.99
N ASN A 492 25.47 -40.10 27.02
CA ASN A 492 24.78 -41.28 26.51
C ASN A 492 24.71 -42.38 27.56
N ASN A 493 25.62 -42.36 28.52
CA ASN A 493 25.63 -43.33 29.60
C ASN A 493 25.03 -42.79 30.88
N ILE A 494 24.33 -41.65 30.81
CA ILE A 494 23.96 -40.93 32.02
C ILE A 494 23.13 -41.79 32.96
N LYS A 495 22.27 -42.64 32.42
CA LYS A 495 21.40 -43.45 33.29
C LYS A 495 22.25 -44.33 34.23
N SER A 496 23.08 -45.19 33.64
CA SER A 496 23.93 -46.06 34.46
C SER A 496 24.92 -45.25 35.29
N LEU A 497 25.40 -44.14 34.74
CA LEU A 497 26.34 -43.30 35.46
C LEU A 497 25.73 -42.76 36.74
N LYS A 498 24.47 -42.32 36.67
CA LYS A 498 23.82 -41.79 37.85
C LYS A 498 23.42 -42.92 38.79
N LEU A 499 23.09 -44.08 38.23
CA LEU A 499 22.79 -45.24 39.08
C LEU A 499 23.99 -45.60 39.94
N TYR A 500 25.17 -45.66 39.35
CA TYR A 500 26.37 -45.99 40.12
C TYR A 500 26.91 -44.82 40.93
N ALA A 501 26.42 -43.60 40.69
CA ALA A 501 26.99 -42.39 41.26
C ALA A 501 28.44 -42.21 40.85
N TRP A 502 28.81 -42.73 39.69
CA TRP A 502 30.14 -42.60 39.10
C TRP A 502 30.33 -41.25 38.43
N GLU A 503 29.33 -40.38 38.54
CA GLU A 503 29.43 -39.05 37.97
C GLU A 503 30.54 -38.25 38.62
N LYS A 504 30.91 -38.54 39.87
CA LYS A 504 32.02 -37.81 40.48
C LYS A 504 33.35 -38.14 39.80
N PRO A 505 33.80 -39.40 39.75
CA PRO A 505 35.04 -39.68 39.02
C PRO A 505 34.97 -39.32 37.55
N TYR A 506 33.82 -39.48 36.89
CA TYR A 506 33.79 -39.06 35.49
C TYR A 506 33.87 -37.54 35.33
N ARG A 507 33.30 -36.79 36.28
CA ARG A 507 33.53 -35.35 36.33
C ARG A 507 34.99 -35.05 36.51
N GLU A 508 35.66 -35.80 37.38
CA GLU A 508 37.09 -35.60 37.57
C GLU A 508 37.84 -35.85 36.27
N LYS A 509 37.48 -36.90 35.54
CA LYS A 509 38.18 -37.21 34.30
C LYS A 509 37.96 -36.13 33.27
N LEU A 510 36.70 -35.72 33.09
CA LEU A 510 36.38 -34.63 32.18
C LEU A 510 37.17 -33.38 32.53
N GLU A 511 37.21 -33.04 33.82
CA GLU A 511 37.86 -31.81 34.24
C GLU A 511 39.38 -31.92 34.14
N GLU A 512 39.94 -33.11 34.32
CA GLU A 512 41.36 -33.28 34.05
C GLU A 512 41.63 -33.00 32.59
N VAL A 513 40.89 -33.64 31.70
CA VAL A 513 41.08 -33.43 30.27
C VAL A 513 41.03 -31.95 29.96
N ARG A 514 39.94 -31.29 30.35
CA ARG A 514 39.82 -29.85 30.12
C ARG A 514 40.97 -29.07 30.72
N ASN A 515 41.04 -29.04 32.05
CA ASN A 515 41.94 -28.12 32.74
C ASN A 515 43.38 -28.32 32.28
N ASN A 516 43.84 -29.57 32.15
CA ASN A 516 45.22 -29.75 31.73
C ASN A 516 45.35 -29.53 30.23
N LYS A 517 44.78 -30.42 29.42
CA LYS A 517 45.09 -30.37 28.00
C LYS A 517 44.49 -29.14 27.34
N GLU A 518 43.17 -28.99 27.41
CA GLU A 518 42.52 -27.95 26.64
C GLU A 518 42.90 -26.57 27.17
N LEU A 519 42.95 -26.40 28.49
CA LEU A 519 43.28 -25.08 29.00
C LEU A 519 44.76 -24.73 28.89
N LYS A 520 45.69 -25.68 29.01
CA LYS A 520 47.07 -25.33 28.71
C LYS A 520 47.20 -24.93 27.26
N ASN A 521 46.55 -25.67 26.36
CA ASN A 521 46.62 -25.28 24.96
C ASN A 521 46.01 -23.90 24.74
N LEU A 522 44.91 -23.60 25.43
CA LEU A 522 44.25 -22.33 25.21
C LEU A 522 45.04 -21.18 25.79
N THR A 523 45.71 -21.38 26.92
CA THR A 523 46.59 -20.34 27.43
C THR A 523 47.77 -20.13 26.50
N LYS A 524 48.31 -21.20 25.92
CA LYS A 524 49.36 -21.02 24.93
C LYS A 524 48.86 -20.23 23.74
N LEU A 525 47.65 -20.53 23.28
CA LEU A 525 47.06 -19.77 22.19
C LEU A 525 46.88 -18.32 22.58
N GLY A 526 46.50 -18.06 23.82
CA GLY A 526 46.37 -16.69 24.28
C GLY A 526 47.71 -15.96 24.27
N CYS A 527 48.78 -16.63 24.65
CA CYS A 527 50.08 -15.98 24.63
C CYS A 527 50.52 -15.67 23.21
N TYR A 528 50.27 -16.57 22.26
CA TYR A 528 50.62 -16.19 20.89
C TYR A 528 49.67 -15.15 20.32
N MET A 529 48.43 -15.10 20.81
CA MET A 529 47.57 -13.97 20.49
C MET A 529 48.16 -12.68 21.01
N ALA A 530 48.73 -12.72 22.21
CA ALA A 530 49.39 -11.54 22.74
C ALA A 530 50.57 -11.14 21.87
N VAL A 531 51.35 -12.11 21.42
CA VAL A 531 52.50 -11.78 20.58
C VAL A 531 52.05 -11.14 19.28
N THR A 532 51.02 -11.69 18.65
CA THR A 532 50.59 -11.09 17.39
C THR A 532 49.92 -9.74 17.59
N SER A 533 49.22 -9.55 18.72
CA SER A 533 48.65 -8.24 18.99
C SER A 533 49.75 -7.22 19.22
N PHE A 534 50.81 -7.61 19.93
CA PHE A 534 51.95 -6.73 20.11
C PHE A 534 52.57 -6.38 18.77
N GLN A 535 52.71 -7.37 17.89
CA GLN A 535 53.26 -7.11 16.57
C GLN A 535 52.43 -6.10 15.80
N PHE A 536 51.12 -6.30 15.78
CA PHE A 536 50.27 -5.37 15.03
C PHE A 536 50.23 -3.99 15.66
N ASN A 537 50.46 -3.90 16.96
CA ASN A 537 50.50 -2.57 17.55
C ASN A 537 51.82 -1.87 17.25
N ILE A 538 52.92 -2.62 17.22
CA ILE A 538 54.24 -2.01 17.19
C ILE A 538 54.70 -1.77 15.76
N VAL A 539 54.45 -2.69 14.85
CA VAL A 539 55.03 -2.58 13.51
C VAL A 539 54.60 -1.30 12.80
N PRO A 540 53.31 -0.93 12.77
CA PRO A 540 52.97 0.38 12.22
C PRO A 540 53.61 1.53 12.95
N PHE A 541 53.96 1.36 14.21
CA PHE A 541 54.80 2.32 14.89
C PHE A 541 56.25 2.24 14.46
N LEU A 542 56.80 1.03 14.46
CA LEU A 542 58.23 0.87 14.29
C LEU A 542 58.64 1.31 12.90
N VAL A 543 57.78 1.08 11.93
CA VAL A 543 58.08 1.49 10.56
C VAL A 543 58.30 3.00 10.49
N SER A 544 57.41 3.76 11.11
CA SER A 544 57.52 5.21 11.06
C SER A 544 58.66 5.71 11.94
N CYS A 545 58.83 5.13 13.12
CA CYS A 545 59.92 5.58 13.99
C CYS A 545 61.27 5.34 13.33
N CYS A 546 61.47 4.16 12.75
CA CYS A 546 62.74 3.89 12.11
C CYS A 546 62.94 4.76 10.88
N THR A 547 61.90 4.98 10.08
CA THR A 547 62.15 5.81 8.92
C THR A 547 62.39 7.26 9.30
N PHE A 548 61.81 7.72 10.41
CA PHE A 548 62.14 9.06 10.88
C PHE A 548 63.57 9.12 11.39
N ALA A 549 64.04 8.06 12.05
CA ALA A 549 65.43 8.04 12.49
C ALA A 549 66.36 8.15 11.30
N VAL A 550 66.12 7.36 10.28
CA VAL A 550 67.00 7.38 9.11
C VAL A 550 66.89 8.70 8.38
N PHE A 551 65.69 9.28 8.33
CA PHE A 551 65.55 10.61 7.76
C PHE A 551 66.37 11.63 8.52
N VAL A 552 66.19 11.68 9.83
CA VAL A 552 66.86 12.69 10.64
C VAL A 552 68.36 12.60 10.49
N TYR A 553 68.91 11.39 10.49
CA TYR A 553 70.35 11.26 10.41
C TYR A 553 70.90 11.28 9.00
N THR A 554 70.06 11.14 7.97
CA THR A 554 70.61 11.18 6.62
C THR A 554 70.41 12.53 5.93
N GLU A 555 69.26 13.15 6.12
CA GLU A 555 68.94 14.36 5.38
C GLU A 555 69.27 15.60 6.21
N ASP A 556 69.67 16.65 5.51
CA ASP A 556 69.85 17.95 6.16
C ASP A 556 68.54 18.71 6.25
N ARG A 557 67.50 18.24 5.58
CA ARG A 557 66.18 18.86 5.64
C ARG A 557 65.64 18.82 7.06
N ALA A 558 64.65 19.65 7.32
CA ALA A 558 63.97 19.63 8.60
C ALA A 558 62.83 18.62 8.53
N LEU A 559 62.75 17.76 9.54
CA LEU A 559 61.65 16.80 9.63
C LEU A 559 60.42 17.55 10.15
N THR A 560 59.79 18.29 9.26
CA THR A 560 58.70 19.16 9.65
C THR A 560 57.39 18.40 9.73
N THR A 561 56.37 19.10 10.21
CA THR A 561 55.07 18.48 10.43
C THR A 561 54.50 17.91 9.15
N ASP A 562 54.63 18.66 8.04
CA ASP A 562 54.01 18.21 6.81
C ASP A 562 54.72 17.00 6.23
N LEU A 563 55.99 16.82 6.55
CA LEU A 563 56.64 15.57 6.20
C LEU A 563 56.20 14.45 7.11
N VAL A 564 56.03 14.73 8.39
CA VAL A 564 55.81 13.69 9.38
C VAL A 564 54.43 13.08 9.24
N PHE A 565 53.40 13.88 9.35
CA PHE A 565 52.09 13.25 9.53
C PHE A 565 51.53 12.62 8.27
N PRO A 566 51.69 13.23 7.10
CA PRO A 566 51.45 12.47 5.88
C PRO A 566 52.26 11.19 5.81
N ALA A 567 53.44 11.14 6.42
CA ALA A 567 54.17 9.88 6.40
C ALA A 567 53.47 8.82 7.24
N LEU A 568 52.92 9.20 8.40
CA LEU A 568 52.15 8.24 9.17
C LEU A 568 50.95 7.75 8.35
N THR A 569 50.25 8.66 7.71
CA THR A 569 49.09 8.27 6.92
C THR A 569 49.48 7.33 5.80
N LEU A 570 50.57 7.63 5.10
CA LEU A 570 50.98 6.81 3.98
C LEU A 570 51.46 5.44 4.43
N PHE A 571 52.14 5.35 5.56
CA PHE A 571 52.53 4.04 6.05
C PHE A 571 51.33 3.23 6.46
N ASN A 572 50.33 3.89 7.05
CA ASN A 572 49.08 3.19 7.31
C ASN A 572 48.48 2.64 6.03
N LEU A 573 48.48 3.44 4.96
CA LEU A 573 47.91 2.95 3.72
C LEU A 573 48.76 1.86 3.09
N LEU A 574 50.06 1.89 3.32
CA LEU A 574 50.95 0.90 2.72
C LEU A 574 50.86 -0.43 3.44
N SER A 575 50.48 -0.44 4.71
CA SER A 575 50.45 -1.69 5.45
C SER A 575 49.53 -2.71 4.80
N PHE A 576 48.34 -2.26 4.36
CA PHE A 576 47.31 -3.20 3.91
C PHE A 576 47.74 -4.03 2.71
N PRO A 577 48.17 -3.45 1.58
CA PRO A 577 48.55 -4.30 0.45
C PRO A 577 49.68 -5.26 0.76
N LEU A 578 50.70 -4.81 1.47
CA LEU A 578 51.77 -5.73 1.87
C LEU A 578 51.23 -6.81 2.78
N MET A 579 50.29 -6.47 3.64
CA MET A 579 49.74 -7.46 4.56
C MET A 579 48.86 -8.48 3.86
N ILE A 580 48.32 -8.16 2.69
CA ILE A 580 47.32 -9.03 2.08
C ILE A 580 47.76 -9.69 0.78
N ILE A 581 48.82 -9.23 0.13
CA ILE A 581 49.26 -9.92 -1.08
C ILE A 581 49.45 -11.42 -0.81
N PRO A 582 50.01 -11.85 0.32
CA PRO A 582 50.02 -13.28 0.62
C PRO A 582 48.66 -13.94 0.54
N MET A 583 47.64 -13.39 1.18
CA MET A 583 46.32 -14.00 1.15
C MET A 583 45.75 -14.01 -0.26
N VAL A 584 46.07 -13.01 -1.06
CA VAL A 584 45.57 -12.99 -2.43
C VAL A 584 46.19 -14.11 -3.26
N LEU A 585 47.52 -14.27 -3.17
CA LEU A 585 48.14 -15.35 -3.95
C LEU A 585 47.71 -16.71 -3.43
N ASN A 586 47.53 -16.85 -2.12
CA ASN A 586 46.99 -18.08 -1.57
C ASN A 586 45.62 -18.38 -2.16
N SER A 587 44.73 -17.39 -2.17
CA SER A 587 43.43 -17.58 -2.77
C SER A 587 43.55 -17.93 -4.23
N PHE A 588 44.51 -17.34 -4.93
CA PHE A 588 44.63 -17.59 -6.36
C PHE A 588 45.10 -19.00 -6.65
N ILE A 589 46.05 -19.51 -5.87
CA ILE A 589 46.49 -20.89 -6.10
C ILE A 589 45.39 -21.87 -5.71
N GLU A 590 44.67 -21.58 -4.62
CA GLU A 590 43.53 -22.42 -4.27
C GLU A 590 42.49 -22.43 -5.37
N ALA A 591 42.21 -21.27 -5.96
CA ALA A 591 41.25 -21.21 -7.04
C ALA A 591 41.77 -21.92 -8.27
N SER A 592 43.09 -21.91 -8.50
CA SER A 592 43.61 -22.67 -9.64
C SER A 592 43.42 -24.16 -9.43
N VAL A 593 43.66 -24.63 -8.20
CA VAL A 593 43.34 -26.02 -7.87
C VAL A 593 41.88 -26.31 -8.17
N SER A 594 41.00 -25.40 -7.75
CA SER A 594 39.57 -25.62 -7.94
C SER A 594 39.20 -25.62 -9.41
N ILE A 595 39.81 -24.77 -10.22
CA ILE A 595 39.52 -24.79 -11.65
C ILE A 595 40.00 -26.11 -12.25
N GLY A 596 41.14 -26.62 -11.80
CA GLY A 596 41.56 -27.92 -12.29
C GLY A 596 40.53 -28.99 -11.98
N ARG A 597 40.04 -29.01 -10.75
CA ARG A 597 39.04 -30.00 -10.35
C ARG A 597 37.76 -29.84 -11.16
N LEU A 598 37.28 -28.60 -11.28
CA LEU A 598 36.05 -28.38 -12.02
C LEU A 598 36.20 -28.73 -13.48
N PHE A 599 37.35 -28.46 -14.08
CA PHE A 599 37.53 -28.79 -15.47
C PHE A 599 37.54 -30.30 -15.67
N THR A 600 38.20 -31.03 -14.77
CA THR A 600 38.15 -32.48 -14.87
C THR A 600 36.71 -32.96 -14.77
N PHE A 601 35.95 -32.42 -13.84
CA PHE A 601 34.57 -32.86 -13.70
C PHE A 601 33.77 -32.56 -14.95
N PHE A 602 33.83 -31.33 -15.43
CA PHE A 602 33.05 -30.98 -16.61
C PHE A 602 33.46 -31.78 -17.82
N THR A 603 34.71 -32.23 -17.88
CA THR A 603 35.14 -33.04 -19.01
C THR A 603 34.96 -34.53 -18.81
N ASN A 604 34.54 -34.98 -17.63
CA ASN A 604 34.29 -36.40 -17.42
C ASN A 604 33.33 -36.94 -18.47
N GLU A 605 33.42 -38.24 -18.73
CA GLU A 605 32.67 -38.83 -19.84
C GLU A 605 31.19 -38.95 -19.48
N GLU A 606 30.34 -38.46 -20.37
CA GLU A 606 28.91 -38.44 -20.14
C GLU A 606 28.26 -39.72 -20.68
N LEU A 607 26.96 -39.84 -20.47
CA LEU A 607 26.18 -40.93 -21.05
C LEU A 607 25.79 -40.57 -22.47
N GLN A 608 25.99 -41.50 -23.40
CA GLN A 608 25.68 -41.23 -24.80
C GLN A 608 24.17 -41.19 -25.00
N PRO A 609 23.61 -40.10 -25.52
CA PRO A 609 22.14 -40.01 -25.58
C PRO A 609 21.49 -41.04 -26.46
N ASP A 610 22.16 -41.50 -27.52
CA ASP A 610 21.56 -42.36 -28.52
C ASP A 610 21.67 -43.84 -28.19
N SER A 611 22.00 -44.19 -26.95
CA SER A 611 22.06 -45.59 -26.58
C SER A 611 20.71 -46.27 -26.76
N VAL A 612 19.62 -45.55 -26.50
CA VAL A 612 18.27 -46.10 -26.66
C VAL A 612 17.37 -45.01 -27.19
N GLN A 613 16.41 -45.41 -28.02
CA GLN A 613 15.42 -44.47 -28.56
C GLN A 613 14.19 -44.52 -27.66
N ARG A 614 14.12 -43.61 -26.70
CA ARG A 614 13.01 -43.57 -25.77
C ARG A 614 11.76 -42.93 -26.35
N LEU A 615 11.89 -42.24 -27.48
CA LEU A 615 10.79 -41.42 -28.00
C LEU A 615 9.54 -42.21 -28.34
N PRO A 616 9.62 -43.38 -28.97
CA PRO A 616 8.41 -43.97 -29.57
C PRO A 616 7.35 -44.32 -28.54
N LYS A 617 6.11 -44.31 -29.01
CA LYS A 617 4.96 -44.85 -28.28
C LYS A 617 4.05 -45.53 -29.27
N VAL A 618 3.35 -46.59 -28.81
CA VAL A 618 2.59 -47.46 -29.70
C VAL A 618 1.12 -47.43 -29.29
N LYS A 619 0.24 -47.19 -30.27
CA LYS A 619 -1.19 -47.11 -30.03
C LYS A 619 -1.83 -48.48 -30.25
N ASN A 620 -1.39 -49.42 -29.42
CA ASN A 620 -1.97 -50.76 -29.40
C ASN A 620 -2.10 -51.19 -27.96
N ILE A 621 -3.06 -52.08 -27.72
CA ILE A 621 -3.39 -52.50 -26.36
C ILE A 621 -2.22 -53.27 -25.77
N GLY A 622 -1.92 -54.43 -26.35
CA GLY A 622 -0.85 -55.27 -25.85
C GLY A 622 -0.04 -55.92 -26.95
N ASP A 623 0.08 -55.23 -28.08
CA ASP A 623 0.56 -55.88 -29.30
C ASP A 623 1.77 -55.20 -29.91
N VAL A 624 2.78 -54.92 -29.09
CA VAL A 624 4.03 -54.35 -29.59
C VAL A 624 5.14 -54.73 -28.64
N ALA A 625 6.33 -55.00 -29.19
CA ALA A 625 7.51 -55.18 -28.36
C ALA A 625 7.97 -53.83 -27.84
N ILE A 626 8.34 -53.79 -26.56
CA ILE A 626 8.81 -52.56 -25.94
C ILE A 626 10.30 -52.34 -26.20
N ASN A 627 11.10 -53.40 -26.12
CA ASN A 627 12.49 -53.34 -26.51
C ASN A 627 12.69 -53.92 -27.91
N ILE A 628 13.64 -53.36 -28.64
CA ILE A 628 13.95 -53.80 -29.99
C ILE A 628 15.46 -53.83 -30.15
N GLY A 629 15.98 -54.95 -30.65
CA GLY A 629 17.41 -55.07 -30.87
C GLY A 629 17.80 -56.40 -31.47
N ASP A 630 18.78 -56.39 -32.38
CA ASP A 630 19.21 -57.62 -33.04
C ASP A 630 20.33 -58.30 -32.26
N ASP A 631 21.50 -57.68 -32.24
CA ASP A 631 22.65 -58.15 -31.49
C ASP A 631 23.17 -57.03 -30.60
N ALA A 632 22.24 -56.41 -29.86
CA ALA A 632 22.56 -55.26 -29.04
C ALA A 632 23.67 -55.59 -28.04
N THR A 633 24.65 -54.69 -27.94
CA THR A 633 25.74 -54.87 -27.02
C THR A 633 25.99 -53.56 -26.29
N PHE A 634 26.19 -53.65 -24.98
CA PHE A 634 26.36 -52.47 -24.16
C PHE A 634 27.58 -52.66 -23.25
N LEU A 635 28.24 -51.55 -22.95
CA LEU A 635 29.43 -51.55 -22.12
C LEU A 635 29.32 -50.47 -21.07
N TRP A 636 30.04 -50.67 -19.96
CA TRP A 636 30.00 -49.74 -18.84
C TRP A 636 31.01 -48.61 -18.97
N GLN A 637 32.11 -48.83 -19.68
CA GLN A 637 33.12 -47.80 -19.91
C GLN A 637 33.54 -47.82 -21.36
N ARG A 638 33.78 -46.62 -21.92
CA ARG A 638 34.37 -46.52 -23.24
C ARG A 638 35.88 -46.64 -23.19
N LYS A 639 36.48 -46.52 -22.02
CA LYS A 639 37.88 -46.83 -21.85
C LYS A 639 38.08 -48.34 -21.97
N PRO A 640 39.24 -48.78 -22.44
CA PRO A 640 39.42 -50.22 -22.69
C PRO A 640 39.41 -51.05 -21.42
N GLU A 641 39.65 -52.36 -21.57
CA GLU A 641 39.61 -53.30 -20.46
C GLU A 641 38.23 -53.28 -19.79
N TYR A 642 37.20 -53.62 -20.57
CA TYR A 642 35.83 -53.56 -20.10
C TYR A 642 35.61 -54.68 -19.08
N LYS A 643 35.40 -54.29 -17.82
CA LYS A 643 35.14 -55.27 -16.76
C LYS A 643 33.72 -55.82 -16.82
N VAL A 644 32.83 -55.14 -17.54
CA VAL A 644 31.42 -55.56 -17.61
C VAL A 644 30.88 -55.15 -18.98
N ALA A 645 30.04 -56.00 -19.55
CA ALA A 645 29.44 -55.74 -20.84
C ALA A 645 28.19 -56.58 -21.00
N LEU A 646 27.40 -56.24 -22.02
CA LEU A 646 26.30 -57.06 -22.51
C LEU A 646 26.57 -57.34 -23.97
N LYS A 647 26.36 -58.59 -24.40
CA LYS A 647 26.74 -59.01 -25.73
C LYS A 647 25.58 -59.67 -26.45
N ASN A 648 25.32 -59.24 -27.68
CA ASN A 648 24.41 -59.91 -28.61
C ASN A 648 23.07 -60.23 -27.96
N ILE A 649 22.49 -59.23 -27.32
CA ILE A 649 21.18 -59.36 -26.70
C ILE A 649 20.12 -59.01 -27.73
N ASN A 650 19.02 -59.76 -27.71
CA ASN A 650 17.86 -59.51 -28.55
C ASN A 650 16.60 -59.59 -27.69
N PHE A 651 16.69 -59.09 -26.46
CA PHE A 651 15.57 -59.19 -25.53
C PHE A 651 14.34 -58.47 -26.07
N GLN A 652 13.17 -58.99 -25.72
CA GLN A 652 11.92 -58.49 -26.27
C GLN A 652 10.82 -58.72 -25.24
N ALA A 653 10.46 -57.69 -24.50
CA ALA A 653 9.22 -57.68 -23.76
C ALA A 653 8.13 -57.02 -24.60
N LYS A 654 6.89 -57.22 -24.20
CA LYS A 654 5.74 -56.78 -24.98
C LYS A 654 4.87 -55.85 -24.16
N LYS A 655 4.15 -54.98 -24.87
CA LYS A 655 3.29 -54.01 -24.19
C LYS A 655 2.24 -54.71 -23.37
N GLY A 656 2.10 -54.29 -22.12
CA GLY A 656 1.06 -54.82 -21.26
C GLY A 656 1.35 -56.17 -20.66
N ASN A 657 2.50 -56.76 -20.94
CA ASN A 657 2.85 -58.07 -20.40
C ASN A 657 4.01 -57.94 -19.42
N LEU A 658 3.98 -58.78 -18.39
CA LEU A 658 5.10 -58.85 -17.45
C LEU A 658 6.14 -59.81 -17.97
N THR A 659 7.39 -59.36 -18.00
CA THR A 659 8.50 -60.18 -18.48
C THR A 659 9.60 -60.13 -17.43
N CYS A 660 10.41 -61.17 -17.39
CA CYS A 660 11.44 -61.26 -16.36
C CYS A 660 12.76 -61.68 -16.98
N ILE A 661 13.83 -61.31 -16.29
CA ILE A 661 15.20 -61.65 -16.70
C ILE A 661 15.77 -62.55 -15.62
N VAL A 662 16.33 -63.68 -16.04
CA VAL A 662 16.83 -64.71 -15.13
C VAL A 662 18.34 -64.74 -15.21
N GLY A 663 18.99 -64.80 -14.05
CA GLY A 663 20.43 -64.83 -13.98
C GLY A 663 20.96 -64.50 -12.61
N LYS A 664 22.01 -65.19 -12.19
CA LYS A 664 22.63 -64.92 -10.90
C LYS A 664 23.34 -63.57 -10.92
N VAL A 665 23.76 -63.13 -9.72
CA VAL A 665 24.47 -61.87 -9.60
C VAL A 665 25.67 -61.85 -10.53
N GLY A 666 25.76 -60.82 -11.34
CA GLY A 666 26.82 -60.69 -12.31
C GLY A 666 26.54 -61.29 -13.67
N SER A 667 25.42 -61.99 -13.83
CA SER A 667 25.08 -62.52 -15.14
C SER A 667 24.71 -61.43 -16.13
N GLY A 668 24.38 -60.23 -15.66
CA GLY A 668 24.10 -59.13 -16.56
C GLY A 668 22.67 -58.64 -16.46
N LYS A 669 21.94 -59.11 -15.45
CA LYS A 669 20.54 -58.72 -15.32
C LYS A 669 20.40 -57.25 -14.98
N THR A 670 21.16 -56.78 -13.99
CA THR A 670 21.14 -55.36 -13.67
C THR A 670 21.59 -54.52 -14.85
N ALA A 671 22.61 -55.00 -15.56
CA ALA A 671 23.10 -54.28 -16.73
C ALA A 671 22.01 -54.14 -17.78
N LEU A 672 21.31 -55.22 -18.07
CA LEU A 672 20.24 -55.15 -19.06
C LEU A 672 19.14 -54.20 -18.61
N LEU A 673 18.74 -54.32 -17.33
CA LEU A 673 17.69 -53.45 -16.81
C LEU A 673 18.07 -51.98 -16.97
N SER A 674 19.28 -51.62 -16.52
CA SER A 674 19.68 -50.23 -16.57
C SER A 674 19.91 -49.75 -18.00
N CYS A 675 20.38 -50.62 -18.89
CA CYS A 675 20.55 -50.24 -20.28
C CYS A 675 19.21 -49.96 -20.94
N MET A 676 18.17 -50.67 -20.49
CA MET A 676 16.83 -50.36 -20.98
C MET A 676 16.47 -48.91 -20.70
N LEU A 677 17.07 -48.30 -19.68
CA LEU A 677 16.81 -46.92 -19.32
C LEU A 677 17.78 -45.93 -19.97
N GLY A 678 18.80 -46.42 -20.65
CA GLY A 678 19.78 -45.56 -21.28
C GLY A 678 21.04 -45.29 -20.49
N ASP A 679 21.38 -46.13 -19.51
CA ASP A 679 22.50 -45.88 -18.62
C ASP A 679 23.77 -46.63 -19.02
N LEU A 680 23.81 -47.24 -20.20
CA LEU A 680 25.00 -47.96 -20.64
C LEU A 680 25.29 -47.59 -22.09
N PHE A 681 26.56 -47.73 -22.47
CA PHE A 681 27.03 -47.27 -23.77
C PHE A 681 26.79 -48.35 -24.80
N ARG A 682 25.88 -48.10 -25.74
CA ARG A 682 25.58 -49.07 -26.79
C ARG A 682 26.76 -49.13 -27.76
N VAL A 683 27.53 -50.20 -27.68
CA VAL A 683 28.69 -50.37 -28.54
C VAL A 683 28.29 -50.95 -29.89
N LYS A 684 27.36 -51.91 -29.90
CA LYS A 684 26.90 -52.50 -31.14
C LYS A 684 25.46 -52.98 -30.96
N GLY A 685 24.69 -52.88 -32.02
CA GLY A 685 23.31 -53.31 -32.03
C GLY A 685 22.35 -52.16 -32.12
N PHE A 686 21.11 -52.43 -31.70
CA PHE A 686 20.06 -51.43 -31.66
C PHE A 686 19.26 -51.59 -30.38
N ALA A 687 18.65 -50.51 -29.93
CA ALA A 687 17.85 -50.54 -28.71
C ALA A 687 16.83 -49.42 -28.76
N THR A 688 15.70 -49.66 -28.11
CA THR A 688 14.64 -48.67 -28.03
C THR A 688 13.75 -49.01 -26.84
N VAL A 689 13.08 -47.99 -26.32
CA VAL A 689 12.08 -48.16 -25.27
C VAL A 689 10.91 -47.27 -25.63
N HIS A 690 9.70 -47.81 -25.58
CA HIS A 690 8.52 -47.10 -26.02
C HIS A 690 7.79 -46.49 -24.83
N GLY A 691 7.17 -45.34 -25.08
CA GLY A 691 6.34 -44.70 -24.08
C GLY A 691 7.14 -44.17 -22.90
N SER A 692 6.40 -43.61 -21.94
CA SER A 692 7.01 -43.14 -20.71
C SER A 692 7.52 -44.31 -19.90
N VAL A 693 8.59 -44.08 -19.15
CA VAL A 693 9.26 -45.15 -18.43
C VAL A 693 9.24 -44.85 -16.95
N ALA A 694 9.55 -45.87 -16.17
CA ALA A 694 9.79 -45.77 -14.73
C ALA A 694 10.70 -46.91 -14.34
N TYR A 695 11.26 -46.82 -13.14
CA TYR A 695 12.28 -47.78 -12.77
C TYR A 695 12.38 -47.83 -11.26
N VAL A 696 12.70 -49.01 -10.76
CA VAL A 696 12.99 -49.20 -9.34
C VAL A 696 14.29 -49.98 -9.26
N SER A 697 15.27 -49.42 -8.56
CA SER A 697 16.60 -50.03 -8.53
C SER A 697 16.63 -51.13 -7.47
N GLN A 698 17.75 -51.85 -7.41
CA GLN A 698 17.90 -52.86 -6.38
C GLN A 698 17.82 -52.22 -5.00
N VAL A 699 18.54 -51.12 -4.81
CA VAL A 699 18.51 -50.40 -3.53
C VAL A 699 17.44 -49.32 -3.63
N PRO A 700 16.48 -49.28 -2.71
CA PRO A 700 15.41 -48.28 -2.80
C PRO A 700 15.97 -46.88 -2.60
N TRP A 701 15.86 -46.05 -3.62
CA TRP A 701 16.22 -44.64 -3.50
C TRP A 701 15.08 -43.87 -2.87
N ILE A 702 15.35 -43.20 -1.77
CA ILE A 702 14.35 -42.42 -1.06
C ILE A 702 14.92 -41.03 -0.79
N MET A 703 14.09 -40.01 -0.97
CA MET A 703 14.53 -38.62 -0.89
C MET A 703 14.00 -38.01 0.39
N ASN A 704 14.84 -37.23 1.06
CA ASN A 704 14.41 -36.54 2.26
C ASN A 704 13.20 -35.67 1.96
N GLY A 705 12.15 -35.85 2.75
CA GLY A 705 10.88 -35.21 2.49
C GLY A 705 9.75 -36.09 2.94
N THR A 706 8.54 -35.70 2.55
CA THR A 706 7.35 -36.44 2.93
C THR A 706 7.25 -37.74 2.14
N VAL A 707 6.72 -38.78 2.81
CA VAL A 707 6.47 -40.03 2.09
C VAL A 707 5.51 -39.79 0.93
N LYS A 708 4.54 -38.90 1.11
CA LYS A 708 3.73 -38.46 -0.01
C LYS A 708 4.59 -37.84 -1.09
N GLU A 709 5.62 -37.10 -0.70
CA GLU A 709 6.50 -36.50 -1.69
C GLU A 709 7.35 -37.55 -2.38
N ASN A 710 7.91 -38.49 -1.63
CA ASN A 710 8.68 -39.58 -2.24
C ASN A 710 7.79 -40.45 -3.12
N ILE A 711 6.48 -40.39 -2.95
CA ILE A 711 5.57 -41.19 -3.77
C ILE A 711 5.13 -40.43 -5.02
N LEU A 712 4.69 -39.18 -4.86
CA LEU A 712 4.28 -38.40 -6.02
C LEU A 712 5.46 -38.11 -6.95
N PHE A 713 6.62 -37.79 -6.36
CA PHE A 713 7.88 -37.61 -7.10
C PHE A 713 7.70 -36.66 -8.28
N GLY A 714 6.90 -35.61 -8.09
CA GLY A 714 6.69 -34.63 -9.12
C GLY A 714 5.47 -34.84 -9.97
N HIS A 715 4.72 -35.91 -9.74
CA HIS A 715 3.50 -36.17 -10.49
C HIS A 715 2.32 -35.59 -9.70
N ARG A 716 1.42 -34.91 -10.40
CA ARG A 716 0.35 -34.17 -9.74
C ARG A 716 -0.54 -35.10 -8.93
N TYR A 717 -0.99 -34.62 -7.78
CA TYR A 717 -1.71 -35.45 -6.84
C TYR A 717 -3.17 -35.60 -7.24
N ASP A 718 -3.60 -36.84 -7.41
CA ASP A 718 -5.01 -37.20 -7.54
C ASP A 718 -5.35 -38.07 -6.35
N ALA A 719 -6.34 -37.64 -5.56
CA ALA A 719 -6.59 -38.30 -4.29
C ALA A 719 -7.01 -39.74 -4.48
N GLU A 720 -7.90 -40.00 -5.43
CA GLU A 720 -8.40 -41.36 -5.64
C GLU A 720 -7.28 -42.29 -6.07
N PHE A 721 -6.49 -41.88 -7.06
CA PHE A 721 -5.40 -42.72 -7.52
C PHE A 721 -4.32 -42.89 -6.45
N TYR A 722 -4.06 -41.85 -5.68
CA TYR A 722 -3.08 -41.94 -4.61
C TYR A 722 -3.52 -42.92 -3.54
N GLU A 723 -4.79 -42.85 -3.13
CA GLU A 723 -5.29 -43.81 -2.16
C GLU A 723 -5.28 -45.21 -2.72
N LYS A 724 -5.64 -45.35 -4.00
CA LYS A 724 -5.61 -46.65 -4.65
C LYS A 724 -4.21 -47.22 -4.65
N THR A 725 -3.21 -46.39 -4.92
CA THR A 725 -1.83 -46.86 -4.96
C THR A 725 -1.33 -47.18 -3.56
N ILE A 726 -1.68 -46.36 -2.58
CA ILE A 726 -1.28 -46.63 -1.20
C ILE A 726 -1.82 -47.98 -0.75
N LYS A 727 -3.11 -48.24 -1.05
CA LYS A 727 -3.70 -49.51 -0.66
C LYS A 727 -3.20 -50.67 -1.51
N ALA A 728 -2.93 -50.43 -2.80
CA ALA A 728 -2.44 -51.49 -3.67
C ALA A 728 -1.07 -51.96 -3.25
N CYS A 729 -0.19 -51.02 -2.89
CA CYS A 729 1.11 -51.38 -2.37
C CYS A 729 1.01 -52.05 -1.01
N ALA A 730 -0.19 -52.15 -0.43
CA ALA A 730 -0.38 -52.59 0.94
C ALA A 730 0.38 -51.70 1.91
N LEU A 731 0.66 -50.46 1.49
CA LEU A 731 1.41 -49.54 2.32
C LEU A 731 0.58 -49.08 3.51
N THR A 732 -0.74 -49.15 3.40
CA THR A 732 -1.63 -48.57 4.41
C THR A 732 -1.25 -48.97 5.83
N ILE A 733 -0.93 -50.24 6.04
CA ILE A 733 -0.58 -50.70 7.39
C ILE A 733 0.66 -50.01 7.89
N ASP A 734 1.70 -49.93 7.04
CA ASP A 734 2.95 -49.31 7.46
C ASP A 734 2.86 -47.80 7.55
N LEU A 735 1.94 -47.18 6.80
CA LEU A 735 1.71 -45.75 6.86
C LEU A 735 0.92 -45.36 8.10
N ALA A 736 0.05 -46.25 8.57
CA ALA A 736 -0.68 -45.98 9.80
C ALA A 736 0.26 -45.84 10.99
N ILE A 737 1.37 -46.57 10.99
CA ILE A 737 2.34 -46.48 12.08
C ILE A 737 3.05 -45.13 12.12
N LEU A 738 3.07 -44.39 11.02
CA LEU A 738 3.71 -43.08 11.01
C LEU A 738 2.91 -42.09 11.86
N MET A 739 3.63 -41.24 12.59
CA MET A 739 2.96 -40.25 13.44
C MET A 739 2.10 -39.30 12.63
N ASP A 740 2.46 -39.05 11.37
CA ASP A 740 1.66 -38.20 10.49
C ASP A 740 1.25 -38.91 9.21
N GLY A 741 1.40 -40.23 9.16
CA GLY A 741 0.97 -40.99 7.99
C GLY A 741 1.77 -40.61 6.76
N ASP A 742 1.06 -40.34 5.67
CA ASP A 742 1.71 -39.91 4.44
C ASP A 742 2.37 -38.55 4.59
N LYS A 743 2.02 -37.79 5.63
CA LYS A 743 2.64 -36.50 5.91
C LYS A 743 3.89 -36.63 6.77
N THR A 744 4.29 -37.85 7.11
CA THR A 744 5.51 -38.04 7.88
C THR A 744 6.73 -37.81 7.01
N LEU A 745 7.65 -36.98 7.50
CA LEU A 745 8.92 -36.79 6.81
C LEU A 745 9.83 -37.97 7.09
N VAL A 746 10.40 -38.54 6.03
CA VAL A 746 11.40 -39.58 6.20
C VAL A 746 12.70 -38.91 6.62
N GLY A 747 13.33 -39.45 7.66
CA GLY A 747 14.50 -38.83 8.25
C GLY A 747 15.64 -38.66 7.27
N GLU A 748 16.65 -37.91 7.71
CA GLU A 748 17.82 -37.66 6.88
C GLU A 748 18.49 -38.96 6.49
N LYS A 749 18.86 -39.07 5.21
CA LYS A 749 19.46 -40.25 4.60
C LYS A 749 18.52 -41.46 4.63
N GLY A 750 17.26 -41.29 5.02
CA GLY A 750 16.30 -42.37 4.98
C GLY A 750 16.45 -43.41 6.08
N ILE A 751 16.96 -43.01 7.25
CA ILE A 751 17.11 -43.94 8.37
C ILE A 751 15.85 -44.07 9.20
N SER A 752 14.78 -43.38 8.83
CA SER A 752 13.54 -43.41 9.59
C SER A 752 12.57 -44.47 9.10
N LEU A 753 12.95 -45.31 8.13
CA LEU A 753 12.04 -46.31 7.58
C LEU A 753 12.78 -47.61 7.35
N SER A 754 12.02 -48.70 7.36
CA SER A 754 12.58 -50.04 7.22
C SER A 754 12.95 -50.32 5.77
N GLY A 755 13.75 -51.37 5.56
CA GLY A 755 14.18 -51.69 4.22
C GLY A 755 13.04 -52.14 3.33
N GLY A 756 12.26 -53.10 3.79
CA GLY A 756 11.10 -53.54 3.01
C GLY A 756 10.09 -52.43 2.83
N GLN A 757 9.91 -51.61 3.86
CA GLN A 757 8.98 -50.49 3.75
C GLN A 757 9.47 -49.48 2.70
N LYS A 758 10.77 -49.24 2.65
CA LYS A 758 11.32 -48.34 1.64
C LYS A 758 11.17 -48.92 0.24
N ALA A 759 11.35 -50.23 0.11
CA ALA A 759 11.11 -50.88 -1.18
C ALA A 759 9.66 -50.73 -1.60
N ARG A 760 8.73 -50.91 -0.66
CA ARG A 760 7.33 -50.72 -0.95
C ARG A 760 7.04 -49.27 -1.33
N LEU A 761 7.70 -48.31 -0.68
CA LEU A 761 7.50 -46.91 -1.03
C LEU A 761 8.00 -46.63 -2.44
N SER A 762 9.15 -47.20 -2.81
CA SER A 762 9.64 -47.04 -4.17
C SER A 762 8.65 -47.64 -5.16
N LEU A 763 8.12 -48.82 -4.85
CA LEU A 763 7.10 -49.40 -5.72
C LEU A 763 5.89 -48.49 -5.81
N ALA A 764 5.52 -47.85 -4.70
CA ALA A 764 4.40 -46.93 -4.70
C ALA A 764 4.64 -45.76 -5.63
N ARG A 765 5.85 -45.19 -5.56
CA ARG A 765 6.19 -44.10 -6.47
C ARG A 765 6.09 -44.56 -7.92
N ALA A 766 6.66 -45.73 -8.21
CA ALA A 766 6.63 -46.25 -9.57
C ALA A 766 5.19 -46.42 -10.04
N VAL A 767 4.32 -46.92 -9.17
CA VAL A 767 2.93 -47.17 -9.56
C VAL A 767 2.17 -45.87 -9.72
N TYR A 768 2.31 -44.95 -8.77
CA TYR A 768 1.60 -43.67 -8.84
C TYR A 768 2.04 -42.88 -10.04
N ALA A 769 3.24 -43.15 -10.55
CA ALA A 769 3.68 -42.49 -11.77
C ALA A 769 2.76 -42.78 -12.94
N ARG A 770 2.16 -43.97 -12.97
CA ARG A 770 1.27 -44.39 -14.06
C ARG A 770 1.97 -44.25 -15.40
N ALA A 771 3.14 -44.89 -15.51
CA ALA A 771 3.97 -44.75 -16.69
C ALA A 771 3.64 -45.83 -17.72
N ASP A 772 4.28 -45.75 -18.88
CA ASP A 772 4.04 -46.66 -19.98
C ASP A 772 4.99 -47.84 -20.00
N THR A 773 5.97 -47.89 -19.12
CA THR A 773 6.84 -49.05 -18.98
C THR A 773 7.43 -48.99 -17.58
N TYR A 774 7.50 -50.12 -16.90
CA TYR A 774 8.09 -50.18 -15.58
C TYR A 774 9.20 -51.21 -15.58
N LEU A 775 10.39 -50.82 -15.14
CA LEU A 775 11.54 -51.71 -15.08
C LEU A 775 11.97 -51.83 -13.63
N LEU A 776 11.86 -53.03 -13.06
CA LEU A 776 12.13 -53.20 -11.65
C LEU A 776 13.32 -54.14 -11.47
N ASP A 777 14.30 -53.72 -10.68
CA ASP A 777 15.48 -54.53 -10.43
C ASP A 777 15.28 -55.38 -9.17
N ASP A 778 14.22 -56.17 -9.20
CA ASP A 778 13.94 -57.20 -8.21
C ASP A 778 13.82 -56.66 -6.80
N PRO A 779 12.94 -55.69 -6.54
CA PRO A 779 12.67 -55.31 -5.15
C PRO A 779 11.93 -56.38 -4.38
N LEU A 780 11.29 -57.32 -5.06
CA LEU A 780 10.53 -58.36 -4.38
C LEU A 780 11.43 -59.21 -3.48
N ALA A 781 12.64 -59.51 -3.95
CA ALA A 781 13.56 -60.33 -3.18
C ALA A 781 13.96 -59.67 -1.87
N ALA A 782 13.75 -58.36 -1.74
CA ALA A 782 14.00 -57.69 -0.48
C ALA A 782 12.77 -57.71 0.43
N VAL A 783 11.57 -57.65 -0.15
CA VAL A 783 10.35 -57.62 0.65
C VAL A 783 9.97 -59.04 1.09
N ASP A 784 9.14 -59.11 2.12
CA ASP A 784 8.68 -60.40 2.63
C ASP A 784 7.88 -61.14 1.56
N GLU A 785 7.77 -62.46 1.73
CA GLU A 785 7.18 -63.30 0.68
C GLU A 785 5.67 -63.07 0.56
N HIS A 786 4.98 -62.88 1.68
CA HIS A 786 3.55 -62.61 1.61
C HIS A 786 3.27 -61.32 0.87
N VAL A 787 4.04 -60.27 1.19
CA VAL A 787 3.89 -59.00 0.50
C VAL A 787 4.27 -59.15 -0.96
N ALA A 788 5.27 -59.98 -1.26
CA ALA A 788 5.65 -60.22 -2.63
C ALA A 788 4.50 -60.82 -3.42
N ARG A 789 3.84 -61.82 -2.84
CA ARG A 789 2.68 -62.42 -3.51
C ARG A 789 1.56 -61.40 -3.66
N HIS A 790 1.31 -60.61 -2.62
CA HIS A 790 0.24 -59.62 -2.68
C HIS A 790 0.50 -58.61 -3.79
N LEU A 791 1.75 -58.18 -3.93
CA LEU A 791 2.09 -57.23 -4.99
C LEU A 791 1.97 -57.88 -6.36
N ILE A 792 2.54 -59.07 -6.52
CA ILE A 792 2.49 -59.75 -7.81
C ILE A 792 1.07 -60.04 -8.23
N GLU A 793 0.15 -60.11 -7.27
CA GLU A 793 -1.26 -60.29 -7.62
C GLU A 793 -1.94 -58.96 -7.94
N HIS A 794 -1.80 -57.98 -7.05
CA HIS A 794 -2.66 -56.81 -7.07
C HIS A 794 -2.12 -55.64 -7.89
N VAL A 795 -0.80 -55.54 -8.06
CA VAL A 795 -0.18 -54.38 -8.67
C VAL A 795 0.51 -54.72 -9.98
N LEU A 796 1.44 -55.67 -9.93
CA LEU A 796 2.29 -55.94 -11.09
C LEU A 796 1.72 -56.99 -12.03
N GLY A 797 0.84 -57.86 -11.54
CA GLY A 797 0.36 -58.97 -12.32
C GLY A 797 -0.59 -58.58 -13.42
N PRO A 798 -0.91 -59.52 -14.31
CA PRO A 798 -1.82 -59.21 -15.42
C PRO A 798 -3.20 -58.76 -14.97
N ASN A 799 -3.61 -59.13 -13.77
CA ASN A 799 -4.86 -58.65 -13.19
C ASN A 799 -4.67 -57.45 -12.27
N GLY A 800 -3.43 -56.98 -12.13
CA GLY A 800 -3.14 -55.89 -11.22
C GLY A 800 -3.58 -54.53 -11.73
N LEU A 801 -3.41 -53.53 -10.87
CA LEU A 801 -3.78 -52.15 -11.19
C LEU A 801 -2.88 -51.51 -12.22
N LEU A 802 -1.76 -52.15 -12.56
CA LEU A 802 -0.88 -51.70 -13.64
C LEU A 802 -0.98 -52.59 -14.87
N HIS A 803 -2.12 -53.27 -15.04
CA HIS A 803 -2.23 -54.33 -16.04
C HIS A 803 -1.86 -53.83 -17.42
N THR A 804 -2.42 -52.70 -17.84
CA THR A 804 -2.28 -52.25 -19.22
C THR A 804 -0.88 -51.75 -19.55
N LYS A 805 0.06 -51.78 -18.62
CA LYS A 805 1.37 -51.18 -18.79
C LYS A 805 2.45 -52.26 -18.80
N THR A 806 3.41 -52.08 -19.71
CA THR A 806 4.51 -53.02 -19.83
C THR A 806 5.29 -53.08 -18.53
N LYS A 807 5.61 -54.29 -18.10
CA LYS A 807 6.35 -54.50 -16.87
C LYS A 807 7.49 -55.45 -17.15
N VAL A 808 8.67 -55.13 -16.64
CA VAL A 808 9.83 -56.00 -16.75
C VAL A 808 10.49 -56.05 -15.39
N LEU A 809 11.10 -57.19 -15.07
CA LEU A 809 11.71 -57.35 -13.77
C LEU A 809 12.96 -58.20 -13.94
N ALA A 810 13.78 -58.23 -12.89
CA ALA A 810 14.99 -59.02 -12.89
C ALA A 810 15.03 -59.96 -11.69
N THR A 811 13.86 -60.23 -11.11
CA THR A 811 13.81 -61.16 -10.00
C THR A 811 13.93 -62.60 -10.50
N ASN A 812 14.39 -63.47 -9.60
CA ASN A 812 14.44 -64.90 -9.85
C ASN A 812 13.47 -65.66 -8.96
N LYS A 813 12.51 -64.97 -8.35
CA LYS A 813 11.56 -65.61 -7.46
C LYS A 813 10.63 -66.52 -8.24
N VAL A 814 10.35 -67.70 -7.67
CA VAL A 814 9.56 -68.70 -8.37
C VAL A 814 8.15 -68.19 -8.63
N SER A 815 7.54 -67.55 -7.63
CA SER A 815 6.18 -67.06 -7.80
C SER A 815 6.10 -66.02 -8.91
N ALA A 816 7.02 -65.06 -8.90
CA ALA A 816 7.02 -64.04 -9.95
C ALA A 816 7.26 -64.66 -11.31
N LEU A 817 8.22 -65.58 -11.41
CA LEU A 817 8.50 -66.21 -12.69
C LEU A 817 7.29 -66.97 -13.20
N SER A 818 6.52 -67.58 -12.30
CA SER A 818 5.26 -68.18 -12.70
C SER A 818 4.29 -67.12 -13.20
N ILE A 819 4.26 -65.96 -12.54
CA ILE A 819 3.37 -64.89 -12.97
C ILE A 819 3.79 -64.30 -14.30
N ALA A 820 5.02 -64.56 -14.73
CA ALA A 820 5.56 -63.95 -15.94
C ALA A 820 4.72 -64.29 -17.17
N ASP A 821 4.74 -63.38 -18.14
CA ASP A 821 4.19 -63.61 -19.45
C ASP A 821 5.27 -63.92 -20.49
N SER A 822 6.51 -63.59 -20.20
CA SER A 822 7.66 -64.01 -20.99
C SER A 822 8.86 -64.03 -20.07
N ILE A 823 9.92 -64.72 -20.47
CA ILE A 823 11.09 -64.86 -19.63
C ILE A 823 12.33 -64.91 -20.51
N ALA A 824 13.45 -64.47 -19.95
CA ALA A 824 14.74 -64.51 -20.62
C ALA A 824 15.81 -64.93 -19.63
N LEU A 825 16.76 -65.73 -20.10
CA LEU A 825 17.84 -66.24 -19.28
C LEU A 825 19.14 -65.55 -19.66
N LEU A 826 19.82 -64.99 -18.67
CA LEU A 826 21.03 -64.21 -18.89
C LEU A 826 22.26 -65.01 -18.45
N ASP A 827 23.29 -64.96 -19.28
CA ASP A 827 24.52 -65.72 -19.04
C ASP A 827 25.70 -64.82 -19.35
N ASN A 828 26.28 -64.23 -18.30
CA ASN A 828 27.54 -63.49 -18.37
C ASN A 828 27.53 -62.46 -19.48
N GLY A 829 26.41 -61.73 -19.59
CA GLY A 829 26.29 -60.65 -20.53
C GLY A 829 25.55 -61.00 -21.81
N GLU A 830 25.35 -62.29 -22.09
CA GLU A 830 24.61 -62.72 -23.25
C GLU A 830 23.27 -63.30 -22.81
N ILE A 831 22.46 -63.71 -23.78
CA ILE A 831 21.19 -64.36 -23.51
C ILE A 831 21.29 -65.80 -23.97
N THR A 832 20.62 -66.69 -23.24
CA THR A 832 20.64 -68.11 -23.56
C THR A 832 19.26 -68.67 -23.91
N GLN A 833 18.19 -68.04 -23.46
CA GLN A 833 16.85 -68.55 -23.75
C GLN A 833 15.86 -67.40 -23.65
N GLN A 834 14.72 -67.59 -24.31
CA GLN A 834 13.66 -66.60 -24.29
C GLN A 834 12.37 -67.29 -24.69
N GLY A 835 11.26 -66.83 -24.12
CA GLY A 835 9.96 -67.39 -24.44
C GLY A 835 9.04 -67.29 -23.25
N THR A 836 7.84 -67.85 -23.44
CA THR A 836 6.83 -67.83 -22.38
C THR A 836 7.16 -68.85 -21.30
N TYR A 837 6.37 -68.79 -20.22
CA TYR A 837 6.54 -69.75 -19.13
C TYR A 837 6.28 -71.17 -19.61
N ASP A 838 5.39 -71.34 -20.59
CA ASP A 838 5.14 -72.67 -21.15
C ASP A 838 6.39 -73.22 -21.84
N GLU A 839 7.07 -72.38 -22.63
CA GLU A 839 8.31 -72.80 -23.27
C GLU A 839 9.38 -73.08 -22.22
N ILE A 840 9.42 -72.27 -21.17
CA ILE A 840 10.39 -72.49 -20.08
C ILE A 840 10.15 -73.86 -19.45
N THR A 841 8.89 -74.18 -19.17
CA THR A 841 8.56 -75.47 -18.57
C THR A 841 8.89 -76.62 -19.52
N LYS A 842 8.60 -76.43 -20.82
CA LYS A 842 8.90 -77.47 -21.80
C LYS A 842 10.38 -77.76 -21.87
N ASP A 843 11.21 -76.71 -21.85
CA ASP A 843 12.66 -76.92 -21.92
C ASP A 843 13.18 -77.50 -20.61
N ALA A 844 12.78 -76.93 -19.47
CA ALA A 844 13.27 -77.34 -18.15
C ALA A 844 14.80 -77.28 -18.10
N ASP A 845 15.40 -76.33 -18.82
CA ASP A 845 16.84 -76.25 -18.94
C ASP A 845 17.49 -75.45 -17.82
N SER A 846 16.72 -74.75 -17.01
CA SER A 846 17.26 -73.92 -15.96
C SER A 846 16.35 -74.02 -14.74
N PRO A 847 16.75 -73.48 -13.58
CA PRO A 847 15.90 -73.62 -12.38
C PRO A 847 14.53 -73.01 -12.55
N LEU A 848 14.35 -72.11 -13.52
CA LEU A 848 13.04 -71.50 -13.75
C LEU A 848 11.97 -72.56 -13.99
N TRP A 849 12.34 -73.71 -14.53
CA TRP A 849 11.47 -74.85 -14.64
C TRP A 849 11.94 -76.07 -13.88
N LYS A 850 13.26 -76.21 -13.65
CA LYS A 850 13.79 -77.36 -12.95
C LYS A 850 13.53 -77.31 -11.46
N LEU A 851 13.43 -76.11 -10.89
CA LEU A 851 13.13 -75.96 -9.47
C LEU A 851 11.65 -76.11 -9.16
N LEU A 852 10.80 -76.23 -10.17
CA LEU A 852 9.36 -76.37 -9.97
C LEU A 852 8.72 -77.06 -11.18
N GLU A 927 1.79 -12.77 13.27
CA GLU A 927 2.28 -13.77 12.33
C GLU A 927 3.81 -13.75 12.29
N HIS A 928 4.40 -12.86 13.07
CA HIS A 928 5.84 -12.64 13.03
C HIS A 928 6.32 -12.36 14.45
N ARG A 929 7.63 -12.53 14.65
CA ARG A 929 8.23 -12.42 15.96
C ARG A 929 9.04 -11.14 16.04
N GLU A 930 8.70 -10.27 16.99
CA GLU A 930 9.39 -9.01 17.14
C GLU A 930 10.82 -9.23 17.61
N GLN A 931 11.70 -8.32 17.20
CA GLN A 931 13.07 -8.35 17.65
C GLN A 931 13.14 -7.98 19.13
N GLY A 932 14.20 -8.42 19.78
CA GLY A 932 14.36 -8.23 21.21
C GLY A 932 15.58 -7.38 21.54
N LYS A 933 15.45 -6.58 22.57
CA LYS A 933 16.59 -5.83 23.09
C LYS A 933 17.67 -6.80 23.55
N VAL A 934 18.87 -6.26 23.75
CA VAL A 934 20.00 -7.10 24.11
C VAL A 934 19.84 -7.61 25.52
N LYS A 935 20.42 -8.78 25.79
CA LYS A 935 20.32 -9.44 27.08
C LYS A 935 21.53 -9.02 27.92
N TRP A 936 21.45 -7.82 28.47
CA TRP A 936 22.58 -7.29 29.22
C TRP A 936 22.92 -8.13 30.42
N ASN A 937 21.93 -8.84 30.99
CA ASN A 937 22.28 -9.70 32.11
C ASN A 937 23.29 -10.75 31.69
N ILE A 938 23.22 -11.21 30.44
CA ILE A 938 24.20 -12.17 29.94
C ILE A 938 25.59 -11.56 29.91
N TYR A 939 25.71 -10.32 29.45
CA TYR A 939 27.00 -9.66 29.46
C TYR A 939 27.54 -9.53 30.88
N LEU A 940 26.68 -9.18 31.83
CA LEU A 940 27.15 -9.10 33.20
C LEU A 940 27.47 -10.46 33.80
N GLU A 941 26.80 -11.53 33.38
CA GLU A 941 27.22 -12.85 33.85
C GLU A 941 28.55 -13.25 33.27
N TYR A 942 28.82 -12.89 32.01
CA TYR A 942 30.16 -13.14 31.49
C TYR A 942 31.20 -12.31 32.22
N ALA A 943 30.90 -11.04 32.48
CA ALA A 943 31.82 -10.18 33.21
C ALA A 943 32.00 -10.62 34.64
N LYS A 944 31.05 -11.39 35.18
CA LYS A 944 31.24 -11.99 36.49
C LYS A 944 32.02 -13.29 36.38
N ALA A 945 31.95 -13.95 35.23
CA ALA A 945 32.76 -15.13 35.00
C ALA A 945 34.24 -14.75 34.96
N CYS A 946 34.62 -13.89 34.01
CA CYS A 946 35.89 -13.21 34.13
C CYS A 946 35.88 -12.43 35.42
N ASN A 947 36.97 -12.41 36.15
CA ASN A 947 36.94 -11.66 37.39
C ASN A 947 36.80 -10.20 37.05
N PRO A 948 35.71 -9.53 37.46
CA PRO A 948 35.50 -8.15 37.00
C PRO A 948 36.62 -7.19 37.37
N LYS A 949 37.37 -7.49 38.43
CA LYS A 949 38.59 -6.72 38.64
C LYS A 949 39.58 -6.94 37.50
N SER A 950 39.71 -8.17 37.02
CA SER A 950 40.60 -8.40 35.89
C SER A 950 40.05 -7.77 34.62
N VAL A 951 38.73 -7.71 34.47
CA VAL A 951 38.14 -6.98 33.36
C VAL A 951 38.49 -5.50 33.44
N CYS A 952 38.40 -4.93 34.64
CA CYS A 952 38.79 -3.54 34.81
C CYS A 952 40.25 -3.33 34.45
N VAL A 953 41.12 -4.26 34.84
CA VAL A 953 42.53 -4.15 34.47
C VAL A 953 42.70 -4.22 32.97
N PHE A 954 41.97 -5.10 32.30
CA PHE A 954 42.11 -5.25 30.87
C PHE A 954 41.67 -3.98 30.15
N ILE A 955 40.55 -3.40 30.57
CA ILE A 955 40.14 -2.11 30.00
C ILE A 955 41.18 -1.05 30.31
N LEU A 956 41.74 -1.09 31.51
CA LEU A 956 42.75 -0.11 31.89
C LEU A 956 43.95 -0.18 30.96
N PHE A 957 44.36 -1.38 30.59
CA PHE A 957 45.52 -1.45 29.73
C PHE A 957 45.19 -1.19 28.28
N ILE A 958 43.94 -1.39 27.86
CA ILE A 958 43.55 -0.83 26.56
C ILE A 958 43.70 0.67 26.59
N VAL A 959 43.24 1.31 27.67
CA VAL A 959 43.30 2.76 27.77
C VAL A 959 44.73 3.24 27.83
N ILE A 960 45.58 2.53 28.57
CA ILE A 960 46.99 2.92 28.63
C ILE A 960 47.67 2.72 27.28
N SER A 961 47.37 1.64 26.59
CA SER A 961 47.91 1.45 25.26
C SER A 961 47.53 2.58 24.35
N MET A 962 46.25 2.95 24.35
CA MET A 962 45.82 4.01 23.45
C MET A 962 46.35 5.37 23.89
N PHE A 963 46.43 5.60 25.19
CA PHE A 963 46.98 6.86 25.67
C PHE A 963 48.44 6.99 25.29
N LEU A 964 49.21 5.93 25.39
CA LEU A 964 50.60 6.02 24.97
C LEU A 964 50.72 6.14 23.46
N SER A 965 49.82 5.53 22.70
CA SER A 965 49.84 5.76 21.27
C SER A 965 49.58 7.23 20.94
N VAL A 966 48.51 7.78 21.49
CA VAL A 966 48.15 9.16 21.18
C VAL A 966 49.19 10.12 21.74
N MET A 967 49.82 9.77 22.85
CA MET A 967 50.91 10.60 23.36
C MET A 967 52.14 10.46 22.49
N GLY A 968 52.35 9.30 21.88
CA GLY A 968 53.44 9.20 20.94
C GLY A 968 53.24 10.14 19.78
N ASN A 969 52.01 10.22 19.28
CA ASN A 969 51.75 11.16 18.19
C ASN A 969 51.78 12.60 18.65
N VAL A 970 51.40 12.88 19.90
CA VAL A 970 51.54 14.24 20.42
C VAL A 970 53.00 14.63 20.53
N TRP A 971 53.83 13.72 21.03
CA TRP A 971 55.26 13.95 21.05
C TRP A 971 55.80 14.15 19.66
N LEU A 972 55.30 13.39 18.70
CA LEU A 972 55.72 13.54 17.32
C LEU A 972 55.33 14.91 16.79
N LYS A 973 54.15 15.39 17.15
CA LYS A 973 53.73 16.73 16.78
C LYS A 973 54.69 17.77 17.35
N HIS A 974 55.00 17.64 18.64
CA HIS A 974 55.93 18.57 19.27
C HIS A 974 57.29 18.52 18.60
N TRP A 975 57.80 17.32 18.36
CA TRP A 975 59.11 17.16 17.78
C TRP A 975 59.16 17.80 16.40
N SER A 976 58.15 17.55 15.58
CA SER A 976 58.14 18.12 14.25
C SER A 976 58.01 19.63 14.30
N GLU A 977 57.26 20.17 15.26
CA GLU A 977 57.23 21.62 15.38
C GLU A 977 58.60 22.18 15.73
N VAL A 978 59.35 21.46 16.56
CA VAL A 978 60.71 21.88 16.88
C VAL A 978 61.58 21.88 15.63
N ASN A 979 61.57 20.77 14.90
CA ASN A 979 62.29 20.70 13.63
C ASN A 979 61.83 21.76 12.65
N SER A 980 60.62 22.27 12.82
CA SER A 980 60.11 23.23 11.87
C SER A 980 60.56 24.64 12.20
N ARG A 981 60.46 25.03 13.47
CA ARG A 981 60.94 26.37 13.83
C ARG A 981 62.45 26.46 13.68
N TYR A 982 63.18 25.43 14.12
CA TYR A 982 64.62 25.41 13.86
C TYR A 982 64.86 24.76 12.52
N GLY A 983 65.53 25.48 11.62
CA GLY A 983 65.58 25.04 10.23
C GLY A 983 66.12 23.64 10.03
N SER A 984 66.68 23.03 11.06
CA SER A 984 67.19 21.67 10.94
C SER A 984 66.96 20.97 12.25
N ASN A 985 67.13 19.66 12.23
CA ASN A 985 66.73 18.80 13.34
C ASN A 985 67.68 18.90 14.53
N PRO A 986 67.29 19.57 15.60
CA PRO A 986 68.18 19.68 16.75
C PRO A 986 67.94 18.56 17.74
N ASN A 987 69.00 18.24 18.48
CA ASN A 987 68.89 17.37 19.63
C ASN A 987 68.13 16.10 19.30
N ALA A 988 68.31 15.61 18.08
CA ALA A 988 67.44 14.57 17.54
C ALA A 988 67.32 13.37 18.47
N ALA A 989 68.45 12.85 18.93
CA ALA A 989 68.45 11.62 19.69
C ALA A 989 67.47 11.67 20.84
N ARG A 990 67.35 12.81 21.51
CA ARG A 990 66.43 12.92 22.62
C ARG A 990 64.98 12.76 22.17
N TYR A 991 64.58 13.52 21.14
CA TYR A 991 63.20 13.43 20.67
C TYR A 991 62.90 12.05 20.14
N LEU A 992 63.82 11.48 19.38
CA LEU A 992 63.58 10.18 18.78
C LEU A 992 63.53 9.10 19.85
N ALA A 993 64.37 9.21 20.88
CA ALA A 993 64.33 8.26 21.97
C ALA A 993 63.03 8.35 22.74
N ILE A 994 62.53 9.55 22.98
CA ILE A 994 61.27 9.65 23.72
C ILE A 994 60.11 9.15 22.87
N TYR A 995 60.11 9.48 21.58
CA TYR A 995 59.09 8.94 20.67
C TYR A 995 59.10 7.42 20.68
N PHE A 996 60.27 6.82 20.53
CA PHE A 996 60.37 5.37 20.57
C PHE A 996 59.94 4.82 21.92
N ALA A 997 60.25 5.54 22.99
CA ALA A 997 59.81 5.09 24.31
C ALA A 997 58.31 5.04 24.40
N LEU A 998 57.64 6.08 23.89
CA LEU A 998 56.18 6.10 23.94
C LEU A 998 55.57 5.02 23.06
N GLY A 999 56.12 4.81 21.88
CA GLY A 999 55.61 3.74 21.04
C GLY A 999 55.79 2.37 21.67
N ILE A 1000 56.95 2.11 22.27
CA ILE A 1000 57.14 0.83 22.94
C ILE A 1000 56.26 0.74 24.17
N GLY A 1001 55.96 1.86 24.81
CA GLY A 1001 55.00 1.82 25.90
C GLY A 1001 53.63 1.40 25.42
N SER A 1002 53.22 1.92 24.27
CA SER A 1002 51.95 1.47 23.69
C SER A 1002 52.00 0.00 23.33
N ALA A 1003 53.11 -0.47 22.76
CA ALA A 1003 53.20 -1.88 22.38
C ALA A 1003 53.16 -2.79 23.60
N LEU A 1004 53.90 -2.45 24.64
CA LEU A 1004 53.87 -3.29 25.83
C LEU A 1004 52.55 -3.18 26.56
N ALA A 1005 51.89 -2.04 26.50
CA ALA A 1005 50.56 -1.96 27.07
C ALA A 1005 49.60 -2.87 26.32
N THR A 1006 49.73 -2.93 24.99
CA THR A 1006 48.91 -3.88 24.23
C THR A 1006 49.24 -5.31 24.61
N LEU A 1007 50.51 -5.63 24.76
CA LEU A 1007 50.89 -6.99 25.13
C LEU A 1007 50.30 -7.38 26.48
N ILE A 1008 50.53 -6.54 27.49
CA ILE A 1008 49.99 -6.83 28.82
C ILE A 1008 48.47 -6.88 28.77
N GLN A 1009 47.87 -6.02 27.97
CA GLN A 1009 46.42 -6.01 27.79
C GLN A 1009 45.91 -7.35 27.30
N THR A 1010 46.51 -7.87 26.24
CA THR A 1010 46.04 -9.14 25.71
C THR A 1010 46.32 -10.29 26.67
N ILE A 1011 47.48 -10.27 27.32
CA ILE A 1011 47.81 -11.32 28.28
C ILE A 1011 46.83 -11.31 29.45
N VAL A 1012 46.49 -10.14 29.95
CA VAL A 1012 45.48 -10.07 30.99
C VAL A 1012 44.16 -10.62 30.48
N LEU A 1013 43.75 -10.20 29.27
CA LEU A 1013 42.50 -10.68 28.70
C LEU A 1013 42.45 -12.20 28.70
N TRP A 1014 43.51 -12.84 28.21
CA TRP A 1014 43.47 -14.29 28.09
C TRP A 1014 43.69 -14.97 29.43
N VAL A 1015 44.84 -14.76 30.04
CA VAL A 1015 45.21 -15.49 31.23
C VAL A 1015 44.22 -15.23 32.35
N PHE A 1016 43.87 -13.97 32.58
CA PHE A 1016 43.08 -13.66 33.76
C PHE A 1016 41.59 -13.63 33.48
N CYS A 1017 41.17 -13.05 32.36
CA CYS A 1017 39.75 -12.88 32.11
C CYS A 1017 39.14 -14.09 31.41
N THR A 1018 39.56 -14.34 30.17
CA THR A 1018 38.88 -15.34 29.34
C THR A 1018 39.08 -16.75 29.87
N ILE A 1019 40.31 -17.10 30.24
CA ILE A 1019 40.56 -18.45 30.73
C ILE A 1019 39.80 -18.69 32.03
N HIS A 1020 39.84 -17.72 32.95
CA HIS A 1020 39.11 -17.91 34.18
C HIS A 1020 37.63 -18.06 33.91
N ALA A 1021 37.09 -17.28 32.97
CA ALA A 1021 35.68 -17.38 32.66
C ALA A 1021 35.33 -18.72 32.03
N SER A 1022 36.16 -19.21 31.11
CA SER A 1022 35.88 -20.49 30.49
C SER A 1022 35.94 -21.62 31.51
N LYS A 1023 36.95 -21.61 32.36
CA LYS A 1023 37.04 -22.59 33.44
C LYS A 1023 35.80 -22.55 34.31
N TYR A 1024 35.43 -21.36 34.76
CA TYR A 1024 34.29 -21.22 35.66
C TYR A 1024 33.00 -21.66 34.99
N LEU A 1025 32.78 -21.26 33.74
CA LEU A 1025 31.51 -21.61 33.09
C LEU A 1025 31.44 -23.10 32.82
N HIS A 1026 32.52 -23.71 32.35
CA HIS A 1026 32.45 -25.15 32.11
C HIS A 1026 32.23 -25.91 33.42
N ASN A 1027 32.92 -25.50 34.49
CA ASN A 1027 32.70 -26.15 35.78
C ASN A 1027 31.25 -26.03 36.21
N LEU A 1028 30.71 -24.81 36.13
CA LEU A 1028 29.34 -24.60 36.57
C LEU A 1028 28.37 -25.43 35.74
N MET A 1029 28.57 -25.47 34.43
CA MET A 1029 27.64 -26.19 33.59
C MET A 1029 27.73 -27.69 33.83
N THR A 1030 28.93 -28.23 34.04
CA THR A 1030 29.02 -29.67 34.30
C THR A 1030 28.36 -30.02 35.62
N ASN A 1031 28.61 -29.24 36.67
CA ASN A 1031 27.94 -29.50 37.93
C ASN A 1031 26.43 -29.49 37.75
N SER A 1032 25.90 -28.47 37.07
CA SER A 1032 24.45 -28.37 36.93
C SER A 1032 23.89 -29.52 36.10
N VAL A 1033 24.49 -29.78 34.93
CA VAL A 1033 23.99 -30.84 34.07
C VAL A 1033 23.99 -32.17 34.79
N LEU A 1034 25.08 -32.51 35.46
CA LEU A 1034 25.12 -33.78 36.17
C LEU A 1034 24.11 -33.83 37.30
N ARG A 1035 23.93 -32.73 38.03
CA ARG A 1035 22.97 -32.75 39.12
C ARG A 1035 21.53 -32.68 38.64
N ALA A 1036 21.28 -32.46 37.36
CA ALA A 1036 19.91 -32.41 36.88
C ALA A 1036 19.24 -33.77 37.01
N PRO A 1037 17.92 -33.81 37.21
CA PRO A 1037 17.22 -35.09 37.26
C PRO A 1037 17.09 -35.69 35.86
N MET A 1038 16.94 -37.01 35.83
CA MET A 1038 16.88 -37.73 34.57
C MET A 1038 15.72 -37.27 33.70
N THR A 1039 14.70 -36.65 34.29
CA THR A 1039 13.63 -36.10 33.47
C THR A 1039 14.17 -35.04 32.53
N PHE A 1040 15.25 -34.37 32.90
CA PHE A 1040 15.86 -33.38 32.01
C PHE A 1040 16.41 -34.05 30.76
N PHE A 1041 17.19 -35.11 30.93
CA PHE A 1041 17.74 -35.81 29.77
C PHE A 1041 16.63 -36.44 28.95
N GLU A 1042 15.59 -36.94 29.61
CA GLU A 1042 14.46 -37.48 28.87
C GLU A 1042 13.77 -36.40 28.04
N THR A 1043 13.61 -35.20 28.62
CA THR A 1043 12.91 -34.13 27.94
C THR A 1043 13.73 -33.62 26.75
N THR A 1044 14.97 -33.42 26.94
CA THR A 1044 15.67 -32.77 25.85
C THR A 1044 16.45 -33.77 25.01
N PRO A 1045 16.59 -33.52 23.72
CA PRO A 1045 17.43 -34.38 22.89
C PRO A 1045 18.88 -34.28 23.31
N ILE A 1046 19.62 -35.37 23.09
CA ILE A 1046 21.01 -35.40 23.52
C ILE A 1046 21.86 -34.48 22.65
N GLY A 1047 21.50 -34.33 21.37
CA GLY A 1047 22.27 -33.45 20.50
C GLY A 1047 22.26 -32.02 20.99
N ARG A 1048 21.13 -31.57 21.52
CA ARG A 1048 21.02 -30.22 22.04
C ARG A 1048 21.85 -29.99 23.29
N ILE A 1049 22.30 -31.05 23.95
CA ILE A 1049 23.21 -30.87 25.07
C ILE A 1049 24.66 -30.99 24.63
N LEU A 1050 24.93 -31.94 23.75
CA LEU A 1050 26.28 -32.11 23.25
C LEU A 1050 26.71 -30.85 22.50
N ASN A 1051 25.79 -30.22 21.78
CA ASN A 1051 26.12 -29.00 21.07
C ASN A 1051 26.53 -27.90 22.04
N ARG A 1052 25.82 -27.75 23.15
CA ARG A 1052 26.19 -26.71 24.11
C ARG A 1052 27.50 -27.05 24.80
N PHE A 1053 27.79 -28.34 24.99
CA PHE A 1053 29.05 -28.67 25.65
C PHE A 1053 30.23 -28.59 24.70
N SER A 1054 30.00 -28.62 23.39
CA SER A 1054 31.09 -28.50 22.44
C SER A 1054 31.22 -27.08 21.92
N ASN A 1055 30.21 -26.59 21.19
CA ASN A 1055 30.33 -25.34 20.47
C ASN A 1055 30.14 -24.13 21.37
N ASP A 1056 29.08 -24.12 22.17
CA ASP A 1056 28.90 -22.96 23.05
C ASP A 1056 30.02 -22.83 24.06
N ILE A 1057 30.75 -23.91 24.34
CA ILE A 1057 31.94 -23.77 25.17
C ILE A 1057 33.14 -23.35 24.34
N TYR A 1058 33.30 -23.85 23.12
CA TYR A 1058 34.43 -23.40 22.33
C TYR A 1058 34.35 -21.90 22.05
N LYS A 1059 33.14 -21.42 21.77
CA LYS A 1059 32.97 -20.00 21.47
C LYS A 1059 33.39 -19.13 22.64
N VAL A 1060 32.96 -19.47 23.85
CA VAL A 1060 33.41 -18.69 24.99
C VAL A 1060 34.88 -18.94 25.27
N ASP A 1061 35.41 -20.09 24.85
CA ASP A 1061 36.84 -20.33 25.02
C ASP A 1061 37.66 -19.32 24.23
N ALA A 1062 37.37 -19.17 22.94
CA ALA A 1062 38.21 -18.35 22.09
C ALA A 1062 37.50 -17.12 21.54
N LEU A 1063 36.41 -17.34 20.79
CA LEU A 1063 35.87 -16.29 19.94
C LEU A 1063 35.36 -15.13 20.77
N LEU A 1064 34.76 -15.42 21.92
CA LEU A 1064 34.13 -14.35 22.68
C LEU A 1064 35.17 -13.44 23.30
N GLY A 1065 36.23 -14.01 23.87
CA GLY A 1065 37.30 -13.18 24.39
C GLY A 1065 37.94 -12.34 23.30
N ARG A 1066 38.18 -12.94 22.13
CA ARG A 1066 38.78 -12.14 21.07
C ARG A 1066 37.88 -11.02 20.62
N THR A 1067 36.57 -11.27 20.53
CA THR A 1067 35.69 -10.21 20.04
C THR A 1067 35.53 -9.10 21.06
N PHE A 1068 35.53 -9.43 22.35
CA PHE A 1068 35.53 -8.35 23.33
C PHE A 1068 36.82 -7.56 23.28
N SER A 1069 37.95 -8.22 23.02
CA SER A 1069 39.19 -7.48 22.81
C SER A 1069 39.05 -6.51 21.65
N GLN A 1070 38.62 -7.01 20.50
CA GLN A 1070 38.54 -6.17 19.31
C GLN A 1070 37.45 -5.13 19.41
N PHE A 1071 36.50 -5.29 20.32
CA PHE A 1071 35.52 -4.23 20.48
C PHE A 1071 36.02 -3.16 21.42
N PHE A 1072 36.61 -3.54 22.55
CA PHE A 1072 37.05 -2.50 23.47
C PHE A 1072 38.28 -1.77 22.96
N VAL A 1073 39.20 -2.46 22.30
CA VAL A 1073 40.33 -1.76 21.71
C VAL A 1073 39.83 -0.68 20.77
N ASN A 1074 38.85 -1.01 19.93
CA ASN A 1074 38.39 -0.06 18.95
C ASN A 1074 37.50 1.02 19.54
N ALA A 1075 36.69 0.67 20.54
CA ALA A 1075 35.89 1.70 21.19
C ALA A 1075 36.78 2.70 21.88
N VAL A 1076 37.82 2.24 22.55
CA VAL A 1076 38.76 3.16 23.16
C VAL A 1076 39.49 3.94 22.09
N LYS A 1077 39.78 3.32 20.96
CA LYS A 1077 40.45 4.06 19.89
C LYS A 1077 39.58 5.19 19.39
N VAL A 1078 38.28 4.96 19.21
CA VAL A 1078 37.41 6.04 18.76
C VAL A 1078 37.29 7.10 19.83
N THR A 1079 37.15 6.70 21.09
CA THR A 1079 37.12 7.69 22.15
C THR A 1079 38.35 8.57 22.12
N PHE A 1080 39.52 8.00 21.86
CA PHE A 1080 40.72 8.80 21.88
C PHE A 1080 40.93 9.61 20.62
N THR A 1081 40.51 9.13 19.44
CA THR A 1081 40.59 9.99 18.27
C THR A 1081 39.66 11.18 18.43
N ILE A 1082 38.46 10.95 18.95
CA ILE A 1082 37.56 12.06 19.21
C ILE A 1082 38.14 12.99 20.26
N THR A 1083 38.79 12.43 21.29
CA THR A 1083 39.38 13.28 22.31
C THR A 1083 40.51 14.12 21.75
N VAL A 1084 41.34 13.57 20.88
CA VAL A 1084 42.45 14.34 20.34
C VAL A 1084 41.94 15.41 19.36
N ILE A 1085 40.93 15.07 18.56
CA ILE A 1085 40.36 16.06 17.66
C ILE A 1085 39.67 17.17 18.46
N CYS A 1086 39.00 16.81 19.55
CA CYS A 1086 38.34 17.81 20.37
C CYS A 1086 39.34 18.60 21.19
N ALA A 1087 40.50 18.04 21.50
CA ALA A 1087 41.56 18.83 22.11
C ALA A 1087 42.06 19.87 21.13
N THR A 1088 42.19 19.51 19.86
CA THR A 1088 42.60 20.50 18.87
C THR A 1088 41.55 21.57 18.65
N THR A 1089 40.28 21.18 18.46
CA THR A 1089 39.20 22.13 18.21
C THR A 1089 37.97 21.65 18.97
N TRP A 1090 37.74 22.20 20.15
CA TRP A 1090 36.71 21.65 21.02
C TRP A 1090 35.31 21.75 20.44
N GLN A 1091 35.09 22.60 19.44
CA GLN A 1091 33.77 22.67 18.82
C GLN A 1091 33.47 21.45 17.99
N PHE A 1092 34.39 20.49 17.93
CA PHE A 1092 34.13 19.26 17.21
C PHE A 1092 33.17 18.36 17.96
N ILE A 1093 33.00 18.55 19.26
CA ILE A 1093 32.01 17.77 19.99
C ILE A 1093 30.62 18.05 19.45
N PHE A 1094 30.38 19.30 19.06
CA PHE A 1094 29.11 19.67 18.44
C PHE A 1094 28.92 18.99 17.10
N ILE A 1095 30.00 18.56 16.45
CA ILE A 1095 29.88 17.82 15.20
C ILE A 1095 29.70 16.35 15.46
N ILE A 1096 30.30 15.85 16.53
CA ILE A 1096 30.29 14.42 16.76
C ILE A 1096 28.99 13.98 17.38
N ILE A 1097 28.29 14.84 18.11
CA ILE A 1097 27.02 14.43 18.72
C ILE A 1097 25.95 14.12 17.66
N PRO A 1098 25.67 15.00 16.69
CA PRO A 1098 24.75 14.57 15.62
C PRO A 1098 25.20 13.29 14.93
N LEU A 1099 26.50 13.20 14.66
CA LEU A 1099 26.99 12.01 14.00
C LEU A 1099 26.94 10.83 14.95
N SER A 1100 27.00 11.06 16.25
CA SER A 1100 26.77 9.98 17.19
C SER A 1100 25.38 9.41 17.00
N VAL A 1101 24.37 10.29 16.84
CA VAL A 1101 23.01 9.81 16.65
C VAL A 1101 22.89 9.00 15.38
N PHE A 1102 23.47 9.49 14.29
CA PHE A 1102 23.40 8.72 13.05
C PHE A 1102 24.15 7.42 13.17
N TYR A 1103 25.31 7.44 13.79
CA TYR A 1103 26.11 6.24 13.93
C TYR A 1103 25.37 5.19 14.73
N ILE A 1104 24.73 5.58 15.82
CA ILE A 1104 24.01 4.62 16.63
C ILE A 1104 22.85 4.06 15.85
N TYR A 1105 22.16 4.90 15.07
CA TYR A 1105 21.06 4.38 14.26
C TYR A 1105 21.54 3.36 13.26
N TYR A 1106 22.63 3.66 12.55
CA TYR A 1106 23.15 2.72 11.57
C TYR A 1106 23.65 1.45 12.24
N GLN A 1107 24.33 1.61 13.36
CA GLN A 1107 24.86 0.47 14.09
C GLN A 1107 23.76 -0.42 14.63
N GLN A 1108 22.65 0.17 15.10
CA GLN A 1108 21.53 -0.63 15.57
C GLN A 1108 20.88 -1.38 14.42
N TYR A 1109 20.63 -0.71 13.30
CA TYR A 1109 20.00 -1.41 12.19
C TYR A 1109 20.88 -2.54 11.70
N TYR A 1110 22.17 -2.29 11.55
CA TYR A 1110 23.06 -3.33 11.08
C TYR A 1110 23.19 -4.44 12.10
N LEU A 1111 23.26 -4.11 13.38
CA LEU A 1111 23.45 -5.13 14.40
C LEU A 1111 22.38 -6.17 14.33
N ARG A 1112 21.18 -5.83 13.87
CA ARG A 1112 20.11 -6.81 13.81
C ARG A 1112 19.95 -7.42 12.43
N THR A 1113 19.88 -6.62 11.38
CA THR A 1113 19.65 -7.23 10.08
C THR A 1113 20.85 -7.99 9.60
N SER A 1114 22.07 -7.60 9.97
CA SER A 1114 23.21 -8.38 9.57
C SER A 1114 23.14 -9.77 10.16
N ARG A 1115 22.79 -9.88 11.44
CA ARG A 1115 22.66 -11.20 12.03
C ARG A 1115 21.53 -11.97 11.35
N GLU A 1116 20.40 -11.34 11.10
CA GLU A 1116 19.31 -12.05 10.47
C GLU A 1116 19.70 -12.55 9.09
N LEU A 1117 20.29 -11.70 8.27
CA LEU A 1117 20.59 -12.09 6.90
C LEU A 1117 21.73 -13.09 6.87
N ARG A 1118 22.70 -12.97 7.77
CA ARG A 1118 23.76 -13.94 7.83
C ARG A 1118 23.23 -15.30 8.26
N ARG A 1119 22.29 -15.31 9.21
CA ARG A 1119 21.63 -16.56 9.60
C ARG A 1119 20.88 -17.16 8.43
N LEU A 1120 20.16 -16.33 7.68
CA LEU A 1120 19.41 -16.85 6.54
C LEU A 1120 20.33 -17.40 5.47
N ASP A 1121 21.48 -16.76 5.25
CA ASP A 1121 22.44 -17.32 4.32
C ASP A 1121 22.90 -18.70 4.78
N SER A 1122 23.27 -18.81 6.06
CA SER A 1122 23.75 -20.10 6.54
C SER A 1122 22.64 -21.14 6.52
N ILE A 1123 21.39 -20.72 6.72
CA ILE A 1123 20.26 -21.64 6.68
C ILE A 1123 20.03 -22.15 5.28
N THR A 1124 20.01 -21.25 4.31
CA THR A 1124 19.68 -21.64 2.94
C THR A 1124 20.86 -22.23 2.20
N ARG A 1125 22.06 -22.19 2.77
CA ARG A 1125 23.21 -22.75 2.08
C ARG A 1125 23.13 -24.27 2.03
N SER A 1126 22.97 -24.90 3.18
CA SER A 1126 23.02 -26.36 3.24
C SER A 1126 22.06 -27.06 2.28
N PRO A 1127 20.81 -26.63 2.11
CA PRO A 1127 19.91 -27.35 1.20
C PRO A 1127 20.49 -27.59 -0.18
N ILE A 1128 21.37 -26.73 -0.66
CA ILE A 1128 21.94 -26.97 -1.98
C ILE A 1128 22.73 -28.26 -1.98
N TYR A 1129 23.62 -28.42 -1.01
CA TYR A 1129 24.47 -29.59 -0.98
C TYR A 1129 23.70 -30.82 -0.53
N SER A 1130 22.73 -30.65 0.37
CA SER A 1130 21.93 -31.80 0.77
C SER A 1130 21.14 -32.35 -0.40
N HIS A 1131 20.47 -31.46 -1.15
CA HIS A 1131 19.84 -31.87 -2.39
C HIS A 1131 20.82 -32.46 -3.38
N PHE A 1132 22.07 -31.99 -3.38
CA PHE A 1132 23.01 -32.56 -4.32
C PHE A 1132 23.40 -33.99 -3.94
N GLN A 1133 23.69 -34.23 -2.66
CA GLN A 1133 23.96 -35.59 -2.25
C GLN A 1133 22.77 -36.49 -2.53
N GLU A 1134 21.56 -35.99 -2.26
CA GLU A 1134 20.38 -36.77 -2.56
C GLU A 1134 20.32 -37.11 -4.04
N THR A 1135 20.56 -36.13 -4.91
CA THR A 1135 20.50 -36.39 -6.34
C THR A 1135 21.55 -37.40 -6.76
N LEU A 1136 22.76 -37.27 -6.23
CA LEU A 1136 23.81 -38.22 -6.59
C LEU A 1136 23.45 -39.63 -6.14
N GLY A 1137 22.78 -39.75 -5.00
CA GLY A 1137 22.30 -41.05 -4.59
C GLY A 1137 21.24 -41.58 -5.53
N GLY A 1138 20.27 -40.75 -5.90
CA GLY A 1138 19.15 -41.19 -6.71
C GLY A 1138 19.33 -40.92 -8.19
N LEU A 1139 20.58 -40.86 -8.63
CA LEU A 1139 20.87 -40.37 -9.96
C LEU A 1139 20.21 -41.23 -11.03
N ALA A 1140 20.35 -42.54 -10.92
CA ALA A 1140 19.82 -43.44 -11.93
C ALA A 1140 18.30 -43.41 -11.96
N THR A 1141 17.66 -43.29 -10.81
CA THR A 1141 16.21 -43.20 -10.80
C THR A 1141 15.74 -41.89 -11.42
N VAL A 1142 16.40 -40.78 -11.10
CA VAL A 1142 16.02 -39.51 -11.70
C VAL A 1142 16.09 -39.60 -13.22
N ARG A 1143 17.21 -40.09 -13.75
CA ARG A 1143 17.29 -40.24 -15.19
C ARG A 1143 16.22 -41.18 -15.71
N GLY A 1144 15.97 -42.28 -14.99
CA GLY A 1144 14.94 -43.23 -15.37
C GLY A 1144 13.59 -42.58 -15.58
N TYR A 1145 13.03 -41.99 -14.54
CA TYR A 1145 11.76 -41.31 -14.76
C TYR A 1145 11.89 -40.07 -15.61
N SER A 1146 13.11 -39.71 -16.05
CA SER A 1146 13.32 -38.51 -16.84
C SER A 1146 12.88 -37.27 -16.07
N GLN A 1147 12.98 -37.36 -14.75
CA GLN A 1147 12.71 -36.26 -13.86
C GLN A 1147 13.87 -35.29 -13.81
N GLN A 1148 14.74 -35.36 -14.81
CA GLN A 1148 15.94 -34.53 -14.80
C GLN A 1148 15.58 -33.07 -14.78
N LYS A 1149 14.62 -32.65 -15.60
CA LYS A 1149 14.31 -31.23 -15.66
C LYS A 1149 13.76 -30.73 -14.34
N ARG A 1150 12.91 -31.53 -13.69
CA ARG A 1150 12.38 -31.11 -12.40
C ARG A 1150 13.45 -31.08 -11.32
N PHE A 1151 14.35 -32.05 -11.30
CA PHE A 1151 15.39 -32.03 -10.29
C PHE A 1151 16.38 -30.91 -10.54
N SER A 1152 16.67 -30.62 -11.80
CA SER A 1152 17.46 -29.45 -12.13
C SER A 1152 16.78 -28.18 -11.66
N HIS A 1153 15.47 -28.08 -11.86
CA HIS A 1153 14.77 -26.89 -11.41
C HIS A 1153 14.75 -26.80 -9.90
N ILE A 1154 14.70 -27.93 -9.21
CA ILE A 1154 14.78 -27.88 -7.75
C ILE A 1154 16.15 -27.38 -7.33
N ASN A 1155 17.20 -27.83 -8.00
CA ASN A 1155 18.54 -27.33 -7.68
C ASN A 1155 18.63 -25.83 -7.90
N GLN A 1156 18.12 -25.35 -9.01
CA GLN A 1156 18.18 -23.92 -9.28
C GLN A 1156 17.34 -23.13 -8.31
N CYS A 1157 16.22 -23.69 -7.85
CA CYS A 1157 15.47 -22.99 -6.82
C CYS A 1157 16.23 -22.96 -5.51
N ARG A 1158 16.90 -24.05 -5.14
CA ARG A 1158 17.75 -24.04 -3.95
C ARG A 1158 18.78 -22.93 -4.05
N ILE A 1159 19.46 -22.85 -5.19
CA ILE A 1159 20.44 -21.80 -5.38
C ILE A 1159 19.78 -20.44 -5.24
N ASP A 1160 18.85 -20.12 -6.13
CA ASP A 1160 18.30 -18.77 -6.15
C ASP A 1160 17.74 -18.40 -4.80
N ASN A 1161 17.29 -19.36 -4.01
CA ASN A 1161 16.92 -19.03 -2.64
C ASN A 1161 18.14 -18.67 -1.82
N ASN A 1162 19.23 -19.43 -1.96
CA ASN A 1162 20.44 -19.10 -1.22
C ASN A 1162 20.95 -17.73 -1.61
N MET A 1163 20.98 -17.43 -2.89
CA MET A 1163 21.44 -16.12 -3.34
C MET A 1163 20.48 -15.02 -2.94
N SER A 1164 19.18 -15.29 -2.88
CA SER A 1164 18.30 -14.26 -2.39
C SER A 1164 18.47 -14.04 -0.90
N ALA A 1165 19.11 -14.97 -0.22
CA ALA A 1165 19.50 -14.70 1.16
C ALA A 1165 20.90 -14.13 1.28
N PHE A 1166 21.72 -14.31 0.25
CA PHE A 1166 23.11 -13.86 0.26
C PHE A 1166 23.24 -12.44 -0.23
N TYR A 1167 22.48 -12.07 -1.24
CA TYR A 1167 22.49 -10.73 -1.80
C TYR A 1167 22.27 -9.69 -0.71
N PRO A 1168 21.21 -9.79 0.10
CA PRO A 1168 21.13 -8.87 1.22
C PRO A 1168 22.27 -9.03 2.18
N SER A 1169 22.77 -10.24 2.40
CA SER A 1169 23.80 -10.43 3.40
C SER A 1169 25.07 -9.70 3.05
N ILE A 1170 25.29 -9.39 1.79
CA ILE A 1170 26.47 -8.65 1.36
C ILE A 1170 26.16 -7.18 1.15
N ASN A 1171 25.04 -6.87 0.49
CA ASN A 1171 24.77 -5.46 0.39
C ASN A 1171 24.37 -4.84 1.72
N ALA A 1172 24.21 -5.63 2.76
CA ALA A 1172 24.08 -5.09 4.09
C ALA A 1172 25.38 -4.44 4.52
N ASN A 1173 26.49 -5.12 4.26
CA ASN A 1173 27.80 -4.56 4.52
C ASN A 1173 28.05 -3.34 3.67
N ARG A 1174 27.62 -3.38 2.41
CA ARG A 1174 27.81 -2.20 1.57
C ARG A 1174 27.02 -1.01 2.11
N TRP A 1175 25.76 -1.22 2.45
CA TRP A 1175 24.96 -0.20 3.11
C TRP A 1175 25.67 0.39 4.30
N LEU A 1176 25.96 -0.46 5.28
CA LEU A 1176 26.65 -0.01 6.48
C LEU A 1176 27.90 0.78 6.14
N ALA A 1177 28.81 0.16 5.42
CA ALA A 1177 30.11 0.77 5.19
C ALA A 1177 29.98 2.09 4.48
N TYR A 1178 29.03 2.21 3.56
CA TYR A 1178 28.80 3.51 2.95
C TYR A 1178 28.38 4.55 3.98
N ARG A 1179 27.41 4.22 4.84
CA ARG A 1179 27.02 5.21 5.84
C ARG A 1179 28.17 5.57 6.76
N LEU A 1180 28.93 4.57 7.20
CA LEU A 1180 30.03 4.88 8.11
C LEU A 1180 31.13 5.66 7.43
N GLU A 1181 31.34 5.47 6.14
CA GLU A 1181 32.34 6.27 5.47
C GLU A 1181 31.84 7.68 5.19
N LEU A 1182 30.54 7.89 5.03
CA LEU A 1182 30.05 9.27 5.10
C LEU A 1182 30.27 9.87 6.47
N ILE A 1183 30.04 9.08 7.52
CA ILE A 1183 30.27 9.63 8.86
C ILE A 1183 31.72 10.01 9.02
N GLY A 1184 32.63 9.20 8.50
CA GLY A 1184 34.03 9.50 8.54
C GLY A 1184 34.43 10.68 7.69
N SER A 1185 33.83 10.81 6.51
CA SER A 1185 34.13 11.96 5.66
C SER A 1185 33.61 13.26 6.28
N ILE A 1186 32.44 13.22 6.88
CA ILE A 1186 31.94 14.40 7.57
C ILE A 1186 32.79 14.70 8.79
N ILE A 1187 33.34 13.68 9.44
CA ILE A 1187 34.25 13.96 10.54
C ILE A 1187 35.52 14.62 10.04
N ILE A 1188 36.05 14.17 8.89
CA ILE A 1188 37.23 14.82 8.32
C ILE A 1188 36.91 16.26 7.97
N LEU A 1189 35.76 16.49 7.33
CA LEU A 1189 35.34 17.85 7.00
C LEU A 1189 35.20 18.71 8.25
N GLY A 1190 34.57 18.17 9.28
CA GLY A 1190 34.40 18.95 10.50
C GLY A 1190 35.72 19.27 11.17
N ALA A 1191 36.58 18.28 11.30
CA ALA A 1191 37.88 18.50 11.92
C ALA A 1191 38.68 19.51 11.13
N ALA A 1192 38.72 19.37 9.81
CA ALA A 1192 39.51 20.28 8.99
C ALA A 1192 38.94 21.70 9.02
N THR A 1193 37.63 21.85 8.84
CA THR A 1193 37.08 23.19 8.81
C THR A 1193 37.17 23.87 10.16
N LEU A 1194 36.92 23.15 11.25
CA LEU A 1194 37.04 23.80 12.54
C LEU A 1194 38.50 24.13 12.85
N SER A 1195 39.42 23.28 12.41
CA SER A 1195 40.82 23.63 12.59
C SER A 1195 41.18 24.86 11.77
N VAL A 1196 40.59 25.00 10.58
CA VAL A 1196 40.88 26.20 9.81
C VAL A 1196 40.23 27.43 10.41
N PHE A 1197 39.07 27.28 11.04
CA PHE A 1197 38.50 28.40 11.78
C PHE A 1197 39.42 28.81 12.91
N ARG A 1198 39.97 27.83 13.62
CA ARG A 1198 40.96 28.16 14.63
C ARG A 1198 42.13 28.89 14.01
N LEU A 1199 42.57 28.45 12.84
CA LEU A 1199 43.65 29.15 12.15
C LEU A 1199 43.29 30.60 11.89
N LYS A 1200 42.11 30.85 11.34
CA LYS A 1200 41.69 32.22 11.10
C LYS A 1200 41.69 33.02 12.40
N GLN A 1201 41.36 32.37 13.50
CA GLN A 1201 41.47 33.04 14.79
C GLN A 1201 42.92 33.24 15.21
N GLY A 1202 43.87 32.65 14.49
CA GLY A 1202 45.27 32.92 14.71
C GLY A 1202 45.94 32.05 15.75
N THR A 1203 45.26 31.05 16.29
CA THR A 1203 45.80 30.22 17.34
C THR A 1203 45.88 28.75 16.91
N LEU A 1204 46.30 28.52 15.68
CA LEU A 1204 46.53 27.17 15.18
C LEU A 1204 47.98 27.05 14.72
N THR A 1205 48.60 25.95 15.07
CA THR A 1205 49.93 25.62 14.56
C THR A 1205 49.81 24.40 13.68
N ALA A 1206 50.73 24.28 12.72
CA ALA A 1206 50.65 23.17 11.78
C ALA A 1206 50.59 21.84 12.49
N GLY A 1207 51.20 21.75 13.66
CA GLY A 1207 51.18 20.49 14.38
C GLY A 1207 49.79 20.08 14.81
N MET A 1208 48.99 21.03 15.30
CA MET A 1208 47.66 20.68 15.76
C MET A 1208 46.80 20.17 14.61
N VAL A 1209 46.88 20.82 13.45
CA VAL A 1209 46.07 20.36 12.33
C VAL A 1209 46.58 19.03 11.83
N GLY A 1210 47.89 18.84 11.78
CA GLY A 1210 48.41 17.55 11.34
C GLY A 1210 47.95 16.42 12.24
N LEU A 1211 48.04 16.61 13.56
CA LEU A 1211 47.66 15.56 14.48
C LEU A 1211 46.17 15.28 14.43
N SER A 1212 45.37 16.32 14.65
CA SER A 1212 43.92 16.19 14.59
C SER A 1212 43.49 15.51 13.31
N LEU A 1213 44.02 15.94 12.19
CA LEU A 1213 43.52 15.45 10.92
C LEU A 1213 44.04 14.06 10.58
N SER A 1214 45.24 13.70 11.03
CA SER A 1214 45.65 12.31 10.89
C SER A 1214 44.68 11.39 11.59
N TYR A 1215 44.30 11.72 12.81
CA TYR A 1215 43.34 10.90 13.52
C TYR A 1215 41.99 10.89 12.81
N ALA A 1216 41.56 12.05 12.32
CA ALA A 1216 40.30 12.11 11.59
C ALA A 1216 40.34 11.27 10.33
N LEU A 1217 41.51 11.10 9.72
CA LEU A 1217 41.59 10.21 8.58
C LEU A 1217 41.52 8.76 9.00
N GLN A 1218 41.99 8.44 10.20
CA GLN A 1218 41.90 7.05 10.62
C GLN A 1218 40.53 6.66 11.15
N ILE A 1219 39.66 7.62 11.47
CA ILE A 1219 38.47 7.29 12.26
C ILE A 1219 37.51 6.36 11.53
N THR A 1220 37.49 6.36 10.20
CA THR A 1220 36.41 5.63 9.54
C THR A 1220 36.58 4.12 9.69
N GLN A 1221 37.79 3.61 9.55
CA GLN A 1221 37.96 2.17 9.67
C GLN A 1221 37.72 1.70 11.10
N THR A 1222 38.02 2.54 12.08
CA THR A 1222 37.72 2.13 13.44
C THR A 1222 36.22 2.19 13.73
N LEU A 1223 35.47 3.10 13.11
CA LEU A 1223 34.03 3.02 13.24
C LEU A 1223 33.51 1.71 12.68
N ASN A 1224 34.02 1.31 11.52
CA ASN A 1224 33.58 0.05 10.95
C ASN A 1224 33.96 -1.13 11.82
N TRP A 1225 35.17 -1.12 12.39
CA TRP A 1225 35.56 -2.17 13.32
C TRP A 1225 34.60 -2.27 14.47
N ILE A 1226 34.22 -1.13 15.05
CA ILE A 1226 33.32 -1.17 16.19
C ILE A 1226 31.99 -1.79 15.79
N VAL A 1227 31.45 -1.40 14.64
CA VAL A 1227 30.13 -1.93 14.28
C VAL A 1227 30.20 -3.44 14.05
N ARG A 1228 31.21 -3.89 13.32
CA ARG A 1228 31.30 -5.32 13.05
C ARG A 1228 31.62 -6.10 14.30
N MET A 1229 32.38 -5.53 15.23
CA MET A 1229 32.60 -6.24 16.48
C MET A 1229 31.39 -6.23 17.39
N THR A 1230 30.52 -5.23 17.31
CA THR A 1230 29.25 -5.39 17.98
C THR A 1230 28.49 -6.56 17.41
N VAL A 1231 28.52 -6.72 16.08
CA VAL A 1231 27.84 -7.86 15.48
C VAL A 1231 28.45 -9.17 15.99
N GLU A 1232 29.78 -9.27 15.99
CA GLU A 1232 30.40 -10.52 16.41
C GLU A 1232 30.17 -10.80 17.89
N VAL A 1233 30.19 -9.76 18.72
CA VAL A 1233 29.94 -9.95 20.14
C VAL A 1233 28.53 -10.43 20.37
N GLU A 1234 27.56 -9.84 19.67
CA GLU A 1234 26.20 -10.33 19.78
C GLU A 1234 26.08 -11.75 19.27
N THR A 1235 26.84 -12.11 18.24
CA THR A 1235 26.79 -13.47 17.74
C THR A 1235 27.31 -14.44 18.78
N ASN A 1236 28.40 -14.12 19.44
CA ASN A 1236 29.05 -15.07 20.33
C ASN A 1236 28.55 -15.01 21.75
N ILE A 1237 27.70 -14.05 22.10
CA ILE A 1237 27.27 -13.99 23.50
C ILE A 1237 26.05 -14.85 23.74
N VAL A 1238 25.29 -15.21 22.71
CA VAL A 1238 24.21 -16.16 22.90
C VAL A 1238 24.75 -17.49 23.37
N SER A 1239 26.03 -17.78 23.09
CA SER A 1239 26.62 -18.98 23.63
C SER A 1239 26.70 -18.92 25.16
N VAL A 1240 27.09 -17.77 25.71
CA VAL A 1240 27.06 -17.64 27.16
C VAL A 1240 25.63 -17.72 27.66
N GLU A 1241 24.69 -17.16 26.90
CA GLU A 1241 23.28 -17.32 27.26
C GLU A 1241 22.92 -18.79 27.41
N ARG A 1242 23.29 -19.59 26.41
CA ARG A 1242 22.88 -20.98 26.41
C ARG A 1242 23.67 -21.81 27.40
N ILE A 1243 24.88 -21.40 27.75
CA ILE A 1243 25.61 -22.09 28.80
C ILE A 1243 24.98 -21.81 30.15
N LYS A 1244 24.74 -20.55 30.46
CA LYS A 1244 24.09 -20.23 31.72
C LYS A 1244 22.70 -20.86 31.78
N GLU A 1245 22.10 -21.13 30.63
CA GLU A 1245 20.80 -21.77 30.60
C GLU A 1245 20.83 -23.13 31.29
N TYR A 1246 21.83 -23.96 31.00
CA TYR A 1246 21.97 -25.20 31.78
C TYR A 1246 22.66 -24.98 33.11
N ALA A 1247 23.48 -23.95 33.24
CA ALA A 1247 24.06 -23.67 34.54
C ALA A 1247 22.97 -23.40 35.57
N ASP A 1248 21.77 -23.07 35.12
CA ASP A 1248 20.67 -22.74 36.00
C ASP A 1248 19.74 -23.92 36.28
N LEU A 1249 20.08 -25.12 35.85
CA LEU A 1249 19.17 -26.26 36.00
C LEU A 1249 18.95 -26.62 37.46
N LYS A 1250 17.72 -27.05 37.77
CA LYS A 1250 17.35 -27.46 39.12
C LYS A 1250 17.91 -28.85 39.39
N SER A 1251 18.67 -29.00 40.46
CA SER A 1251 19.33 -30.26 40.75
C SER A 1251 18.34 -31.33 41.16
N GLU A 1252 18.73 -32.59 40.99
CA GLU A 1252 17.84 -33.70 41.32
C GLU A 1252 17.58 -33.77 42.82
N ALA A 1253 18.64 -33.76 43.62
CA ALA A 1253 18.54 -33.83 45.08
C ALA A 1253 19.93 -33.62 45.67
N PRO A 1254 20.03 -33.18 46.92
CA PRO A 1254 21.36 -33.06 47.55
C PRO A 1254 22.05 -34.41 47.56
N LEU A 1255 23.34 -34.40 47.24
CA LEU A 1255 24.06 -35.67 47.15
C LEU A 1255 24.35 -36.25 48.52
N ILE A 1256 24.73 -35.42 49.48
CA ILE A 1256 25.18 -35.87 50.79
C ILE A 1256 24.39 -35.15 51.87
N VAL A 1257 24.06 -35.87 52.94
CA VAL A 1257 23.29 -35.33 54.06
C VAL A 1257 23.94 -35.77 55.36
N GLU A 1258 23.51 -35.13 56.45
CA GLU A 1258 24.03 -35.47 57.78
C GLU A 1258 23.72 -36.92 58.12
N GLY A 1259 22.50 -37.36 57.87
CA GLY A 1259 22.13 -38.73 58.17
C GLY A 1259 22.84 -39.70 57.25
N HIS A 1260 23.44 -40.73 57.86
CA HIS A 1260 24.15 -41.75 57.11
C HIS A 1260 24.10 -43.06 57.91
N ARG A 1261 24.13 -44.17 57.19
CA ARG A 1261 24.05 -45.49 57.80
C ARG A 1261 25.40 -45.89 58.37
N PRO A 1262 25.48 -47.08 58.98
CA PRO A 1262 26.76 -47.58 59.49
C PRO A 1262 27.65 -48.14 58.38
N GLN A 1269 23.96 -57.45 55.19
CA GLN A 1269 22.66 -57.02 55.67
C GLN A 1269 22.00 -56.07 54.69
N GLY A 1270 20.70 -55.86 54.86
CA GLY A 1270 19.95 -54.97 54.00
C GLY A 1270 18.49 -54.98 54.39
N ASP A 1271 17.71 -54.19 53.66
CA ASP A 1271 16.29 -54.06 53.95
C ASP A 1271 15.61 -53.30 52.82
N ILE A 1272 14.37 -53.70 52.53
CA ILE A 1272 13.51 -53.00 51.60
C ILE A 1272 12.12 -52.95 52.22
N LYS A 1273 11.59 -51.75 52.40
CA LYS A 1273 10.28 -51.60 53.03
C LYS A 1273 9.61 -50.37 52.47
N PHE A 1274 8.62 -50.58 51.60
CA PHE A 1274 7.77 -49.50 51.16
C PHE A 1274 6.79 -49.14 52.27
N ASN A 1275 6.45 -47.85 52.34
CA ASN A 1275 5.54 -47.34 53.36
C ASN A 1275 4.55 -46.43 52.65
N ASN A 1276 3.48 -47.03 52.13
CA ASN A 1276 2.49 -46.32 51.32
C ASN A 1276 3.19 -45.41 50.31
N TYR A 1277 4.28 -45.89 49.73
CA TYR A 1277 4.99 -45.10 48.73
C TYR A 1277 4.20 -45.10 47.43
N SER A 1278 4.09 -43.92 46.82
CA SER A 1278 3.44 -43.73 45.55
C SER A 1278 4.25 -42.71 44.77
N THR A 1279 4.20 -42.82 43.46
CA THR A 1279 5.08 -42.00 42.64
C THR A 1279 4.55 -41.94 41.22
N ARG A 1280 4.85 -40.84 40.54
CA ARG A 1280 4.57 -40.68 39.13
C ARG A 1280 5.89 -40.73 38.36
N TYR A 1281 5.84 -41.26 37.15
CA TYR A 1281 7.06 -41.31 36.33
C TYR A 1281 7.66 -39.93 36.17
N ARG A 1282 6.81 -38.92 35.94
CA ARG A 1282 7.23 -37.53 35.86
C ARG A 1282 6.11 -36.68 36.45
N PRO A 1283 6.42 -35.44 36.85
CA PRO A 1283 5.35 -34.57 37.37
C PRO A 1283 4.22 -34.36 36.37
N GLU A 1284 4.53 -34.29 35.08
CA GLU A 1284 3.51 -34.09 34.06
C GLU A 1284 2.66 -35.34 33.82
N LEU A 1285 3.13 -36.50 34.26
CA LEU A 1285 2.41 -37.74 34.05
C LEU A 1285 1.65 -38.13 35.31
N ASP A 1286 0.67 -39.01 35.13
CA ASP A 1286 -0.08 -39.52 36.27
C ASP A 1286 0.80 -40.48 37.07
N LEU A 1287 0.25 -41.00 38.16
CA LEU A 1287 1.05 -41.82 39.06
C LEU A 1287 1.46 -43.12 38.38
N VAL A 1288 2.66 -43.59 38.72
CA VAL A 1288 3.15 -44.87 38.24
C VAL A 1288 3.34 -45.89 39.36
N LEU A 1289 3.43 -45.46 40.60
CA LEU A 1289 3.40 -46.35 41.76
C LEU A 1289 2.35 -45.81 42.71
N LYS A 1290 1.55 -46.69 43.31
CA LYS A 1290 0.41 -46.27 44.12
C LYS A 1290 0.40 -47.02 45.45
N HIS A 1291 0.83 -46.32 46.50
CA HIS A 1291 0.65 -46.74 47.89
C HIS A 1291 1.09 -48.19 48.10
N ILE A 1292 2.31 -48.48 47.66
CA ILE A 1292 2.94 -49.76 47.92
C ILE A 1292 3.51 -49.75 49.33
N ASN A 1293 3.32 -50.86 50.04
CA ASN A 1293 3.82 -51.01 51.41
C ASN A 1293 4.56 -52.32 51.60
N ILE A 1294 5.08 -52.91 50.52
CA ILE A 1294 5.69 -54.24 50.59
C ILE A 1294 6.98 -54.20 51.41
N HIS A 1295 7.21 -55.27 52.15
CA HIS A 1295 8.45 -55.48 52.89
C HIS A 1295 9.16 -56.73 52.37
N ILE A 1296 10.47 -56.64 52.20
CA ILE A 1296 11.28 -57.70 51.62
C ILE A 1296 12.27 -58.18 52.67
N LYS A 1297 12.55 -59.48 52.65
CA LYS A 1297 13.40 -60.08 53.67
C LYS A 1297 14.86 -59.65 53.48
N PRO A 1298 15.63 -59.62 54.56
CA PRO A 1298 16.99 -59.06 54.48
C PRO A 1298 17.90 -59.76 53.50
N ASN A 1299 17.63 -61.04 53.18
CA ASN A 1299 18.40 -61.74 52.16
C ASN A 1299 17.49 -62.35 51.09
N GLU A 1300 16.30 -61.80 50.91
CA GLU A 1300 15.33 -62.37 50.00
C GLU A 1300 15.81 -62.25 48.55
N LYS A 1301 15.42 -63.23 47.74
CA LYS A 1301 15.51 -63.14 46.30
C LYS A 1301 14.10 -63.02 45.75
N VAL A 1302 13.80 -61.90 45.09
CA VAL A 1302 12.44 -61.56 44.70
C VAL A 1302 12.39 -61.23 43.23
N GLY A 1303 11.20 -61.31 42.67
CA GLY A 1303 10.98 -61.03 41.26
C GLY A 1303 9.77 -60.14 41.05
N ILE A 1304 9.88 -59.25 40.08
CA ILE A 1304 8.81 -58.35 39.68
C ILE A 1304 8.46 -58.64 38.23
N VAL A 1305 7.16 -58.78 37.95
CA VAL A 1305 6.68 -59.06 36.61
C VAL A 1305 5.43 -58.21 36.34
N GLY A 1306 5.12 -58.04 35.06
CA GLY A 1306 3.94 -57.31 34.68
C GLY A 1306 3.82 -57.26 33.17
N ARG A 1307 2.65 -56.80 32.73
CA ARG A 1307 2.39 -56.62 31.31
C ARG A 1307 3.23 -55.47 30.76
N THR A 1308 3.35 -55.43 29.43
CA THR A 1308 4.03 -54.32 28.79
C THR A 1308 3.34 -53.01 29.15
N GLY A 1309 4.13 -52.04 29.61
CA GLY A 1309 3.57 -50.79 30.09
C GLY A 1309 2.97 -50.84 31.48
N ALA A 1310 3.28 -51.87 32.26
CA ALA A 1310 2.72 -51.97 33.61
C ALA A 1310 3.26 -50.89 34.54
N GLY A 1311 4.36 -50.24 34.19
CA GLY A 1311 5.00 -49.27 35.07
C GLY A 1311 5.99 -49.86 36.04
N LYS A 1312 6.35 -51.14 35.89
CA LYS A 1312 7.29 -51.77 36.82
C LYS A 1312 8.70 -51.24 36.68
N SER A 1313 9.06 -50.67 35.52
CA SER A 1313 10.39 -50.11 35.36
C SER A 1313 10.65 -48.99 36.36
N SER A 1314 9.62 -48.22 36.67
CA SER A 1314 9.77 -47.09 37.59
C SER A 1314 10.16 -47.52 38.98
N LEU A 1315 10.01 -48.82 39.31
CA LEU A 1315 10.37 -49.29 40.64
C LEU A 1315 11.86 -49.08 40.91
N THR A 1316 12.71 -49.35 39.91
CA THR A 1316 14.14 -49.13 40.09
C THR A 1316 14.45 -47.65 40.27
N LEU A 1317 13.83 -46.79 39.45
CA LEU A 1317 14.06 -45.36 39.57
C LEU A 1317 13.63 -44.84 40.92
N ALA A 1318 12.48 -45.29 41.41
CA ALA A 1318 12.02 -44.88 42.73
C ALA A 1318 12.93 -45.41 43.82
N LEU A 1319 13.39 -46.66 43.69
CA LEU A 1319 14.28 -47.22 44.69
C LEU A 1319 15.61 -46.48 44.72
N PHE A 1320 16.04 -45.93 43.59
CA PHE A 1320 17.24 -45.13 43.51
C PHE A 1320 16.94 -43.64 43.59
N ARG A 1321 15.70 -43.27 43.88
CA ARG A 1321 15.27 -41.87 43.99
C ARG A 1321 15.55 -41.09 42.71
N MET A 1322 15.62 -41.79 41.58
CA MET A 1322 15.71 -41.11 40.29
C MET A 1322 14.46 -40.28 40.05
N ILE A 1323 13.33 -40.70 40.59
CA ILE A 1323 12.09 -39.94 40.57
C ILE A 1323 11.68 -39.71 42.01
N GLU A 1324 11.36 -38.46 42.35
CA GLU A 1324 10.90 -38.16 43.69
C GLU A 1324 9.53 -38.78 43.93
N ALA A 1325 9.31 -39.23 45.16
CA ALA A 1325 8.07 -39.92 45.52
C ALA A 1325 6.91 -38.93 45.55
N SER A 1326 5.82 -39.29 44.89
CA SER A 1326 4.62 -38.46 44.97
C SER A 1326 4.06 -38.45 46.37
N GLU A 1327 4.12 -39.59 47.07
CA GLU A 1327 3.66 -39.65 48.45
C GLU A 1327 4.30 -40.85 49.12
N GLY A 1328 4.28 -40.85 50.45
CA GLY A 1328 4.84 -41.97 51.19
C GLY A 1328 6.36 -41.95 51.14
N ASN A 1329 6.94 -43.03 51.65
CA ASN A 1329 8.41 -43.12 51.72
C ASN A 1329 8.81 -44.59 51.76
N ILE A 1330 10.12 -44.81 51.86
CA ILE A 1330 10.69 -46.15 52.01
C ILE A 1330 11.75 -46.10 53.09
N VAL A 1331 12.05 -47.26 53.67
CA VAL A 1331 13.09 -47.39 54.69
C VAL A 1331 13.97 -48.58 54.36
N ILE A 1332 15.28 -48.41 54.52
CA ILE A 1332 16.25 -49.48 54.42
C ILE A 1332 17.16 -49.42 55.63
N ASP A 1333 17.34 -50.56 56.31
CA ASP A 1333 18.21 -50.65 57.48
C ASP A 1333 17.84 -49.64 58.56
N ASN A 1334 16.55 -49.42 58.75
CA ASN A 1334 16.00 -48.48 59.73
C ASN A 1334 16.37 -47.04 59.44
N ILE A 1335 16.76 -46.74 58.20
CA ILE A 1335 17.05 -45.38 57.77
C ILE A 1335 16.25 -45.12 56.50
N ALA A 1336 15.56 -43.98 56.47
CA ALA A 1336 14.78 -43.67 55.28
C ALA A 1336 15.73 -43.39 54.10
N ILE A 1337 15.21 -43.61 52.89
CA ILE A 1337 16.02 -43.41 51.69
C ILE A 1337 16.38 -41.93 51.55
N ASN A 1338 15.48 -41.05 51.97
CA ASN A 1338 15.73 -39.62 51.80
C ASN A 1338 16.81 -39.11 52.74
N GLU A 1339 16.90 -39.65 53.96
CA GLU A 1339 17.80 -39.09 54.95
C GLU A 1339 19.26 -39.38 54.64
N ILE A 1340 19.54 -40.55 54.06
CA ILE A 1340 20.93 -41.01 53.92
C ILE A 1340 21.72 -40.12 52.97
N GLY A 1341 21.05 -39.46 52.02
CA GLY A 1341 21.75 -38.72 51.00
C GLY A 1341 21.98 -39.55 49.76
N LEU A 1342 21.81 -38.94 48.58
CA LEU A 1342 21.83 -39.71 47.34
C LEU A 1342 23.19 -40.35 47.10
N TYR A 1343 24.28 -39.65 47.43
CA TYR A 1343 25.61 -40.20 47.20
C TYR A 1343 25.80 -41.51 47.95
N ASP A 1344 25.53 -41.51 49.26
CA ASP A 1344 25.69 -42.72 50.04
C ASP A 1344 24.67 -43.78 49.63
N LEU A 1345 23.44 -43.35 49.33
CA LEU A 1345 22.39 -44.27 48.92
C LEU A 1345 22.82 -45.07 47.70
N ARG A 1346 23.26 -44.38 46.66
CA ARG A 1346 23.72 -45.07 45.45
C ARG A 1346 25.06 -45.77 45.64
N HIS A 1347 25.87 -45.34 46.61
CA HIS A 1347 27.13 -46.04 46.85
C HIS A 1347 26.90 -47.38 47.52
N LYS A 1348 25.98 -47.44 48.48
CA LYS A 1348 25.74 -48.66 49.24
C LYS A 1348 24.96 -49.71 48.46
N LEU A 1349 24.10 -49.31 47.55
CA LEU A 1349 23.31 -50.24 46.76
C LEU A 1349 24.06 -50.61 45.49
N SER A 1350 23.43 -51.48 44.69
CA SER A 1350 23.94 -51.80 43.37
C SER A 1350 22.78 -52.26 42.52
N ILE A 1351 22.93 -52.13 41.19
CA ILE A 1351 21.84 -52.45 40.29
C ILE A 1351 22.36 -52.63 38.88
N ILE A 1352 21.79 -53.57 38.14
CA ILE A 1352 22.07 -53.76 36.73
C ILE A 1352 20.98 -53.01 35.96
N PRO A 1353 21.31 -52.01 35.16
CA PRO A 1353 20.29 -51.23 34.48
C PRO A 1353 19.70 -52.00 33.31
N GLN A 1354 18.54 -51.51 32.85
CA GLN A 1354 17.89 -52.09 31.69
C GLN A 1354 18.86 -52.18 30.52
N ASP A 1355 19.64 -51.13 30.31
CA ASP A 1355 20.70 -51.12 29.31
C ASP A 1355 21.98 -50.68 29.98
N SER A 1356 23.00 -51.53 29.92
CA SER A 1356 24.33 -51.14 30.36
C SER A 1356 25.08 -50.52 29.18
N GLN A 1357 26.28 -50.02 29.46
CA GLN A 1357 27.03 -49.33 28.43
C GLN A 1357 28.52 -49.51 28.67
N VAL A 1358 29.29 -49.32 27.61
CA VAL A 1358 30.74 -49.29 27.68
C VAL A 1358 31.18 -47.83 27.71
N PHE A 1359 32.30 -47.58 28.37
CA PHE A 1359 32.92 -46.26 28.41
C PHE A 1359 34.30 -46.35 27.77
N GLU A 1360 34.67 -45.33 27.01
CA GLU A 1360 35.98 -45.31 26.39
C GLU A 1360 37.05 -45.21 27.46
N GLY A 1361 37.98 -46.17 27.46
CA GLY A 1361 39.02 -46.22 28.46
C GLY A 1361 39.54 -47.62 28.68
N THR A 1362 39.62 -48.06 29.93
CA THR A 1362 40.08 -49.40 30.24
C THR A 1362 39.03 -50.10 31.10
N VAL A 1363 39.03 -51.43 31.02
CA VAL A 1363 38.09 -52.22 31.80
C VAL A 1363 38.30 -51.97 33.28
N ARG A 1364 39.57 -51.91 33.70
CA ARG A 1364 39.87 -51.59 35.10
C ARG A 1364 39.29 -50.24 35.49
N GLU A 1365 39.40 -49.25 34.61
CA GLU A 1365 38.83 -47.94 34.89
C GLU A 1365 37.32 -47.93 34.72
N ASN A 1366 36.79 -48.67 33.75
CA ASN A 1366 35.35 -48.71 33.53
C ASN A 1366 34.63 -49.54 34.57
N ILE A 1367 35.36 -50.26 35.42
CA ILE A 1367 34.78 -51.07 36.46
C ILE A 1367 35.04 -50.48 37.85
N ASP A 1368 36.21 -49.89 38.06
CA ASP A 1368 36.55 -49.27 39.34
C ASP A 1368 37.00 -47.84 39.09
N PRO A 1369 36.13 -47.02 38.53
CA PRO A 1369 36.49 -45.60 38.38
C PRO A 1369 36.74 -44.91 39.70
N ILE A 1370 36.01 -45.29 40.74
CA ILE A 1370 36.24 -44.72 42.06
C ILE A 1370 37.62 -45.10 42.58
N ASN A 1371 38.18 -46.20 42.09
CA ASN A 1371 39.49 -46.69 42.51
C ASN A 1371 39.49 -47.00 44.00
N GLN A 1372 38.48 -47.75 44.44
CA GLN A 1372 38.31 -48.07 45.85
C GLN A 1372 38.42 -49.55 46.15
N TYR A 1373 38.67 -50.39 45.13
CA TYR A 1373 38.81 -51.82 45.32
C TYR A 1373 40.27 -52.24 45.21
N THR A 1374 40.62 -53.29 45.94
CA THR A 1374 41.96 -53.84 45.86
C THR A 1374 42.17 -54.57 44.53
N ASP A 1375 43.44 -54.73 44.15
CA ASP A 1375 43.75 -55.47 42.94
C ASP A 1375 43.32 -56.92 43.05
N GLU A 1376 43.53 -57.54 44.22
CA GLU A 1376 43.04 -58.88 44.43
C GLU A 1376 41.53 -58.93 44.39
N ALA A 1377 40.86 -57.89 44.90
CA ALA A 1377 39.40 -57.82 44.81
C ALA A 1377 38.95 -57.76 43.36
N ILE A 1378 39.66 -56.97 42.54
CA ILE A 1378 39.31 -56.87 41.11
C ILE A 1378 39.50 -58.22 40.43
N TRP A 1379 40.64 -58.87 40.69
CA TRP A 1379 40.90 -60.17 40.08
C TRP A 1379 39.83 -61.18 40.49
N ARG A 1380 39.52 -61.23 41.79
CA ARG A 1380 38.53 -62.18 42.28
C ARG A 1380 37.14 -61.89 41.72
N ALA A 1381 36.77 -60.62 41.60
CA ALA A 1381 35.46 -60.27 41.04
C ALA A 1381 35.38 -60.65 39.57
N LEU A 1382 36.43 -60.36 38.80
CA LEU A 1382 36.43 -60.72 37.40
C LEU A 1382 36.38 -62.23 37.23
N GLU A 1383 37.10 -62.96 38.07
CA GLU A 1383 37.08 -64.42 38.01
C GLU A 1383 35.70 -64.96 38.36
N LEU A 1384 35.13 -64.50 39.47
CA LEU A 1384 33.81 -64.97 39.90
C LEU A 1384 32.73 -64.60 38.91
N SER A 1385 32.92 -63.54 38.15
CA SER A 1385 32.03 -63.18 37.06
C SER A 1385 32.35 -63.93 35.78
N HIS A 1386 33.37 -64.78 35.79
CA HIS A 1386 33.84 -65.48 34.59
C HIS A 1386 34.18 -64.49 33.49
N LEU A 1387 34.79 -63.37 33.88
CA LEU A 1387 35.09 -62.29 32.95
C LEU A 1387 36.58 -62.08 32.71
N LYS A 1388 37.43 -62.42 33.69
CA LYS A 1388 38.86 -62.18 33.55
C LYS A 1388 39.43 -62.93 32.35
N GLU A 1389 38.95 -64.16 32.10
CA GLU A 1389 39.50 -64.97 31.02
C GLU A 1389 39.30 -64.30 29.67
N HIS A 1390 38.08 -63.83 29.38
CA HIS A 1390 37.84 -63.13 28.12
C HIS A 1390 38.44 -61.73 28.15
N VAL A 1391 38.62 -61.15 29.34
CA VAL A 1391 39.27 -59.85 29.46
C VAL A 1391 40.71 -59.94 28.98
N LEU A 1392 41.40 -61.02 29.33
CA LEU A 1392 42.79 -61.20 28.93
C LEU A 1392 42.95 -61.46 27.44
N SER A 1393 41.86 -61.71 26.72
CA SER A 1393 41.96 -62.03 25.30
C SER A 1393 42.36 -60.80 24.48
N MET A 1394 41.90 -59.62 24.89
CA MET A 1394 42.09 -58.43 24.07
C MET A 1394 43.56 -58.07 23.94
N SER A 1395 44.28 -58.00 25.05
CA SER A 1395 45.67 -57.56 25.03
C SER A 1395 46.38 -58.06 26.29
N ASN A 1396 47.71 -57.98 26.25
CA ASN A 1396 48.51 -58.32 27.42
C ASN A 1396 48.27 -57.37 28.58
N ASP A 1397 47.69 -56.19 28.32
CA ASP A 1397 47.40 -55.26 29.39
C ASP A 1397 46.39 -55.81 30.38
N GLY A 1398 45.67 -56.86 30.01
CA GLY A 1398 44.81 -57.55 30.97
C GLY A 1398 43.71 -56.64 31.48
N LEU A 1399 43.77 -56.35 32.78
CA LEU A 1399 42.78 -55.46 33.38
C LEU A 1399 42.84 -54.06 32.76
N ASP A 1400 44.01 -53.64 32.29
CA ASP A 1400 44.19 -52.32 31.71
C ASP A 1400 44.02 -52.32 30.20
N ALA A 1401 43.62 -53.45 29.61
CA ALA A 1401 43.39 -53.50 28.18
C ALA A 1401 42.27 -52.54 27.80
N GLN A 1402 42.46 -51.85 26.68
CA GLN A 1402 41.57 -50.76 26.31
C GLN A 1402 40.21 -51.29 25.85
N LEU A 1403 39.24 -50.38 25.84
CA LEU A 1403 37.90 -50.61 25.32
C LEU A 1403 37.33 -49.27 24.90
N THR A 1404 36.37 -49.30 23.99
CA THR A 1404 35.83 -48.07 23.44
C THR A 1404 34.39 -48.30 22.99
N GLU A 1405 33.72 -47.20 22.63
CA GLU A 1405 32.34 -47.29 22.16
C GLU A 1405 32.23 -47.98 20.81
N GLY A 1406 33.26 -47.89 19.98
CA GLY A 1406 33.22 -48.48 18.66
C GLY A 1406 34.58 -49.02 18.27
N GLY A 1407 34.58 -50.04 17.42
CA GLY A 1407 35.82 -50.67 17.01
C GLY A 1407 36.40 -51.51 18.13
N GLY A 1408 36.85 -50.84 19.19
CA GLY A 1408 37.29 -51.51 20.39
C GLY A 1408 36.16 -51.70 21.38
N ASN A 1409 35.02 -52.15 20.89
CA ASN A 1409 33.84 -52.40 21.72
C ASN A 1409 33.68 -53.89 21.98
N LEU A 1410 33.03 -54.21 23.09
CA LEU A 1410 32.82 -55.58 23.50
C LEU A 1410 31.55 -56.14 22.88
N SER A 1411 31.21 -57.37 23.22
CA SER A 1411 30.00 -58.00 22.72
C SER A 1411 28.77 -57.31 23.29
N VAL A 1412 27.71 -57.23 22.48
CA VAL A 1412 26.49 -56.55 22.90
C VAL A 1412 25.90 -57.23 24.13
N GLY A 1413 25.93 -58.55 24.17
CA GLY A 1413 25.52 -59.25 25.38
C GLY A 1413 26.56 -59.25 26.47
N GLN A 1414 27.80 -58.92 26.15
CA GLN A 1414 28.85 -58.88 27.15
C GLN A 1414 28.74 -57.64 28.03
N ARG A 1415 28.07 -56.60 27.54
CA ARG A 1415 27.87 -55.39 28.33
C ARG A 1415 27.13 -55.68 29.64
N GLN A 1416 26.05 -56.46 29.57
CA GLN A 1416 25.30 -56.76 30.79
C GLN A 1416 26.11 -57.63 31.73
N LEU A 1417 26.91 -58.54 31.18
CA LEU A 1417 27.80 -59.33 32.02
C LEU A 1417 28.81 -58.43 32.72
N LEU A 1418 29.33 -57.44 32.00
CA LEU A 1418 30.28 -56.51 32.60
C LEU A 1418 29.64 -55.68 33.70
N CYS A 1419 28.40 -55.24 33.48
CA CYS A 1419 27.69 -54.50 34.53
C CYS A 1419 27.48 -55.37 35.75
N LEU A 1420 27.12 -56.64 35.55
CA LEU A 1420 27.02 -57.57 36.65
C LEU A 1420 28.35 -57.76 37.35
N ALA A 1421 29.45 -57.79 36.57
CA ALA A 1421 30.77 -57.90 37.15
C ALA A 1421 31.08 -56.72 38.05
N ARG A 1422 30.73 -55.52 37.59
CA ARG A 1422 30.89 -54.33 38.43
C ARG A 1422 30.07 -54.45 39.70
N ALA A 1423 28.82 -54.88 39.57
CA ALA A 1423 27.95 -54.99 40.73
C ALA A 1423 28.47 -56.00 41.74
N MET A 1424 29.03 -57.11 41.27
CA MET A 1424 29.59 -58.10 42.16
C MET A 1424 30.93 -57.67 42.74
N LEU A 1425 31.68 -56.85 42.02
CA LEU A 1425 32.90 -56.26 42.58
C LEU A 1425 32.56 -55.31 43.71
N VAL A 1426 31.47 -54.56 43.57
CA VAL A 1426 31.07 -53.64 44.63
C VAL A 1426 30.58 -54.44 45.83
N PRO A 1427 31.02 -54.11 47.06
CA PRO A 1427 30.51 -54.82 48.26
C PRO A 1427 29.11 -54.37 48.64
N SER A 1428 28.16 -54.62 47.74
CA SER A 1428 26.81 -54.09 47.89
C SER A 1428 26.10 -54.71 49.07
N LYS A 1429 25.39 -53.86 49.83
CA LYS A 1429 24.52 -54.37 50.89
C LYS A 1429 23.22 -54.92 50.33
N ILE A 1430 22.70 -54.30 49.28
CA ILE A 1430 21.50 -54.77 48.57
C ILE A 1430 21.81 -54.73 47.09
N LEU A 1431 21.04 -55.51 46.32
CA LEU A 1431 21.25 -55.58 44.89
C LEU A 1431 19.91 -55.58 44.16
N VAL A 1432 19.96 -55.21 42.89
CA VAL A 1432 18.81 -55.27 41.99
C VAL A 1432 19.31 -55.82 40.66
N LEU A 1433 18.37 -56.28 39.84
CA LEU A 1433 18.72 -56.89 38.57
C LEU A 1433 17.76 -56.44 37.49
N ASP A 1434 18.17 -56.63 36.24
CA ASP A 1434 17.30 -56.40 35.09
C ASP A 1434 17.88 -57.19 33.92
N GLU A 1435 17.07 -57.31 32.87
CA GLU A 1435 17.45 -58.11 31.71
C GLU A 1435 17.18 -57.32 30.44
N ALA A 1436 17.81 -57.77 29.36
CA ALA A 1436 17.65 -57.13 28.07
C ALA A 1436 16.20 -57.22 27.61
N THR A 1437 15.68 -56.10 27.12
CA THR A 1437 14.33 -56.12 26.56
C THR A 1437 14.25 -57.03 25.35
N ALA A 1438 15.27 -57.01 24.50
CA ALA A 1438 15.33 -57.86 23.33
C ALA A 1438 16.06 -59.17 23.65
N ALA A 1439 16.06 -60.07 22.67
CA ALA A 1439 16.72 -61.36 22.83
C ALA A 1439 18.23 -61.19 22.93
N VAL A 1440 18.85 -61.97 23.82
CA VAL A 1440 20.28 -61.90 24.06
C VAL A 1440 20.82 -63.32 24.17
N ASP A 1441 22.15 -63.42 24.22
CA ASP A 1441 22.80 -64.72 24.34
C ASP A 1441 22.33 -65.45 25.58
N VAL A 1442 21.69 -66.60 25.38
CA VAL A 1442 21.25 -67.40 26.51
C VAL A 1442 22.43 -67.89 27.32
N GLU A 1443 23.60 -68.03 26.70
CA GLU A 1443 24.79 -68.36 27.45
C GLU A 1443 25.11 -67.26 28.45
N THR A 1444 25.07 -66.00 28.01
CA THR A 1444 25.29 -64.88 28.92
C THR A 1444 24.21 -64.83 29.98
N ASP A 1445 22.96 -65.09 29.60
CA ASP A 1445 21.87 -65.09 30.56
C ASP A 1445 22.11 -66.11 31.66
N LYS A 1446 22.49 -67.33 31.28
CA LYS A 1446 22.76 -68.38 32.25
C LYS A 1446 23.96 -68.03 33.11
N VAL A 1447 25.01 -67.46 32.50
CA VAL A 1447 26.20 -67.10 33.26
C VAL A 1447 25.84 -66.07 34.32
N VAL A 1448 25.09 -65.04 33.94
CA VAL A 1448 24.71 -63.99 34.89
C VAL A 1448 23.84 -64.58 35.98
N GLN A 1449 22.84 -65.37 35.61
CA GLN A 1449 21.92 -65.90 36.60
C GLN A 1449 22.64 -66.81 37.59
N GLU A 1450 23.60 -67.60 37.11
CA GLU A 1450 24.35 -68.47 38.00
C GLU A 1450 25.27 -67.66 38.90
N THR A 1451 26.04 -66.73 38.34
CA THR A 1451 27.04 -66.02 39.12
C THR A 1451 26.40 -65.10 40.15
N ILE A 1452 25.29 -64.45 39.80
CA ILE A 1452 24.65 -63.53 40.74
C ILE A 1452 24.20 -64.28 41.98
N ARG A 1453 23.54 -65.43 41.79
CA ARG A 1453 23.07 -66.21 42.93
C ARG A 1453 24.24 -66.84 43.68
N THR A 1454 25.29 -67.26 42.96
CA THR A 1454 26.41 -67.91 43.61
C THR A 1454 27.22 -66.93 44.45
N ALA A 1455 27.28 -65.66 44.02
CA ALA A 1455 28.02 -64.65 44.77
C ALA A 1455 27.16 -64.07 45.89
N PHE A 1456 26.02 -63.49 45.54
CA PHE A 1456 25.15 -62.86 46.52
C PHE A 1456 24.13 -63.86 47.06
N LYS A 1457 24.66 -64.99 47.54
CA LYS A 1457 23.82 -65.97 48.23
C LYS A 1457 23.33 -65.43 49.56
N ASP A 1458 24.03 -64.44 50.14
CA ASP A 1458 23.66 -63.87 51.43
C ASP A 1458 23.20 -62.42 51.31
N ARG A 1459 22.95 -61.94 50.09
CA ARG A 1459 22.52 -60.57 49.88
C ARG A 1459 21.26 -60.55 49.02
N THR A 1460 20.43 -59.54 49.24
CA THR A 1460 19.14 -59.46 48.55
C THR A 1460 19.35 -59.28 47.05
N ILE A 1461 18.48 -59.93 46.28
CA ILE A 1461 18.46 -59.79 44.82
C ILE A 1461 16.99 -59.61 44.42
N LEU A 1462 16.57 -58.36 44.30
CA LEU A 1462 15.23 -58.05 43.80
C LEU A 1462 15.35 -57.76 42.31
N THR A 1463 14.83 -58.66 41.48
CA THR A 1463 15.04 -58.59 40.04
C THR A 1463 13.75 -58.19 39.34
N ILE A 1464 13.89 -57.48 38.23
CA ILE A 1464 12.80 -57.18 37.33
C ILE A 1464 13.00 -58.02 36.08
N ALA A 1465 11.93 -58.66 35.62
CA ALA A 1465 12.05 -59.68 34.59
C ALA A 1465 11.19 -59.33 33.38
N HIS A 1466 11.75 -59.57 32.20
CA HIS A 1466 10.99 -59.62 30.96
C HIS A 1466 10.67 -61.04 30.54
N ARG A 1467 11.38 -62.02 31.08
CA ARG A 1467 11.07 -63.43 30.89
C ARG A 1467 10.76 -64.05 32.25
N LEU A 1468 9.68 -64.83 32.29
CA LEU A 1468 9.16 -65.32 33.56
C LEU A 1468 10.02 -66.38 34.21
N ASN A 1469 11.03 -66.91 33.52
CA ASN A 1469 11.88 -67.93 34.13
C ASN A 1469 12.59 -67.40 35.37
N THR A 1470 13.07 -66.16 35.31
CA THR A 1470 13.72 -65.57 36.49
C THR A 1470 12.72 -65.39 37.62
N ILE A 1471 11.45 -65.17 37.31
CA ILE A 1471 10.42 -65.12 38.35
C ILE A 1471 10.22 -66.50 38.95
N MET A 1472 10.28 -67.53 38.11
CA MET A 1472 10.15 -68.90 38.60
C MET A 1472 11.28 -69.24 39.56
N ASP A 1473 12.50 -68.81 39.24
CA ASP A 1473 13.64 -69.10 40.09
C ASP A 1473 13.73 -68.18 41.30
N SER A 1474 12.85 -67.18 41.41
CA SER A 1474 12.89 -66.24 42.51
C SER A 1474 12.14 -66.77 43.71
N ASP A 1475 12.73 -66.59 44.91
CA ASP A 1475 12.11 -67.08 46.13
C ASP A 1475 10.75 -66.44 46.39
N ARG A 1476 10.50 -65.26 45.84
CA ARG A 1476 9.20 -64.62 45.97
C ARG A 1476 8.95 -63.82 44.71
N ILE A 1477 7.70 -63.79 44.26
CA ILE A 1477 7.33 -63.08 43.04
C ILE A 1477 6.08 -62.26 43.30
N ILE A 1478 6.09 -61.01 42.86
CA ILE A 1478 4.96 -60.12 42.96
C ILE A 1478 4.72 -59.50 41.59
N VAL A 1479 3.50 -59.67 41.07
CA VAL A 1479 3.14 -59.13 39.77
C VAL A 1479 2.59 -57.73 39.96
N LEU A 1480 3.02 -56.81 39.10
CA LEU A 1480 2.62 -55.41 39.20
C LEU A 1480 1.98 -54.98 37.90
N ASP A 1481 0.85 -54.28 38.00
CA ASP A 1481 0.19 -53.70 36.85
C ASP A 1481 -0.63 -52.50 37.29
N ASN A 1482 -0.78 -51.54 36.38
CA ASN A 1482 -1.58 -50.34 36.62
C ASN A 1482 -1.14 -49.62 37.89
N GLY A 1483 0.17 -49.62 38.14
CA GLY A 1483 0.70 -48.94 39.30
C GLY A 1483 0.36 -49.59 40.63
N LYS A 1484 -0.05 -50.86 40.61
CA LYS A 1484 -0.45 -51.55 41.83
C LYS A 1484 0.08 -52.97 41.81
N VAL A 1485 0.43 -53.48 42.99
CA VAL A 1485 0.73 -54.90 43.14
C VAL A 1485 -0.53 -55.68 42.83
N ALA A 1486 -0.45 -56.58 41.85
CA ALA A 1486 -1.64 -57.16 41.26
C ALA A 1486 -2.15 -58.41 41.97
N GLU A 1487 -1.44 -58.89 43.00
CA GLU A 1487 -1.85 -60.11 43.67
C GLU A 1487 -1.06 -60.25 44.97
N PHE A 1488 -1.43 -61.27 45.75
CA PHE A 1488 -0.69 -61.61 46.96
C PHE A 1488 0.64 -62.23 46.57
N ASP A 1489 1.73 -61.55 46.90
CA ASP A 1489 3.06 -62.04 46.54
C ASP A 1489 3.30 -63.43 47.12
N SER A 1490 3.83 -64.32 46.30
CA SER A 1490 4.06 -65.70 46.67
C SER A 1490 5.11 -66.29 45.75
N PRO A 1491 5.74 -67.40 46.13
CA PRO A 1491 6.78 -68.00 45.29
C PRO A 1491 6.24 -68.78 44.10
N GLY A 1492 4.93 -68.79 43.88
CA GLY A 1492 4.33 -69.61 42.85
C GLY A 1492 3.09 -70.32 43.36
N GLN A 1493 2.67 -69.96 44.57
CA GLN A 1493 1.44 -70.53 45.12
C GLN A 1493 0.24 -70.17 44.25
N LEU A 1494 0.16 -68.92 43.80
CA LEU A 1494 -0.95 -68.51 42.94
C LEU A 1494 -0.92 -69.22 41.59
N LEU A 1495 0.27 -69.45 41.03
CA LEU A 1495 0.36 -70.25 39.81
C LEU A 1495 -0.09 -71.69 40.07
N SER A 1496 0.23 -72.22 41.24
CA SER A 1496 -0.14 -73.60 41.56
C SER A 1496 -1.65 -73.75 41.73
N ASP A 1497 -2.29 -72.76 42.37
CA ASP A 1497 -3.69 -72.90 42.74
C ASP A 1497 -4.61 -71.95 41.97
N ASN A 1498 -4.34 -70.64 42.02
CA ASN A 1498 -5.31 -69.66 41.53
C ASN A 1498 -5.33 -69.51 40.02
N LYS A 1499 -4.31 -70.03 39.31
CA LYS A 1499 -4.19 -69.83 37.87
C LYS A 1499 -4.27 -68.35 37.53
N SER A 1500 -3.61 -67.53 38.34
CA SER A 1500 -3.69 -66.09 38.22
C SER A 1500 -3.03 -65.59 36.94
N LEU A 1501 -3.09 -64.27 36.75
CA LEU A 1501 -2.39 -63.65 35.63
C LEU A 1501 -0.90 -63.96 35.68
N PHE A 1502 -0.35 -64.19 36.87
CA PHE A 1502 1.03 -64.65 36.96
C PHE A 1502 1.20 -65.99 36.24
N TYR A 1503 0.22 -66.88 36.39
CA TYR A 1503 0.24 -68.14 35.66
C TYR A 1503 0.03 -67.91 34.17
N SER A 1504 -0.86 -66.98 33.81
CA SER A 1504 -1.09 -66.68 32.40
C SER A 1504 0.17 -66.12 31.73
N LEU A 1505 0.96 -65.35 32.46
CA LEU A 1505 2.19 -64.80 31.92
C LEU A 1505 3.21 -65.90 31.65
N CYS A 1506 3.38 -66.82 32.60
CA CYS A 1506 4.27 -67.95 32.37
C CYS A 1506 3.75 -68.88 31.28
N MET A 1507 2.42 -68.93 31.10
CA MET A 1507 1.85 -69.64 29.97
C MET A 1507 2.22 -68.97 28.65
N GLU A 1508 2.23 -67.65 28.64
CA GLU A 1508 2.58 -66.88 27.46
C GLU A 1508 4.08 -66.99 27.18
N CYS B 10 12.53 49.52 30.16
CA CYS B 10 12.50 50.59 29.17
C CYS B 10 13.19 50.16 27.88
N LYS B 11 14.48 50.45 27.77
CA LYS B 11 15.27 50.08 26.60
C LYS B 11 16.20 48.93 26.98
N LEU B 12 15.90 47.75 26.46
CA LEU B 12 16.69 46.56 26.69
C LEU B 12 17.74 46.33 25.61
N CYS B 13 17.82 47.22 24.62
CA CYS B 13 18.72 47.06 23.51
C CYS B 13 19.74 48.18 23.49
N ARG B 14 20.98 47.83 23.15
CA ARG B 14 22.06 48.80 23.03
C ARG B 14 22.40 49.10 21.58
N SER B 15 21.59 48.69 20.65
CA SER B 15 21.87 49.00 19.27
C SER B 15 21.31 50.38 18.92
N PRO B 16 22.06 51.21 18.20
CA PRO B 16 21.53 52.53 17.82
C PRO B 16 20.28 52.43 16.99
N GLU B 17 20.16 51.37 16.20
CA GLU B 17 19.00 51.10 15.37
C GLU B 17 18.00 50.36 16.25
N GLY B 18 17.05 51.08 16.83
CA GLY B 18 16.35 50.59 17.99
C GLY B 18 15.35 49.48 17.69
N PHE B 19 14.43 49.29 18.62
CA PHE B 19 13.40 48.27 18.51
C PHE B 19 12.48 48.50 17.32
N GLY B 20 12.66 49.60 16.60
CA GLY B 20 11.84 49.90 15.45
C GLY B 20 11.73 48.68 14.57
N PRO B 21 10.50 48.19 14.39
CA PRO B 21 10.34 46.91 13.69
C PRO B 21 10.91 46.92 12.31
N ILE B 22 10.94 48.07 11.65
CA ILE B 22 11.48 48.19 10.31
C ILE B 22 12.63 49.17 10.35
N SER B 23 13.79 48.73 9.91
CA SER B 23 14.98 49.56 10.00
C SER B 23 15.00 50.57 8.87
N PHE B 24 16.09 51.31 8.77
CA PHE B 24 16.25 52.22 7.63
C PHE B 24 16.20 51.44 6.33
N TYR B 25 16.88 50.32 6.29
CA TYR B 25 16.69 49.36 5.22
C TYR B 25 15.37 48.68 5.47
N GLY B 26 14.89 47.90 4.49
CA GLY B 26 13.57 47.36 4.75
C GLY B 26 13.51 46.31 5.84
N ASP B 27 14.66 45.80 6.28
CA ASP B 27 14.67 44.62 7.12
C ASP B 27 14.20 44.92 8.53
N PHE B 28 13.96 43.87 9.29
CA PHE B 28 13.72 44.02 10.71
C PHE B 28 15.03 44.28 11.41
N THR B 29 15.03 45.20 12.38
CA THR B 29 16.25 45.50 13.10
C THR B 29 16.77 44.26 13.81
N GLN B 30 18.04 44.30 14.21
CA GLN B 30 18.57 43.21 15.01
C GLN B 30 17.87 43.12 16.35
N CYS B 31 17.60 44.26 16.97
CA CYS B 31 16.84 44.26 18.20
C CYS B 31 15.49 43.63 18.01
N PHE B 32 14.82 43.89 16.89
CA PHE B 32 13.51 43.30 16.69
C PHE B 32 13.61 41.81 16.44
N ILE B 33 14.54 41.38 15.61
CA ILE B 33 14.65 39.97 15.27
C ILE B 33 14.91 39.14 16.51
N ASP B 34 15.92 39.53 17.29
CA ASP B 34 16.26 38.78 18.49
C ASP B 34 15.27 39.02 19.62
N GLY B 35 14.69 40.21 19.69
CA GLY B 35 13.89 40.56 20.84
C GLY B 35 12.47 40.05 20.79
N VAL B 36 11.85 40.04 19.61
CA VAL B 36 10.45 39.68 19.51
C VAL B 36 10.23 38.50 18.56
N ILE B 37 10.86 38.49 17.39
CA ILE B 37 10.62 37.37 16.49
C ILE B 37 11.14 36.08 17.09
N LEU B 38 12.45 35.99 17.28
CA LEU B 38 13.01 34.74 17.80
C LEU B 38 12.69 34.54 19.27
N ASN B 39 12.61 35.62 20.04
CA ASN B 39 12.26 35.47 21.45
C ASN B 39 10.83 34.99 21.62
N LEU B 40 9.89 35.53 20.83
CA LEU B 40 8.52 35.03 20.92
C LEU B 40 8.39 33.65 20.30
N SER B 41 9.22 33.32 19.32
CA SER B 41 9.23 31.95 18.82
C SER B 41 9.65 30.98 19.91
N ALA B 42 10.70 31.34 20.65
CA ALA B 42 11.17 30.49 21.74
C ALA B 42 10.13 30.38 22.84
N ILE B 43 9.50 31.49 23.21
CA ILE B 43 8.48 31.43 24.25
C ILE B 43 7.23 30.68 23.78
N PHE B 44 6.89 30.79 22.50
CA PHE B 44 5.81 29.98 21.94
C PHE B 44 6.13 28.52 22.08
N MET B 45 7.36 28.12 21.74
CA MET B 45 7.73 26.72 21.92
C MET B 45 7.68 26.31 23.38
N ILE B 46 8.31 27.07 24.29
CA ILE B 46 8.21 26.70 25.70
C ILE B 46 6.75 26.51 26.07
N THR B 47 5.96 27.55 25.92
CA THR B 47 4.60 27.56 26.47
C THR B 47 3.74 26.45 25.89
N PHE B 48 3.82 26.23 24.58
CA PHE B 48 2.91 25.27 23.96
C PHE B 48 3.54 23.90 23.75
N GLY B 49 4.83 23.82 23.47
CA GLY B 49 5.49 22.53 23.40
C GLY B 49 5.58 21.82 24.73
N ILE B 50 5.73 22.55 25.84
CA ILE B 50 5.64 21.89 27.14
C ILE B 50 4.26 21.29 27.32
N ARG B 51 3.22 22.05 26.98
CA ARG B 51 1.87 21.54 27.07
C ARG B 51 1.69 20.30 26.21
N ASP B 52 2.11 20.36 24.95
CA ASP B 52 1.94 19.21 24.05
C ASP B 52 2.77 18.04 24.51
N LEU B 53 3.96 18.30 25.06
CA LEU B 53 4.81 17.24 25.57
C LEU B 53 4.13 16.51 26.72
N VAL B 54 3.59 17.28 27.67
CA VAL B 54 2.87 16.71 28.79
C VAL B 54 1.69 15.88 28.29
N ASN B 55 0.88 16.46 27.39
CA ASN B 55 -0.29 15.74 26.92
C ASN B 55 0.09 14.47 26.19
N LEU B 56 1.13 14.52 25.37
CA LEU B 56 1.54 13.33 24.63
C LEU B 56 2.10 12.26 25.55
N CYS B 57 2.73 12.65 26.66
CA CYS B 57 3.13 11.64 27.63
C CYS B 57 1.93 11.02 28.32
N LYS B 58 0.98 11.86 28.75
CA LYS B 58 -0.11 11.37 29.57
C LYS B 58 -1.18 10.64 28.78
N LYS B 59 -1.25 10.85 27.46
CA LYS B 59 -2.32 10.26 26.67
C LYS B 59 -2.22 8.75 26.63
N LYS B 60 -1.01 8.21 26.57
CA LYS B 60 -0.83 6.77 26.43
C LYS B 60 0.53 6.40 27.00
N HIS B 61 0.60 5.19 27.54
CA HIS B 61 1.87 4.68 28.06
C HIS B 61 2.87 4.39 26.95
N SER B 62 2.39 3.93 25.80
CA SER B 62 3.26 3.46 24.73
C SER B 62 2.76 4.01 23.39
N GLY B 63 3.63 4.00 22.40
CA GLY B 63 3.34 4.59 21.12
C GLY B 63 2.46 3.72 20.23
N ILE B 64 2.13 4.29 19.07
CA ILE B 64 1.34 3.59 18.05
C ILE B 64 2.22 2.75 17.13
N LYS B 65 3.53 2.66 17.43
CA LYS B 65 4.47 1.81 16.68
C LYS B 65 4.69 2.33 15.26
N TYR B 66 4.95 3.62 15.14
CA TYR B 66 5.51 4.15 13.91
C TYR B 66 6.96 3.73 13.78
N ARG B 67 7.38 3.50 12.55
CA ARG B 67 8.68 2.91 12.28
C ARG B 67 9.76 3.99 12.36
N ARG B 68 10.69 3.83 13.30
CA ARG B 68 11.79 4.77 13.41
C ARG B 68 12.62 4.75 12.14
N ASN B 69 12.93 5.93 11.64
CA ASN B 69 13.31 6.09 10.24
C ASN B 69 14.43 7.10 10.12
N TRP B 70 15.05 7.06 8.94
CA TRP B 70 16.00 8.08 8.52
C TRP B 70 15.42 9.48 8.76
N ILE B 71 14.11 9.62 8.71
CA ILE B 71 13.51 10.92 8.95
C ILE B 71 13.56 11.27 10.43
N ILE B 72 13.19 10.36 11.33
CA ILE B 72 13.29 10.74 12.74
C ILE B 72 14.74 10.91 13.17
N VAL B 73 15.65 10.11 12.63
CA VAL B 73 17.04 10.27 13.01
C VAL B 73 17.62 11.54 12.44
N SER B 74 17.14 12.00 11.29
CA SER B 74 17.62 13.27 10.77
C SER B 74 17.00 14.43 11.52
N ARG B 75 15.76 14.33 11.95
CA ARG B 75 15.19 15.38 12.79
C ARG B 75 15.97 15.50 14.09
N MET B 76 16.26 14.38 14.74
CA MET B 76 17.00 14.48 16.00
C MET B 76 18.43 14.96 15.79
N ALA B 77 19.10 14.47 14.74
CA ALA B 77 20.44 14.95 14.45
C ALA B 77 20.44 16.43 14.12
N LEU B 78 19.52 16.87 13.28
CA LEU B 78 19.49 18.27 12.89
C LEU B 78 19.06 19.18 14.04
N VAL B 79 18.21 18.70 14.94
CA VAL B 79 17.90 19.49 16.12
C VAL B 79 19.13 19.62 17.00
N LEU B 80 19.88 18.53 17.18
CA LEU B 80 21.11 18.64 17.94
C LEU B 80 22.10 19.55 17.24
N LEU B 81 22.10 19.53 15.91
CA LEU B 81 22.97 20.40 15.16
C LEU B 81 22.58 21.86 15.34
N GLU B 82 21.30 22.15 15.37
CA GLU B 82 20.84 23.50 15.63
C GLU B 82 21.21 23.93 17.03
N ILE B 83 21.15 23.01 17.99
CA ILE B 83 21.65 23.32 19.33
C ILE B 83 23.12 23.66 19.27
N ALA B 84 23.87 22.93 18.45
CA ALA B 84 25.30 23.22 18.30
C ALA B 84 25.51 24.63 17.76
N PHE B 85 24.78 24.99 16.71
CA PHE B 85 24.96 26.31 16.11
C PHE B 85 24.52 27.40 17.06
N VAL B 86 23.44 27.19 17.81
CA VAL B 86 23.02 28.22 18.75
C VAL B 86 24.05 28.36 19.87
N SER B 87 24.64 27.27 20.31
CA SER B 87 25.67 27.37 21.34
C SER B 87 26.91 28.09 20.81
N LEU B 88 27.33 27.78 19.59
CA LEU B 88 28.47 28.47 19.02
C LEU B 88 28.18 29.95 18.84
N ALA B 89 26.95 30.29 18.44
CA ALA B 89 26.59 31.70 18.35
C ALA B 89 26.59 32.34 19.73
N SER B 90 26.14 31.61 20.75
CA SER B 90 26.15 32.17 22.10
C SER B 90 27.55 32.46 22.57
N LEU B 91 28.51 31.64 22.18
CA LEU B 91 29.89 31.93 22.53
C LEU B 91 30.47 33.04 21.69
N ASN B 92 30.04 33.16 20.44
CA ASN B 92 30.51 34.23 19.56
C ASN B 92 30.03 35.59 20.00
N ILE B 93 29.31 35.69 21.12
CA ILE B 93 28.89 36.99 21.61
C ILE B 93 30.11 37.78 22.05
N SER B 94 30.22 39.01 21.55
CA SER B 94 31.27 39.91 21.98
C SER B 94 30.89 40.56 23.30
N LYS B 95 31.87 41.18 23.96
CA LYS B 95 31.60 41.87 25.22
C LYS B 95 30.54 42.95 25.03
N GLU B 96 30.57 43.64 23.88
CA GLU B 96 29.54 44.63 23.61
C GLU B 96 28.17 43.98 23.49
N GLU B 97 28.07 42.92 22.70
CA GLU B 97 26.77 42.29 22.49
C GLU B 97 26.24 41.66 23.76
N ALA B 98 27.13 41.23 24.65
CA ALA B 98 26.69 40.68 25.92
C ALA B 98 25.94 41.70 26.75
N GLU B 99 26.13 42.99 26.46
CA GLU B 99 25.31 44.03 27.07
C GLU B 99 23.98 44.23 26.36
N ASN B 100 23.77 43.55 25.25
CA ASN B 100 22.51 43.64 24.51
C ASN B 100 21.57 42.59 25.06
N PHE B 101 20.64 43.03 25.91
CA PHE B 101 19.73 42.08 26.54
C PHE B 101 18.92 41.33 25.50
N THR B 102 18.55 42.00 24.41
CA THR B 102 17.82 41.30 23.35
C THR B 102 18.61 40.12 22.83
N ILE B 103 19.89 40.31 22.53
CA ILE B 103 20.71 39.22 22.01
C ILE B 103 20.84 38.11 23.03
N VAL B 104 21.22 38.46 24.26
CA VAL B 104 21.48 37.41 25.24
C VAL B 104 20.21 36.65 25.58
N SER B 105 19.09 37.37 25.72
CA SER B 105 17.83 36.72 26.01
C SER B 105 17.40 35.83 24.86
N GLN B 106 17.59 36.29 23.62
CA GLN B 106 17.23 35.46 22.48
C GLN B 106 18.00 34.15 22.54
N TYR B 107 19.30 34.22 22.81
CA TYR B 107 20.09 32.99 22.80
C TYR B 107 19.73 32.05 23.95
N ALA B 108 19.53 32.59 25.15
CA ALA B 108 19.14 31.73 26.26
C ALA B 108 17.79 31.08 25.99
N SER B 109 16.81 31.90 25.63
CA SER B 109 15.47 31.40 25.40
C SER B 109 15.44 30.41 24.25
N THR B 110 16.20 30.66 23.19
CA THR B 110 16.15 29.76 22.06
C THR B 110 16.85 28.45 22.38
N MET B 111 17.86 28.45 23.25
CA MET B 111 18.42 27.18 23.68
C MET B 111 17.39 26.38 24.46
N LEU B 112 16.69 27.04 25.36
CA LEU B 112 15.69 26.31 26.14
C LEU B 112 14.60 25.75 25.22
N SER B 113 14.15 26.56 24.26
CA SER B 113 13.15 26.07 23.32
C SER B 113 13.68 24.94 22.46
N LEU B 114 14.97 24.95 22.13
CA LEU B 114 15.51 23.86 21.34
C LEU B 114 15.51 22.55 22.12
N PHE B 115 15.83 22.62 23.41
CA PHE B 115 15.72 21.39 24.20
C PHE B 115 14.29 20.89 24.25
N VAL B 116 13.35 21.80 24.46
CA VAL B 116 11.94 21.38 24.45
C VAL B 116 11.59 20.77 23.10
N ALA B 117 12.07 21.36 22.01
CA ALA B 117 11.77 20.84 20.68
C ALA B 117 12.38 19.47 20.45
N LEU B 118 13.55 19.21 21.00
CA LEU B 118 14.15 17.89 20.85
C LEU B 118 13.31 16.85 21.57
N ALA B 119 12.93 17.14 22.81
CA ALA B 119 12.03 16.23 23.53
C ALA B 119 10.75 16.03 22.76
N LEU B 120 10.23 17.09 22.15
CA LEU B 120 8.93 17.01 21.49
C LEU B 120 9.01 16.22 20.20
N HIS B 121 10.12 16.33 19.46
CA HIS B 121 10.33 15.41 18.35
C HIS B 121 10.31 13.97 18.82
N TRP B 122 11.09 13.66 19.85
CA TRP B 122 11.17 12.27 20.26
C TRP B 122 9.81 11.71 20.63
N ILE B 123 9.04 12.47 21.38
CA ILE B 123 7.76 11.96 21.84
C ILE B 123 6.74 11.95 20.71
N GLU B 124 6.54 13.10 20.08
CA GLU B 124 5.68 13.22 18.91
C GLU B 124 5.80 12.04 17.95
N TYR B 125 7.02 11.66 17.59
CA TYR B 125 7.18 10.62 16.58
C TYR B 125 6.41 9.37 16.93
N ASP B 126 6.48 8.93 18.18
CA ASP B 126 5.74 7.75 18.59
C ASP B 126 4.25 8.03 18.78
N ARG B 127 3.91 9.20 19.32
CA ARG B 127 2.59 9.35 19.90
C ARG B 127 1.56 10.04 19.02
N SER B 128 1.95 10.73 17.95
CA SER B 128 0.98 11.52 17.20
C SER B 128 1.00 11.14 15.72
N VAL B 129 -0.18 11.04 15.12
CA VAL B 129 -0.29 10.70 13.71
C VAL B 129 0.12 11.87 12.82
N VAL B 130 -0.27 13.07 13.19
CA VAL B 130 0.06 14.26 12.41
C VAL B 130 1.38 14.83 12.91
N ALA B 131 2.17 15.37 11.98
CA ALA B 131 3.34 16.12 12.39
C ALA B 131 2.90 17.27 13.28
N ASN B 132 3.58 17.43 14.40
CA ASN B 132 2.99 18.21 15.47
C ASN B 132 2.94 19.69 15.12
N THR B 133 1.87 20.35 15.55
CA THR B 133 1.61 21.72 15.15
C THR B 133 2.61 22.70 15.72
N VAL B 134 2.83 22.63 17.04
CA VAL B 134 3.76 23.59 17.63
C VAL B 134 5.17 23.38 17.11
N LEU B 135 5.54 22.13 16.81
CA LEU B 135 6.84 21.91 16.17
C LEU B 135 6.91 22.58 14.81
N LEU B 136 5.89 22.36 13.98
CA LEU B 136 5.91 22.95 12.65
C LEU B 136 5.98 24.47 12.71
N PHE B 137 5.17 25.08 13.56
CA PHE B 137 5.21 26.53 13.63
C PHE B 137 6.48 27.03 14.29
N TYR B 138 7.04 26.28 15.22
CA TYR B 138 8.30 26.69 15.79
C TYR B 138 9.40 26.69 14.75
N TRP B 139 9.47 25.66 13.92
CA TRP B 139 10.51 25.65 12.92
C TRP B 139 10.21 26.59 11.79
N LEU B 140 8.97 27.03 11.64
CA LEU B 140 8.72 28.03 10.63
C LEU B 140 8.97 29.44 11.13
N PHE B 141 8.84 29.66 12.43
CA PHE B 141 9.24 30.93 13.01
C PHE B 141 10.74 30.99 13.16
N GLU B 142 11.38 29.87 13.43
CA GLU B 142 12.83 29.89 13.56
C GLU B 142 13.48 30.02 12.19
N THR B 143 12.98 29.31 11.19
CA THR B 143 13.57 29.47 9.86
C THR B 143 13.36 30.86 9.31
N PHE B 144 12.38 31.60 9.83
CA PHE B 144 12.11 32.95 9.37
C PHE B 144 12.80 34.01 10.20
N GLY B 145 12.82 33.86 11.52
CA GLY B 145 13.63 34.72 12.33
C GLY B 145 15.10 34.63 11.97
N ASN B 146 15.59 33.41 11.71
CA ASN B 146 16.97 33.24 11.34
C ASN B 146 17.22 33.67 9.91
N PHE B 147 16.25 33.51 9.02
CA PHE B 147 16.46 34.03 7.68
C PHE B 147 16.40 35.53 7.62
N ALA B 148 15.63 36.16 8.51
CA ALA B 148 15.60 37.61 8.53
C ALA B 148 16.78 38.17 9.32
N LYS B 149 17.34 37.39 10.24
CA LYS B 149 18.62 37.76 10.82
C LYS B 149 19.74 37.66 9.81
N LEU B 150 19.72 36.63 8.97
CA LEU B 150 20.72 36.52 7.91
C LEU B 150 20.62 37.70 6.97
N ILE B 151 19.41 38.06 6.57
CA ILE B 151 19.19 39.22 5.72
C ILE B 151 19.69 40.48 6.40
N ASN B 152 19.40 40.62 7.70
CA ASN B 152 19.84 41.79 8.43
C ASN B 152 21.35 41.91 8.45
N ILE B 153 22.03 40.82 8.83
CA ILE B 153 23.49 40.82 8.88
C ILE B 153 24.06 41.17 7.52
N LEU B 154 23.48 40.60 6.47
CA LEU B 154 24.04 40.75 5.14
C LEU B 154 23.83 42.16 4.62
N ILE B 155 22.68 42.75 4.89
CA ILE B 155 22.41 44.13 4.51
C ILE B 155 23.34 45.08 5.23
N ARG B 156 23.53 44.86 6.54
CA ARG B 156 24.46 45.70 7.29
C ARG B 156 25.87 45.57 6.73
N HIS B 157 26.30 44.36 6.41
CA HIS B 157 27.58 44.20 5.76
C HIS B 157 27.65 45.02 4.48
N THR B 158 26.68 44.86 3.61
CA THR B 158 26.78 45.48 2.30
C THR B 158 26.75 47.01 2.37
N TYR B 159 26.01 47.59 3.32
CA TYR B 159 25.96 49.04 3.39
C TYR B 159 26.92 49.64 4.41
N GLU B 160 26.91 49.18 5.64
CA GLU B 160 27.77 49.76 6.64
C GLU B 160 29.17 49.16 6.66
N GLY B 161 29.42 48.12 5.87
CA GLY B 161 30.73 47.57 5.72
C GLY B 161 31.17 46.62 6.80
N ILE B 162 30.40 46.44 7.85
CA ILE B 162 30.83 45.67 9.02
C ILE B 162 29.81 44.61 9.35
N TRP B 163 30.29 43.44 9.71
CA TRP B 163 29.44 42.39 10.25
C TRP B 163 29.19 42.65 11.72
N TYR B 164 27.93 42.58 12.14
CA TYR B 164 27.59 42.82 13.54
C TYR B 164 27.78 41.62 14.44
N SER B 165 28.22 40.49 13.92
CA SER B 165 28.62 39.41 14.80
C SER B 165 29.92 38.78 14.35
N GLY B 166 30.65 39.43 13.46
CA GLY B 166 31.82 38.84 12.87
C GLY B 166 31.44 37.91 11.73
N GLN B 167 32.42 37.60 10.89
CA GLN B 167 32.04 36.73 9.80
C GLN B 167 31.72 35.34 10.30
N THR B 168 32.21 34.96 11.47
CA THR B 168 31.80 33.68 12.03
C THR B 168 30.37 33.73 12.53
N GLY B 169 29.91 34.86 13.06
CA GLY B 169 28.52 34.97 13.42
C GLY B 169 27.62 34.91 12.21
N PHE B 170 28.05 35.53 11.11
CA PHE B 170 27.30 35.40 9.87
C PHE B 170 27.21 33.94 9.44
N ILE B 171 28.33 33.22 9.51
CA ILE B 171 28.32 31.84 9.06
C ILE B 171 27.40 31.00 9.94
N LEU B 172 27.45 31.22 11.25
CA LEU B 172 26.55 30.49 12.13
C LEU B 172 25.10 30.80 11.83
N THR B 173 24.79 32.05 11.53
CA THR B 173 23.42 32.37 11.17
C THR B 173 23.01 31.70 9.88
N LEU B 174 23.91 31.65 8.90
CA LEU B 174 23.57 30.99 7.65
C LEU B 174 23.32 29.51 7.88
N PHE B 175 24.15 28.86 8.69
CA PHE B 175 23.89 27.47 9.01
C PHE B 175 22.63 27.28 9.82
N GLN B 176 22.28 28.24 10.66
CA GLN B 176 21.01 28.13 11.36
C GLN B 176 19.84 28.22 10.39
N VAL B 177 19.94 29.09 9.40
CA VAL B 177 18.90 29.14 8.39
C VAL B 177 18.78 27.80 7.70
N ILE B 178 19.90 27.24 7.26
CA ILE B 178 19.86 25.98 6.53
C ILE B 178 19.32 24.87 7.42
N THR B 179 19.82 24.78 8.64
CA THR B 179 19.41 23.72 9.54
C THR B 179 17.93 23.81 9.89
N CYS B 180 17.45 25.01 10.23
CA CYS B 180 16.05 25.17 10.57
C CYS B 180 15.16 24.93 9.36
N ALA B 181 15.60 25.33 8.18
CA ALA B 181 14.83 25.02 6.99
C ALA B 181 14.75 23.52 6.78
N SER B 182 15.86 22.81 7.01
CA SER B 182 15.85 21.37 6.85
C SER B 182 14.93 20.71 7.86
N ILE B 183 14.97 21.15 9.12
CA ILE B 183 14.11 20.54 10.12
C ILE B 183 12.66 20.83 9.80
N LEU B 184 12.38 22.01 9.30
CA LEU B 184 11.02 22.35 8.93
C LEU B 184 10.54 21.46 7.80
N LEU B 185 11.39 21.22 6.81
CA LEU B 185 11.02 20.30 5.74
C LEU B 185 10.82 18.89 6.26
N LEU B 186 11.64 18.45 7.20
CA LEU B 186 11.52 17.09 7.69
C LEU B 186 10.30 16.91 8.58
N GLU B 187 9.83 17.97 9.22
CA GLU B 187 8.50 17.95 9.83
C GLU B 187 7.40 17.92 8.78
N ALA B 188 7.46 18.84 7.82
CA ALA B 188 6.35 19.00 6.92
C ALA B 188 6.20 17.83 5.96
N LEU B 189 7.20 17.60 5.13
CA LEU B 189 7.01 16.70 4.00
C LEU B 189 6.90 15.23 4.43
N PRO B 190 7.94 14.62 5.06
CA PRO B 190 7.86 13.19 5.42
C PRO B 190 6.54 12.66 5.96
N LYS B 191 6.03 11.64 5.30
CA LYS B 191 5.02 10.79 5.90
C LYS B 191 5.63 9.99 7.03
N LYS B 192 4.81 9.68 8.03
CA LYS B 192 5.27 8.80 9.08
C LYS B 192 4.97 7.37 8.67
N PRO B 193 5.97 6.50 8.51
CA PRO B 193 5.71 5.12 8.10
C PRO B 193 5.08 4.32 9.24
N LEU B 194 4.44 3.22 8.86
CA LEU B 194 3.89 2.28 9.81
C LEU B 194 4.38 0.88 9.47
N MET B 195 4.78 0.15 10.48
CA MET B 195 5.23 -1.22 10.33
C MET B 195 4.07 -2.18 10.57
N PRO B 196 4.16 -3.43 10.07
CA PRO B 196 3.14 -4.47 10.31
C PRO B 196 2.77 -4.62 11.78
N THR B 205 -12.83 -3.00 1.26
CA THR B 205 -14.01 -2.61 0.51
C THR B 205 -14.58 -1.30 1.07
N ARG B 206 -14.31 -1.06 2.34
CA ARG B 206 -14.72 0.19 2.96
C ARG B 206 -13.94 1.35 2.37
N ARG B 207 -14.48 2.55 2.51
CA ARG B 207 -13.85 3.75 1.99
C ARG B 207 -13.03 4.45 3.07
N LYS B 208 -11.93 5.03 2.64
CA LYS B 208 -10.81 5.32 3.52
C LYS B 208 -11.08 6.53 4.40
N PRO B 209 -10.37 6.64 5.52
CA PRO B 209 -10.56 7.80 6.39
C PRO B 209 -10.02 9.07 5.76
N ASN B 210 -10.64 10.18 6.17
CA ASN B 210 -10.47 11.46 5.50
C ASN B 210 -9.08 12.00 5.82
N PRO B 211 -8.37 12.58 4.85
CA PRO B 211 -7.03 13.09 5.15
C PRO B 211 -7.01 14.35 5.98
N TYR B 212 -8.13 15.05 6.12
CA TYR B 212 -8.11 16.21 7.01
C TYR B 212 -7.74 15.82 8.43
N ASP B 213 -7.89 14.56 8.78
CA ASP B 213 -7.55 14.10 10.11
C ASP B 213 -6.09 13.71 10.21
N SER B 214 -5.47 13.37 9.10
CA SER B 214 -4.06 12.97 9.06
C SER B 214 -3.22 14.00 8.31
N ALA B 215 -3.52 15.28 8.51
CA ALA B 215 -2.80 16.34 7.82
C ALA B 215 -2.27 17.34 8.84
N ASN B 216 -0.98 17.59 8.80
CA ASN B 216 -0.36 18.52 9.72
C ASN B 216 -0.80 19.93 9.39
N ILE B 217 -0.60 20.85 10.33
CA ILE B 217 -1.17 22.19 10.20
C ILE B 217 -0.78 22.84 8.88
N PHE B 218 0.35 22.46 8.31
CA PHE B 218 0.74 23.05 7.04
C PHE B 218 -0.11 22.52 5.89
N SER B 219 -0.50 21.26 5.93
CA SER B 219 -1.43 20.77 4.94
C SER B 219 -2.84 21.22 5.21
N ARG B 220 -3.18 21.50 6.46
CA ARG B 220 -4.48 22.08 6.74
C ARG B 220 -4.54 23.51 6.28
N ILE B 221 -3.39 24.18 6.19
CA ILE B 221 -3.36 25.56 5.74
C ILE B 221 -3.32 25.65 4.22
N THR B 222 -2.50 24.83 3.57
CA THR B 222 -2.42 24.85 2.11
C THR B 222 -3.40 23.90 1.45
N PHE B 223 -4.30 23.31 2.23
CA PHE B 223 -5.32 22.40 1.73
C PHE B 223 -4.73 21.31 0.85
N SER B 224 -3.49 20.94 1.13
CA SER B 224 -2.79 19.99 0.30
C SER B 224 -3.12 18.56 0.65
N TRP B 225 -4.08 18.34 1.55
CA TRP B 225 -4.59 17.00 1.75
C TRP B 225 -5.64 16.65 0.71
N MET B 226 -6.12 17.64 -0.03
CA MET B 226 -7.05 17.42 -1.12
C MET B 226 -6.36 16.95 -2.38
N SER B 227 -5.04 16.92 -2.39
CA SER B 227 -4.33 16.59 -3.61
C SER B 227 -4.62 15.17 -4.06
N GLY B 228 -4.76 14.23 -3.12
CA GLY B 228 -5.06 12.87 -3.51
C GLY B 228 -6.38 12.75 -4.23
N LEU B 229 -7.41 13.37 -3.68
CA LEU B 229 -8.72 13.32 -4.32
C LEU B 229 -8.76 14.16 -5.57
N MET B 230 -7.88 15.16 -5.67
CA MET B 230 -7.80 15.93 -6.90
C MET B 230 -7.15 15.12 -8.00
N LYS B 231 -6.25 14.22 -7.64
CA LYS B 231 -5.65 13.33 -8.62
C LYS B 231 -6.64 12.27 -9.06
N THR B 232 -7.30 11.64 -8.09
CA THR B 232 -8.21 10.56 -8.42
C THR B 232 -9.28 11.03 -9.38
N GLY B 233 -9.83 12.22 -9.13
CA GLY B 233 -10.88 12.71 -9.99
C GLY B 233 -10.37 13.12 -11.36
N TYR B 234 -9.10 13.51 -11.45
CA TYR B 234 -8.52 13.81 -12.75
C TYR B 234 -8.29 12.56 -13.54
N GLU B 235 -8.07 11.44 -12.86
CA GLU B 235 -7.80 10.20 -13.56
C GLU B 235 -9.07 9.48 -13.95
N LYS B 236 -9.97 9.25 -13.00
CA LYS B 236 -11.14 8.43 -13.19
C LYS B 236 -12.38 9.19 -12.75
N TYR B 237 -13.53 8.78 -13.28
CA TYR B 237 -14.79 9.38 -12.90
C TYR B 237 -15.13 8.96 -11.48
N LEU B 238 -15.13 9.92 -10.56
CA LEU B 238 -15.34 9.61 -9.16
C LEU B 238 -16.74 9.03 -8.94
N VAL B 239 -16.83 8.13 -7.96
CA VAL B 239 -18.09 7.55 -7.52
C VAL B 239 -18.06 7.52 -6.00
N GLU B 240 -19.25 7.42 -5.41
CA GLU B 240 -19.41 7.59 -3.97
C GLU B 240 -18.45 6.75 -3.15
N ALA B 241 -17.87 5.71 -3.73
CA ALA B 241 -16.88 4.93 -3.02
C ALA B 241 -15.52 5.59 -3.01
N ASP B 242 -15.23 6.49 -3.95
CA ASP B 242 -13.94 7.14 -3.97
C ASP B 242 -13.79 8.19 -2.89
N LEU B 243 -14.89 8.71 -2.37
CA LEU B 243 -14.82 9.81 -1.42
C LEU B 243 -14.39 9.29 -0.06
N TYR B 244 -13.42 9.96 0.54
CA TYR B 244 -13.05 9.62 1.90
C TYR B 244 -14.21 9.91 2.82
N LYS B 245 -14.32 9.15 3.90
CA LYS B 245 -15.38 9.37 4.86
C LYS B 245 -15.20 10.72 5.53
N LEU B 246 -16.13 11.08 6.37
CA LEU B 246 -16.13 12.41 6.94
C LEU B 246 -15.06 12.54 8.02
N PRO B 247 -14.67 13.75 8.36
CA PRO B 247 -13.73 13.92 9.48
C PRO B 247 -14.32 13.52 10.81
N ARG B 248 -13.58 13.77 11.89
CA ARG B 248 -13.97 13.24 13.19
C ARG B 248 -15.36 13.72 13.61
N ASN B 249 -15.59 15.02 13.55
CA ASN B 249 -16.77 15.59 14.19
C ASN B 249 -17.83 16.00 13.18
N PHE B 250 -17.90 15.33 12.04
CA PHE B 250 -18.90 15.64 11.04
C PHE B 250 -20.09 14.70 11.04
N SER B 251 -20.08 13.65 11.86
CA SER B 251 -21.19 12.72 11.85
C SER B 251 -22.47 13.43 12.24
N SER B 252 -23.52 13.19 11.45
CA SER B 252 -24.78 13.86 11.75
C SER B 252 -25.33 13.43 13.10
N GLU B 253 -25.04 12.20 13.52
CA GLU B 253 -25.42 11.78 14.87
C GLU B 253 -24.81 12.70 15.91
N GLU B 254 -23.50 12.86 15.86
CA GLU B 254 -22.81 13.65 16.87
C GLU B 254 -23.29 15.09 16.83
N LEU B 255 -23.41 15.65 15.63
CA LEU B 255 -23.84 17.05 15.53
C LEU B 255 -25.26 17.23 16.01
N SER B 256 -26.14 16.30 15.67
CA SER B 256 -27.53 16.42 16.10
C SER B 256 -27.65 16.34 17.60
N GLN B 257 -26.93 15.41 18.23
CA GLN B 257 -26.98 15.35 19.68
C GLN B 257 -26.37 16.59 20.31
N LYS B 258 -25.28 17.09 19.74
CA LYS B 258 -24.62 18.27 20.26
C LYS B 258 -25.55 19.47 20.24
N LEU B 259 -26.27 19.65 19.14
CA LEU B 259 -27.21 20.75 19.05
C LEU B 259 -28.47 20.47 19.85
N GLU B 260 -28.82 19.21 20.02
CA GLU B 260 -30.05 18.88 20.73
C GLU B 260 -29.91 19.15 22.21
N LYS B 261 -28.73 18.89 22.78
CA LYS B 261 -28.51 19.23 24.17
C LYS B 261 -28.79 20.70 24.41
N ASN B 262 -28.22 21.55 23.57
CA ASN B 262 -28.43 22.98 23.72
C ASN B 262 -29.85 23.39 23.39
N TRP B 263 -30.50 22.71 22.46
CA TRP B 263 -31.88 23.08 22.16
C TRP B 263 -32.79 22.76 23.34
N GLU B 264 -32.57 21.62 23.98
CA GLU B 264 -33.33 21.29 25.17
C GLU B 264 -33.01 22.25 26.31
N ASN B 265 -31.73 22.61 26.47
CA ASN B 265 -31.40 23.60 27.49
C ASN B 265 -32.12 24.90 27.23
N GLU B 266 -32.21 25.31 25.97
CA GLU B 266 -32.93 26.54 25.65
C GLU B 266 -34.40 26.40 26.00
N LEU B 267 -35.01 25.27 25.63
CA LEU B 267 -36.44 25.12 25.84
C LEU B 267 -36.79 25.01 27.32
N LYS B 268 -35.93 24.40 28.11
CA LYS B 268 -36.21 24.24 29.53
C LYS B 268 -35.66 25.36 30.39
N GLN B 269 -34.87 26.26 29.82
CA GLN B 269 -34.25 27.33 30.59
C GLN B 269 -34.87 28.69 30.33
N LYS B 270 -35.34 28.96 29.11
CA LYS B 270 -35.71 30.31 28.76
C LYS B 270 -37.21 30.43 28.54
N SER B 271 -37.76 31.56 28.97
CA SER B 271 -39.16 31.87 28.69
C SER B 271 -39.40 32.06 27.21
N ASN B 272 -38.40 32.56 26.48
CA ASN B 272 -38.50 32.79 25.04
C ASN B 272 -37.33 32.07 24.40
N PRO B 273 -37.42 30.74 24.25
CA PRO B 273 -36.33 30.00 23.63
C PRO B 273 -36.12 30.46 22.20
N SER B 274 -34.86 30.49 21.79
CA SER B 274 -34.49 30.96 20.47
C SER B 274 -33.56 29.95 19.82
N LEU B 275 -34.03 29.35 18.73
CA LEU B 275 -33.19 28.40 18.00
C LEU B 275 -31.93 29.08 17.51
N SER B 276 -31.99 30.37 17.22
CA SER B 276 -30.79 31.09 16.81
C SER B 276 -29.71 30.98 17.88
N TRP B 277 -30.06 31.24 19.13
CA TRP B 277 -29.05 31.16 20.18
C TRP B 277 -28.70 29.71 20.47
N ALA B 278 -29.59 28.77 20.21
CA ALA B 278 -29.21 27.37 20.35
C ALA B 278 -28.09 27.02 19.38
N ILE B 279 -28.29 27.35 18.11
CA ILE B 279 -27.26 27.10 17.09
C ILE B 279 -26.00 27.87 17.43
N CYS B 280 -26.15 29.09 17.93
CA CYS B 280 -24.97 29.89 18.27
C CYS B 280 -24.16 29.25 19.37
N ARG B 281 -24.81 28.90 20.49
CA ARG B 281 -24.11 28.18 21.55
C ARG B 281 -23.39 26.98 21.00
N THR B 282 -24.03 26.23 20.12
CA THR B 282 -23.41 24.99 19.67
C THR B 282 -22.24 25.23 18.75
N PHE B 283 -22.39 26.12 17.76
CA PHE B 283 -21.48 26.17 16.64
C PHE B 283 -20.84 27.53 16.43
N GLY B 284 -20.87 28.42 17.41
CA GLY B 284 -20.28 29.72 17.20
C GLY B 284 -18.82 29.81 17.48
N SER B 285 -18.21 28.78 18.07
CA SER B 285 -16.79 28.83 18.32
C SER B 285 -16.02 28.92 17.01
N LYS B 286 -16.37 28.07 16.05
CA LYS B 286 -15.72 28.13 14.75
C LYS B 286 -16.02 29.43 14.04
N MET B 287 -17.19 30.03 14.26
CA MET B 287 -17.45 31.28 13.59
C MET B 287 -16.70 32.44 14.23
N LEU B 288 -16.46 32.42 15.54
CA LEU B 288 -15.53 33.37 16.11
C LEU B 288 -14.13 33.19 15.56
N LEU B 289 -13.67 31.96 15.44
CA LEU B 289 -12.33 31.75 14.90
C LEU B 289 -12.26 32.23 13.45
N ALA B 290 -13.30 31.97 12.67
CA ALA B 290 -13.34 32.48 11.31
C ALA B 290 -13.44 33.99 11.29
N ALA B 291 -14.09 34.59 12.27
CA ALA B 291 -14.10 36.05 12.34
C ALA B 291 -12.70 36.58 12.58
N PHE B 292 -11.93 35.91 13.42
CA PHE B 292 -10.55 36.28 13.63
C PHE B 292 -9.75 36.22 12.34
N PHE B 293 -9.88 35.13 11.60
CA PHE B 293 -9.18 35.01 10.33
C PHE B 293 -9.66 36.03 9.32
N LYS B 294 -10.94 36.38 9.35
CA LYS B 294 -11.40 37.40 8.42
C LYS B 294 -10.87 38.77 8.80
N ALA B 295 -10.76 39.05 10.09
CA ALA B 295 -10.16 40.30 10.52
C ALA B 295 -8.73 40.42 10.02
N ILE B 296 -7.95 39.36 10.20
CA ILE B 296 -6.59 39.37 9.66
C ILE B 296 -6.60 39.55 8.15
N HIS B 297 -7.48 38.84 7.46
CA HIS B 297 -7.45 38.93 6.01
C HIS B 297 -7.80 40.31 5.53
N ASP B 298 -8.75 40.99 6.17
CA ASP B 298 -9.05 42.36 5.79
C ASP B 298 -7.87 43.29 6.07
N VAL B 299 -7.24 43.13 7.22
CA VAL B 299 -6.07 43.93 7.54
C VAL B 299 -5.01 43.80 6.46
N LEU B 300 -4.74 42.57 6.03
CA LEU B 300 -3.69 42.38 5.03
C LEU B 300 -4.14 42.82 3.64
N ALA B 301 -5.42 42.62 3.33
CA ALA B 301 -5.94 43.08 2.05
C ALA B 301 -5.78 44.58 1.91
N PHE B 302 -5.88 45.30 3.01
CA PHE B 302 -5.67 46.73 2.92
C PHE B 302 -4.25 47.14 3.27
N THR B 303 -3.40 46.21 3.67
CA THR B 303 -1.99 46.49 3.69
C THR B 303 -1.40 46.50 2.30
N GLN B 304 -1.86 45.61 1.42
CA GLN B 304 -1.26 45.54 0.09
C GLN B 304 -1.23 46.87 -0.67
N PRO B 305 -2.29 47.68 -0.73
CA PRO B 305 -2.15 49.00 -1.33
C PRO B 305 -1.16 49.87 -0.62
N GLN B 306 -0.98 49.69 0.68
CA GLN B 306 -0.01 50.51 1.38
C GLN B 306 1.41 50.14 0.99
N LEU B 307 1.69 48.85 0.81
CA LEU B 307 3.00 48.49 0.27
C LEU B 307 3.15 48.99 -1.15
N LEU B 308 2.08 49.02 -1.93
CA LEU B 308 2.19 49.57 -3.28
C LEU B 308 2.51 51.06 -3.25
N ARG B 309 1.81 51.81 -2.41
CA ARG B 309 2.09 53.23 -2.26
C ARG B 309 3.50 53.44 -1.78
N ILE B 310 3.97 52.60 -0.87
CA ILE B 310 5.31 52.74 -0.34
C ILE B 310 6.34 52.44 -1.40
N LEU B 311 6.10 51.44 -2.23
CA LEU B 311 7.07 51.11 -3.26
C LEU B 311 7.13 52.19 -4.34
N ILE B 312 5.99 52.75 -4.70
CA ILE B 312 6.01 53.85 -5.67
C ILE B 312 6.70 55.06 -5.08
N LYS B 313 6.40 55.40 -3.83
CA LYS B 313 7.05 56.53 -3.19
C LYS B 313 8.55 56.29 -3.07
N PHE B 314 8.94 55.06 -2.79
CA PHE B 314 10.35 54.73 -2.71
C PHE B 314 11.04 54.88 -4.05
N VAL B 315 10.40 54.42 -5.13
CA VAL B 315 11.01 54.58 -6.44
C VAL B 315 11.16 56.06 -6.76
N THR B 316 10.13 56.84 -6.45
CA THR B 316 10.20 58.28 -6.69
C THR B 316 11.38 58.89 -5.97
N ASP B 317 11.51 58.62 -4.68
CA ASP B 317 12.62 59.21 -3.92
C ASP B 317 13.96 58.71 -4.42
N TYR B 318 14.06 57.42 -4.73
CA TYR B 318 15.33 56.86 -5.15
C TYR B 318 15.80 57.50 -6.45
N ASN B 319 14.88 57.64 -7.41
CA ASN B 319 15.26 58.29 -8.66
C ASN B 319 15.57 59.77 -8.42
N SER B 320 14.82 60.43 -7.55
CA SER B 320 15.05 61.85 -7.31
C SER B 320 16.41 62.08 -6.65
N GLU B 321 16.94 61.06 -5.99
CA GLU B 321 18.29 61.20 -5.44
C GLU B 321 19.34 60.87 -6.48
N ARG B 322 19.11 59.83 -7.29
CA ARG B 322 20.13 59.45 -8.25
C ARG B 322 20.27 60.47 -9.36
N GLN B 323 19.20 61.19 -9.70
CA GLN B 323 19.35 62.26 -10.67
C GLN B 323 20.18 63.41 -10.11
N ASP B 324 20.08 63.66 -8.81
CA ASP B 324 20.97 64.63 -8.17
C ASP B 324 22.41 64.15 -8.25
N ASP B 325 22.64 62.87 -7.97
CA ASP B 325 24.01 62.34 -7.99
C ASP B 325 24.59 62.38 -9.40
N HIS B 326 23.76 62.08 -10.40
CA HIS B 326 24.20 62.08 -11.80
C HIS B 326 23.62 63.27 -12.54
N HIS B 336 23.00 64.62 1.38
CA HIS B 336 24.00 63.83 0.68
C HIS B 336 24.29 62.49 1.35
N PRO B 337 24.55 62.47 2.67
CA PRO B 337 24.81 61.18 3.33
C PRO B 337 23.52 60.42 3.61
N GLN B 338 23.70 59.12 3.84
CA GLN B 338 22.62 58.21 4.20
C GLN B 338 21.52 58.21 3.14
N LYS B 339 21.93 58.05 1.88
CA LYS B 339 20.98 58.05 0.80
C LYS B 339 20.27 56.70 0.70
N LEU B 340 19.17 56.67 -0.03
CA LEU B 340 18.25 55.55 0.05
C LEU B 340 18.91 54.28 -0.49
N PRO B 341 18.75 53.16 0.20
CA PRO B 341 19.29 51.90 -0.30
C PRO B 341 18.32 51.21 -1.24
N ILE B 342 18.89 50.53 -2.23
CA ILE B 342 18.06 49.75 -3.13
C ILE B 342 17.46 48.56 -2.40
N VAL B 343 18.06 48.14 -1.30
CA VAL B 343 17.54 46.98 -0.58
C VAL B 343 16.09 47.19 -0.21
N ARG B 344 15.73 48.39 0.21
CA ARG B 344 14.37 48.62 0.64
C ARG B 344 13.38 48.27 -0.45
N GLY B 345 13.77 48.43 -1.72
CA GLY B 345 12.87 48.04 -2.79
C GLY B 345 12.60 46.54 -2.78
N PHE B 346 13.65 45.76 -2.62
CA PHE B 346 13.49 44.31 -2.62
C PHE B 346 12.75 43.85 -1.37
N LEU B 347 12.96 44.53 -0.25
CA LEU B 347 12.25 44.14 0.96
C LEU B 347 10.80 44.56 0.92
N ILE B 348 10.46 45.65 0.25
CA ILE B 348 9.05 45.95 0.02
C ILE B 348 8.45 44.93 -0.92
N ALA B 349 9.19 44.49 -1.94
CA ALA B 349 8.68 43.43 -2.79
C ALA B 349 8.42 42.15 -2.00
N PHE B 350 9.37 41.76 -1.17
CA PHE B 350 9.20 40.55 -0.38
C PHE B 350 8.12 40.72 0.68
N ALA B 351 7.88 41.94 1.14
CA ALA B 351 6.77 42.16 2.05
C ALA B 351 5.45 42.07 1.32
N MET B 352 5.41 42.47 0.06
CA MET B 352 4.21 42.21 -0.75
C MET B 352 3.97 40.73 -0.87
N PHE B 353 5.02 39.95 -1.12
CA PHE B 353 4.82 38.52 -1.20
C PHE B 353 4.36 37.95 0.14
N LEU B 354 4.99 38.37 1.23
CA LEU B 354 4.59 37.83 2.53
C LEU B 354 3.17 38.22 2.88
N VAL B 355 2.77 39.45 2.59
CA VAL B 355 1.39 39.85 2.84
C VAL B 355 0.46 38.99 2.00
N GLY B 356 0.78 38.79 0.73
CA GLY B 356 -0.08 37.96 -0.10
C GLY B 356 -0.19 36.54 0.41
N PHE B 357 0.93 35.95 0.81
CA PHE B 357 0.93 34.56 1.24
C PHE B 357 0.20 34.39 2.56
N THR B 358 0.49 35.23 3.55
CA THR B 358 -0.23 35.11 4.81
C THR B 358 -1.69 35.48 4.66
N GLN B 359 -2.00 36.41 3.76
CA GLN B 359 -3.36 36.75 3.44
C GLN B 359 -4.11 35.54 2.95
N THR B 360 -3.50 34.81 2.01
CA THR B 360 -4.14 33.64 1.45
C THR B 360 -4.35 32.57 2.52
N SER B 361 -3.34 32.32 3.34
CA SER B 361 -3.47 31.30 4.37
C SER B 361 -4.62 31.62 5.32
N VAL B 362 -4.67 32.86 5.80
CA VAL B 362 -5.72 33.22 6.76
C VAL B 362 -7.08 33.24 6.07
N LEU B 363 -7.14 33.69 4.82
CA LEU B 363 -8.43 33.73 4.14
C LEU B 363 -9.01 32.34 4.02
N HIS B 364 -8.20 31.39 3.59
CA HIS B 364 -8.80 30.10 3.36
C HIS B 364 -9.01 29.32 4.64
N GLN B 365 -8.34 29.69 5.73
CA GLN B 365 -8.82 29.12 6.98
C GLN B 365 -10.12 29.76 7.43
N TYR B 366 -10.34 31.04 7.09
CA TYR B 366 -11.65 31.63 7.33
C TYR B 366 -12.73 30.88 6.57
N PHE B 367 -12.51 30.65 5.28
CA PHE B 367 -13.48 29.90 4.50
C PHE B 367 -13.64 28.49 5.01
N LEU B 368 -12.55 27.81 5.35
CA LEU B 368 -12.66 26.48 5.91
C LEU B 368 -13.59 26.49 7.10
N ASN B 369 -13.41 27.45 7.99
CA ASN B 369 -14.19 27.41 9.23
C ASN B 369 -15.64 27.78 8.99
N VAL B 370 -15.93 28.78 8.15
CA VAL B 370 -17.33 29.12 7.93
C VAL B 370 -18.05 28.03 7.15
N PHE B 371 -17.36 27.39 6.21
CA PHE B 371 -18.04 26.36 5.44
C PHE B 371 -18.22 25.10 6.26
N ASN B 372 -17.27 24.78 7.13
CA ASN B 372 -17.52 23.72 8.10
C ASN B 372 -18.67 24.06 9.00
N THR B 373 -18.81 25.31 9.40
CA THR B 373 -19.92 25.62 10.29
C THR B 373 -21.24 25.54 9.55
N GLY B 374 -21.26 25.91 8.28
CA GLY B 374 -22.46 25.68 7.49
C GLY B 374 -22.79 24.21 7.35
N MET B 375 -21.77 23.39 7.13
CA MET B 375 -21.99 21.95 7.07
C MET B 375 -22.50 21.41 8.40
N TYR B 376 -21.96 21.92 9.51
CA TYR B 376 -22.43 21.50 10.82
C TYR B 376 -23.89 21.87 11.01
N ILE B 377 -24.25 23.11 10.71
CA ILE B 377 -25.63 23.53 10.92
C ILE B 377 -26.58 22.73 10.05
N LYS B 378 -26.21 22.47 8.81
CA LYS B 378 -27.12 21.67 7.99
C LYS B 378 -27.17 20.22 8.45
N SER B 379 -26.01 19.61 8.73
CA SER B 379 -26.00 18.23 9.19
C SER B 379 -26.72 18.05 10.50
N ALA B 380 -26.86 19.10 11.30
CA ALA B 380 -27.53 18.96 12.58
C ALA B 380 -29.01 19.28 12.47
N LEU B 381 -29.37 20.38 11.82
CA LEU B 381 -30.79 20.68 11.66
C LEU B 381 -31.50 19.66 10.79
N THR B 382 -30.82 19.06 9.82
CA THR B 382 -31.46 18.02 9.04
C THR B 382 -31.84 16.82 9.93
N ALA B 383 -30.91 16.38 10.76
CA ALA B 383 -31.20 15.26 11.64
C ALA B 383 -32.24 15.63 12.67
N LEU B 384 -32.19 16.85 13.20
CA LEU B 384 -33.21 17.25 14.17
C LEU B 384 -34.59 17.35 13.52
N ILE B 385 -34.66 17.85 12.29
CA ILE B 385 -35.94 17.88 11.60
C ILE B 385 -36.48 16.47 11.45
N TYR B 386 -35.63 15.54 11.03
CA TYR B 386 -36.11 14.17 10.88
C TYR B 386 -36.63 13.63 12.20
N GLN B 387 -35.81 13.71 13.24
CA GLN B 387 -36.20 13.11 14.51
C GLN B 387 -37.38 13.82 15.13
N LYS B 388 -37.61 15.08 14.78
CA LYS B 388 -38.81 15.76 15.26
C LYS B 388 -40.03 15.29 14.51
N SER B 389 -39.91 15.09 13.20
CA SER B 389 -41.05 14.58 12.46
C SER B 389 -41.43 13.20 12.95
N LEU B 390 -40.46 12.38 13.34
CA LEU B 390 -40.79 11.04 13.81
C LEU B 390 -41.58 11.05 15.12
N VAL B 391 -41.59 12.16 15.87
CA VAL B 391 -42.48 12.24 17.01
C VAL B 391 -43.58 13.28 16.81
N LEU B 392 -43.66 13.88 15.64
CA LEU B 392 -44.69 14.87 15.40
C LEU B 392 -46.07 14.23 15.39
N SER B 393 -47.04 14.94 15.96
CA SER B 393 -48.41 14.44 16.01
C SER B 393 -49.03 14.43 14.61
N ASN B 394 -49.96 13.51 14.42
CA ASN B 394 -50.59 13.37 13.11
C ASN B 394 -51.35 14.63 12.71
N GLU B 395 -52.09 15.21 13.65
CA GLU B 395 -52.85 16.41 13.32
C GLU B 395 -51.93 17.57 12.99
N ALA B 396 -50.81 17.69 13.70
CA ALA B 396 -49.84 18.74 13.38
C ALA B 396 -49.24 18.54 12.00
N SER B 397 -48.84 17.30 11.70
CA SER B 397 -48.28 17.00 10.39
C SER B 397 -49.31 17.10 9.27
N GLY B 398 -50.60 17.09 9.61
CA GLY B 398 -51.61 17.30 8.60
C GLY B 398 -51.85 18.78 8.38
N LEU B 399 -51.78 19.55 9.48
CA LEU B 399 -51.90 21.00 9.36
C LEU B 399 -50.75 21.58 8.53
N SER B 400 -49.53 21.13 8.79
CA SER B 400 -48.38 21.53 7.98
C SER B 400 -48.17 20.48 6.91
N SER B 401 -48.29 20.88 5.64
CA SER B 401 -48.23 19.93 4.54
C SER B 401 -46.89 19.22 4.50
N THR B 402 -46.90 18.03 3.87
CA THR B 402 -45.64 17.30 3.70
C THR B 402 -44.69 18.05 2.78
N GLY B 403 -45.21 18.73 1.77
CA GLY B 403 -44.35 19.57 0.94
C GLY B 403 -43.66 20.64 1.76
N ASP B 404 -44.41 21.30 2.64
CA ASP B 404 -43.81 22.31 3.51
C ASP B 404 -42.79 21.70 4.45
N ILE B 405 -43.11 20.55 5.03
CA ILE B 405 -42.18 19.97 6.00
C ILE B 405 -40.90 19.55 5.31
N VAL B 406 -40.96 19.06 4.09
CA VAL B 406 -39.72 18.70 3.42
C VAL B 406 -39.04 19.95 2.87
N ASN B 407 -39.78 21.05 2.66
CA ASN B 407 -39.10 22.28 2.31
C ASN B 407 -38.34 22.84 3.50
N LEU B 408 -38.78 22.54 4.72
CA LEU B 408 -37.97 22.91 5.87
C LEU B 408 -36.55 22.39 5.75
N MET B 409 -36.40 21.19 5.22
CA MET B 409 -35.10 20.56 5.16
C MET B 409 -34.42 20.81 3.82
N SER B 410 -35.20 21.05 2.76
CA SER B 410 -34.66 21.26 1.43
C SER B 410 -34.30 22.70 1.16
N VAL B 411 -34.95 23.64 1.83
CA VAL B 411 -34.78 25.06 1.53
C VAL B 411 -34.28 25.79 2.77
N ASP B 412 -35.05 25.74 3.86
CA ASP B 412 -34.72 26.56 5.02
C ASP B 412 -33.35 26.24 5.57
N VAL B 413 -33.02 24.96 5.67
CA VAL B 413 -31.69 24.61 6.16
C VAL B 413 -30.63 25.03 5.16
N GLN B 414 -30.90 24.92 3.86
CA GLN B 414 -29.96 25.49 2.90
C GLN B 414 -29.81 26.98 3.04
N LYS B 415 -30.81 27.69 3.53
CA LYS B 415 -30.63 29.12 3.68
C LYS B 415 -29.90 29.47 4.95
N LEU B 416 -30.02 28.66 5.99
CA LEU B 416 -29.12 28.83 7.13
C LEU B 416 -27.67 28.49 6.76
N GLN B 417 -27.48 27.40 6.02
CA GLN B 417 -26.15 27.07 5.57
C GLN B 417 -25.56 28.18 4.72
N ASP B 418 -26.35 28.71 3.78
CA ASP B 418 -25.87 29.80 2.96
C ASP B 418 -25.67 31.08 3.78
N LEU B 419 -26.41 31.23 4.88
CA LEU B 419 -26.13 32.34 5.77
C LEU B 419 -24.73 32.25 6.33
N THR B 420 -24.34 31.07 6.81
CA THR B 420 -23.06 30.99 7.51
C THR B 420 -21.91 31.50 6.65
N GLN B 421 -21.95 31.24 5.34
CA GLN B 421 -20.91 31.77 4.48
C GLN B 421 -20.82 33.28 4.53
N TRP B 422 -21.94 33.96 4.76
CA TRP B 422 -22.02 35.41 4.66
C TRP B 422 -22.06 36.12 5.99
N LEU B 423 -22.31 35.39 7.07
CA LEU B 423 -22.59 36.03 8.34
C LEU B 423 -21.41 36.88 8.79
N ASN B 424 -20.19 36.48 8.44
CA ASN B 424 -19.02 37.24 8.86
C ASN B 424 -18.92 38.57 8.15
N LEU B 425 -19.61 38.73 7.04
CA LEU B 425 -19.58 40.01 6.36
C LEU B 425 -20.45 41.05 7.05
N ILE B 426 -21.31 40.67 7.98
CA ILE B 426 -22.10 41.64 8.72
C ILE B 426 -21.20 42.60 9.47
N TRP B 427 -20.00 42.19 9.82
CA TRP B 427 -19.02 43.10 10.38
C TRP B 427 -17.81 43.29 9.50
N SER B 428 -17.44 42.29 8.70
CA SER B 428 -16.25 42.45 7.89
C SER B 428 -16.53 43.13 6.57
N GLY B 429 -17.76 43.57 6.32
CA GLY B 429 -18.04 44.51 5.28
C GLY B 429 -17.88 45.92 5.81
N PRO B 430 -18.48 46.21 6.97
CA PRO B 430 -18.24 47.51 7.60
C PRO B 430 -16.78 47.73 7.97
N PHE B 431 -16.10 46.72 8.48
CA PHE B 431 -14.68 46.87 8.78
C PHE B 431 -13.87 47.09 7.54
N GLN B 432 -14.13 46.30 6.50
CA GLN B 432 -13.41 46.38 5.25
C GLN B 432 -13.75 47.64 4.47
N ILE B 433 -14.83 48.33 4.82
CA ILE B 433 -15.13 49.63 4.26
C ILE B 433 -14.53 50.75 5.09
N ILE B 434 -14.57 50.62 6.41
CA ILE B 434 -13.99 51.65 7.27
C ILE B 434 -12.51 51.80 7.01
N ILE B 435 -11.76 50.69 6.96
CA ILE B 435 -10.33 50.88 6.78
C ILE B 435 -10.04 51.28 5.35
N CYS B 436 -10.90 50.90 4.41
CA CYS B 436 -10.73 51.41 3.05
C CYS B 436 -10.93 52.92 3.00
N LEU B 437 -11.99 53.41 3.64
CA LEU B 437 -12.23 54.85 3.61
C LEU B 437 -11.12 55.59 4.33
N TYR B 438 -10.62 55.04 5.42
CA TYR B 438 -9.54 55.74 6.11
C TYR B 438 -8.29 55.76 5.26
N SER B 439 -7.92 54.62 4.68
CA SER B 439 -6.74 54.60 3.83
C SER B 439 -6.90 55.56 2.67
N LEU B 440 -8.07 55.56 2.07
CA LEU B 440 -8.31 56.36 0.89
C LEU B 440 -8.42 57.83 1.25
N TYR B 441 -8.88 58.15 2.45
CA TYR B 441 -8.87 59.54 2.90
C TYR B 441 -7.45 60.01 3.15
N LYS B 442 -6.66 59.23 3.89
CA LYS B 442 -5.27 59.62 4.11
C LYS B 442 -4.50 59.68 2.81
N LEU B 443 -5.00 59.04 1.76
CA LEU B 443 -4.30 59.07 0.49
C LEU B 443 -4.73 60.26 -0.37
N LEU B 444 -6.02 60.38 -0.66
CA LEU B 444 -6.52 61.35 -1.62
C LEU B 444 -7.06 62.62 -1.00
N GLY B 445 -7.41 62.61 0.27
CA GLY B 445 -8.11 63.72 0.86
C GLY B 445 -9.60 63.50 0.77
N ASN B 446 -10.35 64.57 0.99
CA ASN B 446 -11.79 64.44 0.91
C ASN B 446 -12.29 64.25 -0.52
N SER B 447 -11.40 64.17 -1.49
CA SER B 447 -11.83 63.84 -2.84
C SER B 447 -12.20 62.38 -2.99
N MET B 448 -11.84 61.55 -2.01
CA MET B 448 -12.33 60.19 -1.93
C MET B 448 -13.85 60.10 -1.85
N TRP B 449 -14.49 61.14 -1.29
CA TRP B 449 -15.92 61.07 -1.07
C TRP B 449 -16.68 61.05 -2.38
N VAL B 450 -16.13 61.64 -3.42
CA VAL B 450 -16.79 61.56 -4.72
C VAL B 450 -16.88 60.11 -5.17
N GLY B 451 -15.78 59.38 -5.03
CA GLY B 451 -15.79 57.98 -5.42
C GLY B 451 -16.73 57.15 -4.56
N VAL B 452 -16.71 57.39 -3.26
CA VAL B 452 -17.60 56.64 -2.38
C VAL B 452 -19.05 56.91 -2.74
N ILE B 453 -19.37 58.18 -3.02
CA ILE B 453 -20.73 58.53 -3.38
C ILE B 453 -21.14 57.84 -4.67
N ILE B 454 -20.24 57.80 -5.64
CA ILE B 454 -20.59 57.16 -6.91
C ILE B 454 -20.88 55.68 -6.69
N LEU B 455 -20.04 55.00 -5.91
CA LEU B 455 -20.33 53.59 -5.67
C LEU B 455 -21.64 53.40 -4.93
N VAL B 456 -21.88 54.22 -3.91
CA VAL B 456 -23.11 54.09 -3.14
C VAL B 456 -24.32 54.27 -4.04
N ILE B 457 -24.31 55.29 -4.90
CA ILE B 457 -25.49 55.54 -5.72
C ILE B 457 -25.58 54.57 -6.88
N MET B 458 -24.50 53.94 -7.30
CA MET B 458 -24.62 52.85 -8.26
C MET B 458 -25.14 51.59 -7.62
N MET B 459 -25.10 51.48 -6.29
CA MET B 459 -25.72 50.33 -5.65
C MET B 459 -27.23 50.24 -5.90
N PRO B 460 -28.04 51.29 -5.69
CA PRO B 460 -29.47 51.14 -6.00
C PRO B 460 -29.75 50.84 -7.45
N LEU B 461 -29.04 51.50 -8.36
CA LEU B 461 -29.22 51.21 -9.78
C LEU B 461 -28.81 49.76 -10.07
N ASN B 462 -27.75 49.29 -9.43
CA ASN B 462 -27.35 47.90 -9.60
C ASN B 462 -28.45 46.96 -9.13
N SER B 463 -29.06 47.24 -7.98
CA SER B 463 -30.11 46.37 -7.48
C SER B 463 -31.36 46.43 -8.36
N PHE B 464 -31.66 47.61 -8.88
CA PHE B 464 -32.78 47.75 -9.82
C PHE B 464 -32.56 46.90 -11.06
N LEU B 465 -31.37 46.98 -11.66
CA LEU B 465 -31.09 46.14 -12.80
C LEU B 465 -31.07 44.67 -12.43
N MET B 466 -30.63 44.33 -11.21
CA MET B 466 -30.63 42.94 -10.78
C MET B 466 -32.05 42.41 -10.71
N ARG B 467 -32.96 43.22 -10.18
CA ARG B 467 -34.38 42.85 -10.17
C ARG B 467 -34.90 42.67 -11.59
N ILE B 468 -34.57 43.60 -12.49
CA ILE B 468 -34.96 43.44 -13.89
C ILE B 468 -34.41 42.14 -14.45
N GLN B 469 -33.17 41.81 -14.12
CA GLN B 469 -32.52 40.63 -14.68
C GLN B 469 -33.21 39.37 -14.23
N LYS B 470 -33.49 39.26 -12.92
CA LYS B 470 -34.16 38.07 -12.41
C LYS B 470 -35.59 37.99 -12.94
N LYS B 471 -36.29 39.12 -12.98
CA LYS B 471 -37.64 39.15 -13.54
C LYS B 471 -37.65 38.63 -14.98
N LEU B 472 -36.74 39.14 -15.79
CA LEU B 472 -36.73 38.79 -17.20
C LEU B 472 -36.24 37.37 -17.42
N GLN B 473 -35.35 36.88 -16.55
CA GLN B 473 -34.95 35.49 -16.60
C GLN B 473 -36.11 34.57 -16.29
N LYS B 474 -36.91 34.92 -15.28
CA LYS B 474 -38.10 34.12 -14.98
C LYS B 474 -39.10 34.15 -16.12
N SER B 475 -39.28 35.32 -16.74
CA SER B 475 -40.16 35.39 -17.90
C SER B 475 -39.64 34.52 -19.03
N GLN B 476 -38.33 34.54 -19.26
CA GLN B 476 -37.73 33.66 -20.26
C GLN B 476 -37.96 32.21 -19.93
N MET B 477 -37.84 31.85 -18.64
CA MET B 477 -38.09 30.47 -18.25
C MET B 477 -39.54 30.07 -18.52
N LYS B 478 -40.47 31.00 -18.34
CA LYS B 478 -41.85 30.59 -18.59
C LYS B 478 -42.14 30.49 -20.08
N TYR B 479 -41.55 31.34 -20.92
CA TYR B 479 -41.62 31.07 -22.36
C TYR B 479 -40.97 29.75 -22.72
N LYS B 480 -39.89 29.40 -22.04
CA LYS B 480 -39.26 28.09 -22.26
C LYS B 480 -40.23 26.97 -21.89
N ASP B 481 -40.95 27.13 -20.79
CA ASP B 481 -41.95 26.13 -20.42
C ASP B 481 -43.06 26.04 -21.46
N GLU B 482 -43.44 27.18 -22.03
CA GLU B 482 -44.45 27.16 -23.10
C GLU B 482 -43.97 26.33 -24.29
N ARG B 483 -42.78 26.66 -24.79
CA ARG B 483 -42.22 25.89 -25.90
C ARG B 483 -42.04 24.43 -25.53
N THR B 484 -41.73 24.15 -24.26
CA THR B 484 -41.57 22.76 -23.83
C THR B 484 -42.91 22.04 -23.80
N ARG B 485 -44.00 22.73 -23.46
CA ARG B 485 -45.32 22.11 -23.60
C ARG B 485 -45.61 21.76 -25.04
N VAL B 486 -45.28 22.68 -25.95
CA VAL B 486 -45.48 22.40 -27.37
C VAL B 486 -44.70 21.15 -27.77
N ILE B 487 -43.44 21.08 -27.36
CA ILE B 487 -42.62 19.92 -27.70
C ILE B 487 -43.17 18.66 -27.04
N SER B 488 -43.64 18.76 -25.81
CA SER B 488 -44.13 17.58 -25.11
C SER B 488 -45.34 17.01 -25.81
N GLU B 489 -46.28 17.86 -26.22
CA GLU B 489 -47.41 17.34 -26.96
C GLU B 489 -46.97 16.76 -28.29
N ILE B 490 -46.05 17.43 -28.99
CA ILE B 490 -45.61 16.91 -30.28
C ILE B 490 -45.00 15.53 -30.13
N LEU B 491 -44.20 15.34 -29.09
CA LEU B 491 -43.52 14.06 -28.90
C LEU B 491 -44.49 12.98 -28.44
N ASN B 492 -45.35 13.29 -27.47
CA ASN B 492 -46.27 12.27 -27.00
C ASN B 492 -47.29 11.91 -28.07
N ASN B 493 -47.52 12.81 -29.02
CA ASN B 493 -48.44 12.56 -30.11
C ASN B 493 -47.73 12.17 -31.39
N ILE B 494 -46.44 11.83 -31.31
CA ILE B 494 -45.62 11.72 -32.51
C ILE B 494 -46.19 10.69 -33.49
N LYS B 495 -46.77 9.60 -32.98
CA LYS B 495 -47.27 8.57 -33.89
C LYS B 495 -48.33 9.14 -34.82
N SER B 496 -49.42 9.67 -34.24
CA SER B 496 -50.48 10.25 -35.07
C SER B 496 -49.98 11.45 -35.85
N LEU B 497 -49.07 12.22 -35.28
CA LEU B 497 -48.52 13.38 -35.96
C LEU B 497 -47.81 12.98 -37.24
N LYS B 498 -47.03 11.91 -37.18
CA LYS B 498 -46.31 11.46 -38.37
C LYS B 498 -47.26 10.77 -39.33
N LEU B 499 -48.28 10.10 -38.81
CA LEU B 499 -49.29 9.50 -39.68
C LEU B 499 -49.97 10.56 -40.54
N TYR B 500 -50.38 11.66 -39.93
CA TYR B 500 -51.03 12.73 -40.68
C TYR B 500 -50.06 13.61 -41.45
N ALA B 501 -48.76 13.48 -41.20
CA ALA B 501 -47.75 14.40 -41.74
C ALA B 501 -48.00 15.83 -41.29
N TRP B 502 -48.64 16.00 -40.14
CA TRP B 502 -48.91 17.30 -39.52
C TRP B 502 -47.68 17.86 -38.83
N GLU B 503 -46.55 17.15 -38.93
CA GLU B 503 -45.32 17.62 -38.33
C GLU B 503 -44.86 18.94 -38.94
N LYS B 504 -45.23 19.23 -40.20
CA LYS B 504 -44.85 20.53 -40.77
C LYS B 504 -45.57 21.68 -40.07
N PRO B 505 -46.90 21.75 -40.04
CA PRO B 505 -47.54 22.84 -39.29
C PRO B 505 -47.20 22.84 -37.81
N TYR B 506 -47.02 21.69 -37.18
CA TYR B 506 -46.64 21.74 -35.77
C TYR B 506 -45.22 22.25 -35.59
N ARG B 507 -44.32 21.95 -36.52
CA ARG B 507 -43.00 22.58 -36.54
C ARG B 507 -43.14 24.08 -36.70
N GLU B 508 -44.03 24.52 -37.57
CA GLU B 508 -44.27 25.95 -37.72
C GLU B 508 -44.74 26.56 -36.42
N LYS B 509 -45.65 25.90 -35.72
CA LYS B 509 -46.18 26.45 -34.48
C LYS B 509 -45.08 26.53 -33.42
N LEU B 510 -44.34 25.45 -33.25
CA LEU B 510 -43.22 25.43 -32.33
C LEU B 510 -42.24 26.56 -32.64
N GLU B 511 -41.90 26.72 -33.92
CA GLU B 511 -40.92 27.72 -34.29
C GLU B 511 -41.47 29.13 -34.17
N GLU B 512 -42.76 29.33 -34.38
CA GLU B 512 -43.34 30.63 -34.08
C GLU B 512 -43.18 30.95 -32.61
N VAL B 513 -43.59 30.02 -31.75
CA VAL B 513 -43.46 30.23 -30.31
C VAL B 513 -42.04 30.61 -29.97
N ARG B 514 -41.09 29.77 -30.36
CA ARG B 514 -39.68 30.07 -30.10
C ARG B 514 -39.26 31.41 -30.67
N ASN B 515 -39.22 31.51 -32.00
CA ASN B 515 -38.61 32.67 -32.66
C ASN B 515 -39.22 33.97 -32.17
N ASN B 516 -40.54 34.04 -32.07
CA ASN B 516 -41.12 35.30 -31.63
C ASN B 516 -40.98 35.45 -30.11
N LYS B 517 -41.68 34.64 -29.33
CA LYS B 517 -41.75 34.92 -27.91
C LYS B 517 -40.40 34.69 -27.23
N GLU B 518 -39.88 33.46 -27.33
CA GLU B 518 -38.70 33.12 -26.55
C GLU B 518 -37.48 33.89 -27.03
N LEU B 519 -37.32 34.04 -28.34
CA LEU B 519 -36.13 34.74 -28.82
C LEU B 519 -36.24 36.25 -28.68
N LYS B 520 -37.42 36.87 -28.81
CA LYS B 520 -37.49 38.28 -28.49
C LYS B 520 -37.17 38.50 -27.01
N ASN B 521 -37.69 37.64 -26.14
CA ASN B 521 -37.37 37.78 -24.73
C ASN B 521 -35.88 37.60 -24.49
N LEU B 522 -35.26 36.66 -25.20
CA LEU B 522 -33.85 36.38 -24.95
C LEU B 522 -32.97 37.49 -25.49
N THR B 523 -33.34 38.09 -26.62
CA THR B 523 -32.60 39.26 -27.10
C THR B 523 -32.75 40.42 -26.14
N LYS B 524 -33.94 40.61 -25.58
CA LYS B 524 -34.10 41.64 -24.56
C LYS B 524 -33.21 41.38 -23.36
N LEU B 525 -33.15 40.12 -22.93
CA LEU B 525 -32.27 39.75 -21.83
C LEU B 525 -30.82 40.01 -22.20
N GLY B 526 -30.44 39.75 -23.44
CA GLY B 526 -29.09 40.04 -23.87
C GLY B 526 -28.78 41.52 -23.82
N CYS B 527 -29.74 42.36 -24.21
CA CYS B 527 -29.48 43.79 -24.15
C CYS B 527 -29.34 44.27 -22.71
N TYR B 528 -30.15 43.76 -21.79
CA TYR B 528 -29.91 44.16 -20.40
C TYR B 528 -28.65 43.54 -19.82
N MET B 529 -28.23 42.38 -20.33
CA MET B 529 -26.90 41.88 -20.00
C MET B 529 -25.83 42.84 -20.49
N ALA B 530 -26.01 43.40 -21.68
CA ALA B 530 -25.08 44.39 -22.18
C ALA B 530 -25.04 45.61 -21.27
N VAL B 531 -26.20 46.06 -20.83
CA VAL B 531 -26.24 47.24 -19.97
C VAL B 531 -25.51 46.97 -18.66
N THR B 532 -25.76 45.81 -18.06
CA THR B 532 -25.09 45.54 -16.79
C THR B 532 -23.59 45.29 -16.98
N SER B 533 -23.19 44.70 -18.10
CA SER B 533 -21.76 44.56 -18.36
C SER B 533 -21.09 45.91 -18.55
N PHE B 534 -21.77 46.82 -19.26
CA PHE B 534 -21.26 48.18 -19.39
C PHE B 534 -21.13 48.84 -18.04
N GLN B 535 -22.13 48.66 -17.18
CA GLN B 535 -22.07 49.24 -15.84
C GLN B 535 -20.86 48.72 -15.07
N PHE B 536 -20.67 47.40 -15.07
CA PHE B 536 -19.55 46.85 -14.31
C PHE B 536 -18.21 47.23 -14.91
N ASN B 537 -18.16 47.51 -16.21
CA ASN B 537 -16.89 47.95 -16.77
C ASN B 537 -16.62 49.40 -16.43
N ILE B 538 -17.66 50.23 -16.40
CA ILE B 538 -17.46 51.67 -16.33
C ILE B 538 -17.38 52.16 -14.90
N VAL B 539 -18.20 51.62 -14.00
CA VAL B 539 -18.28 52.18 -12.66
C VAL B 539 -16.95 52.11 -11.92
N PRO B 540 -16.22 51.00 -11.91
CA PRO B 540 -14.87 51.04 -11.33
C PRO B 540 -13.96 52.01 -12.03
N PHE B 541 -14.20 52.32 -13.29
CA PHE B 541 -13.51 53.42 -13.94
C PHE B 541 -14.02 54.77 -13.48
N LEU B 542 -15.34 54.94 -13.50
CA LEU B 542 -15.90 56.26 -13.31
C LEU B 542 -15.63 56.76 -11.90
N VAL B 543 -15.61 55.85 -10.94
CA VAL B 543 -15.34 56.22 -9.56
C VAL B 543 -13.96 56.86 -9.45
N SER B 544 -12.96 56.24 -10.07
CA SER B 544 -11.60 56.78 -9.99
C SER B 544 -11.45 58.03 -10.84
N CYS B 545 -12.03 58.05 -12.04
CA CYS B 545 -11.91 59.24 -12.87
C CYS B 545 -12.53 60.44 -12.20
N CYS B 546 -13.72 60.28 -11.64
CA CYS B 546 -14.37 61.40 -10.98
C CYS B 546 -13.62 61.83 -9.74
N THR B 547 -13.11 60.88 -8.95
CA THR B 547 -12.42 61.33 -7.76
C THR B 547 -11.09 61.98 -8.11
N PHE B 548 -10.46 61.59 -9.21
CA PHE B 548 -9.27 62.30 -9.65
C PHE B 548 -9.62 63.71 -10.14
N ALA B 549 -10.76 63.86 -10.81
CA ALA B 549 -11.18 65.20 -11.22
C ALA B 549 -11.36 66.10 -10.02
N VAL B 550 -12.08 65.60 -9.02
CA VAL B 550 -12.33 66.43 -7.84
C VAL B 550 -11.03 66.69 -7.08
N PHE B 551 -10.14 65.70 -7.04
CA PHE B 551 -8.83 65.94 -6.43
C PHE B 551 -8.09 67.05 -7.16
N VAL B 552 -7.96 66.93 -8.48
CA VAL B 552 -7.18 67.87 -9.25
C VAL B 552 -7.71 69.28 -9.08
N TYR B 553 -9.03 69.45 -9.10
CA TYR B 553 -9.57 70.79 -9.00
C TYR B 553 -9.73 71.29 -7.57
N THR B 554 -9.64 70.42 -6.56
CA THR B 554 -9.78 70.93 -5.21
C THR B 554 -8.45 71.12 -4.49
N GLU B 555 -7.51 70.21 -4.67
CA GLU B 555 -6.27 70.22 -3.92
C GLU B 555 -5.17 70.92 -4.71
N ASP B 556 -4.29 71.60 -3.99
CA ASP B 556 -3.09 72.15 -4.61
C ASP B 556 -1.97 71.13 -4.70
N ARG B 557 -2.13 69.98 -4.06
CA ARG B 557 -1.15 68.92 -4.14
C ARG B 557 -1.02 68.42 -5.56
N ALA B 558 0.06 67.71 -5.81
CA ALA B 558 0.27 67.08 -7.10
C ALA B 558 -0.36 65.71 -7.08
N LEU B 559 -1.14 65.39 -8.12
CA LEU B 559 -1.74 64.07 -8.24
C LEU B 559 -0.66 63.13 -8.77
N THR B 560 0.21 62.71 -7.87
CA THR B 560 1.37 61.93 -8.27
C THR B 560 1.03 60.45 -8.38
N THR B 561 2.00 59.69 -8.86
CA THR B 561 1.79 58.28 -9.12
C THR B 561 1.40 57.53 -7.86
N ASP B 562 2.05 57.86 -6.74
CA ASP B 562 1.78 57.11 -5.52
C ASP B 562 0.42 57.41 -4.96
N LEU B 563 -0.12 58.59 -5.26
CA LEU B 563 -1.52 58.85 -4.93
C LEU B 563 -2.45 58.11 -5.86
N VAL B 564 -2.10 58.06 -7.14
CA VAL B 564 -3.02 57.57 -8.15
C VAL B 564 -3.21 56.07 -8.05
N PHE B 565 -2.14 55.32 -8.17
CA PHE B 565 -2.35 53.89 -8.38
C PHE B 565 -2.81 53.13 -7.14
N PRO B 566 -2.30 53.45 -5.96
CA PRO B 566 -2.98 52.97 -4.76
C PRO B 566 -4.43 53.36 -4.70
N ALA B 567 -4.82 54.49 -5.29
CA ALA B 567 -6.25 54.82 -5.29
C ALA B 567 -7.03 53.86 -6.16
N LEU B 568 -6.49 53.47 -7.32
CA LEU B 568 -7.17 52.47 -8.12
C LEU B 568 -7.30 51.18 -7.35
N THR B 569 -6.23 50.75 -6.68
CA THR B 569 -6.28 49.50 -5.94
C THR B 569 -7.31 49.58 -4.82
N LEU B 570 -7.35 50.69 -4.10
CA LEU B 570 -8.28 50.82 -2.99
C LEU B 570 -9.72 50.90 -3.46
N PHE B 571 -9.99 51.56 -4.58
CA PHE B 571 -11.35 51.56 -5.09
C PHE B 571 -11.77 50.17 -5.55
N ASN B 572 -10.84 49.42 -6.14
CA ASN B 572 -11.14 48.03 -6.43
C ASN B 572 -11.51 47.27 -5.18
N LEU B 573 -10.76 47.47 -4.09
CA LEU B 573 -11.07 46.76 -2.86
C LEU B 573 -12.38 47.23 -2.25
N LEU B 574 -12.72 48.50 -2.45
CA LEU B 574 -13.94 49.04 -1.86
C LEU B 574 -15.19 48.60 -2.60
N SER B 575 -15.06 48.25 -3.89
CA SER B 575 -16.24 47.88 -4.66
C SER B 575 -16.94 46.68 -4.04
N PHE B 576 -16.19 45.67 -3.61
CA PHE B 576 -16.78 44.41 -3.20
C PHE B 576 -17.72 44.55 -2.01
N PRO B 577 -17.31 45.10 -0.86
CA PRO B 577 -18.25 45.19 0.26
C PRO B 577 -19.50 45.99 -0.05
N LEU B 578 -19.35 47.13 -0.74
CA LEU B 578 -20.54 47.88 -1.14
C LEU B 578 -21.40 47.08 -2.08
N MET B 579 -20.78 46.28 -2.95
CA MET B 579 -21.55 45.49 -3.90
C MET B 579 -22.29 44.34 -3.23
N ILE B 580 -21.85 43.89 -2.07
CA ILE B 580 -22.39 42.66 -1.50
C ILE B 580 -23.17 42.87 -0.21
N ILE B 581 -23.05 44.00 0.48
CA ILE B 581 -23.87 44.20 1.67
C ILE B 581 -25.35 43.95 1.38
N PRO B 582 -25.91 44.39 0.24
CA PRO B 582 -27.28 43.98 -0.10
C PRO B 582 -27.51 42.49 -0.05
N MET B 583 -26.67 41.69 -0.69
CA MET B 583 -26.88 40.25 -0.69
C MET B 583 -26.74 39.66 0.71
N VAL B 584 -25.88 40.24 1.54
CA VAL B 584 -25.74 39.74 2.90
C VAL B 584 -27.01 39.99 3.70
N LEU B 585 -27.55 41.22 3.64
CA LEU B 585 -28.77 41.47 4.40
C LEU B 585 -29.94 40.69 3.85
N ASN B 586 -30.00 40.50 2.53
CA ASN B 586 -31.01 39.63 1.95
C ASN B 586 -30.91 38.22 2.51
N SER B 587 -29.70 37.68 2.52
CA SER B 587 -29.52 36.35 3.10
C SER B 587 -29.91 36.33 4.55
N PHE B 588 -29.63 37.41 5.28
CA PHE B 588 -29.92 37.41 6.70
C PHE B 588 -31.42 37.44 6.97
N ILE B 589 -32.18 38.23 6.20
CA ILE B 589 -33.62 38.23 6.42
C ILE B 589 -34.23 36.91 5.97
N GLU B 590 -33.73 36.33 4.88
CA GLU B 590 -34.20 35.00 4.49
C GLU B 590 -33.93 33.99 5.58
N ALA B 591 -32.74 34.04 6.18
CA ALA B 591 -32.42 33.12 7.26
C ALA B 591 -33.27 33.38 8.48
N SER B 592 -33.65 34.64 8.73
CA SER B 592 -34.54 34.89 9.86
C SER B 592 -35.92 34.28 9.61
N VAL B 593 -36.40 34.39 8.38
CA VAL B 593 -37.64 33.70 8.02
C VAL B 593 -37.49 32.21 8.27
N SER B 594 -36.37 31.64 7.85
CA SER B 594 -36.17 30.20 8.02
C SER B 594 -36.08 29.82 9.50
N ILE B 595 -35.45 30.63 10.33
CA ILE B 595 -35.41 30.32 11.75
C ILE B 595 -36.82 30.37 12.33
N GLY B 596 -37.64 31.32 11.89
CA GLY B 596 -39.01 31.34 12.35
C GLY B 596 -39.73 30.05 12.01
N ARG B 597 -39.59 29.60 10.76
CA ARG B 597 -40.24 28.37 10.34
C ARG B 597 -39.72 27.17 11.12
N LEU B 598 -38.40 27.07 11.26
CA LEU B 598 -37.83 25.94 11.99
C LEU B 598 -38.24 25.95 13.44
N PHE B 599 -38.32 27.12 14.06
CA PHE B 599 -38.72 27.16 15.46
C PHE B 599 -40.17 26.73 15.62
N THR B 600 -41.05 27.17 14.72
CA THR B 600 -42.42 26.69 14.78
C THR B 600 -42.47 25.18 14.65
N PHE B 601 -41.71 24.63 13.71
CA PHE B 601 -41.72 23.18 13.54
C PHE B 601 -41.22 22.47 14.78
N PHE B 602 -40.06 22.89 15.30
CA PHE B 602 -39.53 22.21 16.47
C PHE B 602 -40.43 22.34 17.67
N THR B 603 -41.23 23.40 17.73
CA THR B 603 -42.14 23.57 18.85
C THR B 603 -43.51 22.95 18.62
N ASN B 604 -43.80 22.44 17.43
CA ASN B 604 -45.08 21.80 17.18
C ASN B 604 -45.33 20.70 18.20
N GLU B 605 -46.61 20.41 18.44
CA GLU B 605 -46.98 19.49 19.51
C GLU B 605 -46.65 18.05 19.13
N GLU B 606 -45.95 17.36 20.01
CA GLU B 606 -45.52 16.01 19.75
C GLU B 606 -46.56 15.00 20.26
N LEU B 607 -46.28 13.72 20.03
CA LEU B 607 -47.11 12.66 20.57
C LEU B 607 -46.67 12.35 22.00
N GLN B 608 -47.64 12.25 22.91
CA GLN B 608 -47.31 12.01 24.31
C GLN B 608 -46.84 10.56 24.49
N PRO B 609 -45.64 10.33 25.01
CA PRO B 609 -45.12 8.95 25.05
C PRO B 609 -45.94 8.00 25.91
N ASP B 610 -46.59 8.50 26.95
CA ASP B 610 -47.24 7.65 27.94
C ASP B 610 -48.69 7.33 27.57
N SER B 611 -49.10 7.57 26.33
CA SER B 611 -50.46 7.22 25.93
C SER B 611 -50.72 5.73 26.06
N VAL B 612 -49.71 4.91 25.82
CA VAL B 612 -49.84 3.46 25.92
C VAL B 612 -48.53 2.89 26.48
N GLN B 613 -48.65 1.84 27.28
CA GLN B 613 -47.49 1.15 27.82
C GLN B 613 -47.16 -0.02 26.90
N ARG B 614 -46.24 0.21 25.96
CA ARG B 614 -45.88 -0.83 25.01
C ARG B 614 -44.90 -1.85 25.58
N LEU B 615 -44.31 -1.55 26.73
CA LEU B 615 -43.20 -2.37 27.25
C LEU B 615 -43.60 -3.81 27.54
N PRO B 616 -44.76 -4.09 28.16
CA PRO B 616 -44.97 -5.42 28.72
C PRO B 616 -44.98 -6.52 27.68
N LYS B 617 -44.62 -7.73 28.12
CA LYS B 617 -44.78 -8.95 27.35
C LYS B 617 -45.19 -10.05 28.32
N VAL B 618 -45.99 -11.01 27.83
CA VAL B 618 -46.62 -12.01 28.67
C VAL B 618 -46.15 -13.40 28.25
N LYS B 619 -45.69 -14.18 29.22
CA LYS B 619 -45.19 -15.53 28.96
C LYS B 619 -46.31 -16.55 29.13
N ASN B 620 -47.33 -16.39 28.29
CA ASN B 620 -48.45 -17.33 28.24
C ASN B 620 -48.80 -17.55 26.78
N ILE B 621 -49.37 -18.72 26.49
CA ILE B 621 -49.64 -19.11 25.12
C ILE B 621 -50.72 -18.21 24.54
N GLY B 622 -51.93 -18.28 25.10
CA GLY B 622 -53.03 -17.49 24.60
C GLY B 622 -53.90 -16.92 25.70
N ASP B 623 -53.30 -16.63 26.85
CA ASP B 623 -54.07 -16.40 28.06
C ASP B 623 -53.78 -15.05 28.70
N VAL B 624 -53.80 -13.99 27.91
CA VAL B 624 -53.63 -12.64 28.44
C VAL B 624 -54.31 -11.66 27.50
N ALA B 625 -54.91 -10.63 28.07
CA ALA B 625 -55.42 -9.53 27.26
C ALA B 625 -54.25 -8.67 26.78
N ILE B 626 -54.30 -8.29 25.50
CA ILE B 626 -53.25 -7.46 24.92
C ILE B 626 -53.48 -5.99 25.21
N ASN B 627 -54.72 -5.53 25.11
CA ASN B 627 -55.08 -4.18 25.52
C ASN B 627 -55.72 -4.20 26.91
N ILE B 628 -55.46 -3.14 27.68
CA ILE B 628 -55.99 -3.00 29.02
C ILE B 628 -56.47 -1.56 29.20
N GLY B 629 -57.70 -1.40 29.70
CA GLY B 629 -58.23 -0.07 29.93
C GLY B 629 -59.63 -0.10 30.51
N ASP B 630 -59.92 0.80 31.44
CA ASP B 630 -61.23 0.84 32.08
C ASP B 630 -62.20 1.73 31.32
N ASP B 631 -61.95 3.04 31.32
CA ASP B 631 -62.72 4.02 30.57
C ASP B 631 -61.78 4.86 29.72
N ALA B 632 -60.91 4.18 28.98
CA ALA B 632 -59.89 4.84 28.19
C ALA B 632 -60.51 5.82 27.20
N THR B 633 -59.94 7.01 27.14
CA THR B 633 -60.41 8.04 26.23
C THR B 633 -59.22 8.66 25.53
N PHE B 634 -59.34 8.87 24.23
CA PHE B 634 -58.25 9.40 23.42
C PHE B 634 -58.78 10.51 22.55
N LEU B 635 -57.90 11.47 22.27
CA LEU B 635 -58.24 12.64 21.47
C LEU B 635 -57.15 12.87 20.44
N TRP B 636 -57.53 13.53 19.34
CA TRP B 636 -56.62 13.79 18.24
C TRP B 636 -55.83 15.08 18.42
N GLN B 637 -56.38 16.06 19.13
CA GLN B 637 -55.69 17.31 19.39
C GLN B 637 -55.85 17.68 20.87
N ARG B 638 -54.79 18.23 21.44
CA ARG B 638 -54.89 18.80 22.78
C ARG B 638 -55.43 20.22 22.75
N LYS B 639 -55.47 20.85 21.59
CA LYS B 639 -56.18 22.11 21.43
C LYS B 639 -57.68 21.85 21.53
N PRO B 640 -58.46 22.82 22.00
CA PRO B 640 -59.89 22.57 22.24
C PRO B 640 -60.65 22.34 20.95
N GLU B 641 -61.97 22.19 21.08
CA GLU B 641 -62.85 21.90 19.95
C GLU B 641 -62.42 20.61 19.25
N TYR B 642 -62.45 19.51 20.01
CA TYR B 642 -61.99 18.22 19.51
C TYR B 642 -62.98 17.71 18.46
N LYS B 643 -62.53 17.65 17.21
CA LYS B 643 -63.36 17.14 16.14
C LYS B 643 -63.48 15.62 16.15
N VAL B 644 -62.58 14.94 16.86
CA VAL B 644 -62.57 13.48 16.91
C VAL B 644 -62.05 13.06 18.26
N ALA B 645 -62.62 11.98 18.81
CA ALA B 645 -62.22 11.46 20.09
C ALA B 645 -62.67 10.01 20.22
N LEU B 646 -62.12 9.34 21.23
CA LEU B 646 -62.59 8.04 21.68
C LEU B 646 -62.97 8.18 23.14
N LYS B 647 -64.11 7.60 23.54
CA LYS B 647 -64.64 7.81 24.87
C LYS B 647 -64.94 6.49 25.54
N ASN B 648 -64.48 6.35 26.79
CA ASN B 648 -64.87 5.27 27.69
C ASN B 648 -64.77 3.90 27.02
N ILE B 649 -63.64 3.64 26.38
CA ILE B 649 -63.37 2.37 25.74
C ILE B 649 -62.74 1.43 26.75
N ASN B 650 -63.15 0.17 26.70
CA ASN B 650 -62.58 -0.88 27.51
C ASN B 650 -62.27 -2.09 26.65
N PHE B 651 -61.79 -1.84 25.43
CA PHE B 651 -61.55 -2.91 24.48
C PHE B 651 -60.52 -3.89 25.01
N GLN B 652 -60.67 -5.16 24.63
CA GLN B 652 -59.83 -6.22 25.17
C GLN B 652 -59.72 -7.32 24.11
N ALA B 653 -58.61 -7.34 23.39
CA ALA B 653 -58.23 -8.51 22.63
C ALA B 653 -57.30 -9.38 23.47
N LYS B 654 -57.12 -10.62 23.04
CA LYS B 654 -56.39 -11.60 23.82
C LYS B 654 -55.22 -12.14 23.00
N LYS B 655 -54.19 -12.60 23.71
CA LYS B 655 -53.00 -13.12 23.04
C LYS B 655 -53.35 -14.32 22.19
N GLY B 656 -52.88 -14.31 20.94
CA GLY B 656 -53.08 -15.42 20.05
C GLY B 656 -54.44 -15.52 19.43
N ASN B 657 -55.35 -14.60 19.71
CA ASN B 657 -56.69 -14.63 19.15
C ASN B 657 -56.90 -13.47 18.20
N LEU B 658 -57.68 -13.71 17.15
CA LEU B 658 -58.04 -12.65 16.23
C LEU B 658 -59.28 -11.95 16.74
N THR B 659 -59.21 -10.62 16.82
CA THR B 659 -60.32 -9.81 17.28
C THR B 659 -60.58 -8.73 16.25
N CYS B 660 -61.81 -8.24 16.21
CA CYS B 660 -62.19 -7.27 15.20
C CYS B 660 -62.98 -6.14 15.83
N ILE B 661 -62.92 -4.98 15.17
CA ILE B 661 -63.66 -3.79 15.58
C ILE B 661 -64.67 -3.48 14.50
N VAL B 662 -65.92 -3.28 14.90
CA VAL B 662 -67.04 -3.09 13.98
C VAL B 662 -67.51 -1.65 14.09
N GLY B 663 -67.73 -1.02 12.93
CA GLY B 663 -68.19 0.35 12.89
C GLY B 663 -68.00 0.99 11.53
N LYS B 664 -68.97 1.80 11.12
CA LYS B 664 -68.87 2.49 9.85
C LYS B 664 -67.78 3.57 9.91
N VAL B 665 -67.46 4.12 8.74
CA VAL B 665 -66.45 5.17 8.64
C VAL B 665 -66.81 6.30 9.59
N GLY B 666 -65.85 6.68 10.44
CA GLY B 666 -66.06 7.71 11.41
C GLY B 666 -66.57 7.23 12.76
N SER B 667 -66.91 5.95 12.89
CA SER B 667 -67.35 5.44 14.18
C SER B 667 -66.21 5.38 15.19
N GLY B 668 -64.97 5.44 14.74
CA GLY B 668 -63.84 5.45 15.65
C GLY B 668 -62.95 4.24 15.54
N LYS B 669 -63.17 3.43 14.50
CA LYS B 669 -62.40 2.20 14.36
C LYS B 669 -60.94 2.51 14.05
N THR B 670 -60.70 3.39 13.10
CA THR B 670 -59.33 3.79 12.79
C THR B 670 -58.67 4.44 14.00
N ALA B 671 -59.44 5.26 14.72
CA ALA B 671 -58.91 5.92 15.91
C ALA B 671 -58.47 4.89 16.95
N LEU B 672 -59.31 3.89 17.21
CA LEU B 672 -58.95 2.87 18.17
C LEU B 672 -57.72 2.10 17.72
N LEU B 673 -57.69 1.72 16.44
CA LEU B 673 -56.55 0.98 15.92
C LEU B 673 -55.26 1.77 16.11
N SER B 674 -55.25 3.03 15.70
CA SER B 674 -54.03 3.83 15.79
C SER B 674 -53.67 4.15 17.23
N CYS B 675 -54.65 4.33 18.10
CA CYS B 675 -54.36 4.57 19.51
C CYS B 675 -53.72 3.36 20.15
N MET B 676 -54.08 2.17 19.67
CA MET B 676 -53.40 0.97 20.13
C MET B 676 -51.90 1.05 19.89
N LEU B 677 -51.49 1.82 18.89
CA LEU B 677 -50.07 1.98 18.56
C LEU B 677 -49.43 3.17 19.23
N GLY B 678 -50.20 4.01 19.92
CA GLY B 678 -49.68 5.17 20.60
C GLY B 678 -49.77 6.48 19.83
N ASP B 679 -50.66 6.58 18.85
CA ASP B 679 -50.73 7.74 17.98
C ASP B 679 -51.82 8.73 18.38
N LEU B 680 -52.44 8.56 19.55
CA LEU B 680 -53.48 9.47 19.99
C LEU B 680 -53.24 9.84 21.46
N PHE B 681 -53.74 11.00 21.85
CA PHE B 681 -53.46 11.55 23.17
C PHE B 681 -54.45 10.98 24.17
N ARG B 682 -53.96 10.16 25.10
CA ARG B 682 -54.81 9.58 26.13
C ARG B 682 -55.23 10.67 27.11
N VAL B 683 -56.48 11.10 27.02
CA VAL B 683 -56.99 12.14 27.90
C VAL B 683 -57.45 11.55 29.23
N LYS B 684 -58.09 10.39 29.20
CA LYS B 684 -58.55 9.74 30.42
C LYS B 684 -58.59 8.24 30.21
N GLY B 685 -58.28 7.50 31.26
CA GLY B 685 -58.29 6.06 31.24
C GLY B 685 -56.90 5.47 31.32
N PHE B 686 -56.80 4.22 30.89
CA PHE B 686 -55.53 3.50 30.85
C PHE B 686 -55.45 2.71 29.55
N ALA B 687 -54.22 2.45 29.11
CA ALA B 687 -54.00 1.71 27.88
C ALA B 687 -52.63 1.05 27.94
N THR B 688 -52.52 -0.09 27.26
CA THR B 688 -51.27 -0.80 27.18
C THR B 688 -51.31 -1.74 25.98
N VAL B 689 -50.13 -2.06 25.47
CA VAL B 689 -49.98 -3.04 24.40
C VAL B 689 -48.79 -3.91 24.75
N HIS B 690 -48.96 -5.22 24.67
CA HIS B 690 -47.94 -6.14 25.11
C HIS B 690 -47.13 -6.65 23.92
N GLY B 691 -45.86 -6.91 24.18
CA GLY B 691 -44.98 -7.50 23.18
C GLY B 691 -44.69 -6.55 22.03
N SER B 692 -43.92 -7.07 21.07
CA SER B 692 -43.63 -6.33 19.86
C SER B 692 -44.90 -6.16 19.03
N VAL B 693 -44.97 -5.05 18.32
CA VAL B 693 -46.18 -4.70 17.59
C VAL B 693 -45.86 -4.60 16.10
N ALA B 694 -46.92 -4.59 15.30
CA ALA B 694 -46.86 -4.29 13.88
C ALA B 694 -48.21 -3.74 13.47
N TYR B 695 -48.26 -3.16 12.28
CA TYR B 695 -49.48 -2.46 11.91
C TYR B 695 -49.53 -2.34 10.40
N VAL B 696 -50.75 -2.36 9.88
CA VAL B 696 -50.99 -2.11 8.46
C VAL B 696 -52.11 -1.09 8.38
N SER B 697 -51.85 0.02 7.72
CA SER B 697 -52.82 1.11 7.70
C SER B 697 -53.86 0.84 6.62
N GLN B 698 -54.87 1.71 6.56
CA GLN B 698 -55.87 1.58 5.51
C GLN B 698 -55.22 1.73 4.13
N VAL B 699 -54.36 2.74 3.99
CA VAL B 699 -53.65 2.95 2.74
C VAL B 699 -52.32 2.24 2.84
N PRO B 700 -51.98 1.35 1.89
CA PRO B 700 -50.71 0.62 1.98
C PRO B 700 -49.53 1.56 1.82
N TRP B 701 -48.72 1.68 2.87
CA TRP B 701 -47.48 2.44 2.77
C TRP B 701 -46.40 1.58 2.15
N ILE B 702 -45.82 2.06 1.07
CA ILE B 702 -44.77 1.34 0.36
C ILE B 702 -43.60 2.30 0.13
N MET B 703 -42.40 1.80 0.32
CA MET B 703 -41.19 2.63 0.27
C MET B 703 -40.43 2.32 -1.00
N ASN B 704 -39.92 3.38 -1.64
CA ASN B 704 -39.11 3.19 -2.83
C ASN B 704 -37.94 2.28 -2.53
N GLY B 705 -37.78 1.24 -3.34
CA GLY B 705 -36.81 0.21 -3.09
C GLY B 705 -37.32 -1.12 -3.58
N THR B 706 -36.59 -2.17 -3.21
CA THR B 706 -36.95 -3.52 -3.62
C THR B 706 -38.17 -4.01 -2.87
N VAL B 707 -39.00 -4.80 -3.55
CA VAL B 707 -40.13 -5.43 -2.88
C VAL B 707 -39.65 -6.29 -1.74
N LYS B 708 -38.51 -6.96 -1.91
CA LYS B 708 -37.88 -7.64 -0.79
C LYS B 708 -37.54 -6.66 0.32
N GLU B 709 -37.13 -5.45 -0.03
CA GLU B 709 -36.83 -4.45 0.99
C GLU B 709 -38.10 -3.96 1.67
N ASN B 710 -39.14 -3.68 0.90
CA ASN B 710 -40.42 -3.28 1.50
C ASN B 710 -41.01 -4.40 2.36
N ILE B 711 -40.57 -5.64 2.16
CA ILE B 711 -41.08 -6.75 2.95
C ILE B 711 -40.24 -6.98 4.21
N LEU B 712 -38.92 -7.04 4.06
CA LEU B 712 -38.07 -7.22 5.24
C LEU B 712 -38.15 -6.03 6.18
N PHE B 713 -38.17 -4.81 5.63
CA PHE B 713 -38.38 -3.58 6.39
C PHE B 713 -37.44 -3.50 7.59
N GLY B 714 -36.21 -3.95 7.41
CA GLY B 714 -35.22 -3.89 8.45
C GLY B 714 -35.07 -5.14 9.28
N HIS B 715 -35.87 -6.16 9.02
CA HIS B 715 -35.78 -7.42 9.73
C HIS B 715 -34.88 -8.37 8.94
N ARG B 716 -33.96 -9.04 9.64
CA ARG B 716 -32.94 -9.83 8.98
C ARG B 716 -33.55 -10.94 8.14
N TYR B 717 -32.94 -11.20 6.99
CA TYR B 717 -33.51 -12.12 6.02
C TYR B 717 -33.24 -13.57 6.39
N ASP B 718 -34.31 -14.35 6.52
CA ASP B 718 -34.24 -15.79 6.62
C ASP B 718 -34.95 -16.35 5.41
N ALA B 719 -34.24 -17.15 4.61
CA ALA B 719 -34.77 -17.56 3.32
C ALA B 719 -36.05 -18.39 3.47
N GLU B 720 -36.04 -19.34 4.40
CA GLU B 720 -37.20 -20.21 4.57
C GLU B 720 -38.43 -19.41 5.00
N PHE B 721 -38.28 -18.56 6.01
CA PHE B 721 -39.41 -17.77 6.47
C PHE B 721 -39.86 -16.77 5.42
N TYR B 722 -38.93 -16.20 4.67
CA TYR B 722 -39.28 -15.25 3.62
C TYR B 722 -40.09 -15.95 2.52
N GLU B 723 -39.64 -17.13 2.09
CA GLU B 723 -40.39 -17.88 1.09
C GLU B 723 -41.76 -18.28 1.63
N LYS B 724 -41.79 -18.69 2.90
CA LYS B 724 -43.06 -19.05 3.52
C LYS B 724 -44.01 -17.87 3.52
N THR B 725 -43.50 -16.69 3.84
CA THR B 725 -44.36 -15.51 3.88
C THR B 725 -44.80 -15.09 2.49
N ILE B 726 -43.89 -15.17 1.52
CA ILE B 726 -44.24 -14.83 0.14
C ILE B 726 -45.37 -15.75 -0.35
N LYS B 727 -45.26 -17.04 -0.07
CA LYS B 727 -46.29 -17.97 -0.50
C LYS B 727 -47.56 -17.85 0.33
N ALA B 728 -47.43 -17.55 1.62
CA ALA B 728 -48.60 -17.42 2.50
C ALA B 728 -49.44 -16.22 2.09
N CYS B 729 -48.78 -15.11 1.75
CA CYS B 729 -49.50 -13.95 1.25
C CYS B 729 -50.10 -14.21 -0.13
N ALA B 730 -49.83 -15.37 -0.73
CA ALA B 730 -50.18 -15.65 -2.12
C ALA B 730 -49.52 -14.64 -3.05
N LEU B 731 -48.43 -14.02 -2.60
CA LEU B 731 -47.76 -13.03 -3.40
C LEU B 731 -47.05 -13.66 -4.58
N THR B 732 -46.73 -14.95 -4.51
CA THR B 732 -45.91 -15.61 -5.51
C THR B 732 -46.37 -15.31 -6.94
N ILE B 733 -47.69 -15.38 -7.17
CA ILE B 733 -48.20 -15.16 -8.51
C ILE B 733 -47.89 -13.74 -8.99
N ASP B 734 -48.14 -12.76 -8.12
CA ASP B 734 -47.90 -11.37 -8.50
C ASP B 734 -46.43 -11.01 -8.56
N LEU B 735 -45.59 -11.74 -7.81
CA LEU B 735 -44.15 -11.53 -7.85
C LEU B 735 -43.53 -12.14 -9.09
N ALA B 736 -44.11 -13.22 -9.60
CA ALA B 736 -43.61 -13.82 -10.83
C ALA B 736 -43.74 -12.86 -12.00
N ILE B 737 -44.77 -12.00 -11.99
CA ILE B 737 -44.94 -11.02 -13.06
C ILE B 737 -43.86 -9.95 -13.07
N LEU B 738 -43.17 -9.75 -11.95
CA LEU B 738 -42.10 -8.76 -11.90
C LEU B 738 -40.92 -9.21 -12.74
N MET B 739 -40.30 -8.26 -13.44
CA MET B 739 -39.15 -8.58 -14.27
C MET B 739 -38.00 -9.16 -13.46
N ASP B 740 -37.88 -8.77 -12.20
CA ASP B 740 -36.85 -9.30 -11.31
C ASP B 740 -37.44 -9.93 -10.05
N GLY B 741 -38.74 -10.17 -10.02
CA GLY B 741 -39.36 -10.83 -8.89
C GLY B 741 -39.25 -9.98 -7.63
N ASP B 742 -38.80 -10.61 -6.54
CA ASP B 742 -38.60 -9.88 -5.30
C ASP B 742 -37.49 -8.85 -5.42
N LYS B 743 -36.65 -8.95 -6.44
CA LYS B 743 -35.59 -7.97 -6.67
C LYS B 743 -36.06 -6.80 -7.51
N THR B 744 -37.34 -6.76 -7.88
CA THR B 744 -37.86 -5.63 -8.63
C THR B 744 -38.01 -4.41 -7.74
N LEU B 745 -37.47 -3.29 -8.19
CA LEU B 745 -37.68 -2.03 -7.48
C LEU B 745 -39.07 -1.50 -7.77
N VAL B 746 -39.80 -1.15 -6.71
CA VAL B 746 -41.08 -0.48 -6.89
C VAL B 746 -40.81 0.97 -7.28
N GLY B 747 -41.50 1.43 -8.32
CA GLY B 747 -41.24 2.75 -8.87
C GLY B 747 -41.43 3.86 -7.86
N GLU B 748 -40.99 5.05 -8.28
CA GLU B 748 -41.10 6.23 -7.42
C GLU B 748 -42.56 6.48 -7.04
N LYS B 749 -42.78 6.77 -5.77
CA LYS B 749 -44.09 6.99 -5.16
C LYS B 749 -44.98 5.75 -5.24
N GLY B 750 -44.44 4.60 -5.64
CA GLY B 750 -45.20 3.36 -5.64
C GLY B 750 -46.22 3.24 -6.76
N ILE B 751 -45.96 3.86 -7.91
CA ILE B 751 -46.88 3.76 -9.05
C ILE B 751 -46.62 2.53 -9.90
N SER B 752 -45.65 1.71 -9.53
CA SER B 752 -45.31 0.52 -10.32
C SER B 752 -46.05 -0.73 -9.86
N LEU B 753 -46.98 -0.62 -8.91
CA LEU B 753 -47.67 -1.80 -8.41
C LEU B 753 -49.15 -1.47 -8.19
N SER B 754 -49.97 -2.52 -8.23
CA SER B 754 -51.42 -2.37 -8.12
C SER B 754 -51.81 -2.14 -6.66
N GLY B 755 -53.05 -1.68 -6.46
CA GLY B 755 -53.51 -1.39 -5.12
C GLY B 755 -53.62 -2.62 -4.25
N GLY B 756 -54.30 -3.65 -4.76
CA GLY B 756 -54.39 -4.89 -4.00
C GLY B 756 -53.04 -5.55 -3.81
N GLN B 757 -52.19 -5.47 -4.83
CA GLN B 757 -50.85 -6.02 -4.71
C GLN B 757 -50.04 -5.30 -3.64
N LYS B 758 -50.19 -3.98 -3.56
CA LYS B 758 -49.51 -3.21 -2.51
C LYS B 758 -50.04 -3.56 -1.14
N ALA B 759 -51.36 -3.77 -1.02
CA ALA B 759 -51.92 -4.21 0.24
C ALA B 759 -51.37 -5.57 0.64
N ARG B 760 -51.26 -6.48 -0.33
CA ARG B 760 -50.66 -7.78 -0.05
C ARG B 760 -49.20 -7.64 0.36
N LEU B 761 -48.46 -6.72 -0.27
CA LEU B 761 -47.07 -6.51 0.12
C LEU B 761 -46.96 -5.98 1.54
N SER B 762 -47.85 -5.06 1.92
CA SER B 762 -47.87 -4.57 3.29
C SER B 762 -48.17 -5.71 4.25
N LEU B 763 -49.13 -6.56 3.91
CA LEU B 763 -49.41 -7.73 4.73
C LEU B 763 -48.19 -8.62 4.83
N ALA B 764 -47.45 -8.76 3.73
CA ALA B 764 -46.24 -9.58 3.72
C ALA B 764 -45.21 -9.01 4.68
N ARG B 765 -45.02 -7.69 4.66
CA ARG B 765 -44.08 -7.07 5.59
C ARG B 765 -44.52 -7.33 7.03
N ALA B 766 -45.81 -7.12 7.31
CA ALA B 766 -46.31 -7.35 8.65
C ALA B 766 -46.08 -8.77 9.10
N VAL B 767 -46.28 -9.74 8.19
CA VAL B 767 -46.12 -11.14 8.57
C VAL B 767 -44.66 -11.50 8.75
N TYR B 768 -43.80 -11.08 7.80
CA TYR B 768 -42.39 -11.39 7.90
C TYR B 768 -41.77 -10.76 9.13
N ALA B 769 -42.39 -9.70 9.65
CA ALA B 769 -41.90 -9.11 10.88
C ALA B 769 -41.93 -10.11 12.03
N ARG B 770 -42.89 -11.03 12.02
CA ARG B 770 -43.05 -12.02 13.09
C ARG B 770 -43.14 -11.35 14.44
N ALA B 771 -44.09 -10.42 14.56
CA ALA B 771 -44.22 -9.60 15.75
C ALA B 771 -45.16 -10.26 16.76
N ASP B 772 -45.30 -9.65 17.93
CA ASP B 772 -46.12 -10.18 19.01
C ASP B 772 -47.54 -9.61 19.02
N THR B 773 -47.85 -8.66 18.15
CA THR B 773 -49.20 -8.16 18.00
C THR B 773 -49.30 -7.55 16.61
N TYR B 774 -50.40 -7.80 15.91
CA TYR B 774 -50.59 -7.23 14.60
C TYR B 774 -51.90 -6.47 14.60
N LEU B 775 -51.87 -5.21 14.18
CA LEU B 775 -53.06 -4.36 14.12
C LEU B 775 -53.28 -3.95 12.68
N LEU B 776 -54.38 -4.39 12.08
CA LEU B 776 -54.61 -4.15 10.67
C LEU B 776 -55.84 -3.28 10.49
N ASP B 777 -55.71 -2.21 9.74
CA ASP B 777 -56.84 -1.31 9.47
C ASP B 777 -57.57 -1.71 8.21
N ASP B 778 -58.02 -2.96 8.19
CA ASP B 778 -58.91 -3.51 7.17
C ASP B 778 -58.33 -3.43 5.77
N PRO B 779 -57.13 -3.98 5.53
CA PRO B 779 -56.67 -4.11 4.14
C PRO B 779 -57.47 -5.10 3.33
N LEU B 780 -58.19 -6.01 3.98
CA LEU B 780 -58.96 -7.02 3.26
C LEU B 780 -60.02 -6.39 2.36
N ALA B 781 -60.66 -5.33 2.85
CA ALA B 781 -61.70 -4.67 2.08
C ALA B 781 -61.17 -4.06 0.79
N ALA B 782 -59.86 -3.88 0.68
CA ALA B 782 -59.26 -3.42 -0.57
C ALA B 782 -58.91 -4.58 -1.49
N VAL B 783 -58.52 -5.72 -0.93
CA VAL B 783 -58.12 -6.86 -1.75
C VAL B 783 -59.36 -7.62 -2.22
N ASP B 784 -59.17 -8.42 -3.27
CA ASP B 784 -60.26 -9.22 -3.82
C ASP B 784 -60.75 -10.24 -2.78
N GLU B 785 -61.97 -10.72 -2.98
CA GLU B 785 -62.62 -11.54 -1.95
C GLU B 785 -61.97 -12.92 -1.85
N HIS B 786 -61.57 -13.51 -2.98
CA HIS B 786 -60.90 -14.80 -2.94
C HIS B 786 -59.59 -14.70 -2.18
N VAL B 787 -58.80 -13.66 -2.46
CA VAL B 787 -57.56 -13.45 -1.74
C VAL B 787 -57.83 -13.15 -0.28
N ALA B 788 -58.93 -12.45 0.01
CA ALA B 788 -59.29 -12.18 1.40
C ALA B 788 -59.53 -13.49 2.15
N ARG B 789 -60.29 -14.40 1.54
CA ARG B 789 -60.54 -15.69 2.17
C ARG B 789 -59.24 -16.47 2.33
N HIS B 790 -58.39 -16.46 1.30
CA HIS B 790 -57.14 -17.19 1.37
C HIS B 790 -56.27 -16.67 2.51
N LEU B 791 -56.21 -15.36 2.68
CA LEU B 791 -55.43 -14.77 3.76
C LEU B 791 -56.03 -15.11 5.11
N ILE B 792 -57.35 -14.92 5.26
CA ILE B 792 -57.99 -15.19 6.53
C ILE B 792 -57.86 -16.65 6.91
N GLU B 793 -57.65 -17.53 5.94
CA GLU B 793 -57.42 -18.93 6.27
C GLU B 793 -55.96 -19.19 6.60
N HIS B 794 -55.04 -18.76 5.74
CA HIS B 794 -53.68 -19.25 5.77
C HIS B 794 -52.73 -18.42 6.61
N VAL B 795 -53.01 -17.12 6.81
CA VAL B 795 -52.09 -16.20 7.46
C VAL B 795 -52.64 -15.66 8.77
N LEU B 796 -53.82 -15.05 8.72
CA LEU B 796 -54.35 -14.35 9.88
C LEU B 796 -55.20 -15.22 10.79
N GLY B 797 -55.77 -16.30 10.27
CA GLY B 797 -56.71 -17.11 11.01
C GLY B 797 -56.06 -17.92 12.12
N PRO B 798 -56.88 -18.52 12.98
CA PRO B 798 -56.34 -19.32 14.08
C PRO B 798 -55.50 -20.51 13.61
N ASN B 799 -55.72 -20.99 12.39
CA ASN B 799 -54.89 -22.03 11.81
C ASN B 799 -53.79 -21.46 10.93
N GLY B 800 -53.69 -20.14 10.81
CA GLY B 800 -52.72 -19.52 9.92
C GLY B 800 -51.30 -19.57 10.46
N LEU B 801 -50.37 -19.09 9.63
CA LEU B 801 -48.95 -19.06 9.97
C LEU B 801 -48.62 -18.03 11.03
N LEU B 802 -49.56 -17.15 11.37
CA LEU B 802 -49.41 -16.21 12.47
C LEU B 802 -50.25 -16.59 13.68
N HIS B 803 -50.57 -17.88 13.82
CA HIS B 803 -51.57 -18.32 14.79
C HIS B 803 -51.22 -17.84 16.19
N THR B 804 -49.98 -18.06 16.63
CA THR B 804 -49.61 -17.83 18.02
C THR B 804 -49.55 -16.36 18.39
N LYS B 805 -49.85 -15.44 17.46
CA LYS B 805 -49.65 -14.03 17.68
C LYS B 805 -50.99 -13.30 17.68
N THR B 806 -51.12 -12.36 18.61
CA THR B 806 -52.35 -11.57 18.73
C THR B 806 -52.61 -10.82 17.44
N LYS B 807 -53.85 -10.86 16.99
CA LYS B 807 -54.24 -10.17 15.76
C LYS B 807 -55.49 -9.36 16.05
N VAL B 808 -55.52 -8.14 15.55
CA VAL B 808 -56.69 -7.28 15.67
C VAL B 808 -56.91 -6.63 14.32
N LEU B 809 -58.17 -6.37 13.99
CA LEU B 809 -58.49 -5.80 12.69
C LEU B 809 -59.66 -4.86 12.87
N ALA B 810 -59.91 -4.06 11.83
CA ALA B 810 -61.03 -3.14 11.84
C ALA B 810 -61.91 -3.34 10.61
N THR B 811 -61.82 -4.53 10.01
CA THR B 811 -62.68 -4.82 8.87
C THR B 811 -64.10 -5.14 9.35
N ASN B 812 -65.05 -4.94 8.44
CA ASN B 812 -66.44 -5.31 8.66
C ASN B 812 -66.88 -6.43 7.74
N LYS B 813 -65.93 -7.14 7.13
CA LYS B 813 -66.24 -8.21 6.20
C LYS B 813 -66.85 -9.39 6.95
N VAL B 814 -67.89 -9.98 6.35
CA VAL B 814 -68.63 -11.05 7.01
C VAL B 814 -67.73 -12.25 7.25
N SER B 815 -66.93 -12.62 6.26
CA SER B 815 -66.06 -13.79 6.42
C SER B 815 -65.07 -13.59 7.55
N ALA B 816 -64.41 -12.43 7.58
CA ALA B 816 -63.46 -12.16 8.65
C ALA B 816 -64.13 -12.14 10.01
N LEU B 817 -65.30 -11.49 10.10
CA LEU B 817 -66.01 -11.43 11.37
C LEU B 817 -66.37 -12.83 11.84
N SER B 818 -66.73 -13.72 10.91
CA SER B 818 -66.94 -15.11 11.27
C SER B 818 -65.65 -15.74 11.79
N ILE B 819 -64.54 -15.42 11.15
CA ILE B 819 -63.25 -15.96 11.58
C ILE B 819 -62.83 -15.42 12.94
N ALA B 820 -63.44 -14.33 13.38
CA ALA B 820 -63.04 -13.67 14.62
C ALA B 820 -63.13 -14.59 15.82
N ASP B 821 -62.28 -14.33 16.81
CA ASP B 821 -62.37 -14.95 18.12
C ASP B 821 -63.00 -14.05 19.16
N SER B 822 -63.04 -12.74 18.90
CA SER B 822 -63.79 -11.79 19.70
C SER B 822 -64.14 -10.62 18.79
N ILE B 823 -65.12 -9.82 19.21
CA ILE B 823 -65.58 -8.71 18.38
C ILE B 823 -66.01 -7.56 19.28
N ALA B 824 -65.90 -6.35 18.74
CA ALA B 824 -66.33 -5.15 19.44
C ALA B 824 -67.02 -4.22 18.46
N LEU B 825 -68.07 -3.55 18.93
CA LEU B 825 -68.87 -2.66 18.11
C LEU B 825 -68.58 -1.22 18.53
N LEU B 826 -68.23 -0.39 17.56
CA LEU B 826 -67.84 0.99 17.82
C LEU B 826 -68.95 1.93 17.39
N ASP B 827 -69.23 2.93 18.23
CA ASP B 827 -70.31 3.88 18.00
C ASP B 827 -69.79 5.27 18.35
N ASN B 828 -69.38 6.02 17.32
CA ASN B 828 -69.04 7.44 17.43
C ASN B 828 -68.07 7.70 18.56
N GLY B 829 -67.05 6.85 18.66
CA GLY B 829 -65.99 7.02 19.63
C GLY B 829 -66.14 6.18 20.89
N GLU B 830 -67.31 5.62 21.13
CA GLU B 830 -67.53 4.74 22.27
C GLU B 830 -67.69 3.31 21.80
N ILE B 831 -67.85 2.39 22.74
CA ILE B 831 -68.10 0.99 22.44
C ILE B 831 -69.51 0.66 22.87
N THR B 832 -70.17 -0.21 22.10
CA THR B 832 -71.53 -0.62 22.40
C THR B 832 -71.67 -2.10 22.71
N GLN B 833 -70.76 -2.95 22.26
CA GLN B 833 -70.86 -4.37 22.51
C GLN B 833 -69.46 -4.98 22.42
N GLN B 834 -69.32 -6.14 23.06
CA GLN B 834 -68.06 -6.89 23.04
C GLN B 834 -68.36 -8.33 23.41
N GLY B 835 -67.59 -9.23 22.83
CA GLY B 835 -67.75 -10.64 23.11
C GLY B 835 -67.37 -11.48 21.91
N THR B 836 -67.55 -12.79 22.06
CA THR B 836 -67.22 -13.71 21.00
C THR B 836 -68.27 -13.68 19.89
N TYR B 837 -67.97 -14.39 18.80
CA TYR B 837 -68.92 -14.49 17.69
C TYR B 837 -70.21 -15.16 18.14
N ASP B 838 -70.13 -16.08 19.11
CA ASP B 838 -71.34 -16.71 19.62
C ASP B 838 -72.23 -15.70 20.32
N GLU B 839 -71.65 -14.83 21.15
CA GLU B 839 -72.42 -13.78 21.79
C GLU B 839 -72.98 -12.80 20.76
N ILE B 840 -72.19 -12.51 19.72
CA ILE B 840 -72.68 -11.62 18.65
C ILE B 840 -73.91 -12.23 17.99
N THR B 841 -73.84 -13.53 17.67
CA THR B 841 -74.97 -14.20 17.05
C THR B 841 -76.18 -14.24 17.98
N LYS B 842 -75.93 -14.50 19.27
CA LYS B 842 -77.04 -14.54 20.24
C LYS B 842 -77.74 -13.20 20.33
N ASP B 843 -76.98 -12.10 20.35
CA ASP B 843 -77.60 -10.78 20.43
C ASP B 843 -78.30 -10.42 19.12
N ALA B 844 -77.60 -10.61 17.99
CA ALA B 844 -78.12 -10.23 16.67
C ALA B 844 -78.52 -8.76 16.63
N ASP B 845 -77.80 -7.93 17.39
CA ASP B 845 -78.14 -6.51 17.54
C ASP B 845 -77.54 -5.64 16.46
N SER B 846 -76.63 -6.16 15.65
CA SER B 846 -75.98 -5.37 14.61
C SER B 846 -75.80 -6.25 13.38
N PRO B 847 -75.38 -5.68 12.24
CA PRO B 847 -75.25 -6.50 11.03
C PRO B 847 -74.26 -7.65 11.18
N LEU B 848 -73.36 -7.58 12.16
CA LEU B 848 -72.40 -8.66 12.39
C LEU B 848 -73.10 -10.00 12.59
N TRP B 849 -74.33 -9.98 13.12
CA TRP B 849 -75.16 -11.16 13.18
C TRP B 849 -76.46 -11.04 12.40
N LYS B 850 -76.96 -9.82 12.19
CA LYS B 850 -78.22 -9.62 11.48
C LYS B 850 -78.06 -9.83 9.98
N LEU B 851 -76.88 -9.56 9.43
CA LEU B 851 -76.62 -9.77 8.01
C LEU B 851 -76.33 -11.23 7.68
N LEU B 852 -76.21 -12.10 8.67
CA LEU B 852 -75.94 -13.50 8.45
C LEU B 852 -76.42 -14.35 9.63
N GLU B 927 -12.52 -1.72 -13.53
CA GLU B 927 -13.64 -1.55 -12.61
C GLU B 927 -14.07 -0.09 -12.54
N HIS B 928 -13.38 0.75 -13.29
CA HIS B 928 -13.58 2.19 -13.23
C HIS B 928 -13.43 2.77 -14.62
N ARG B 929 -13.98 3.97 -14.81
CA ARG B 929 -14.02 4.61 -16.11
C ARG B 929 -13.03 5.76 -16.14
N GLU B 930 -12.09 5.70 -17.08
CA GLU B 930 -11.08 6.75 -17.20
C GLU B 930 -11.70 8.05 -17.64
N GLN B 931 -11.10 9.15 -17.20
CA GLN B 931 -11.51 10.46 -17.63
C GLN B 931 -11.16 10.67 -19.09
N GLY B 932 -11.88 11.58 -19.73
CA GLY B 932 -11.73 11.81 -21.16
C GLY B 932 -11.26 13.23 -21.44
N LYS B 933 -10.43 13.36 -22.47
CA LYS B 933 -10.05 14.68 -22.94
C LYS B 933 -11.29 15.44 -23.41
N VAL B 934 -11.12 16.75 -23.58
CA VAL B 934 -12.23 17.61 -23.94
C VAL B 934 -12.65 17.33 -25.37
N LYS B 935 -13.94 17.56 -25.65
CA LYS B 935 -14.52 17.29 -26.96
C LYS B 935 -14.46 18.58 -27.77
N TRP B 936 -13.28 18.88 -28.29
CA TRP B 936 -13.09 20.13 -29.01
C TRP B 936 -13.98 20.23 -30.23
N ASN B 937 -14.35 19.10 -30.82
CA ASN B 937 -15.26 19.19 -31.96
C ASN B 937 -16.57 19.84 -31.54
N ILE B 938 -17.01 19.62 -30.30
CA ILE B 938 -18.21 20.27 -29.80
C ILE B 938 -18.03 21.78 -29.75
N TYR B 939 -16.89 22.24 -29.25
CA TYR B 939 -16.64 23.68 -29.23
C TYR B 939 -16.65 24.25 -30.63
N LEU B 940 -16.06 23.55 -31.59
CA LEU B 940 -16.09 24.07 -32.95
C LEU B 940 -17.48 23.98 -33.57
N GLU B 941 -18.31 23.02 -33.19
CA GLU B 941 -19.69 23.05 -33.67
C GLU B 941 -20.47 24.20 -33.08
N TYR B 942 -20.22 24.53 -31.81
CA TYR B 942 -20.86 25.73 -31.28
C TYR B 942 -20.35 26.99 -31.97
N ALA B 943 -19.05 27.07 -32.21
CA ALA B 943 -18.48 28.22 -32.89
C ALA B 943 -18.93 28.29 -34.33
N LYS B 944 -19.38 27.17 -34.92
CA LYS B 944 -20.00 27.20 -36.23
C LYS B 944 -21.46 27.57 -36.13
N ALA B 945 -22.09 27.28 -34.99
CA ALA B 945 -23.46 27.72 -34.78
C ALA B 945 -23.53 29.23 -34.70
N CYS B 946 -22.84 29.81 -33.73
CA CYS B 946 -22.55 31.25 -33.82
C CYS B 946 -21.77 31.49 -35.09
N ASN B 947 -22.07 32.55 -35.80
CA ASN B 947 -21.33 32.76 -37.03
C ASN B 947 -19.88 33.05 -36.65
N PRO B 948 -18.93 32.22 -37.07
CA PRO B 948 -17.55 32.40 -36.58
C PRO B 948 -16.96 33.76 -36.92
N LYS B 949 -17.44 34.42 -37.96
CA LYS B 949 -17.07 35.82 -38.15
C LYS B 949 -17.57 36.67 -36.98
N SER B 950 -18.80 36.43 -36.54
CA SER B 950 -19.29 37.18 -35.39
C SER B 950 -18.55 36.81 -34.13
N VAL B 951 -18.12 35.57 -33.99
CA VAL B 951 -17.26 35.19 -32.87
C VAL B 951 -15.95 35.96 -32.92
N CYS B 952 -15.36 36.06 -34.11
CA CYS B 952 -14.14 36.84 -34.24
C CYS B 952 -14.37 38.29 -33.86
N VAL B 953 -15.50 38.86 -34.25
CA VAL B 953 -15.82 40.23 -33.85
C VAL B 953 -15.95 40.34 -32.35
N PHE B 954 -16.59 39.38 -31.71
CA PHE B 954 -16.80 39.43 -30.28
C PHE B 954 -15.47 39.37 -29.54
N ILE B 955 -14.58 38.48 -29.98
CA ILE B 955 -13.24 38.45 -29.38
C ILE B 955 -12.52 39.75 -29.65
N LEU B 956 -12.71 40.31 -30.84
CA LEU B 956 -12.06 41.57 -31.18
C LEU B 956 -12.49 42.67 -30.23
N PHE B 957 -13.76 42.70 -29.88
CA PHE B 957 -14.18 43.78 -29.00
C PHE B 957 -13.85 43.50 -27.56
N ILE B 958 -13.70 42.25 -27.16
CA ILE B 958 -13.06 42.00 -25.86
C ILE B 958 -11.67 42.59 -25.85
N VAL B 959 -10.92 42.35 -26.92
CA VAL B 959 -9.54 42.82 -26.98
C VAL B 959 -9.50 44.35 -27.01
N ILE B 960 -10.41 44.97 -27.75
CA ILE B 960 -10.45 46.43 -27.79
C ILE B 960 -10.85 46.99 -26.43
N SER B 961 -11.82 46.37 -25.77
CA SER B 961 -12.18 46.82 -24.43
C SER B 961 -10.99 46.75 -23.49
N MET B 962 -10.26 45.64 -23.51
CA MET B 962 -9.14 45.51 -22.61
C MET B 962 -8.00 46.42 -23.00
N PHE B 963 -7.77 46.61 -24.30
CA PHE B 963 -6.73 47.51 -24.74
C PHE B 963 -7.02 48.93 -24.34
N LEU B 964 -8.28 49.36 -24.44
CA LEU B 964 -8.59 50.71 -24.00
C LEU B 964 -8.53 50.82 -22.48
N SER B 965 -8.86 49.76 -21.76
CA SER B 965 -8.67 49.82 -20.31
C SER B 965 -7.21 49.99 -19.96
N VAL B 966 -6.35 49.14 -20.52
CA VAL B 966 -4.93 49.19 -20.17
C VAL B 966 -4.31 50.47 -20.70
N MET B 967 -4.81 51.00 -21.81
CA MET B 967 -4.33 52.29 -22.27
C MET B 967 -4.83 53.41 -21.40
N GLY B 968 -6.01 53.27 -20.80
CA GLY B 968 -6.44 54.26 -19.85
C GLY B 968 -5.51 54.31 -18.68
N ASN B 969 -5.07 53.14 -18.19
CA ASN B 969 -4.13 53.15 -17.09
C ASN B 969 -2.74 53.60 -17.52
N VAL B 970 -2.34 53.36 -18.76
CA VAL B 970 -1.07 53.89 -19.25
C VAL B 970 -1.13 55.40 -19.33
N TRP B 971 -2.23 55.95 -19.83
CA TRP B 971 -2.42 57.38 -19.83
C TRP B 971 -2.42 57.93 -18.42
N LEU B 972 -3.01 57.21 -17.49
CA LEU B 972 -3.01 57.62 -16.11
C LEU B 972 -1.60 57.64 -15.54
N LYS B 973 -0.79 56.65 -15.92
CA LYS B 973 0.61 56.64 -15.52
C LYS B 973 1.33 57.86 -16.06
N HIS B 974 1.15 58.15 -17.34
CA HIS B 974 1.77 59.33 -17.92
C HIS B 974 1.31 60.61 -17.24
N TRP B 975 0.01 60.73 -17.02
CA TRP B 975 -0.53 61.93 -16.41
C TRP B 975 0.04 62.13 -15.03
N SER B 976 0.08 61.07 -14.24
CA SER B 976 0.61 61.19 -12.90
C SER B 976 2.10 61.52 -12.91
N GLU B 977 2.84 60.98 -13.86
CA GLU B 977 4.24 61.37 -13.97
C GLU B 977 4.38 62.85 -14.28
N VAL B 978 3.49 63.38 -15.11
CA VAL B 978 3.50 64.81 -15.39
C VAL B 978 3.23 65.62 -14.13
N ASN B 979 2.16 65.26 -13.42
CA ASN B 979 1.86 65.90 -12.14
C ASN B 979 2.99 65.74 -11.16
N SER B 980 3.84 64.73 -11.33
CA SER B 980 4.89 64.51 -10.36
C SER B 980 6.11 65.37 -10.65
N ARG B 981 6.54 65.41 -11.92
CA ARG B 981 7.67 66.26 -12.25
C ARG B 981 7.32 67.73 -12.07
N TYR B 982 6.13 68.14 -12.51
CA TYR B 982 5.69 69.50 -12.24
C TYR B 982 4.98 69.51 -10.90
N GLY B 983 5.45 70.34 -9.98
CA GLY B 983 5.01 70.24 -8.60
C GLY B 983 3.50 70.34 -8.42
N SER B 984 2.76 70.72 -9.44
CA SER B 984 1.32 70.82 -9.34
C SER B 984 0.73 70.42 -10.68
N ASN B 985 -0.57 70.19 -10.70
CA ASN B 985 -1.26 69.59 -11.82
C ASN B 985 -1.42 70.55 -12.99
N PRO B 986 -0.64 70.40 -14.06
CA PRO B 986 -0.77 71.31 -15.18
C PRO B 986 -1.77 70.77 -16.20
N ASN B 987 -2.37 71.71 -16.93
CA ASN B 987 -3.16 71.37 -18.11
C ASN B 987 -4.16 70.27 -17.81
N ALA B 988 -4.70 70.27 -16.60
CA ALA B 988 -5.45 69.13 -16.09
C ALA B 988 -6.53 68.69 -17.06
N ALA B 989 -7.36 69.64 -17.50
CA ALA B 989 -8.53 69.29 -18.30
C ALA B 989 -8.18 68.39 -19.47
N ARG B 990 -7.03 68.62 -20.10
CA ARG B 990 -6.65 67.79 -21.24
C ARG B 990 -6.37 66.36 -20.81
N TYR B 991 -5.56 66.17 -19.78
CA TYR B 991 -5.24 64.82 -19.33
C TYR B 991 -6.48 64.11 -18.82
N LEU B 992 -7.31 64.81 -18.06
CA LEU B 992 -8.50 64.19 -17.50
C LEU B 992 -9.50 63.85 -18.59
N ALA B 993 -9.62 64.71 -19.60
CA ALA B 993 -10.51 64.42 -20.72
C ALA B 993 -10.02 63.21 -21.51
N ILE B 994 -8.72 63.10 -21.74
CA ILE B 994 -8.25 61.93 -22.49
C ILE B 994 -8.40 60.66 -21.66
N TYR B 995 -8.12 60.72 -20.37
CA TYR B 995 -8.35 59.57 -19.49
C TYR B 995 -9.80 59.13 -19.53
N PHE B 996 -10.72 60.09 -19.38
CA PHE B 996 -12.14 59.76 -19.45
C PHE B 996 -12.50 59.21 -20.81
N ALA B 997 -11.90 59.75 -21.87
CA ALA B 997 -12.18 59.23 -23.19
C ALA B 997 -11.78 57.77 -23.31
N LEU B 998 -10.61 57.42 -22.80
CA LEU B 998 -10.16 56.04 -22.87
C LEU B 998 -11.03 55.13 -22.03
N GLY B 999 -11.41 55.57 -20.84
CA GLY B 999 -12.30 54.74 -20.03
C GLY B 999 -13.65 54.52 -20.68
N ILE B 1000 -14.23 55.57 -21.27
CA ILE B 1000 -15.49 55.41 -21.97
C ILE B 1000 -15.31 54.56 -23.21
N GLY B 1001 -14.13 54.62 -23.84
CA GLY B 1001 -13.88 53.72 -24.94
C GLY B 1001 -13.88 52.27 -24.50
N SER B 1002 -13.29 52.00 -23.34
CA SER B 1002 -13.36 50.65 -22.80
C SER B 1002 -14.79 50.25 -22.47
N ALA B 1003 -15.56 51.17 -21.89
CA ALA B 1003 -16.94 50.84 -21.54
C ALA B 1003 -17.79 50.55 -22.77
N LEU B 1004 -17.66 51.38 -23.80
CA LEU B 1004 -18.43 51.14 -25.00
C LEU B 1004 -17.94 49.92 -25.75
N ALA B 1005 -16.65 49.62 -25.67
CA ALA B 1005 -16.19 48.39 -26.27
C ALA B 1005 -16.78 47.19 -25.56
N THR B 1006 -16.90 47.26 -24.23
CA THR B 1006 -17.58 46.19 -23.50
C THR B 1006 -19.05 46.09 -23.90
N LEU B 1007 -19.72 47.23 -24.04
CA LEU B 1007 -21.12 47.20 -24.43
C LEU B 1007 -21.29 46.55 -25.80
N ILE B 1008 -20.55 47.03 -26.79
CA ILE B 1008 -20.64 46.47 -28.13
C ILE B 1008 -20.25 45.00 -28.12
N GLN B 1009 -19.26 44.65 -27.30
CA GLN B 1009 -18.83 43.27 -27.15
C GLN B 1009 -19.97 42.38 -26.70
N THR B 1010 -20.67 42.77 -25.64
CA THR B 1010 -21.76 41.95 -25.14
C THR B 1010 -22.92 41.91 -26.12
N ILE B 1011 -23.23 43.04 -26.75
CA ILE B 1011 -24.31 43.06 -27.73
C ILE B 1011 -24.00 42.15 -28.91
N VAL B 1012 -22.77 42.18 -29.39
CA VAL B 1012 -22.39 41.26 -30.45
C VAL B 1012 -22.54 39.82 -29.97
N LEU B 1013 -22.04 39.53 -28.77
CA LEU B 1013 -22.15 38.18 -28.22
C LEU B 1013 -23.58 37.69 -28.25
N TRP B 1014 -24.52 38.50 -27.77
CA TRP B 1014 -25.90 38.05 -27.67
C TRP B 1014 -26.58 38.08 -29.02
N VAL B 1015 -26.71 39.27 -29.61
CA VAL B 1015 -27.50 39.43 -30.82
C VAL B 1015 -26.94 38.58 -31.95
N PHE B 1016 -25.62 38.62 -32.15
CA PHE B 1016 -25.09 37.98 -33.34
C PHE B 1016 -24.63 36.55 -33.09
N CYS B 1017 -23.96 36.30 -31.96
CA CYS B 1017 -23.40 34.98 -31.73
C CYS B 1017 -24.39 34.04 -31.06
N THR B 1018 -24.77 34.34 -29.82
CA THR B 1018 -25.54 33.38 -29.03
C THR B 1018 -26.93 33.17 -29.58
N ILE B 1019 -27.62 34.25 -29.94
CA ILE B 1019 -28.98 34.11 -30.46
C ILE B 1019 -28.97 33.34 -31.77
N HIS B 1020 -28.04 33.69 -32.66
CA HIS B 1020 -27.98 32.96 -33.92
C HIS B 1020 -27.70 31.49 -33.67
N ALA B 1021 -26.81 31.19 -32.73
CA ALA B 1021 -26.51 29.78 -32.44
C ALA B 1021 -27.69 29.06 -31.85
N SER B 1022 -28.41 29.69 -30.92
CA SER B 1022 -29.58 29.04 -30.34
C SER B 1022 -30.65 28.79 -31.38
N LYS B 1023 -30.93 29.78 -32.22
CA LYS B 1023 -31.86 29.61 -33.31
C LYS B 1023 -31.45 28.45 -34.20
N TYR B 1024 -30.20 28.45 -34.64
CA TYR B 1024 -29.72 27.41 -35.54
C TYR B 1024 -29.78 26.04 -34.91
N LEU B 1025 -29.36 25.90 -33.66
CA LEU B 1025 -29.33 24.59 -33.03
C LEU B 1025 -30.74 24.08 -32.80
N HIS B 1026 -31.64 24.92 -32.32
CA HIS B 1026 -33.00 24.43 -32.13
C HIS B 1026 -33.64 24.03 -33.45
N ASN B 1027 -33.44 24.84 -34.50
CA ASN B 1027 -33.98 24.46 -35.80
C ASN B 1027 -33.42 23.12 -36.25
N LEU B 1028 -32.11 22.95 -36.16
CA LEU B 1028 -31.50 21.72 -36.62
C LEU B 1028 -32.02 20.53 -35.82
N MET B 1029 -32.14 20.68 -34.51
CA MET B 1029 -32.58 19.56 -33.70
C MET B 1029 -34.03 19.21 -33.97
N THR B 1030 -34.89 20.21 -34.18
CA THR B 1030 -36.29 19.89 -34.46
C THR B 1030 -36.41 19.18 -35.80
N ASN B 1031 -35.72 19.67 -36.83
CA ASN B 1031 -35.75 18.98 -38.11
C ASN B 1031 -35.31 17.54 -37.95
N SER B 1032 -34.19 17.31 -37.26
CA SER B 1032 -33.68 15.96 -37.14
C SER B 1032 -34.62 15.07 -36.34
N VAL B 1033 -35.07 15.54 -35.17
CA VAL B 1033 -35.94 14.73 -34.34
C VAL B 1033 -37.22 14.35 -35.10
N LEU B 1034 -37.84 15.32 -35.75
CA LEU B 1034 -39.06 15.00 -36.49
C LEU B 1034 -38.79 14.04 -37.63
N ARG B 1035 -37.67 14.21 -38.35
CA ARG B 1035 -37.40 13.31 -39.45
C ARG B 1035 -36.92 11.95 -39.00
N ALA B 1036 -36.66 11.74 -37.71
CA ALA B 1036 -36.21 10.43 -37.26
C ALA B 1036 -37.32 9.40 -37.43
N PRO B 1037 -36.97 8.14 -37.66
CA PRO B 1037 -37.99 7.09 -37.73
C PRO B 1037 -38.55 6.76 -36.37
N MET B 1038 -39.76 6.23 -36.37
CA MET B 1038 -40.45 5.93 -35.12
C MET B 1038 -39.69 4.94 -34.25
N THR B 1039 -38.79 4.15 -34.84
CA THR B 1039 -37.97 3.28 -34.03
C THR B 1039 -37.12 4.08 -33.05
N PHE B 1040 -36.79 5.32 -33.41
CA PHE B 1040 -36.05 6.16 -32.47
C PHE B 1040 -36.87 6.46 -31.22
N PHE B 1041 -38.10 6.92 -31.41
CA PHE B 1041 -38.95 7.21 -30.25
C PHE B 1041 -39.25 5.95 -29.46
N GLU B 1042 -39.40 4.82 -30.15
CA GLU B 1042 -39.60 3.56 -29.45
C GLU B 1042 -38.38 3.20 -28.61
N THR B 1043 -37.19 3.40 -29.16
CA THR B 1043 -35.96 3.04 -28.47
C THR B 1043 -35.73 3.93 -27.26
N THR B 1044 -35.91 5.20 -27.43
CA THR B 1044 -35.50 6.02 -26.31
C THR B 1044 -36.70 6.46 -25.48
N PRO B 1045 -36.51 6.64 -24.18
CA PRO B 1045 -37.60 7.17 -23.36
C PRO B 1045 -37.93 8.60 -23.75
N ILE B 1046 -39.18 8.99 -23.55
CA ILE B 1046 -39.60 10.32 -23.94
C ILE B 1046 -38.98 11.37 -23.04
N GLY B 1047 -38.77 11.04 -21.77
CA GLY B 1047 -38.16 12.01 -20.87
C GLY B 1047 -36.78 12.43 -21.33
N ARG B 1048 -36.01 11.49 -21.87
CA ARG B 1048 -34.68 11.79 -22.35
C ARG B 1048 -34.69 12.68 -23.59
N ILE B 1049 -35.81 12.83 -24.26
CA ILE B 1049 -35.89 13.78 -25.37
C ILE B 1049 -36.44 15.11 -24.90
N LEU B 1050 -37.44 15.07 -24.04
CA LEU B 1050 -37.99 16.31 -23.51
C LEU B 1050 -36.94 17.07 -22.73
N ASN B 1051 -36.07 16.35 -22.01
CA ASN B 1051 -35.01 17.01 -21.28
C ASN B 1051 -34.07 17.75 -22.22
N ARG B 1052 -33.69 17.13 -23.33
CA ARG B 1052 -32.80 17.81 -24.25
C ARG B 1052 -33.50 18.98 -24.93
N PHE B 1053 -34.81 18.89 -25.14
CA PHE B 1053 -35.48 20.01 -25.79
C PHE B 1053 -35.77 21.14 -24.82
N SER B 1054 -35.75 20.87 -23.53
CA SER B 1054 -35.96 21.93 -22.55
C SER B 1054 -34.65 22.47 -22.00
N ASN B 1055 -33.91 21.62 -21.27
CA ASN B 1055 -32.75 22.09 -20.52
C ASN B 1055 -31.53 22.27 -21.40
N ASP B 1056 -31.19 21.29 -22.21
CA ASP B 1056 -30.02 21.46 -23.07
C ASP B 1056 -30.21 22.60 -24.05
N ILE B 1057 -31.44 22.99 -24.35
CA ILE B 1057 -31.64 24.19 -25.16
C ILE B 1057 -31.60 25.44 -24.30
N TYR B 1058 -32.15 25.42 -23.09
CA TYR B 1058 -32.07 26.62 -22.27
C TYR B 1058 -30.61 26.96 -21.96
N LYS B 1059 -29.79 25.95 -21.69
CA LYS B 1059 -28.40 26.18 -21.36
C LYS B 1059 -27.68 26.87 -22.50
N VAL B 1060 -27.85 26.39 -23.73
CA VAL B 1060 -27.21 27.08 -24.84
C VAL B 1060 -27.88 28.41 -25.10
N ASP B 1061 -29.14 28.58 -24.70
CA ASP B 1061 -29.78 29.88 -24.85
C ASP B 1061 -29.06 30.93 -24.03
N ALA B 1062 -28.86 30.68 -22.74
CA ALA B 1062 -28.33 31.70 -21.85
C ALA B 1062 -26.96 31.35 -21.28
N LEU B 1063 -26.87 30.24 -20.57
CA LEU B 1063 -25.72 30.01 -19.71
C LEU B 1063 -24.45 29.87 -20.52
N LEU B 1064 -24.53 29.24 -21.68
CA LEU B 1064 -23.31 28.97 -22.43
C LEU B 1064 -22.73 30.24 -23.02
N GLY B 1065 -23.57 31.11 -23.58
CA GLY B 1065 -23.09 32.39 -24.05
C GLY B 1065 -22.49 33.22 -22.94
N ARG B 1066 -23.15 33.25 -21.79
CA ARG B 1066 -22.59 34.03 -20.69
C ARG B 1066 -21.24 33.48 -20.24
N THR B 1067 -21.10 32.16 -20.17
CA THR B 1067 -19.85 31.60 -19.67
C THR B 1067 -18.72 31.79 -20.68
N PHE B 1068 -19.01 31.73 -21.97
CA PHE B 1068 -17.97 32.07 -22.92
C PHE B 1068 -17.58 33.54 -22.84
N SER B 1069 -18.55 34.41 -22.57
CA SER B 1069 -18.21 35.80 -22.32
C SER B 1069 -17.26 35.93 -21.15
N GLN B 1070 -17.63 35.35 -20.01
CA GLN B 1070 -16.82 35.50 -18.81
C GLN B 1070 -15.51 34.75 -18.90
N PHE B 1071 -15.37 33.81 -19.83
CA PHE B 1071 -14.07 33.19 -19.99
C PHE B 1071 -13.17 34.01 -20.89
N PHE B 1072 -13.69 34.49 -22.02
CA PHE B 1072 -12.82 35.23 -22.92
C PHE B 1072 -12.48 36.60 -22.37
N VAL B 1073 -13.43 37.26 -21.71
CA VAL B 1073 -13.10 38.54 -21.08
C VAL B 1073 -11.93 38.35 -20.13
N ASN B 1074 -11.98 37.31 -19.31
CA ASN B 1074 -10.94 37.13 -18.30
C ASN B 1074 -9.65 36.59 -18.90
N ALA B 1075 -9.73 35.73 -19.91
CA ALA B 1075 -8.50 35.29 -20.56
C ALA B 1075 -7.79 36.45 -21.21
N VAL B 1076 -8.53 37.33 -21.87
CA VAL B 1076 -7.90 38.51 -22.45
C VAL B 1076 -7.38 39.41 -21.35
N LYS B 1077 -8.08 39.48 -20.23
CA LYS B 1077 -7.59 40.31 -19.14
C LYS B 1077 -6.26 39.80 -18.62
N VAL B 1078 -6.11 38.48 -18.47
CA VAL B 1078 -4.82 37.96 -18.01
C VAL B 1078 -3.76 38.18 -19.06
N THR B 1079 -4.07 37.95 -20.32
CA THR B 1079 -3.09 38.23 -21.37
C THR B 1079 -2.62 39.67 -21.30
N PHE B 1080 -3.52 40.60 -21.03
CA PHE B 1080 -3.10 42.00 -21.01
C PHE B 1080 -2.40 42.39 -19.73
N THR B 1081 -2.78 41.84 -18.57
CA THR B 1081 -1.98 42.14 -17.39
C THR B 1081 -0.58 41.59 -17.54
N ILE B 1082 -0.44 40.39 -18.08
CA ILE B 1082 0.89 39.86 -18.33
C ILE B 1082 1.62 40.71 -19.35
N THR B 1083 0.92 41.19 -20.38
CA THR B 1083 1.57 42.02 -21.37
C THR B 1083 2.05 43.34 -20.78
N VAL B 1084 1.26 43.95 -19.90
CA VAL B 1084 1.67 45.23 -19.32
C VAL B 1084 2.82 45.02 -18.34
N ILE B 1085 2.78 43.94 -17.56
CA ILE B 1085 3.88 43.67 -16.65
C ILE B 1085 5.15 43.35 -17.43
N CYS B 1086 5.02 42.62 -18.54
CA CYS B 1086 6.18 42.31 -19.34
C CYS B 1086 6.67 43.51 -20.13
N ALA B 1087 5.79 44.46 -20.44
CA ALA B 1087 6.25 45.72 -21.01
C ALA B 1087 7.08 46.49 -20.00
N THR B 1088 6.68 46.47 -18.73
CA THR B 1088 7.49 47.13 -17.72
C THR B 1088 8.83 46.42 -17.50
N THR B 1089 8.81 45.10 -17.34
CA THR B 1089 10.03 44.34 -17.08
C THR B 1089 9.93 43.04 -17.87
N TRP B 1090 10.55 43.00 -19.04
CA TRP B 1090 10.34 41.88 -19.94
C TRP B 1090 10.84 40.56 -19.38
N GLN B 1091 11.70 40.57 -18.38
CA GLN B 1091 12.14 39.32 -17.78
C GLN B 1091 11.05 38.65 -16.97
N PHE B 1092 9.87 39.24 -16.92
CA PHE B 1092 8.75 38.63 -16.23
C PHE B 1092 8.18 37.47 -17.02
N ILE B 1093 8.44 37.39 -18.32
CA ILE B 1093 7.99 36.23 -19.08
C ILE B 1093 8.65 34.97 -18.55
N PHE B 1094 9.91 35.09 -18.14
CA PHE B 1094 10.62 33.98 -17.54
C PHE B 1094 10.00 33.57 -16.21
N ILE B 1095 9.27 34.46 -15.55
CA ILE B 1095 8.58 34.10 -14.32
C ILE B 1095 7.22 33.51 -14.62
N ILE B 1096 6.59 33.96 -15.70
CA ILE B 1096 5.23 33.54 -15.94
C ILE B 1096 5.20 32.18 -16.61
N ILE B 1097 6.24 31.78 -17.32
CA ILE B 1097 6.23 30.46 -17.96
C ILE B 1097 6.22 29.32 -16.93
N PRO B 1098 7.13 29.28 -15.94
CA PRO B 1098 6.97 28.26 -14.91
C PRO B 1098 5.61 28.30 -14.23
N LEU B 1099 5.13 29.50 -13.94
CA LEU B 1099 3.84 29.62 -13.30
C LEU B 1099 2.74 29.25 -14.27
N SER B 1100 2.97 29.42 -15.57
CA SER B 1100 2.01 28.89 -16.53
C SER B 1100 1.88 27.39 -16.38
N VAL B 1101 3.00 26.68 -16.23
CA VAL B 1101 2.94 25.23 -16.06
C VAL B 1101 2.17 24.86 -14.82
N PHE B 1102 2.46 25.52 -13.70
CA PHE B 1102 1.73 25.21 -12.48
C PHE B 1102 0.26 25.55 -12.61
N TYR B 1103 -0.04 26.69 -13.22
CA TYR B 1103 -1.42 27.10 -13.37
C TYR B 1103 -2.20 26.10 -14.20
N ILE B 1104 -1.61 25.63 -15.30
CA ILE B 1104 -2.33 24.68 -16.14
C ILE B 1104 -2.52 23.38 -15.39
N TYR B 1105 -1.53 22.96 -14.62
CA TYR B 1105 -1.72 21.74 -13.83
C TYR B 1105 -2.86 21.88 -12.84
N TYR B 1106 -2.90 22.99 -12.11
CA TYR B 1106 -3.96 23.19 -11.14
C TYR B 1106 -5.31 23.31 -11.82
N GLN B 1107 -5.34 24.03 -12.94
CA GLN B 1107 -6.57 24.23 -13.67
C GLN B 1107 -7.09 22.92 -14.25
N GLN B 1108 -6.20 22.05 -14.73
CA GLN B 1108 -6.63 20.75 -15.22
C GLN B 1108 -7.17 19.88 -14.12
N TYR B 1109 -6.48 19.82 -12.98
CA TYR B 1109 -7.00 18.99 -11.90
C TYR B 1109 -8.33 19.49 -11.41
N TYR B 1110 -8.47 20.79 -11.24
CA TYR B 1110 -9.73 21.33 -10.79
C TYR B 1110 -10.81 21.16 -11.82
N LEU B 1111 -10.49 21.35 -13.09
CA LEU B 1111 -11.51 21.26 -14.12
C LEU B 1111 -12.20 19.92 -14.10
N ARG B 1112 -11.52 18.86 -13.65
CA ARG B 1112 -12.15 17.56 -13.63
C ARG B 1112 -12.72 17.20 -12.27
N THR B 1113 -11.94 17.34 -11.21
CA THR B 1113 -12.48 16.91 -9.93
C THR B 1113 -13.57 17.83 -9.44
N SER B 1114 -13.54 19.11 -9.78
CA SER B 1114 -14.63 19.97 -9.38
C SER B 1114 -15.93 19.52 -10.00
N ARG B 1115 -15.91 19.17 -11.28
CA ARG B 1115 -17.12 18.67 -11.91
C ARG B 1115 -17.55 17.36 -11.27
N GLU B 1116 -16.60 16.46 -11.02
CA GLU B 1116 -16.98 15.19 -10.42
C GLU B 1116 -17.60 15.39 -9.05
N LEU B 1117 -16.97 16.17 -8.20
CA LEU B 1117 -17.46 16.32 -6.84
C LEU B 1117 -18.75 17.12 -6.80
N ARG B 1118 -18.89 18.10 -7.69
CA ARG B 1118 -20.13 18.84 -7.75
C ARG B 1118 -21.27 17.94 -8.22
N ARG B 1119 -20.99 17.06 -9.18
CA ARG B 1119 -21.98 16.09 -9.60
C ARG B 1119 -22.36 15.16 -8.47
N LEU B 1120 -21.38 14.70 -7.71
CA LEU B 1120 -21.66 13.80 -6.60
C LEU B 1120 -22.48 14.50 -5.53
N ASP B 1121 -22.21 15.77 -5.28
CA ASP B 1121 -23.04 16.51 -4.34
C ASP B 1121 -24.48 16.56 -4.83
N SER B 1122 -24.67 16.93 -6.09
CA SER B 1122 -26.04 17.00 -6.60
C SER B 1122 -26.72 15.64 -6.62
N ILE B 1123 -25.95 14.57 -6.83
CA ILE B 1123 -26.50 13.22 -6.83
C ILE B 1123 -26.94 12.82 -5.44
N THR B 1124 -26.09 13.04 -4.44
CA THR B 1124 -26.39 12.58 -3.10
C THR B 1124 -27.31 13.53 -2.36
N ARG B 1125 -27.60 14.70 -2.90
CA ARG B 1125 -28.49 15.61 -2.20
C ARG B 1125 -29.92 15.09 -2.19
N SER B 1126 -30.46 14.78 -3.36
CA SER B 1126 -31.86 14.40 -3.44
C SER B 1126 -32.27 13.27 -2.51
N PRO B 1127 -31.50 12.19 -2.36
CA PRO B 1127 -31.94 11.11 -1.48
C PRO B 1127 -32.36 11.55 -0.09
N ILE B 1128 -31.80 12.64 0.42
CA ILE B 1128 -32.22 13.09 1.74
C ILE B 1128 -33.69 13.46 1.72
N TYR B 1129 -34.08 14.29 0.77
CA TYR B 1129 -35.46 14.77 0.72
C TYR B 1129 -36.40 13.68 0.23
N SER B 1130 -35.94 12.82 -0.67
CA SER B 1130 -36.79 11.73 -1.12
C SER B 1130 -37.10 10.79 0.03
N HIS B 1131 -36.08 10.40 0.78
CA HIS B 1131 -36.30 9.64 2.01
C HIS B 1131 -37.18 10.39 2.99
N PHE B 1132 -37.08 11.71 3.03
CA PHE B 1132 -37.92 12.43 3.98
C PHE B 1132 -39.39 12.39 3.57
N GLN B 1133 -39.68 12.63 2.30
CA GLN B 1133 -41.06 12.50 1.85
C GLN B 1133 -41.57 11.09 2.10
N GLU B 1134 -40.75 10.09 1.82
CA GLU B 1134 -41.15 8.73 2.09
C GLU B 1134 -41.48 8.54 3.56
N THR B 1135 -40.62 9.03 4.45
CA THR B 1135 -40.89 8.87 5.87
C THR B 1135 -42.16 9.57 6.28
N LEU B 1136 -42.39 10.78 5.77
CA LEU B 1136 -43.60 11.49 6.14
C LEU B 1136 -44.84 10.76 5.65
N GLY B 1137 -44.74 10.11 4.49
CA GLY B 1137 -45.83 9.27 4.05
C GLY B 1137 -46.05 8.08 4.96
N GLY B 1138 -44.98 7.39 5.33
CA GLY B 1138 -45.09 6.18 6.11
C GLY B 1138 -44.90 6.39 7.60
N LEU B 1139 -45.21 7.59 8.06
CA LEU B 1139 -44.85 7.99 9.41
C LEU B 1139 -45.49 7.08 10.45
N ALA B 1140 -46.79 6.83 10.31
CA ALA B 1140 -47.51 6.04 11.29
C ALA B 1140 -47.04 4.60 11.30
N THR B 1141 -46.72 4.05 10.14
CA THR B 1141 -46.20 2.68 10.10
C THR B 1141 -44.84 2.59 10.76
N VAL B 1142 -43.96 3.56 10.46
CA VAL B 1142 -42.64 3.56 11.09
C VAL B 1142 -42.77 3.55 12.60
N ARG B 1143 -43.58 4.47 13.13
CA ARG B 1143 -43.76 4.48 14.58
C ARG B 1143 -44.36 3.16 15.05
N GLY B 1144 -45.32 2.63 14.31
CA GLY B 1144 -45.94 1.36 14.66
C GLY B 1144 -44.94 0.25 14.86
N TYR B 1145 -44.19 -0.10 13.82
CA TYR B 1145 -43.17 -1.12 14.03
C TYR B 1145 -42.04 -0.64 14.92
N SER B 1146 -42.06 0.60 15.38
CA SER B 1146 -40.98 1.15 16.20
C SER B 1146 -39.67 1.11 15.45
N GLN B 1147 -39.75 1.19 14.13
CA GLN B 1147 -38.60 1.29 13.26
C GLN B 1147 -38.00 2.68 13.25
N GLN B 1148 -38.35 3.48 14.26
CA GLN B 1148 -37.91 4.85 14.30
C GLN B 1148 -36.39 4.94 14.29
N LYS B 1149 -35.74 4.13 15.11
CA LYS B 1149 -34.29 4.25 15.20
C LYS B 1149 -33.63 3.88 13.87
N ARG B 1150 -34.14 2.86 13.19
CA ARG B 1150 -33.56 2.50 11.90
C ARG B 1150 -33.82 3.55 10.84
N PHE B 1151 -35.03 4.13 10.82
CA PHE B 1151 -35.29 5.17 9.83
C PHE B 1151 -34.51 6.43 10.11
N SER B 1152 -34.33 6.76 11.39
CA SER B 1152 -33.45 7.85 11.76
C SER B 1152 -32.03 7.58 11.31
N HIS B 1153 -31.55 6.35 11.49
CA HIS B 1153 -30.21 6.02 11.05
C HIS B 1153 -30.09 6.07 9.54
N ILE B 1154 -31.14 5.72 8.83
CA ILE B 1154 -31.11 5.84 7.37
C ILE B 1154 -31.01 7.31 6.99
N ASN B 1155 -31.75 8.17 7.67
CA ASN B 1155 -31.67 9.59 7.38
C ASN B 1155 -30.26 10.12 7.63
N GLN B 1156 -29.67 9.74 8.75
CA GLN B 1156 -28.32 10.21 9.05
C GLN B 1156 -27.30 9.66 8.07
N CYS B 1157 -27.50 8.43 7.58
CA CYS B 1157 -26.61 7.94 6.55
C CYS B 1157 -26.78 8.72 5.26
N ARG B 1158 -28.01 9.04 4.89
CA ARG B 1158 -28.23 9.88 3.71
C ARG B 1158 -27.47 11.19 3.84
N ILE B 1159 -27.61 11.84 4.99
CA ILE B 1159 -26.88 13.08 5.23
C ILE B 1159 -25.39 12.85 5.11
N ASP B 1160 -24.83 12.03 5.99
CA ASP B 1160 -23.38 11.88 6.03
C ASP B 1160 -22.84 11.50 4.67
N ASN B 1161 -23.62 10.81 3.86
CA ASN B 1161 -23.18 10.57 2.50
C ASN B 1161 -23.18 11.88 1.70
N ASN B 1162 -24.22 12.69 1.84
CA ASN B 1162 -24.24 13.96 1.12
C ASN B 1162 -23.09 14.84 1.55
N MET B 1163 -22.83 14.92 2.85
CA MET B 1163 -21.71 15.73 3.33
C MET B 1163 -20.37 15.14 2.94
N SER B 1164 -20.25 13.82 2.86
CA SER B 1164 -19.00 13.29 2.37
C SER B 1164 -18.82 13.55 0.90
N ALA B 1165 -19.89 13.91 0.20
CA ALA B 1165 -19.72 14.39 -1.17
C ALA B 1165 -19.58 15.90 -1.25
N PHE B 1166 -20.02 16.61 -0.22
CA PHE B 1166 -19.98 18.07 -0.20
C PHE B 1166 -18.67 18.59 0.34
N TYR B 1167 -18.12 17.96 1.33
CA TYR B 1167 -16.85 18.35 1.92
C TYR B 1167 -15.76 18.46 0.86
N PRO B 1168 -15.54 17.43 0.03
CA PRO B 1168 -14.62 17.65 -1.08
C PRO B 1168 -15.09 18.72 -2.02
N SER B 1169 -16.39 18.84 -2.25
CA SER B 1169 -16.86 19.80 -3.24
C SER B 1169 -16.53 21.22 -2.87
N ILE B 1170 -16.32 21.49 -1.58
CA ILE B 1170 -15.96 22.82 -1.12
C ILE B 1170 -14.47 22.94 -0.88
N ASN B 1171 -13.86 21.96 -0.24
CA ASN B 1171 -12.43 22.11 -0.11
C ASN B 1171 -11.70 21.93 -1.43
N ALA B 1172 -12.40 21.58 -2.49
CA ALA B 1172 -11.82 21.64 -3.81
C ALA B 1172 -11.57 23.08 -4.21
N ASN B 1173 -12.55 23.94 -3.94
CA ASN B 1173 -12.39 25.36 -4.18
C ASN B 1173 -11.31 25.93 -3.29
N ARG B 1174 -11.25 25.48 -2.04
CA ARG B 1174 -10.18 25.99 -1.16
C ARG B 1174 -8.81 25.60 -1.70
N TRP B 1175 -8.63 24.33 -2.05
CA TRP B 1175 -7.41 23.87 -2.71
C TRP B 1175 -7.04 24.76 -3.88
N LEU B 1176 -7.92 24.81 -4.87
CA LEU B 1176 -7.68 25.63 -6.05
C LEU B 1176 -7.29 27.04 -5.68
N ALA B 1177 -8.16 27.72 -4.95
CA ALA B 1177 -7.95 29.13 -4.68
C ALA B 1177 -6.66 29.37 -3.94
N TYR B 1178 -6.28 28.48 -3.04
CA TYR B 1178 -4.98 28.62 -2.40
C TYR B 1178 -3.85 28.55 -3.42
N ARG B 1179 -3.88 27.55 -4.31
CA ARG B 1179 -2.80 27.48 -5.28
C ARG B 1179 -2.78 28.71 -6.18
N LEU B 1180 -3.95 29.16 -6.64
CA LEU B 1180 -3.96 30.32 -7.52
C LEU B 1180 -3.53 31.58 -6.80
N GLU B 1181 -3.80 31.69 -5.51
CA GLU B 1181 -3.34 32.87 -4.80
C GLU B 1181 -1.86 32.80 -4.51
N LEU B 1182 -1.28 31.61 -4.36
CA LEU B 1182 0.18 31.55 -4.41
C LEU B 1182 0.72 31.96 -5.76
N ILE B 1183 0.06 31.54 -6.83
CA ILE B 1183 0.54 31.94 -8.15
C ILE B 1183 0.47 33.45 -8.29
N GLY B 1184 -0.58 34.07 -7.77
CA GLY B 1184 -0.70 35.50 -7.79
C GLY B 1184 0.31 36.21 -6.90
N SER B 1185 0.59 35.64 -5.72
CA SER B 1185 1.59 36.25 -4.84
C SER B 1185 2.98 36.15 -5.45
N ILE B 1186 3.30 35.01 -6.06
CA ILE B 1186 4.59 34.90 -6.74
C ILE B 1186 4.64 35.83 -7.93
N ILE B 1187 3.52 36.07 -8.60
CA ILE B 1187 3.54 37.05 -9.68
C ILE B 1187 3.79 38.45 -9.14
N ILE B 1188 3.19 38.79 -7.99
CA ILE B 1188 3.46 40.10 -7.39
C ILE B 1188 4.93 40.21 -7.01
N LEU B 1189 5.47 39.16 -6.39
CA LEU B 1189 6.88 39.15 -6.04
C LEU B 1189 7.77 39.29 -7.25
N GLY B 1190 7.45 38.56 -8.33
CA GLY B 1190 8.27 38.65 -9.52
C GLY B 1190 8.20 40.02 -10.17
N ALA B 1191 6.99 40.56 -10.30
CA ALA B 1191 6.84 41.88 -10.89
C ALA B 1191 7.56 42.93 -10.07
N ALA B 1192 7.39 42.89 -8.75
CA ALA B 1192 8.02 43.89 -7.90
C ALA B 1192 9.54 43.76 -7.91
N THR B 1193 10.07 42.55 -7.75
CA THR B 1193 11.52 42.41 -7.70
C THR B 1193 12.16 42.72 -9.03
N LEU B 1194 11.56 42.29 -10.14
CA LEU B 1194 12.17 42.63 -11.42
C LEU B 1194 12.06 44.12 -11.69
N SER B 1195 10.98 44.76 -11.26
CA SER B 1195 10.90 46.20 -11.40
C SER B 1195 11.96 46.88 -10.55
N VAL B 1196 12.25 46.33 -9.37
CA VAL B 1196 13.30 46.94 -8.56
C VAL B 1196 14.68 46.68 -9.15
N PHE B 1197 14.89 45.55 -9.80
CA PHE B 1197 16.13 45.34 -10.53
C PHE B 1197 16.27 46.37 -11.63
N ARG B 1198 15.19 46.63 -12.35
CA ARG B 1198 15.23 47.69 -13.34
C ARG B 1198 15.58 49.02 -12.68
N LEU B 1199 15.02 49.28 -11.52
CA LEU B 1199 15.35 50.50 -10.80
C LEU B 1199 16.85 50.58 -10.52
N LYS B 1200 17.41 49.50 -9.97
CA LYS B 1200 18.84 49.50 -9.71
C LYS B 1200 19.62 49.76 -10.98
N GLN B 1201 19.12 49.28 -12.12
CA GLN B 1201 19.75 49.61 -13.38
C GLN B 1201 19.53 51.06 -13.78
N GLY B 1202 18.68 51.78 -13.06
CA GLY B 1202 18.52 53.21 -13.25
C GLY B 1202 17.51 53.62 -14.29
N THR B 1203 16.76 52.68 -14.86
CA THR B 1203 15.83 52.98 -15.92
C THR B 1203 14.40 52.62 -15.53
N LEU B 1204 14.03 52.93 -14.29
CA LEU B 1204 12.67 52.75 -13.82
C LEU B 1204 12.13 54.08 -13.34
N THR B 1205 10.90 54.38 -13.70
CA THR B 1205 10.19 55.53 -13.18
C THR B 1205 9.04 55.05 -12.32
N ALA B 1206 8.63 55.87 -11.35
CA ALA B 1206 7.59 55.44 -10.43
C ALA B 1206 6.35 55.02 -11.17
N GLY B 1207 6.09 55.60 -12.34
CA GLY B 1207 4.91 55.23 -13.09
C GLY B 1207 4.93 53.79 -13.55
N MET B 1208 6.08 53.31 -14.03
CA MET B 1208 6.14 51.95 -14.52
C MET B 1208 5.88 50.96 -13.39
N VAL B 1209 6.46 51.20 -12.23
CA VAL B 1209 6.24 50.27 -11.13
C VAL B 1209 4.81 50.34 -10.65
N GLY B 1210 4.25 51.55 -10.57
CA GLY B 1210 2.86 51.66 -10.16
C GLY B 1210 1.93 50.91 -11.09
N LEU B 1211 2.09 51.08 -12.40
CA LEU B 1211 1.22 50.44 -13.36
C LEU B 1211 1.39 48.92 -13.33
N SER B 1212 2.63 48.46 -13.55
CA SER B 1212 2.92 47.04 -13.51
C SER B 1212 2.36 46.40 -12.26
N LEU B 1213 2.61 47.01 -11.12
CA LEU B 1213 2.27 46.36 -9.87
C LEU B 1213 0.78 46.44 -9.56
N SER B 1214 0.09 47.50 -9.98
CA SER B 1214 -1.35 47.49 -9.86
C SER B 1214 -1.94 46.30 -10.60
N TYR B 1215 -1.48 46.07 -11.83
CA TYR B 1215 -1.99 44.92 -12.57
C TYR B 1215 -1.62 43.61 -11.88
N ALA B 1216 -0.39 43.52 -11.38
CA ALA B 1216 0.03 42.32 -10.67
C ALA B 1216 -0.81 42.09 -9.42
N LEU B 1217 -1.32 43.14 -8.80
CA LEU B 1217 -2.21 42.93 -7.67
C LEU B 1217 -3.57 42.45 -8.13
N GLN B 1218 -4.00 42.84 -9.32
CA GLN B 1218 -5.30 42.35 -9.78
C GLN B 1218 -5.26 40.94 -10.34
N ILE B 1219 -4.09 40.40 -10.65
CA ILE B 1219 -4.04 39.18 -11.47
C ILE B 1219 -4.67 37.98 -10.78
N THR B 1220 -4.68 37.94 -9.45
CA THR B 1220 -5.08 36.67 -8.83
C THR B 1220 -6.57 36.40 -8.99
N GLN B 1221 -7.41 37.41 -8.85
CA GLN B 1221 -8.84 37.14 -9.00
C GLN B 1221 -9.19 36.80 -10.44
N THR B 1222 -8.47 37.37 -11.40
CA THR B 1222 -8.74 36.99 -12.78
C THR B 1222 -8.24 35.59 -13.10
N LEU B 1223 -7.17 35.13 -12.46
CA LEU B 1223 -6.81 33.71 -12.61
C LEU B 1223 -7.93 32.82 -12.10
N ASN B 1224 -8.48 33.18 -10.94
CA ASN B 1224 -9.56 32.38 -10.39
C ASN B 1224 -10.79 32.42 -11.29
N TRP B 1225 -11.12 33.58 -11.84
CA TRP B 1225 -12.23 33.67 -12.78
C TRP B 1225 -12.01 32.75 -13.96
N ILE B 1226 -10.82 32.74 -14.51
CA ILE B 1226 -10.57 31.88 -15.66
C ILE B 1226 -10.78 30.43 -15.30
N VAL B 1227 -10.27 29.99 -14.16
CA VAL B 1227 -10.41 28.57 -13.82
C VAL B 1227 -11.86 28.19 -13.64
N ARG B 1228 -12.61 29.01 -12.89
CA ARG B 1228 -13.99 28.68 -12.65
C ARG B 1228 -14.82 28.78 -13.91
N MET B 1229 -14.49 29.69 -14.82
CA MET B 1229 -15.21 29.72 -16.08
C MET B 1229 -14.83 28.59 -17.01
N THR B 1230 -13.62 28.05 -16.92
CA THR B 1230 -13.39 26.81 -17.63
C THR B 1230 -14.31 25.72 -17.08
N VAL B 1231 -14.48 25.68 -15.77
CA VAL B 1231 -15.39 24.68 -15.20
C VAL B 1231 -16.81 24.89 -15.72
N GLU B 1232 -17.30 26.14 -15.70
CA GLU B 1232 -18.67 26.38 -16.14
C GLU B 1232 -18.83 26.11 -17.63
N VAL B 1233 -17.84 26.45 -18.44
CA VAL B 1233 -17.92 26.19 -19.87
C VAL B 1233 -17.97 24.70 -20.12
N GLU B 1234 -17.13 23.94 -19.43
CA GLU B 1234 -17.21 22.49 -19.58
C GLU B 1234 -18.54 21.95 -19.09
N THR B 1235 -19.11 22.55 -18.06
CA THR B 1235 -20.42 22.10 -17.60
C THR B 1235 -21.48 22.33 -18.65
N ASN B 1236 -21.47 23.49 -19.29
CA ASN B 1236 -22.56 23.85 -20.18
C ASN B 1236 -22.33 23.42 -21.61
N ILE B 1237 -21.16 22.89 -21.95
CA ILE B 1237 -20.96 22.53 -23.34
C ILE B 1237 -21.42 21.12 -23.64
N VAL B 1238 -21.55 20.27 -22.62
CA VAL B 1238 -22.14 18.97 -22.85
C VAL B 1238 -23.56 19.11 -23.34
N SER B 1239 -24.22 20.23 -23.05
CA SER B 1239 -25.54 20.46 -23.61
C SER B 1239 -25.48 20.60 -25.12
N VAL B 1240 -24.49 21.31 -25.64
CA VAL B 1240 -24.32 21.35 -27.10
C VAL B 1240 -23.99 19.97 -27.62
N GLU B 1241 -23.19 19.22 -26.87
CA GLU B 1241 -22.92 17.84 -27.26
C GLU B 1241 -24.21 17.07 -27.44
N ARG B 1242 -25.10 17.15 -26.45
CA ARG B 1242 -26.32 16.36 -26.48
C ARG B 1242 -27.32 16.90 -27.49
N ILE B 1243 -27.27 18.18 -27.81
CA ILE B 1243 -28.14 18.70 -28.86
C ILE B 1243 -27.66 18.22 -30.22
N LYS B 1244 -26.38 18.37 -30.51
CA LYS B 1244 -25.86 17.86 -31.77
C LYS B 1244 -26.07 16.36 -31.87
N GLU B 1245 -26.17 15.68 -30.72
CA GLU B 1245 -26.40 14.24 -30.72
C GLU B 1245 -27.70 13.88 -31.45
N TYR B 1246 -28.80 14.59 -31.16
CA TYR B 1246 -29.99 14.39 -31.97
C TYR B 1246 -29.97 15.14 -33.28
N ALA B 1247 -29.22 16.23 -33.37
CA ALA B 1247 -29.10 16.88 -34.66
C ALA B 1247 -28.52 15.95 -35.69
N ASP B 1248 -27.85 14.90 -35.25
CA ASP B 1248 -27.20 13.95 -36.15
C ASP B 1248 -28.05 12.72 -36.48
N LEU B 1249 -29.32 12.69 -36.07
CA LEU B 1249 -30.13 11.50 -36.26
C LEU B 1249 -30.38 11.21 -37.74
N LYS B 1250 -30.43 9.92 -38.07
CA LYS B 1250 -30.70 9.48 -39.43
C LYS B 1250 -32.18 9.61 -39.72
N SER B 1251 -32.53 10.32 -40.78
CA SER B 1251 -33.93 10.60 -41.09
C SER B 1251 -34.65 9.34 -41.53
N GLU B 1252 -35.98 9.35 -41.39
CA GLU B 1252 -36.77 8.19 -41.75
C GLU B 1252 -36.75 7.95 -43.26
N ALA B 1253 -37.03 8.98 -44.05
CA ALA B 1253 -37.04 8.91 -45.50
C ALA B 1253 -37.23 10.30 -46.07
N PRO B 1254 -36.83 10.55 -47.31
CA PRO B 1254 -37.09 11.86 -47.91
C PRO B 1254 -38.59 12.14 -47.94
N LEU B 1255 -38.96 13.36 -47.61
CA LEU B 1255 -40.38 13.69 -47.52
C LEU B 1255 -41.00 13.82 -48.91
N ILE B 1256 -40.30 14.44 -49.85
CA ILE B 1256 -40.84 14.78 -51.15
C ILE B 1256 -39.90 14.25 -52.23
N VAL B 1257 -40.48 13.75 -53.31
CA VAL B 1257 -39.72 13.20 -54.43
C VAL B 1257 -40.31 13.73 -55.73
N GLU B 1258 -39.56 13.53 -56.82
CA GLU B 1258 -40.01 13.95 -58.14
C GLU B 1258 -41.30 13.24 -58.52
N GLY B 1259 -41.37 11.93 -58.30
CA GLY B 1259 -42.57 11.20 -58.64
C GLY B 1259 -43.72 11.56 -57.73
N HIS B 1260 -44.87 11.86 -58.35
CA HIS B 1260 -46.08 12.22 -57.62
C HIS B 1260 -47.29 11.81 -58.44
N ARG B 1261 -48.37 11.51 -57.74
CA ARG B 1261 -49.59 11.06 -58.38
C ARG B 1261 -50.37 12.25 -58.93
N PRO B 1262 -51.52 11.99 -59.57
CA PRO B 1262 -52.37 13.08 -60.07
C PRO B 1262 -53.17 13.74 -58.96
N GLN B 1269 -61.07 7.43 -56.03
CA GLN B 1269 -60.26 6.32 -56.53
C GLN B 1269 -59.18 5.94 -55.53
N GLY B 1270 -58.59 4.76 -55.73
CA GLY B 1270 -57.53 4.29 -54.86
C GLY B 1270 -57.10 2.90 -55.27
N ASP B 1271 -56.13 2.37 -54.54
CA ASP B 1271 -55.60 1.05 -54.85
C ASP B 1271 -54.69 0.59 -53.71
N ILE B 1272 -54.72 -0.71 -53.46
CA ILE B 1272 -53.81 -1.35 -52.52
C ILE B 1272 -53.35 -2.65 -53.16
N LYS B 1273 -52.03 -2.80 -53.32
CA LYS B 1273 -51.51 -4.00 -53.99
C LYS B 1273 -50.14 -4.31 -53.40
N PHE B 1274 -50.08 -5.32 -52.56
CA PHE B 1274 -48.79 -5.83 -52.10
C PHE B 1274 -48.15 -6.64 -53.22
N ASN B 1275 -46.83 -6.59 -53.27
CA ASN B 1275 -46.04 -7.29 -54.30
C ASN B 1275 -44.90 -7.99 -53.58
N ASN B 1276 -45.17 -9.20 -53.10
CA ASN B 1276 -44.22 -9.95 -52.29
C ASN B 1276 -43.57 -9.05 -51.25
N TYR B 1277 -44.35 -8.16 -50.66
CA TYR B 1277 -43.82 -7.27 -49.62
C TYR B 1277 -43.60 -8.05 -48.33
N SER B 1278 -42.46 -7.82 -47.71
CA SER B 1278 -42.10 -8.42 -46.45
C SER B 1278 -41.38 -7.36 -45.64
N THR B 1279 -41.49 -7.47 -44.32
CA THR B 1279 -40.97 -6.41 -43.47
C THR B 1279 -40.78 -6.94 -42.06
N ARG B 1280 -39.84 -6.34 -41.35
CA ARG B 1280 -39.62 -6.60 -39.94
C ARG B 1280 -40.06 -5.37 -39.16
N TYR B 1281 -40.58 -5.59 -37.95
CA TYR B 1281 -40.99 -4.46 -37.12
C TYR B 1281 -39.84 -3.49 -36.91
N ARG B 1282 -38.65 -4.01 -36.68
CA ARG B 1282 -37.43 -3.21 -36.57
C ARG B 1282 -36.29 -4.01 -37.14
N PRO B 1283 -35.18 -3.36 -37.52
CA PRO B 1283 -34.03 -4.12 -38.04
C PRO B 1283 -33.51 -5.16 -37.06
N GLU B 1284 -33.56 -4.86 -35.76
CA GLU B 1284 -33.08 -5.81 -34.75
C GLU B 1284 -34.04 -6.98 -34.55
N LEU B 1285 -35.28 -6.86 -35.01
CA LEU B 1285 -36.26 -7.92 -34.83
C LEU B 1285 -36.39 -8.73 -36.12
N ASP B 1286 -36.95 -9.94 -35.97
CA ASP B 1286 -37.20 -10.78 -37.14
C ASP B 1286 -38.35 -10.18 -37.95
N LEU B 1287 -38.68 -10.84 -39.06
CA LEU B 1287 -39.68 -10.30 -39.96
C LEU B 1287 -41.06 -10.30 -39.31
N VAL B 1288 -41.85 -9.28 -39.62
CA VAL B 1288 -43.24 -9.20 -39.16
C VAL B 1288 -44.24 -9.28 -40.30
N LEU B 1289 -43.83 -9.04 -41.55
CA LEU B 1289 -44.65 -9.31 -42.72
C LEU B 1289 -43.81 -10.14 -43.67
N LYS B 1290 -44.42 -11.14 -44.29
CA LYS B 1290 -43.68 -12.09 -45.12
C LYS B 1290 -44.37 -12.28 -46.47
N HIS B 1291 -43.80 -11.65 -47.50
CA HIS B 1291 -44.14 -11.91 -48.90
C HIS B 1291 -45.64 -11.91 -49.13
N ILE B 1292 -46.28 -10.84 -48.68
CA ILE B 1292 -47.69 -10.60 -48.95
C ILE B 1292 -47.83 -10.03 -50.35
N ASN B 1293 -48.82 -10.51 -51.09
CA ASN B 1293 -49.08 -10.03 -52.45
C ASN B 1293 -50.56 -9.72 -52.66
N ILE B 1294 -51.29 -9.41 -51.59
CA ILE B 1294 -52.72 -9.21 -51.67
C ILE B 1294 -53.06 -7.96 -52.47
N HIS B 1295 -54.15 -8.02 -53.23
CA HIS B 1295 -54.69 -6.89 -53.95
C HIS B 1295 -56.09 -6.59 -53.45
N ILE B 1296 -56.39 -5.30 -53.25
CA ILE B 1296 -57.66 -4.85 -52.69
C ILE B 1296 -58.39 -4.02 -53.73
N LYS B 1297 -59.72 -4.14 -53.73
CA LYS B 1297 -60.52 -3.47 -54.75
C LYS B 1297 -60.54 -1.96 -54.52
N PRO B 1298 -60.72 -1.17 -55.59
CA PRO B 1298 -60.57 0.28 -55.47
C PRO B 1298 -61.53 0.92 -54.50
N ASN B 1299 -62.67 0.29 -54.21
CA ASN B 1299 -63.58 0.80 -53.19
C ASN B 1299 -63.93 -0.27 -52.16
N GLU B 1300 -63.05 -1.26 -51.98
CA GLU B 1300 -63.33 -2.37 -51.09
C GLU B 1300 -63.37 -1.92 -49.65
N LYS B 1301 -64.20 -2.59 -48.86
CA LYS B 1301 -64.17 -2.50 -47.41
C LYS B 1301 -63.66 -3.83 -46.89
N VAL B 1302 -62.51 -3.80 -46.20
CA VAL B 1302 -61.80 -5.02 -45.84
C VAL B 1302 -61.48 -5.01 -44.36
N GLY B 1303 -61.23 -6.19 -43.82
CA GLY B 1303 -60.92 -6.34 -42.41
C GLY B 1303 -59.72 -7.24 -42.20
N ILE B 1304 -58.92 -6.89 -41.20
CA ILE B 1304 -57.75 -7.67 -40.81
C ILE B 1304 -57.94 -8.12 -39.37
N VAL B 1305 -57.70 -9.41 -39.11
CA VAL B 1305 -57.84 -9.99 -37.78
C VAL B 1305 -56.68 -10.94 -37.52
N GLY B 1306 -56.45 -11.21 -36.24
CA GLY B 1306 -55.41 -12.14 -35.87
C GLY B 1306 -55.36 -12.29 -34.37
N ARG B 1307 -54.58 -13.27 -33.93
CA ARG B 1307 -54.36 -13.50 -32.51
C ARG B 1307 -53.51 -12.36 -31.92
N THR B 1308 -53.52 -12.28 -30.59
CA THR B 1308 -52.67 -11.32 -29.92
C THR B 1308 -51.21 -11.58 -30.26
N GLY B 1309 -50.51 -10.54 -30.69
CA GLY B 1309 -49.14 -10.70 -31.14
C GLY B 1309 -48.99 -11.25 -32.54
N ALA B 1310 -50.06 -11.25 -33.35
CA ALA B 1310 -49.97 -11.77 -34.70
C ALA B 1310 -49.07 -10.93 -35.61
N GLY B 1311 -48.78 -9.69 -35.22
CA GLY B 1311 -48.03 -8.78 -36.07
C GLY B 1311 -48.86 -7.98 -37.04
N LYS B 1312 -50.19 -8.01 -36.90
CA LYS B 1312 -51.06 -7.27 -37.82
C LYS B 1312 -50.96 -5.77 -37.65
N SER B 1313 -50.54 -5.29 -36.48
CA SER B 1313 -50.40 -3.86 -36.28
C SER B 1313 -49.38 -3.26 -37.25
N SER B 1314 -48.33 -4.02 -37.57
CA SER B 1314 -47.29 -3.52 -38.45
C SER B 1314 -47.80 -3.24 -39.85
N LEU B 1315 -48.99 -3.75 -40.21
CA LEU B 1315 -49.52 -3.51 -41.54
C LEU B 1315 -49.75 -2.03 -41.78
N THR B 1316 -50.27 -1.32 -40.78
CA THR B 1316 -50.47 0.12 -40.93
C THR B 1316 -49.14 0.84 -41.06
N LEU B 1317 -48.16 0.49 -40.24
CA LEU B 1317 -46.85 1.13 -40.32
C LEU B 1317 -46.21 0.90 -41.67
N ALA B 1318 -46.29 -0.32 -42.19
CA ALA B 1318 -45.75 -0.61 -43.50
C ALA B 1318 -46.50 0.13 -44.60
N LEU B 1319 -47.84 0.20 -44.49
CA LEU B 1319 -48.62 0.92 -45.48
C LEU B 1319 -48.30 2.40 -45.47
N PHE B 1320 -47.91 2.94 -44.32
CA PHE B 1320 -47.50 4.32 -44.21
C PHE B 1320 -45.99 4.47 -44.26
N ARG B 1321 -45.26 3.39 -44.56
CA ARG B 1321 -43.80 3.41 -44.65
C ARG B 1321 -43.16 3.87 -43.34
N MET B 1322 -43.87 3.71 -42.23
CA MET B 1322 -43.26 3.96 -40.93
C MET B 1322 -42.10 3.01 -40.69
N ILE B 1323 -42.17 1.81 -41.25
CA ILE B 1323 -41.08 0.85 -41.24
C ILE B 1323 -40.72 0.54 -42.68
N GLU B 1324 -39.43 0.62 -42.99
CA GLU B 1324 -38.98 0.29 -44.34
C GLU B 1324 -39.17 -1.19 -44.62
N ALA B 1325 -39.52 -1.50 -45.87
CA ALA B 1325 -39.80 -2.87 -46.25
C ALA B 1325 -38.53 -3.71 -46.28
N SER B 1326 -38.56 -4.87 -45.64
CA SER B 1326 -37.42 -5.77 -45.72
C SER B 1326 -37.22 -6.28 -47.15
N GLU B 1327 -38.31 -6.54 -47.86
CA GLU B 1327 -38.22 -6.96 -49.25
C GLU B 1327 -39.55 -6.68 -49.94
N GLY B 1328 -39.52 -6.67 -51.27
CA GLY B 1328 -40.73 -6.44 -52.02
C GLY B 1328 -41.17 -4.99 -51.95
N ASN B 1329 -42.36 -4.72 -52.47
CA ASN B 1329 -42.87 -3.36 -52.51
C ASN B 1329 -44.39 -3.40 -52.58
N ILE B 1330 -44.99 -2.21 -52.66
CA ILE B 1330 -46.42 -2.05 -52.83
C ILE B 1330 -46.67 -0.98 -53.90
N VAL B 1331 -47.86 -1.02 -54.49
CA VAL B 1331 -48.27 -0.04 -55.50
C VAL B 1331 -49.67 0.44 -55.17
N ILE B 1332 -49.88 1.75 -55.32
CA ILE B 1332 -51.21 2.36 -55.22
C ILE B 1332 -51.39 3.28 -56.41
N ASP B 1333 -52.51 3.13 -57.12
CA ASP B 1333 -52.85 3.96 -58.27
C ASP B 1333 -51.75 3.93 -59.32
N ASN B 1334 -51.15 2.75 -59.54
CA ASN B 1334 -50.09 2.54 -60.52
C ASN B 1334 -48.82 3.30 -60.19
N ILE B 1335 -48.67 3.73 -58.93
CA ILE B 1335 -47.46 4.40 -58.47
C ILE B 1335 -46.99 3.68 -57.21
N ALA B 1336 -45.70 3.34 -57.15
CA ALA B 1336 -45.20 2.67 -55.98
C ALA B 1336 -45.23 3.62 -54.79
N ILE B 1337 -45.31 3.04 -53.59
CA ILE B 1337 -45.37 3.84 -52.37
C ILE B 1337 -44.06 4.61 -52.18
N ASN B 1338 -42.95 4.02 -52.60
CA ASN B 1338 -41.65 4.67 -52.40
C ASN B 1338 -41.47 5.87 -53.31
N GLU B 1339 -41.99 5.82 -54.53
CA GLU B 1339 -41.71 6.87 -55.50
C GLU B 1339 -42.42 8.18 -55.17
N ILE B 1340 -43.62 8.09 -54.61
CA ILE B 1340 -44.45 9.29 -54.47
C ILE B 1340 -43.86 10.28 -53.47
N GLY B 1341 -43.05 9.81 -52.53
CA GLY B 1341 -42.56 10.68 -51.48
C GLY B 1341 -43.45 10.63 -50.25
N LEU B 1342 -42.84 10.61 -49.06
CA LEU B 1342 -43.59 10.39 -47.83
C LEU B 1342 -44.60 11.49 -47.58
N TYR B 1343 -44.24 12.74 -47.88
CA TYR B 1343 -45.17 13.84 -47.64
C TYR B 1343 -46.46 13.65 -48.42
N ASP B 1344 -46.35 13.44 -49.73
CA ASP B 1344 -47.56 13.25 -50.54
C ASP B 1344 -48.27 11.95 -50.17
N LEU B 1345 -47.50 10.91 -49.89
CA LEU B 1345 -48.10 9.62 -49.51
C LEU B 1345 -49.00 9.78 -48.29
N ARG B 1346 -48.49 10.38 -47.23
CA ARG B 1346 -49.30 10.58 -46.04
C ARG B 1346 -50.35 11.66 -46.22
N HIS B 1347 -50.16 12.58 -47.16
CA HIS B 1347 -51.19 13.60 -47.39
C HIS B 1347 -52.40 13.00 -48.10
N LYS B 1348 -52.17 12.11 -49.07
CA LYS B 1348 -53.27 11.55 -49.87
C LYS B 1348 -54.05 10.48 -49.12
N LEU B 1349 -53.42 9.75 -48.22
CA LEU B 1349 -54.11 8.72 -47.46
C LEU B 1349 -54.70 9.29 -46.18
N SER B 1350 -55.35 8.42 -45.42
CA SER B 1350 -55.83 8.79 -44.09
C SER B 1350 -55.95 7.52 -43.27
N ILE B 1351 -55.89 7.68 -41.95
CA ILE B 1351 -55.90 6.52 -41.07
C ILE B 1351 -56.24 6.94 -39.64
N ILE B 1352 -56.98 6.09 -38.95
CA ILE B 1352 -57.26 6.28 -37.53
C ILE B 1352 -56.25 5.44 -36.75
N PRO B 1353 -55.40 6.04 -35.94
CA PRO B 1353 -54.36 5.26 -35.26
C PRO B 1353 -54.94 4.45 -34.12
N GLN B 1354 -54.15 3.47 -33.67
CA GLN B 1354 -54.53 2.65 -32.52
C GLN B 1354 -54.92 3.53 -31.34
N ASP B 1355 -54.15 4.57 -31.10
CA ASP B 1355 -54.46 5.57 -30.08
C ASP B 1355 -54.40 6.94 -30.72
N SER B 1356 -55.51 7.66 -30.65
CA SER B 1356 -55.52 9.06 -31.06
C SER B 1356 -55.17 9.94 -29.86
N GLN B 1357 -55.04 11.23 -30.12
CA GLN B 1357 -54.62 12.13 -29.05
C GLN B 1357 -55.21 13.50 -29.28
N VAL B 1358 -55.27 14.27 -28.20
CA VAL B 1358 -55.66 15.67 -28.24
C VAL B 1358 -54.39 16.52 -28.23
N PHE B 1359 -54.47 17.68 -28.87
CA PHE B 1359 -53.40 18.65 -28.86
C PHE B 1359 -53.89 19.94 -28.20
N GLU B 1360 -53.03 20.57 -27.42
CA GLU B 1360 -53.40 21.81 -26.77
C GLU B 1360 -53.61 22.89 -27.82
N GLY B 1361 -54.79 23.50 -27.83
CA GLY B 1361 -55.13 24.50 -28.82
C GLY B 1361 -56.61 24.60 -29.04
N THR B 1362 -57.04 24.57 -30.31
CA THR B 1362 -58.45 24.63 -30.66
C THR B 1362 -58.80 23.44 -31.53
N VAL B 1363 -60.07 23.05 -31.49
CA VAL B 1363 -60.54 21.95 -32.30
C VAL B 1363 -60.34 22.26 -33.78
N ARG B 1364 -60.64 23.50 -34.18
CA ARG B 1364 -60.41 23.89 -35.56
C ARG B 1364 -58.94 23.74 -35.93
N GLU B 1365 -58.04 24.12 -35.03
CA GLU B 1365 -56.61 23.96 -35.29
C GLU B 1365 -56.17 22.51 -35.14
N ASN B 1366 -56.73 21.78 -34.19
CA ASN B 1366 -56.35 20.38 -34.00
C ASN B 1366 -56.93 19.47 -35.07
N ILE B 1367 -57.82 19.98 -35.92
CA ILE B 1367 -58.41 19.21 -37.00
C ILE B 1367 -57.89 19.66 -38.35
N ASP B 1368 -57.66 20.96 -38.54
CA ASP B 1368 -57.16 21.50 -39.81
C ASP B 1368 -55.92 22.35 -39.52
N PRO B 1369 -54.88 21.74 -38.95
CA PRO B 1369 -53.63 22.48 -38.75
C PRO B 1369 -53.03 22.95 -40.06
N ILE B 1370 -53.17 22.16 -41.13
CA ILE B 1370 -52.67 22.58 -42.43
C ILE B 1370 -53.42 23.81 -42.94
N ASN B 1371 -54.65 24.00 -42.45
CA ASN B 1371 -55.50 25.12 -42.87
C ASN B 1371 -55.75 25.08 -44.36
N GLN B 1372 -56.18 23.91 -44.84
CA GLN B 1372 -56.41 23.67 -46.25
C GLN B 1372 -57.87 23.36 -46.58
N TYR B 1373 -58.74 23.33 -45.58
CA TYR B 1373 -60.15 23.04 -45.79
C TYR B 1373 -60.97 24.32 -45.67
N THR B 1374 -62.08 24.37 -46.41
CA THR B 1374 -63.00 25.49 -46.33
C THR B 1374 -63.77 25.44 -45.01
N ASP B 1375 -64.30 26.60 -44.62
CA ASP B 1375 -65.12 26.66 -43.40
C ASP B 1375 -66.39 25.82 -43.56
N GLU B 1376 -67.01 25.88 -44.73
CA GLU B 1376 -68.16 25.02 -44.99
C GLU B 1376 -67.76 23.55 -44.98
N ALA B 1377 -66.56 23.23 -45.48
CA ALA B 1377 -66.08 21.86 -45.40
C ALA B 1377 -65.91 21.42 -43.96
N ILE B 1378 -65.38 22.29 -43.10
CA ILE B 1378 -65.20 21.96 -41.70
C ILE B 1378 -66.55 21.74 -41.03
N TRP B 1379 -67.49 22.64 -41.29
CA TRP B 1379 -68.82 22.50 -40.71
C TRP B 1379 -69.48 21.20 -41.16
N ARG B 1380 -69.42 20.90 -42.47
CA ARG B 1380 -70.03 19.70 -42.98
C ARG B 1380 -69.36 18.44 -42.44
N ALA B 1381 -68.04 18.46 -42.30
CA ALA B 1381 -67.33 17.30 -41.76
C ALA B 1381 -67.70 17.07 -40.31
N LEU B 1382 -67.73 18.15 -39.51
CA LEU B 1382 -68.10 18.01 -38.11
C LEU B 1382 -69.54 17.52 -37.97
N GLU B 1383 -70.43 18.00 -38.82
CA GLU B 1383 -71.81 17.56 -38.79
C GLU B 1383 -71.93 16.09 -39.17
N LEU B 1384 -71.30 15.70 -40.29
CA LEU B 1384 -71.36 14.32 -40.75
C LEU B 1384 -70.71 13.36 -39.77
N SER B 1385 -69.76 13.85 -38.98
CA SER B 1385 -69.18 13.07 -37.90
C SER B 1385 -70.00 13.13 -36.62
N HIS B 1386 -71.12 13.87 -36.64
CA HIS B 1386 -71.94 14.08 -35.45
C HIS B 1386 -71.10 14.67 -34.32
N LEU B 1387 -70.21 15.58 -34.68
CA LEU B 1387 -69.28 16.17 -33.72
C LEU B 1387 -69.53 17.65 -33.46
N LYS B 1388 -70.08 18.38 -34.42
CA LYS B 1388 -70.27 19.82 -34.25
C LYS B 1388 -71.17 20.11 -33.06
N GLU B 1389 -72.21 19.30 -32.85
CA GLU B 1389 -73.16 19.56 -31.77
C GLU B 1389 -72.47 19.54 -30.41
N HIS B 1390 -71.68 18.50 -30.13
CA HIS B 1390 -70.96 18.45 -28.87
C HIS B 1390 -69.80 19.44 -28.86
N VAL B 1391 -69.28 19.79 -30.03
CA VAL B 1391 -68.23 20.80 -30.11
C VAL B 1391 -68.73 22.13 -29.60
N LEU B 1392 -69.96 22.49 -29.97
CA LEU B 1392 -70.53 23.76 -29.54
C LEU B 1392 -70.87 23.80 -28.06
N SER B 1393 -70.80 22.66 -27.36
CA SER B 1393 -71.16 22.64 -25.95
C SER B 1393 -70.11 23.36 -25.10
N MET B 1394 -68.84 23.27 -25.48
CA MET B 1394 -67.76 23.78 -24.64
C MET B 1394 -67.85 25.30 -24.48
N SER B 1395 -67.98 26.03 -25.57
CA SER B 1395 -67.97 27.48 -25.53
C SER B 1395 -68.63 28.05 -26.77
N ASN B 1396 -68.95 29.34 -26.72
CA ASN B 1396 -69.49 30.03 -27.88
C ASN B 1396 -68.48 30.10 -29.02
N ASP B 1397 -67.19 29.89 -28.74
CA ASP B 1397 -66.19 29.90 -29.80
C ASP B 1397 -66.43 28.81 -30.82
N GLY B 1398 -67.22 27.79 -30.49
CA GLY B 1398 -67.61 26.79 -31.47
C GLY B 1398 -66.41 26.03 -31.99
N LEU B 1399 -66.13 26.19 -33.28
CA LEU B 1399 -64.97 25.52 -33.87
C LEU B 1399 -63.68 25.96 -33.22
N ASP B 1400 -63.62 27.20 -32.73
CA ASP B 1400 -62.42 27.74 -32.12
C ASP B 1400 -62.40 27.56 -30.60
N ALA B 1401 -63.37 26.83 -30.05
CA ALA B 1401 -63.37 26.55 -28.62
C ALA B 1401 -62.12 25.76 -28.23
N GLN B 1402 -61.55 26.11 -27.10
CA GLN B 1402 -60.25 25.57 -26.72
C GLN B 1402 -60.36 24.10 -26.29
N LEU B 1403 -59.21 23.44 -26.29
CA LEU B 1403 -59.05 22.08 -25.79
C LEU B 1403 -57.61 21.92 -25.36
N THR B 1404 -57.37 20.97 -24.46
CA THR B 1404 -56.05 20.79 -23.89
C THR B 1404 -55.85 19.34 -23.47
N GLU B 1405 -54.61 19.02 -23.10
CA GLU B 1405 -54.30 17.66 -22.66
C GLU B 1405 -54.95 17.32 -21.32
N GLY B 1406 -55.17 18.32 -20.47
CA GLY B 1406 -55.75 18.08 -19.16
C GLY B 1406 -56.67 19.21 -18.77
N GLY B 1407 -57.65 18.89 -17.93
CA GLY B 1407 -58.63 19.88 -17.52
C GLY B 1407 -59.59 20.22 -18.66
N GLY B 1408 -59.06 20.87 -19.70
CA GLY B 1408 -59.82 21.13 -20.90
C GLY B 1408 -59.65 20.01 -21.91
N ASN B 1409 -59.75 18.76 -21.45
CA ASN B 1409 -59.64 17.60 -22.30
C ASN B 1409 -61.01 17.01 -22.60
N LEU B 1410 -61.11 16.32 -23.72
CA LEU B 1410 -62.35 15.73 -24.17
C LEU B 1410 -62.51 14.34 -23.57
N SER B 1411 -63.60 13.67 -23.96
CA SER B 1411 -63.85 12.32 -23.49
C SER B 1411 -62.82 11.35 -24.07
N VAL B 1412 -62.46 10.35 -23.26
CA VAL B 1412 -61.44 9.39 -23.70
C VAL B 1412 -61.90 8.66 -24.96
N GLY B 1413 -63.18 8.30 -25.01
CA GLY B 1413 -63.70 7.73 -26.24
C GLY B 1413 -63.99 8.74 -27.32
N GLN B 1414 -64.03 10.03 -26.96
CA GLN B 1414 -64.30 11.06 -27.97
C GLN B 1414 -63.06 11.33 -28.82
N ARG B 1415 -61.87 10.98 -28.30
CA ARG B 1415 -60.64 11.17 -29.07
C ARG B 1415 -60.69 10.40 -30.40
N GLN B 1416 -61.12 9.14 -30.37
CA GLN B 1416 -61.17 8.36 -31.59
C GLN B 1416 -62.23 8.91 -32.55
N LEU B 1417 -63.34 9.39 -32.00
CA LEU B 1417 -64.34 10.03 -32.84
C LEU B 1417 -63.77 11.28 -33.51
N LEU B 1418 -62.97 12.06 -32.76
CA LEU B 1418 -62.35 13.25 -33.32
C LEU B 1418 -61.35 12.89 -34.43
N CYS B 1419 -60.57 11.82 -34.21
CA CYS B 1419 -59.65 11.39 -35.25
C CYS B 1419 -60.40 10.96 -36.50
N LEU B 1420 -61.51 10.25 -36.33
CA LEU B 1420 -62.35 9.90 -37.46
C LEU B 1420 -62.92 11.15 -38.13
N ALA B 1421 -63.27 12.16 -37.35
CA ALA B 1421 -63.76 13.40 -37.90
C ALA B 1421 -62.70 14.06 -38.77
N ARG B 1422 -61.46 14.08 -38.29
CA ARG B 1422 -60.35 14.59 -39.09
C ARG B 1422 -60.21 13.80 -40.38
N ALA B 1423 -60.27 12.47 -40.28
CA ALA B 1423 -60.09 11.64 -41.47
C ALA B 1423 -61.20 11.87 -42.48
N MET B 1424 -62.42 12.07 -42.02
CA MET B 1424 -63.53 12.33 -42.93
C MET B 1424 -63.50 13.75 -43.47
N LEU B 1425 -62.94 14.70 -42.73
CA LEU B 1425 -62.73 16.03 -43.25
C LEU B 1425 -61.69 16.02 -44.37
N VAL B 1426 -60.66 15.19 -44.23
CA VAL B 1426 -59.64 15.10 -45.28
C VAL B 1426 -60.25 14.43 -46.50
N PRO B 1427 -60.05 14.97 -47.71
CA PRO B 1427 -60.56 14.31 -48.93
C PRO B 1427 -59.71 13.10 -49.33
N SER B 1428 -59.69 12.10 -48.45
CA SER B 1428 -58.79 10.97 -48.62
C SER B 1428 -59.15 10.14 -49.83
N LYS B 1429 -58.13 9.72 -50.58
CA LYS B 1429 -58.33 8.77 -51.66
C LYS B 1429 -58.50 7.35 -51.13
N ILE B 1430 -57.77 7.00 -50.08
CA ILE B 1430 -57.88 5.72 -49.41
C ILE B 1430 -57.96 5.98 -47.91
N LEU B 1431 -58.48 5.01 -47.17
CA LEU B 1431 -58.64 5.16 -45.74
C LEU B 1431 -58.27 3.85 -45.04
N VAL B 1432 -57.93 3.98 -43.76
CA VAL B 1432 -57.69 2.85 -42.88
C VAL B 1432 -58.38 3.14 -41.55
N LEU B 1433 -58.55 2.08 -40.75
CA LEU B 1433 -59.26 2.22 -39.50
C LEU B 1433 -58.56 1.39 -38.43
N ASP B 1434 -58.88 1.71 -37.18
CA ASP B 1434 -58.42 0.91 -36.04
C ASP B 1434 -59.37 1.21 -34.87
N GLU B 1435 -59.27 0.38 -33.83
CA GLU B 1435 -60.16 0.49 -32.69
C GLU B 1435 -59.35 0.43 -31.41
N ALA B 1436 -59.98 0.87 -30.32
CA ALA B 1436 -59.34 0.88 -29.03
C ALA B 1436 -59.01 -0.54 -28.59
N THR B 1437 -57.80 -0.73 -28.09
CA THR B 1437 -57.42 -2.04 -27.56
C THR B 1437 -58.30 -2.42 -26.37
N ALA B 1438 -58.59 -1.45 -25.50
CA ALA B 1438 -59.44 -1.66 -24.34
C ALA B 1438 -60.90 -1.34 -24.68
N ALA B 1439 -61.78 -1.62 -23.71
CA ALA B 1439 -63.20 -1.36 -23.89
C ALA B 1439 -63.47 0.13 -23.96
N VAL B 1440 -64.38 0.52 -24.85
CA VAL B 1440 -64.73 1.92 -25.07
C VAL B 1440 -66.25 2.02 -25.21
N ASP B 1441 -66.73 3.26 -25.23
CA ASP B 1441 -68.15 3.51 -25.37
C ASP B 1441 -68.70 2.87 -26.64
N VAL B 1442 -69.61 1.92 -26.47
CA VAL B 1442 -70.23 1.29 -27.62
C VAL B 1442 -71.04 2.30 -28.43
N GLU B 1443 -71.52 3.37 -27.78
CA GLU B 1443 -72.18 4.43 -28.53
C GLU B 1443 -71.20 5.09 -29.50
N THR B 1444 -69.99 5.39 -29.03
CA THR B 1444 -68.98 5.95 -29.91
C THR B 1444 -68.58 4.96 -31.00
N ASP B 1445 -68.48 3.68 -30.63
CA ASP B 1445 -68.14 2.65 -31.62
C ASP B 1445 -69.17 2.61 -32.73
N LYS B 1446 -70.46 2.61 -32.36
CA LYS B 1446 -71.52 2.58 -33.36
C LYS B 1446 -71.53 3.86 -34.19
N VAL B 1447 -71.30 5.01 -33.55
CA VAL B 1447 -71.28 6.27 -34.29
C VAL B 1447 -70.18 6.25 -35.33
N VAL B 1448 -68.98 5.84 -34.93
CA VAL B 1448 -67.85 5.79 -35.87
C VAL B 1448 -68.14 4.81 -36.99
N GLN B 1449 -68.62 3.61 -36.65
CA GLN B 1449 -68.84 2.60 -37.68
C GLN B 1449 -69.91 3.04 -38.66
N GLU B 1450 -70.94 3.73 -38.19
CA GLU B 1450 -71.98 4.21 -39.08
C GLU B 1450 -71.46 5.34 -39.96
N THR B 1451 -70.81 6.33 -39.35
CA THR B 1451 -70.40 7.52 -40.11
C THR B 1451 -69.32 7.20 -41.12
N ILE B 1452 -68.38 6.32 -40.78
CA ILE B 1452 -67.30 5.99 -41.71
C ILE B 1452 -67.87 5.38 -42.98
N ARG B 1453 -68.77 4.41 -42.82
CA ARG B 1453 -69.36 3.76 -43.98
C ARG B 1453 -70.31 4.70 -44.73
N THR B 1454 -71.02 5.56 -44.00
CA THR B 1454 -71.96 6.47 -44.65
C THR B 1454 -71.23 7.55 -45.45
N ALA B 1455 -70.05 7.96 -44.99
CA ALA B 1455 -69.29 8.98 -45.70
C ALA B 1455 -68.47 8.36 -46.83
N PHE B 1456 -67.59 7.42 -46.48
CA PHE B 1456 -66.71 6.80 -47.47
C PHE B 1456 -67.37 5.54 -48.05
N LYS B 1457 -68.59 5.73 -48.54
CA LYS B 1457 -69.27 4.66 -49.26
C LYS B 1457 -68.59 4.38 -50.60
N ASP B 1458 -67.85 5.34 -51.14
CA ASP B 1458 -67.16 5.19 -52.41
C ASP B 1458 -65.65 5.17 -52.28
N ARG B 1459 -65.13 5.04 -51.05
CA ARG B 1459 -63.70 5.02 -50.82
C ARG B 1459 -63.34 3.81 -49.98
N THR B 1460 -62.12 3.31 -50.19
CA THR B 1460 -61.68 2.09 -49.52
C THR B 1460 -61.60 2.30 -48.02
N ILE B 1461 -61.97 1.27 -47.27
CA ILE B 1461 -61.86 1.26 -45.81
C ILE B 1461 -61.26 -0.10 -45.43
N LEU B 1462 -59.95 -0.15 -45.29
CA LEU B 1462 -59.27 -1.35 -44.81
C LEU B 1462 -59.04 -1.19 -43.32
N THR B 1463 -59.77 -1.96 -42.51
CA THR B 1463 -59.78 -1.78 -41.08
C THR B 1463 -59.04 -2.91 -40.38
N ILE B 1464 -58.42 -2.58 -39.26
CA ILE B 1464 -57.82 -3.57 -38.36
C ILE B 1464 -58.70 -3.65 -37.13
N ALA B 1465 -59.02 -4.87 -36.70
CA ALA B 1465 -60.04 -5.08 -35.69
C ALA B 1465 -59.48 -5.82 -34.49
N HIS B 1466 -59.88 -5.38 -33.30
CA HIS B 1466 -59.73 -6.15 -32.07
C HIS B 1466 -61.00 -6.88 -31.69
N ARG B 1467 -62.14 -6.48 -32.24
CA ARG B 1467 -63.41 -7.19 -32.10
C ARG B 1467 -63.88 -7.64 -33.47
N LEU B 1468 -64.32 -8.88 -33.55
CA LEU B 1468 -64.61 -9.51 -34.84
C LEU B 1468 -65.87 -8.98 -35.49
N ASN B 1469 -66.68 -8.18 -34.80
CA ASN B 1469 -67.89 -7.65 -35.42
C ASN B 1469 -67.58 -6.78 -36.63
N THR B 1470 -66.53 -5.97 -36.54
CA THR B 1470 -66.13 -5.16 -37.69
C THR B 1470 -65.65 -6.02 -38.84
N ILE B 1471 -65.07 -7.19 -38.54
CA ILE B 1471 -64.70 -8.13 -39.59
C ILE B 1471 -65.96 -8.71 -40.23
N MET B 1472 -66.98 -8.98 -39.41
CA MET B 1472 -68.23 -9.49 -39.93
C MET B 1472 -68.89 -8.48 -40.88
N ASP B 1473 -68.83 -7.20 -40.53
CA ASP B 1473 -69.43 -6.18 -41.37
C ASP B 1473 -68.56 -5.79 -42.56
N SER B 1474 -67.35 -6.34 -42.65
CA SER B 1474 -66.44 -6.00 -43.73
C SER B 1474 -66.71 -6.85 -44.97
N ASP B 1475 -66.69 -6.21 -46.14
CA ASP B 1475 -66.95 -6.91 -47.39
C ASP B 1475 -65.95 -8.02 -47.66
N ARG B 1476 -64.75 -7.93 -47.09
CA ARG B 1476 -63.76 -8.97 -47.22
C ARG B 1476 -62.93 -9.02 -45.95
N ILE B 1477 -62.55 -10.21 -45.52
CA ILE B 1477 -61.80 -10.39 -44.29
C ILE B 1477 -60.64 -11.34 -44.56
N ILE B 1478 -59.45 -10.97 -44.10
CA ILE B 1478 -58.26 -11.80 -44.19
C ILE B 1478 -57.63 -11.88 -42.81
N VAL B 1479 -57.44 -13.10 -42.32
CA VAL B 1479 -56.83 -13.32 -41.01
C VAL B 1479 -55.34 -13.44 -41.18
N LEU B 1480 -54.59 -12.78 -40.30
CA LEU B 1480 -53.14 -12.75 -40.36
C LEU B 1480 -52.55 -13.26 -39.07
N ASP B 1481 -51.56 -14.14 -39.18
CA ASP B 1481 -50.83 -14.62 -38.01
C ASP B 1481 -49.44 -15.05 -38.45
N ASN B 1482 -48.48 -14.94 -37.52
CA ASN B 1482 -47.10 -15.35 -37.75
C ASN B 1482 -46.52 -14.69 -39.00
N GLY B 1483 -46.90 -13.43 -39.22
CA GLY B 1483 -46.38 -12.70 -40.36
C GLY B 1483 -46.90 -13.17 -41.70
N LYS B 1484 -47.98 -13.94 -41.72
CA LYS B 1484 -48.51 -14.50 -42.95
C LYS B 1484 -50.03 -14.41 -42.97
N VAL B 1485 -50.60 -14.19 -44.15
CA VAL B 1485 -52.04 -14.32 -44.32
C VAL B 1485 -52.42 -15.76 -44.05
N ALA B 1486 -53.32 -15.96 -43.09
CA ALA B 1486 -53.54 -17.29 -42.53
C ALA B 1486 -54.57 -18.12 -43.29
N GLU B 1487 -55.22 -17.56 -44.31
CA GLU B 1487 -56.26 -18.30 -45.02
C GLU B 1487 -56.60 -17.55 -46.29
N PHE B 1488 -57.45 -18.17 -47.10
CA PHE B 1488 -57.98 -17.55 -48.31
C PHE B 1488 -58.97 -16.46 -47.92
N ASP B 1489 -58.64 -15.21 -48.22
CA ASP B 1489 -59.49 -14.09 -47.84
C ASP B 1489 -60.88 -14.25 -48.45
N SER B 1490 -61.89 -14.02 -47.63
CA SER B 1490 -63.28 -14.20 -48.04
C SER B 1490 -64.16 -13.38 -47.11
N PRO B 1491 -65.40 -13.10 -47.51
CA PRO B 1491 -66.29 -12.30 -46.65
C PRO B 1491 -66.90 -13.07 -45.49
N GLY B 1492 -66.53 -14.33 -45.30
CA GLY B 1492 -67.16 -15.16 -44.30
C GLY B 1492 -67.47 -16.54 -44.83
N GLN B 1493 -66.99 -16.82 -46.05
CA GLN B 1493 -67.16 -18.15 -46.63
C GLN B 1493 -66.49 -19.21 -45.78
N LEU B 1494 -65.28 -18.92 -45.29
CA LEU B 1494 -64.57 -19.89 -44.46
C LEU B 1494 -65.28 -20.10 -43.12
N LEU B 1495 -65.86 -19.04 -42.54
CA LEU B 1495 -66.67 -19.21 -41.34
C LEU B 1495 -67.90 -20.06 -41.63
N SER B 1496 -68.49 -19.88 -42.82
CA SER B 1496 -69.69 -20.63 -43.16
C SER B 1496 -69.40 -22.11 -43.37
N ASP B 1497 -68.25 -22.42 -44.00
CA ASP B 1497 -67.96 -23.80 -44.39
C ASP B 1497 -66.81 -24.41 -43.62
N ASN B 1498 -65.63 -23.77 -43.63
CA ASN B 1498 -64.42 -24.43 -43.14
C ASN B 1498 -64.30 -24.43 -41.63
N LYS B 1499 -65.10 -23.63 -40.92
CA LYS B 1499 -64.97 -23.49 -39.47
C LYS B 1499 -63.53 -23.14 -39.09
N SER B 1500 -62.93 -22.25 -39.88
CA SER B 1500 -61.52 -21.92 -39.73
C SER B 1500 -61.26 -21.16 -38.43
N LEU B 1501 -59.99 -20.84 -38.20
CA LEU B 1501 -59.62 -20.01 -37.06
C LEU B 1501 -60.34 -18.68 -37.09
N PHE B 1502 -60.70 -18.19 -38.28
CA PHE B 1502 -61.55 -17.00 -38.35
C PHE B 1502 -62.89 -17.26 -37.67
N TYR B 1503 -63.45 -18.44 -37.86
CA TYR B 1503 -64.67 -18.81 -37.14
C TYR B 1503 -64.42 -18.97 -35.65
N SER B 1504 -63.27 -19.56 -35.29
CA SER B 1504 -62.94 -19.72 -33.87
C SER B 1504 -62.79 -18.38 -33.17
N LEU B 1505 -62.26 -17.39 -33.88
CA LEU B 1505 -62.11 -16.05 -33.30
C LEU B 1505 -63.46 -15.40 -33.04
N CYS B 1506 -64.38 -15.49 -34.00
CA CYS B 1506 -65.73 -14.97 -33.79
C CYS B 1506 -66.48 -15.77 -32.73
N MET B 1507 -66.14 -17.05 -32.56
CA MET B 1507 -66.68 -17.83 -31.46
C MET B 1507 -66.16 -17.31 -30.13
N GLU B 1508 -64.89 -16.93 -30.08
CA GLU B 1508 -64.30 -16.39 -28.87
C GLU B 1508 -64.83 -14.99 -28.58
N UNK C 1 -6.03 -47.75 -19.42
CA UNK C 1 -6.30 -46.39 -19.91
C UNK C 1 -5.68 -45.35 -18.99
N UNK C 2 -4.90 -45.82 -18.01
CA UNK C 2 -4.28 -44.91 -17.05
C UNK C 2 -3.25 -44.03 -17.78
N UNK C 3 -3.06 -42.83 -17.24
CA UNK C 3 -2.14 -41.87 -17.83
C UNK C 3 -1.37 -41.14 -16.74
N UNK C 4 -0.18 -40.67 -17.09
CA UNK C 4 0.65 -39.91 -16.17
C UNK C 4 0.24 -38.43 -16.17
N UNK C 5 0.66 -37.72 -15.13
CA UNK C 5 0.36 -36.29 -15.01
C UNK C 5 1.43 -35.66 -14.10
N UNK C 6 2.40 -34.99 -14.72
CA UNK C 6 3.47 -34.34 -13.98
C UNK C 6 2.98 -33.01 -13.40
N UNK C 7 3.78 -32.46 -12.49
CA UNK C 7 3.44 -31.22 -11.81
C UNK C 7 3.89 -30.02 -12.65
N UNK C 8 3.86 -28.84 -12.06
CA UNK C 8 4.11 -27.60 -12.79
C UNK C 8 5.54 -27.10 -12.67
N UNK C 9 6.30 -27.54 -11.67
CA UNK C 9 7.65 -27.04 -11.41
C UNK C 9 7.63 -25.52 -11.29
N UNK C 10 6.66 -25.01 -10.54
CA UNK C 10 6.42 -23.56 -10.45
C UNK C 10 7.07 -22.96 -9.21
N UNK C 11 8.40 -23.00 -9.18
CA UNK C 11 9.18 -22.28 -8.18
C UNK C 11 8.75 -22.59 -6.75
N UNK C 12 8.50 -23.88 -6.48
CA UNK C 12 8.18 -24.27 -5.12
C UNK C 12 9.41 -24.23 -4.22
N UNK C 13 10.56 -24.59 -4.79
CA UNK C 13 11.82 -24.60 -4.06
C UNK C 13 11.72 -25.35 -2.73
N UNK D 1 -44.20 -20.11 18.25
CA UNK D 1 -42.85 -19.99 18.76
C UNK D 1 -42.02 -19.06 17.88
N UNK D 2 -42.68 -18.44 16.89
CA UNK D 2 -41.98 -17.55 15.98
C UNK D 2 -41.45 -16.34 16.73
N UNK D 3 -40.34 -15.78 16.24
CA UNK D 3 -39.70 -14.63 16.86
C UNK D 3 -39.22 -13.67 15.79
N UNK D 4 -39.12 -12.39 16.18
CA UNK D 4 -38.61 -11.36 15.29
C UNK D 4 -37.08 -11.33 15.31
N UNK D 5 -36.51 -10.68 14.29
CA UNK D 5 -35.05 -10.55 14.20
C UNK D 5 -34.74 -9.34 13.33
N UNK D 6 -34.39 -8.23 13.97
CA UNK D 6 -34.07 -7.00 13.27
C UNK D 6 -32.66 -7.06 12.70
N UNK D 7 -32.35 -6.12 11.82
CA UNK D 7 -31.05 -6.07 11.16
C UNK D 7 -30.05 -5.31 12.04
N UNK D 8 -28.89 -4.98 11.47
CA UNK D 8 -27.80 -4.39 12.23
C UNK D 8 -27.73 -2.87 12.15
N UNK D 9 -28.36 -2.26 11.15
CA UNK D 9 -28.27 -0.82 10.93
C UNK D 9 -26.81 -0.38 10.84
N UNK D 10 -26.03 -1.15 10.08
CA UNK D 10 -24.58 -0.97 10.02
C UNK D 10 -24.17 -0.14 8.80
N UNK D 11 -24.60 1.12 8.80
CA UNK D 11 -24.11 2.11 7.83
C UNK D 11 -24.27 1.63 6.38
N UNK D 12 -25.42 1.03 6.08
CA UNK D 12 -25.68 0.63 4.70
C UNK D 12 -25.99 1.84 3.83
N UNK D 13 -26.67 2.83 4.41
CA UNK D 13 -27.04 4.05 3.70
C UNK D 13 -27.70 3.76 2.35
#